data_8GJ0
#
_entry.id   8GJ0
#
_cell.length_a   1.00
_cell.length_b   1.00
_cell.length_c   1.00
_cell.angle_alpha   90.00
_cell.angle_beta   90.00
_cell.angle_gamma   90.00
#
_symmetry.space_group_name_H-M   'P 1'
#
loop_
_entity.id
_entity.type
_entity.pdbx_description
1 polymer 'DNA polymerase III subunit delta'
2 polymer 'DNA polymerase III subunit tau'
3 polymer "DNA polymerase III subunit delta'"
4 polymer 'DNA polymerase III subunit psi'
5 polymer 'Beta sliding clamp'
6 polymer Primer
7 polymer Template
8 non-polymer "ADENOSINE-5'-DIPHOSPHATE"
9 non-polymer 'MAGNESIUM ION'
10 non-polymer 'TETRAFLUOROALUMINATE ION'
11 non-polymer 'ZINC ION'
#
loop_
_entity_poly.entity_id
_entity_poly.type
_entity_poly.pdbx_seq_one_letter_code
_entity_poly.pdbx_strand_id
1 'polypeptide(L)'
;MIRLYPEQLRAQLNEGLRAAYLLLGNDPLLLQESQDAVRQVAAAQGFEEHHTFSIDPNTDWNAIFSLCQAMSLFASRQTL
LLLLPENGPNAAINEQLLTLTGLLHDDLLLIVRGNKLSKAQENAAWFTALANRSVQVTCQTPEQAQLPRWVAARAKQLNL
ELDDAANQVLCYCYEGNLLALAQALERLSLLWPDGKLTLPRVEQAVNDAAHFTPFHWVDALLMGKSKRALHILQQLRLEG
SEPVILLRTLQRELLLLVNLKRQSAHTPLRALFDKHRVWQNRRGMMGEALNRLSQTQLRQAVQLLTRTELTLKQDYGQSV
WAELEGLSLLLCHKPLADVFIDG
;
A
2 'polypeptide(L)'
;MSYQVLARKWRPQTFADVVGQEHVLTALANGLSLGRIHHAYLFSGTRGVGKTSIARLLAKGLNCETGITATPCGVCDNCR
EIEQGRFVDLIEIDAASRTKVEDTRDLLDNVQYAPARGRFKVYLIDEVHMLSRHSFNALLKTLEEPPEHVKFLLATTDPQ
KLPVTILSRCLQFHLKALDVEQIRHQLEHILNEEHIAHEPRALQLLARAAEGSLRDALSLTDQAIASGDGQVSTQAVSAM
LGTLDDDQALSLVEAMVEANGERVMALINEAAARGIEWEALLVEMLGLLHRIAMVQLSPAALGNDMAAIELRMRELARTI
PPTDIQLYYQTLLIGRKELPYAPDRRMGVEMTLLRALAFHPRMPLPEPEVPRQSFAPVAPTAVMTPTQVPPQPQSAPQQA
PTVPLPETTSQVLAARQQLQRVQGATKAKKSEPAAATRARPVNNAALERLASVTDRVQARPVPSALEKAPAKKEAYRWKA
TTPVMQQKEVVATPKALKKALEHEKTPELAAKLAAEAIERDPWAAQVSQLSLPKLVEQVALNAWKEESDNAVCLHLRSSQ
RHLNNRGAQQKLAEALSMLKGSTVELTIVEDDNPAVRTPLEWRQAIYEEKLAQARESIIADNNIQTLRRFFDAELDEESI
RPI
;
B,C,D
3 'polypeptide(L)'
;MRWYPWLRPDFEKLVASYQAGRGHHALLIQALPGMGDDALIYALSRYLLCQQPQGHKSCGHCRGCQLMQAGTHPDYYTLA
PEKGKNTLGVDAVREVTEKLNEHARLGGAKVVWVTDAALLTDAAANALLKTLEEPPAETWFFLATREPERLLATLRSRCR
LHYLAPPPEQYAVTWLSREVTMSQDALLAALRLSAGSPGAALALFQGDNWQARETLCQALAYSVPSGDWYSLLAALNHEQ
APARLHWLATLLMDALKRHHGAAQVTNVDVPGLVAELANHLSPSRLQAILGDVCHIREQLMSVTGINRELLITDLLLRIE
HYLQPGVVLPVPHL
;
E
4 'polypeptide(L)'
;MTSRRDWQLQQLGITQWSLRRPGALQGEIAIAIPAHVRLVMVANDLPALTDPLVSDVLRALTVSPDQVLQLTPEKIAMLP
QGSHCNSWRLGTDEPLSLEGAQVASPALTDLRANPTARAALWQQICTYEHDFFPRND
;
F
5 'polypeptide(L)'
;MKFTVEREHLLKPLQQVSGPLGGRPTLPILGNLLLQVADGTLSLTGTDLEMEMVARVALVQPHEPGATTVPARKFFDICR
GLPEGAEIAVQLEGERMLVRSGRSRFSLSTLPAADFPNLDDWQSEVEFTLPQATMKRLIEATQFSMAHQDVRYYLNGMLF
ETEGEELRTVATDGHRLAVCSMPIGQSLPSHSVIVPRKGVIELMRMLDGGDNPLRVQIGSNNIRAHVGDFIFTSKLVDGR
FPDYRRVLPKNPDKHLEAGCDLLKQAFARAAILSNEKFRGVRLYVSENQLKITANNPEQEEAEEILDVTYSGAEMEIGFN
VSYVLDVLNALKCENVRMMLTDSVSSVQIEDAASQSAAYVVMPMRL
;
H,I
6 'polydeoxyribonucleotide'
;(DG)(DA)(DG)(DA)(DT)(DA)(DG)(DT)(DT)(DA)(DC)(DA)(DA)(DC)(DA)(DT)(DA)(DC)(DG)(DA)
(DT)(DC)(DG)
;
X
7 'polydeoxyribonucleotide'
;(DT)(DT)(DT)(DT)(DT)(DT)(DT)(DT)(DT)(DT)(DT)(DT)(DT)(DT)(DT)(DT)(DT)(DT)(DT)(DT)
(DT)(DT)(DT)(DT)(DT)(DT)(DT)(DT)(DT)(DT)(DT)(DT)(DT)(DT)(DT)(DT)(DT)(DT)(DT)(DT)
(DT)(DT)(DT)(DT)(DT)(DC)(DG)(DA)(DT)(DC)(DG)(DT)(DA)(DT)(DG)(DT)(DT)(DG)(DT)(DA)
(DA)(DC)(DT)(DA)(DT)(DC)(DT)(DC)
;
Y
#
loop_
_chem_comp.id
_chem_comp.type
_chem_comp.name
_chem_comp.formula
ADP non-polymer ADENOSINE-5'-DIPHOSPHATE 'C10 H15 N5 O10 P2'
ALF non-polymer 'TETRAFLUOROALUMINATE ION' 'Al F4 -1'
DA DNA linking 2'-DEOXYADENOSINE-5'-MONOPHOSPHATE 'C10 H14 N5 O6 P'
DC DNA linking 2'-DEOXYCYTIDINE-5'-MONOPHOSPHATE 'C9 H14 N3 O7 P'
DG DNA linking 2'-DEOXYGUANOSINE-5'-MONOPHOSPHATE 'C10 H14 N5 O7 P'
DT DNA linking THYMIDINE-5'-MONOPHOSPHATE 'C10 H15 N2 O8 P'
MG non-polymer 'MAGNESIUM ION' 'Mg 2'
ZN non-polymer 'ZINC ION' 'Zn 2'
#
# COMPACT_ATOMS: atom_id res chain seq x y z
N MET A 1 40.63 26.80 -18.64
CA MET A 1 40.00 26.55 -17.31
C MET A 1 41.07 26.34 -16.25
N ILE A 2 40.96 27.08 -15.15
CA ILE A 2 41.94 27.01 -14.07
C ILE A 2 41.43 25.99 -13.05
N ARG A 3 42.11 24.86 -12.95
CA ARG A 3 41.74 23.82 -11.98
C ARG A 3 42.44 24.08 -10.65
N LEU A 4 41.67 24.01 -9.58
CA LEU A 4 42.19 24.30 -8.24
C LEU A 4 41.54 23.35 -7.24
N TYR A 5 41.95 23.49 -5.98
CA TYR A 5 41.45 22.73 -4.86
C TYR A 5 40.94 23.68 -3.78
N PRO A 6 40.04 23.23 -2.91
CA PRO A 6 39.48 24.14 -1.89
C PRO A 6 40.53 24.75 -0.98
N GLU A 7 41.71 24.14 -0.86
CA GLU A 7 42.77 24.68 -0.02
C GLU A 7 43.58 25.78 -0.71
N GLN A 8 43.29 26.08 -1.99
CA GLN A 8 44.06 27.05 -2.76
C GLN A 8 43.17 28.12 -3.37
N LEU A 9 41.99 28.36 -2.81
CA LEU A 9 41.07 29.34 -3.38
C LEU A 9 41.24 30.74 -2.80
N ARG A 10 41.61 30.85 -1.53
CA ARG A 10 41.75 32.18 -0.92
C ARG A 10 42.81 33.01 -1.63
N ALA A 11 43.96 32.39 -1.94
CA ALA A 11 45.02 33.13 -2.62
C ALA A 11 44.57 33.58 -4.01
N GLN A 12 43.90 32.71 -4.75
CA GLN A 12 43.44 33.08 -6.08
C GLN A 12 42.41 34.21 -6.01
N LEU A 13 41.48 34.13 -5.06
CA LEU A 13 40.48 35.18 -4.92
C LEU A 13 41.12 36.50 -4.54
N ASN A 14 42.11 36.47 -3.64
CA ASN A 14 42.81 37.69 -3.28
C ASN A 14 43.55 38.28 -4.48
N GLU A 15 44.15 37.41 -5.30
CA GLU A 15 44.81 37.89 -6.51
C GLU A 15 43.82 38.55 -7.46
N GLY A 16 42.65 37.95 -7.62
CA GLY A 16 41.64 38.51 -8.49
C GLY A 16 40.45 37.59 -8.59
N LEU A 17 39.40 38.10 -9.23
CA LEU A 17 38.17 37.37 -9.43
C LEU A 17 38.16 36.76 -10.85
N ARG A 18 37.04 36.18 -11.22
CA ARG A 18 36.92 35.54 -12.53
C ARG A 18 35.47 35.65 -13.00
N ALA A 19 35.27 35.45 -14.30
CA ALA A 19 33.95 35.61 -14.88
C ALA A 19 32.95 34.64 -14.26
N ALA A 20 33.36 33.38 -14.07
CA ALA A 20 32.47 32.37 -13.51
C ALA A 20 33.27 31.38 -12.69
N TYR A 21 32.58 30.70 -11.78
CA TYR A 21 33.18 29.67 -10.94
C TYR A 21 32.32 28.42 -10.98
N LEU A 22 32.98 27.27 -10.99
CA LEU A 22 32.32 25.97 -10.99
C LEU A 22 32.80 25.16 -9.79
N LEU A 23 31.86 24.67 -9.00
CA LEU A 23 32.15 23.85 -7.82
C LEU A 23 31.53 22.49 -8.01
N LEU A 24 32.36 21.48 -8.25
CA LEU A 24 31.91 20.11 -8.46
C LEU A 24 32.60 19.20 -7.45
N GLY A 25 31.82 18.28 -6.87
CA GLY A 25 32.36 17.39 -5.87
C GLY A 25 31.26 16.59 -5.21
N ASN A 26 31.60 16.01 -4.05
CA ASN A 26 30.67 15.17 -3.31
C ASN A 26 30.54 15.65 -1.87
N ASP A 27 31.62 16.15 -1.28
CA ASP A 27 31.60 16.55 0.12
C ASP A 27 30.86 17.87 0.28
N PRO A 28 29.75 17.91 1.04
CA PRO A 28 29.06 19.20 1.23
C PRO A 28 29.90 20.25 1.94
N LEU A 29 30.75 19.84 2.89
CA LEU A 29 31.46 20.81 3.70
C LEU A 29 32.38 21.69 2.86
N LEU A 30 33.24 21.07 2.06
CA LEU A 30 34.17 21.84 1.24
C LEU A 30 33.43 22.70 0.22
N LEU A 31 32.36 22.16 -0.38
CA LEU A 31 31.60 22.93 -1.34
C LEU A 31 31.00 24.18 -0.70
N GLN A 32 30.40 24.03 0.47
CA GLN A 32 29.79 25.19 1.12
C GLN A 32 30.85 26.17 1.59
N GLU A 33 32.00 25.68 2.05
CA GLU A 33 33.07 26.59 2.43
C GLU A 33 33.57 27.40 1.24
N SER A 34 33.75 26.75 0.10
CA SER A 34 34.17 27.47 -1.10
C SER A 34 33.11 28.48 -1.52
N GLN A 35 31.84 28.09 -1.46
CA GLN A 35 30.76 29.02 -1.80
C GLN A 35 30.80 30.23 -0.88
N ASP A 36 30.94 30.01 0.42
CA ASP A 36 30.97 31.13 1.37
C ASP A 36 32.16 32.03 1.12
N ALA A 37 33.34 31.46 0.87
CA ALA A 37 34.51 32.28 0.61
C ALA A 37 34.33 33.12 -0.65
N VAL A 38 33.81 32.51 -1.72
CA VAL A 38 33.61 33.23 -2.96
C VAL A 38 32.61 34.36 -2.76
N ARG A 39 31.51 34.08 -2.06
CA ARG A 39 30.50 35.11 -1.84
C ARG A 39 31.04 36.24 -0.98
N GLN A 40 31.83 35.91 0.05
CA GLN A 40 32.41 36.96 0.89
C GLN A 40 33.36 37.84 0.08
N VAL A 41 34.19 37.24 -0.77
CA VAL A 41 35.10 38.04 -1.60
C VAL A 41 34.30 38.91 -2.56
N ALA A 42 33.27 38.35 -3.17
CA ALA A 42 32.46 39.12 -4.12
C ALA A 42 31.79 40.30 -3.41
N ALA A 43 31.26 40.07 -2.21
CA ALA A 43 30.65 41.16 -1.45
C ALA A 43 31.69 42.23 -1.11
N ALA A 44 32.89 41.80 -0.73
CA ALA A 44 33.97 42.76 -0.49
C ALA A 44 34.28 43.56 -1.74
N GLN A 45 34.09 42.96 -2.92
CA GLN A 45 34.32 43.65 -4.19
C GLN A 45 33.10 44.38 -4.70
N GLY A 46 31.98 44.37 -3.96
CA GLY A 46 30.82 45.15 -4.31
C GLY A 46 29.63 44.36 -4.83
N PHE A 47 29.66 43.03 -4.79
CA PHE A 47 28.53 42.21 -5.21
C PHE A 47 27.54 42.13 -4.05
N GLU A 48 26.45 42.89 -4.15
CA GLU A 48 25.47 42.98 -3.07
C GLU A 48 24.33 41.99 -3.25
N GLU A 49 23.64 42.05 -4.39
CA GLU A 49 22.51 41.16 -4.62
C GLU A 49 22.98 39.74 -4.89
N HIS A 50 22.32 38.77 -4.26
CA HIS A 50 22.61 37.36 -4.46
C HIS A 50 21.29 36.62 -4.68
N HIS A 51 21.25 35.76 -5.68
CA HIS A 51 20.08 34.95 -5.98
C HIS A 51 20.51 33.51 -6.19
N THR A 52 19.67 32.58 -5.73
CA THR A 52 19.95 31.15 -5.81
C THR A 52 18.79 30.45 -6.51
N PHE A 53 19.12 29.47 -7.35
CA PHE A 53 18.13 28.66 -8.04
C PHE A 53 18.62 27.22 -8.11
N SER A 54 17.67 26.30 -8.11
CA SER A 54 17.95 24.87 -8.25
C SER A 54 17.60 24.44 -9.66
N ILE A 55 18.60 23.90 -10.37
CA ILE A 55 18.37 23.48 -11.75
C ILE A 55 17.40 22.31 -11.78
N ASP A 56 16.36 22.44 -12.58
CA ASP A 56 15.29 21.46 -12.64
C ASP A 56 14.45 21.72 -13.88
N PRO A 57 14.10 20.70 -14.68
CA PRO A 57 13.21 20.97 -15.82
C PRO A 57 11.89 21.60 -15.42
N ASN A 58 11.39 21.30 -14.21
CA ASN A 58 10.20 21.97 -13.73
C ASN A 58 10.44 23.46 -13.55
N THR A 59 11.61 23.84 -13.04
CA THR A 59 11.94 25.25 -12.84
C THR A 59 11.96 25.98 -14.18
N ASP A 60 11.50 27.23 -14.17
CA ASP A 60 11.41 28.03 -15.37
C ASP A 60 12.69 28.83 -15.57
N TRP A 61 13.26 28.75 -16.76
CA TRP A 61 14.46 29.51 -17.10
C TRP A 61 14.15 30.94 -17.52
N ASN A 62 12.89 31.27 -17.78
CA ASN A 62 12.53 32.63 -18.19
C ASN A 62 12.89 33.63 -17.11
N ALA A 63 12.59 33.30 -15.85
CA ALA A 63 12.91 34.21 -14.76
C ALA A 63 14.42 34.43 -14.65
N ILE A 64 15.20 33.36 -14.79
CA ILE A 64 16.66 33.49 -14.69
C ILE A 64 17.18 34.35 -15.83
N PHE A 65 16.69 34.12 -17.05
CA PHE A 65 17.15 34.91 -18.18
C PHE A 65 16.77 36.38 -18.02
N SER A 66 15.55 36.65 -17.54
CA SER A 66 15.13 38.02 -17.32
C SER A 66 16.00 38.69 -16.26
N LEU A 67 16.32 37.98 -15.19
CA LEU A 67 17.20 38.52 -14.16
C LEU A 67 18.57 38.84 -14.73
N CYS A 68 19.11 37.93 -15.55
CA CYS A 68 20.41 38.19 -16.17
C CYS A 68 20.37 39.41 -17.07
N GLN A 69 19.30 39.55 -17.87
CA GLN A 69 19.20 40.67 -18.78
C GLN A 69 18.82 41.97 -18.06
N ALA A 70 18.00 41.87 -17.02
CA ALA A 70 17.54 43.07 -16.32
C ALA A 70 18.64 43.66 -15.46
N MET A 71 18.44 44.93 -15.09
CA MET A 71 19.36 45.66 -14.23
C MET A 71 18.63 46.14 -13.00
N SER A 72 19.26 46.01 -11.83
CA SER A 72 18.64 46.39 -10.59
C SER A 72 18.46 47.90 -10.50
N LEU A 73 17.45 48.31 -9.72
CA LEU A 73 17.14 49.73 -9.61
C LEU A 73 18.28 50.49 -8.92
N PHE A 74 18.78 49.96 -7.80
CA PHE A 74 19.81 50.62 -7.02
C PHE A 74 20.86 49.61 -6.57
N ALA A 75 21.28 48.75 -7.48
CA ALA A 75 22.31 47.77 -7.19
C ALA A 75 23.02 47.39 -8.48
N SER A 76 24.20 46.78 -8.32
CA SER A 76 25.00 46.36 -9.46
C SER A 76 25.84 45.16 -9.02
N ARG A 77 26.38 44.45 -10.02
CA ARG A 77 27.21 43.27 -9.78
C ARG A 77 26.42 42.20 -9.02
N GLN A 78 25.36 41.72 -9.66
CA GLN A 78 24.54 40.68 -9.09
C GLN A 78 25.26 39.34 -9.14
N THR A 79 24.87 38.44 -8.24
CA THR A 79 25.43 37.10 -8.15
C THR A 79 24.31 36.08 -8.37
N LEU A 80 24.56 35.11 -9.25
CA LEU A 80 23.61 34.06 -9.56
C LEU A 80 24.23 32.72 -9.21
N LEU A 81 23.49 31.90 -8.45
CA LEU A 81 23.93 30.58 -8.03
C LEU A 81 22.98 29.54 -8.61
N LEU A 82 23.56 28.49 -9.21
CA LEU A 82 22.78 27.41 -9.82
C LEU A 82 23.19 26.10 -9.19
N LEU A 83 22.21 25.36 -8.65
CA LEU A 83 22.44 24.05 -8.06
C LEU A 83 22.05 22.99 -9.10
N LEU A 84 23.05 22.27 -9.61
CA LEU A 84 22.80 21.26 -10.61
C LEU A 84 22.07 20.06 -9.99
N PRO A 85 21.32 19.30 -10.78
CA PRO A 85 20.68 18.10 -10.24
C PRO A 85 21.70 17.04 -9.87
N GLU A 86 21.33 16.20 -8.90
CA GLU A 86 22.25 15.16 -8.44
C GLU A 86 22.57 14.18 -9.56
N ASN A 87 21.57 13.80 -10.36
CA ASN A 87 21.81 12.86 -11.46
C ASN A 87 22.78 13.43 -12.48
N GLY A 88 22.60 14.71 -12.83
CA GLY A 88 23.48 15.37 -13.76
C GLY A 88 22.71 16.14 -14.83
N PRO A 89 23.41 16.99 -15.58
CA PRO A 89 22.73 17.77 -16.62
C PRO A 89 22.14 16.87 -17.70
N ASN A 90 21.00 17.31 -18.23
CA ASN A 90 20.34 16.67 -19.37
C ASN A 90 20.56 17.52 -20.61
N ALA A 91 20.14 16.98 -21.76
CA ALA A 91 20.30 17.69 -23.02
C ALA A 91 19.58 19.04 -22.99
N ALA A 92 18.34 19.06 -22.47
CA ALA A 92 17.62 20.31 -22.34
C ALA A 92 18.35 21.26 -21.39
N ILE A 93 18.86 20.74 -20.28
CA ILE A 93 19.63 21.57 -19.36
C ILE A 93 20.90 22.08 -20.01
N ASN A 94 21.53 21.23 -20.84
CA ASN A 94 22.73 21.67 -21.55
C ASN A 94 22.41 22.82 -22.50
N GLU A 95 21.30 22.70 -23.23
CA GLU A 95 20.90 23.78 -24.14
C GLU A 95 20.59 25.06 -23.36
N GLN A 96 19.91 24.93 -22.22
CA GLN A 96 19.59 26.11 -21.42
C GLN A 96 20.87 26.77 -20.90
N LEU A 97 21.84 25.97 -20.45
CA LEU A 97 23.11 26.53 -20.00
C LEU A 97 23.84 27.21 -21.14
N LEU A 98 23.81 26.61 -22.33
CA LEU A 98 24.43 27.24 -23.49
C LEU A 98 23.79 28.58 -23.80
N THR A 99 22.46 28.65 -23.72
CA THR A 99 21.78 29.92 -23.92
C THR A 99 22.19 30.93 -22.86
N LEU A 100 22.29 30.48 -21.60
CA LEU A 100 22.65 31.38 -20.51
C LEU A 100 24.06 31.93 -20.69
N THR A 101 24.98 31.12 -21.19
CA THR A 101 26.37 31.55 -21.30
C THR A 101 26.49 32.85 -22.08
N GLY A 102 25.72 33.01 -23.15
CA GLY A 102 25.76 34.25 -23.91
C GLY A 102 25.32 35.45 -23.09
N LEU A 103 24.30 35.26 -22.26
CA LEU A 103 23.77 36.36 -21.45
C LEU A 103 24.77 36.84 -20.40
N LEU A 104 25.76 36.02 -20.07
CA LEU A 104 26.71 36.40 -19.03
C LEU A 104 27.47 37.67 -19.42
N HIS A 105 27.72 38.52 -18.43
CA HIS A 105 28.43 39.77 -18.64
C HIS A 105 29.32 40.02 -17.42
N ASP A 106 29.96 41.19 -17.39
CA ASP A 106 30.94 41.48 -16.35
C ASP A 106 30.30 41.52 -14.96
N ASP A 107 29.20 42.26 -14.82
CA ASP A 107 28.58 42.43 -13.51
C ASP A 107 28.07 41.10 -12.97
N LEU A 108 27.44 40.29 -13.82
CA LEU A 108 26.90 39.02 -13.36
C LEU A 108 28.03 38.05 -13.02
N LEU A 109 27.91 37.40 -11.87
CA LEU A 109 28.86 36.39 -11.43
C LEU A 109 28.12 35.08 -11.21
N LEU A 110 28.49 34.06 -12.00
CA LEU A 110 27.80 32.77 -11.98
C LEU A 110 28.58 31.78 -11.13
N ILE A 111 27.89 31.09 -10.22
CA ILE A 111 28.48 30.06 -9.39
C ILE A 111 27.62 28.81 -9.53
N VAL A 112 28.23 27.71 -9.97
CA VAL A 112 27.53 26.45 -10.20
C VAL A 112 28.00 25.46 -9.16
N ARG A 113 27.06 24.86 -8.44
CA ARG A 113 27.35 23.86 -7.42
C ARG A 113 26.57 22.60 -7.72
N GLY A 114 27.24 21.46 -7.66
CA GLY A 114 26.58 20.19 -7.94
C GLY A 114 27.55 19.04 -7.83
N ASN A 115 27.02 17.85 -8.12
CA ASN A 115 27.84 16.64 -8.06
C ASN A 115 28.85 16.63 -9.20
N LYS A 116 29.88 15.79 -9.03
CA LYS A 116 30.92 15.69 -10.03
C LYS A 116 30.34 15.19 -11.35
N LEU A 117 30.80 15.79 -12.45
CA LEU A 117 30.31 15.45 -13.77
C LEU A 117 31.12 14.30 -14.37
N SER A 118 30.42 13.37 -15.01
CA SER A 118 31.06 12.25 -15.66
C SER A 118 31.72 12.68 -16.96
N LYS A 119 32.37 11.75 -17.64
CA LYS A 119 33.07 12.08 -18.88
C LYS A 119 32.11 12.63 -19.92
N ALA A 120 30.96 11.96 -20.10
CA ALA A 120 29.97 12.45 -21.07
C ALA A 120 29.41 13.79 -20.63
N GLN A 121 29.08 13.94 -19.34
CA GLN A 121 28.52 15.20 -18.86
C GLN A 121 29.53 16.33 -19.00
N GLU A 122 30.80 16.07 -18.70
CA GLU A 122 31.81 17.10 -18.81
C GLU A 122 31.92 17.61 -20.25
N ASN A 123 31.83 16.70 -21.22
CA ASN A 123 31.85 17.09 -22.63
C ASN A 123 30.57 17.82 -22.97
N ALA A 124 30.65 19.14 -23.06
CA ALA A 124 29.48 19.96 -23.37
C ALA A 124 29.95 21.24 -24.05
N ALA A 125 29.13 21.74 -24.99
CA ALA A 125 29.50 22.94 -25.72
C ALA A 125 29.64 24.13 -24.78
N TRP A 126 28.69 24.30 -23.86
CA TRP A 126 28.76 25.43 -22.92
C TRP A 126 29.97 25.31 -22.01
N PHE A 127 30.25 24.10 -21.51
CA PHE A 127 31.39 23.92 -20.64
C PHE A 127 32.70 24.22 -21.37
N THR A 128 32.83 23.73 -22.61
CA THR A 128 34.03 24.01 -23.39
C THR A 128 34.17 25.51 -23.67
N ALA A 129 33.05 26.17 -23.98
CA ALA A 129 33.11 27.61 -24.25
C ALA A 129 33.54 28.38 -23.01
N LEU A 130 33.01 28.01 -21.84
CA LEU A 130 33.36 28.71 -20.61
C LEU A 130 34.74 28.32 -20.08
N ALA A 131 35.30 27.20 -20.56
CA ALA A 131 36.61 26.77 -20.06
C ALA A 131 37.67 27.85 -20.23
N ASN A 132 37.53 28.68 -21.26
CA ASN A 132 38.54 29.72 -21.51
C ASN A 132 38.58 30.73 -20.38
N ARG A 133 37.45 30.97 -19.71
CA ARG A 133 37.36 31.99 -18.68
C ARG A 133 36.62 31.46 -17.45
N SER A 134 37.00 30.27 -16.99
CA SER A 134 36.36 29.64 -15.86
C SER A 134 37.40 29.06 -14.90
N VAL A 135 37.02 29.02 -13.62
CA VAL A 135 37.81 28.41 -12.57
C VAL A 135 37.00 27.25 -12.00
N GLN A 136 37.57 26.05 -12.04
CA GLN A 136 36.93 24.86 -11.51
C GLN A 136 37.65 24.43 -10.24
N VAL A 137 36.88 23.94 -9.28
CA VAL A 137 37.40 23.48 -7.99
C VAL A 137 37.08 22.00 -7.85
N THR A 138 38.10 21.19 -7.61
CA THR A 138 37.93 19.76 -7.41
C THR A 138 37.70 19.49 -5.93
N CYS A 139 36.54 18.92 -5.60
CA CYS A 139 36.13 18.64 -4.23
C CYS A 139 35.85 17.15 -4.11
N GLN A 140 36.86 16.39 -3.70
CA GLN A 140 36.74 14.95 -3.49
C GLN A 140 37.00 14.65 -2.02
N THR A 141 36.12 13.85 -1.41
CA THR A 141 36.30 13.51 -0.01
C THR A 141 37.60 12.73 0.15
N PRO A 142 38.47 13.12 1.09
CA PRO A 142 39.75 12.41 1.21
C PRO A 142 39.54 10.98 1.68
N GLU A 143 40.43 10.10 1.21
CA GLU A 143 40.38 8.70 1.61
C GLU A 143 40.85 8.56 3.06
N GLN A 144 40.60 7.38 3.63
CA GLN A 144 41.00 7.13 5.01
C GLN A 144 42.49 7.39 5.21
N ALA A 145 43.31 7.09 4.20
CA ALA A 145 44.73 7.37 4.30
C ALA A 145 44.99 8.87 4.38
N GLN A 146 44.27 9.66 3.59
CA GLN A 146 44.45 11.10 3.56
C GLN A 146 43.70 11.82 4.67
N LEU A 147 42.77 11.16 5.34
CA LEU A 147 41.95 11.83 6.35
C LEU A 147 42.76 12.39 7.51
N PRO A 148 43.70 11.66 8.12
CA PRO A 148 44.41 12.23 9.28
C PRO A 148 45.16 13.52 8.97
N ARG A 149 45.72 13.63 7.76
CA ARG A 149 46.38 14.87 7.37
C ARG A 149 45.40 16.04 7.37
N TRP A 150 44.21 15.82 6.79
CA TRP A 150 43.20 16.86 6.77
C TRP A 150 42.75 17.23 8.18
N VAL A 151 42.58 16.23 9.05
CA VAL A 151 42.17 16.50 10.42
C VAL A 151 43.23 17.32 11.15
N ALA A 152 44.51 16.97 10.97
CA ALA A 152 45.58 17.72 11.60
C ALA A 152 45.62 19.15 11.09
N ALA A 153 45.45 19.34 9.77
CA ALA A 153 45.42 20.69 9.23
C ALA A 153 44.27 21.50 9.82
N ARG A 154 43.09 20.88 9.91
CA ARG A 154 41.94 21.57 10.50
C ARG A 154 42.22 21.95 11.94
N ALA A 155 42.81 21.05 12.72
CA ALA A 155 43.12 21.36 14.12
C ALA A 155 44.11 22.50 14.21
N LYS A 156 45.13 22.51 13.36
CA LYS A 156 46.11 23.59 13.38
C LYS A 156 45.47 24.92 13.01
N GLN A 157 44.56 24.92 12.03
CA GLN A 157 43.92 26.16 11.61
C GLN A 157 43.13 26.79 12.75
N LEU A 158 42.44 25.97 13.54
CA LEU A 158 41.62 26.47 14.64
C LEU A 158 42.41 26.65 15.93
N ASN A 159 43.73 26.47 15.89
CA ASN A 159 44.59 26.64 17.06
C ASN A 159 44.22 25.64 18.15
N LEU A 160 44.17 24.37 17.77
CA LEU A 160 43.87 23.27 18.68
C LEU A 160 45.01 22.27 18.69
N GLU A 161 45.36 21.82 19.89
CA GLU A 161 46.42 20.82 20.06
C GLU A 161 45.77 19.45 20.08
N LEU A 162 45.92 18.71 18.97
CA LEU A 162 45.29 17.42 18.79
C LEU A 162 46.35 16.32 18.81
N ASP A 163 46.13 15.31 19.65
CA ASP A 163 47.07 14.21 19.75
C ASP A 163 46.85 13.20 18.63
N ASP A 164 47.85 12.34 18.43
CA ASP A 164 47.73 11.30 17.40
C ASP A 164 46.59 10.34 17.71
N ALA A 165 46.46 9.93 18.97
CA ALA A 165 45.37 9.04 19.34
C ALA A 165 44.02 9.72 19.12
N ALA A 166 43.90 10.99 19.50
CA ALA A 166 42.67 11.72 19.27
C ALA A 166 42.40 11.85 17.77
N ASN A 167 43.44 12.08 16.98
CA ASN A 167 43.26 12.17 15.53
C ASN A 167 42.72 10.86 14.98
N GLN A 168 43.29 9.74 15.41
CA GLN A 168 42.82 8.44 14.94
C GLN A 168 41.38 8.19 15.38
N VAL A 169 41.04 8.56 16.61
CA VAL A 169 39.67 8.35 17.09
C VAL A 169 38.69 9.17 16.25
N LEU A 170 39.03 10.43 15.99
CA LEU A 170 38.15 11.27 15.18
C LEU A 170 38.01 10.72 13.77
N CYS A 171 39.11 10.25 13.18
CA CYS A 171 39.05 9.67 11.85
C CYS A 171 38.16 8.44 11.82
N TYR A 172 38.30 7.58 12.82
CA TYR A 172 37.50 6.34 12.86
C TYR A 172 36.03 6.63 13.05
N CYS A 173 35.69 7.49 14.02
CA CYS A 173 34.28 7.72 14.35
C CYS A 173 33.54 8.42 13.22
N TYR A 174 34.17 9.40 12.58
CA TYR A 174 33.52 10.24 11.58
C TYR A 174 34.15 10.05 10.20
N GLU A 175 34.46 8.81 9.84
CA GLU A 175 35.04 8.53 8.54
C GLU A 175 34.02 8.81 7.44
N GLY A 176 34.44 9.56 6.42
CA GLY A 176 33.58 9.86 5.29
C GLY A 176 32.56 10.96 5.52
N ASN A 177 32.57 11.60 6.69
CA ASN A 177 31.62 12.67 7.03
C ASN A 177 32.42 13.83 7.59
N LEU A 178 32.88 14.72 6.71
CA LEU A 178 33.71 15.84 7.15
C LEU A 178 32.91 16.87 7.92
N LEU A 179 31.63 17.05 7.60
CA LEU A 179 30.80 18.00 8.34
C LEU A 179 30.72 17.63 9.81
N ALA A 180 30.56 16.34 10.10
CA ALA A 180 30.54 15.89 11.48
C ALA A 180 31.88 16.16 12.15
N LEU A 181 32.99 15.97 11.42
CA LEU A 181 34.30 16.25 11.98
C LEU A 181 34.43 17.72 12.36
N ALA A 182 34.01 18.62 11.46
CA ALA A 182 34.11 20.05 11.74
C ALA A 182 33.25 20.43 12.92
N GLN A 183 32.01 19.92 12.98
CA GLN A 183 31.13 20.25 14.10
C GLN A 183 31.70 19.71 15.41
N ALA A 184 32.27 18.50 15.38
CA ALA A 184 32.88 17.94 16.58
C ALA A 184 34.06 18.78 17.04
N LEU A 185 34.88 19.25 16.10
CA LEU A 185 36.00 20.12 16.48
C LEU A 185 35.50 21.40 17.10
N GLU A 186 34.45 22.01 16.53
CA GLU A 186 33.89 23.22 17.11
C GLU A 186 33.37 22.97 18.52
N ARG A 187 32.63 21.87 18.71
CA ARG A 187 32.10 21.55 20.03
C ARG A 187 33.22 21.32 21.04
N LEU A 188 34.28 20.61 20.63
CA LEU A 188 35.40 20.37 21.53
C LEU A 188 36.09 21.68 21.89
N SER A 189 36.26 22.57 20.92
CA SER A 189 36.88 23.87 21.22
C SER A 189 36.02 24.66 22.20
N LEU A 190 34.70 24.64 22.01
CA LEU A 190 33.82 25.33 22.95
C LEU A 190 33.92 24.72 24.34
N LEU A 191 33.99 23.39 24.43
CA LEU A 191 34.01 22.73 25.73
C LEU A 191 35.25 23.13 26.53
N TRP A 192 36.41 23.14 25.89
CA TRP A 192 37.67 23.45 26.56
C TRP A 192 38.33 24.65 25.89
N PRO A 193 38.19 25.85 26.44
CA PRO A 193 38.86 27.01 25.83
C PRO A 193 40.37 26.87 25.77
N ASP A 194 40.98 26.13 26.70
CA ASP A 194 42.42 25.96 26.67
C ASP A 194 42.89 25.30 25.38
N GLY A 195 42.05 24.46 24.78
CA GLY A 195 42.40 23.83 23.51
C GLY A 195 43.25 22.59 23.63
N LYS A 196 43.51 22.10 24.83
CA LYS A 196 44.32 20.90 25.03
C LYS A 196 43.41 19.68 24.87
N LEU A 197 43.31 19.18 23.64
CA LEU A 197 42.41 18.07 23.33
C LEU A 197 43.16 16.76 23.56
N THR A 198 43.02 16.23 24.78
CA THR A 198 43.60 14.93 25.11
C THR A 198 42.68 13.81 24.63
N LEU A 199 43.21 12.59 24.67
CA LEU A 199 42.43 11.44 24.20
C LEU A 199 41.15 11.25 25.01
N PRO A 200 41.17 11.26 26.35
CA PRO A 200 39.90 11.08 27.09
C PRO A 200 38.86 12.13 26.74
N ARG A 201 39.28 13.39 26.55
CA ARG A 201 38.33 14.44 26.25
C ARG A 201 37.59 14.17 24.94
N VAL A 202 38.32 13.75 23.92
CA VAL A 202 37.68 13.43 22.64
C VAL A 202 36.83 12.17 22.77
N GLU A 203 37.32 11.17 23.52
CA GLU A 203 36.56 9.94 23.67
C GLU A 203 35.23 10.18 24.38
N GLN A 204 35.18 11.16 25.27
CA GLN A 204 33.97 11.43 26.06
C GLN A 204 33.00 12.36 25.36
N ALA A 205 33.30 12.83 24.14
CA ALA A 205 32.42 13.77 23.45
C ALA A 205 32.30 13.44 21.96
N VAL A 206 32.37 12.15 21.61
CA VAL A 206 32.32 11.72 20.23
C VAL A 206 31.30 10.59 20.08
N ASN A 207 30.58 10.61 18.97
CA ASN A 207 29.60 9.60 18.64
C ASN A 207 29.90 9.02 17.26
N ASP A 208 29.33 7.85 16.99
CA ASP A 208 29.59 7.14 15.74
C ASP A 208 28.62 7.64 14.68
N ALA A 209 29.17 8.27 13.63
CA ALA A 209 28.36 8.76 12.52
C ALA A 209 29.06 8.54 11.18
N ALA A 210 29.84 7.46 11.06
CA ALA A 210 30.59 7.21 9.85
C ALA A 210 29.66 6.89 8.68
N HIS A 211 30.14 7.20 7.48
CA HIS A 211 29.41 6.93 6.25
C HIS A 211 30.30 6.12 5.32
N PHE A 212 29.75 5.03 4.77
CA PHE A 212 30.52 4.11 3.94
C PHE A 212 29.73 3.78 2.68
N THR A 213 30.39 3.04 1.79
CA THR A 213 29.84 2.58 0.52
C THR A 213 30.17 1.11 0.36
N PRO A 214 29.41 0.38 -0.47
CA PRO A 214 29.71 -1.04 -0.66
C PRO A 214 31.12 -1.30 -1.16
N PHE A 215 31.68 -0.40 -1.96
CA PHE A 215 33.05 -0.58 -2.43
C PHE A 215 34.02 -0.62 -1.25
N HIS A 216 33.79 0.21 -0.24
CA HIS A 216 34.61 0.17 0.96
C HIS A 216 34.51 -1.19 1.65
N TRP A 217 33.30 -1.75 1.72
CA TRP A 217 33.11 -3.06 2.32
C TRP A 217 33.88 -4.13 1.56
N VAL A 218 33.81 -4.10 0.23
CA VAL A 218 34.53 -5.09 -0.56
C VAL A 218 36.03 -4.93 -0.40
N ASP A 219 36.51 -3.69 -0.37
CA ASP A 219 37.94 -3.45 -0.15
C ASP A 219 38.39 -3.97 1.20
N ALA A 220 37.57 -3.74 2.25
CA ALA A 220 37.90 -4.26 3.56
C ALA A 220 37.95 -5.78 3.55
N LEU A 221 37.00 -6.42 2.86
CA LEU A 221 37.02 -7.87 2.76
C LEU A 221 38.29 -8.35 2.08
N LEU A 222 38.69 -7.70 0.99
CA LEU A 222 39.92 -8.09 0.30
C LEU A 222 41.14 -7.91 1.21
N MET A 223 41.18 -6.81 1.95
CA MET A 223 42.30 -6.57 2.86
C MET A 223 42.36 -7.64 3.95
N GLY A 224 41.20 -8.03 4.48
CA GLY A 224 41.13 -9.00 5.55
C GLY A 224 40.86 -8.43 6.92
N LYS A 225 40.61 -7.13 7.02
CA LYS A 225 40.32 -6.50 8.31
C LYS A 225 38.89 -6.87 8.71
N SER A 226 38.76 -7.89 9.56
CA SER A 226 37.44 -8.35 9.96
C SER A 226 36.68 -7.27 10.71
N LYS A 227 37.34 -6.58 11.65
CA LYS A 227 36.66 -5.56 12.42
C LYS A 227 36.16 -4.43 11.53
N ARG A 228 36.99 -3.98 10.59
CA ARG A 228 36.56 -2.91 9.70
C ARG A 228 35.40 -3.36 8.83
N ALA A 229 35.45 -4.58 8.32
CA ALA A 229 34.36 -5.08 7.49
C ALA A 229 33.06 -5.15 8.28
N LEU A 230 33.12 -5.66 9.51
CA LEU A 230 31.92 -5.74 10.33
C LEU A 230 31.38 -4.36 10.65
N HIS A 231 32.26 -3.40 10.95
CA HIS A 231 31.81 -2.04 11.23
C HIS A 231 31.13 -1.43 10.01
N ILE A 232 31.72 -1.62 8.83
CA ILE A 232 31.14 -1.08 7.60
C ILE A 232 29.77 -1.70 7.35
N LEU A 233 29.67 -3.03 7.52
CA LEU A 233 28.39 -3.69 7.28
C LEU A 233 27.34 -3.21 8.26
N GLN A 234 27.71 -3.04 9.53
CA GLN A 234 26.75 -2.53 10.51
C GLN A 234 26.30 -1.12 10.16
N GLN A 235 27.23 -0.26 9.74
CA GLN A 235 26.85 1.10 9.36
C GLN A 235 25.92 1.09 8.15
N LEU A 236 26.21 0.25 7.16
CA LEU A 236 25.36 0.16 5.98
C LEU A 236 23.97 -0.32 6.36
N ARG A 237 23.88 -1.30 7.27
CA ARG A 237 22.57 -1.77 7.73
C ARG A 237 21.83 -0.64 8.45
N LEU A 238 22.52 0.10 9.30
CA LEU A 238 21.86 1.16 10.06
C LEU A 238 21.33 2.26 9.14
N GLU A 239 22.13 2.66 8.14
CA GLU A 239 21.68 3.73 7.26
C GLU A 239 20.57 3.30 6.31
N GLY A 240 20.26 2.00 6.25
CA GLY A 240 19.19 1.53 5.40
C GLY A 240 19.59 1.38 3.95
N SER A 241 20.53 0.49 3.67
CA SER A 241 20.98 0.20 2.32
C SER A 241 20.50 -1.18 1.90
N GLU A 242 19.97 -1.27 0.69
CA GLU A 242 19.44 -2.53 0.19
C GLU A 242 20.57 -3.54 0.04
N PRO A 243 20.42 -4.77 0.54
CA PRO A 243 21.52 -5.75 0.41
C PRO A 243 21.78 -6.19 -1.03
N VAL A 244 20.85 -5.94 -1.95
CA VAL A 244 21.04 -6.40 -3.33
C VAL A 244 22.29 -5.75 -3.93
N ILE A 245 22.47 -4.45 -3.68
CA ILE A 245 23.64 -3.76 -4.21
C ILE A 245 24.91 -4.36 -3.64
N LEU A 246 24.91 -4.67 -2.35
CA LEU A 246 26.08 -5.30 -1.74
C LEU A 246 26.38 -6.64 -2.39
N LEU A 247 25.35 -7.45 -2.61
CA LEU A 247 25.55 -8.76 -3.21
C LEU A 247 26.11 -8.63 -4.62
N ARG A 248 25.56 -7.73 -5.42
CA ARG A 248 26.04 -7.59 -6.80
C ARG A 248 27.44 -7.01 -6.85
N THR A 249 27.77 -6.10 -5.93
CA THR A 249 29.14 -5.59 -5.87
C THR A 249 30.12 -6.69 -5.49
N LEU A 250 29.75 -7.54 -4.54
CA LEU A 250 30.66 -8.61 -4.13
C LEU A 250 30.78 -9.70 -5.20
N GLN A 251 29.72 -9.91 -5.98
CA GLN A 251 29.74 -11.01 -6.95
C GLN A 251 30.84 -10.83 -7.98
N ARG A 252 31.00 -9.61 -8.51
CA ARG A 252 31.98 -9.38 -9.55
C ARG A 252 33.38 -9.70 -9.05
N GLU A 253 33.74 -9.18 -7.88
CA GLU A 253 35.08 -9.42 -7.35
C GLU A 253 35.27 -10.90 -7.01
N LEU A 254 34.24 -11.56 -6.46
CA LEU A 254 34.38 -12.97 -6.12
C LEU A 254 34.62 -13.80 -7.37
N LEU A 255 33.85 -13.55 -8.43
CA LEU A 255 34.04 -14.30 -9.67
C LEU A 255 35.41 -14.02 -10.28
N LEU A 256 35.85 -12.75 -10.24
CA LEU A 256 37.17 -12.42 -10.75
C LEU A 256 38.25 -13.16 -9.99
N LEU A 257 38.15 -13.20 -8.66
CA LEU A 257 39.13 -13.92 -7.86
C LEU A 257 39.13 -15.41 -8.19
N VAL A 258 37.94 -15.99 -8.34
CA VAL A 258 37.86 -17.42 -8.66
C VAL A 258 38.54 -17.70 -10.00
N ASN A 259 38.23 -16.88 -11.01
CA ASN A 259 38.80 -17.09 -12.33
C ASN A 259 40.32 -16.92 -12.31
N LEU A 260 40.81 -15.87 -11.62
CA LEU A 260 42.24 -15.65 -11.56
C LEU A 260 42.95 -16.80 -10.86
N LYS A 261 42.41 -17.27 -9.74
CA LYS A 261 43.02 -18.38 -9.02
C LYS A 261 43.02 -19.64 -9.89
N ARG A 262 41.94 -19.87 -10.62
CA ARG A 262 41.89 -21.04 -11.51
C ARG A 262 42.96 -20.94 -12.59
N GLN A 263 43.13 -19.76 -13.18
CA GLN A 263 44.08 -19.57 -14.26
C GLN A 263 45.49 -19.23 -13.78
N SER A 264 45.67 -18.94 -12.49
CA SER A 264 46.98 -18.53 -12.00
C SER A 264 48.02 -19.66 -12.08
N ALA A 265 47.58 -20.91 -12.15
CA ALA A 265 48.51 -22.03 -12.14
C ALA A 265 49.26 -22.20 -13.46
N HIS A 266 48.85 -21.49 -14.51
CA HIS A 266 49.46 -21.65 -15.83
C HIS A 266 49.98 -20.36 -16.45
N THR A 267 49.64 -19.20 -15.91
CA THR A 267 50.02 -17.92 -16.49
C THR A 267 50.55 -17.00 -15.41
N PRO A 268 51.49 -16.11 -15.73
CA PRO A 268 51.91 -15.11 -14.75
C PRO A 268 50.77 -14.20 -14.34
N LEU A 269 50.81 -13.75 -13.09
CA LEU A 269 49.73 -12.92 -12.55
C LEU A 269 49.63 -11.60 -13.31
N ARG A 270 50.76 -11.02 -13.69
CA ARG A 270 50.74 -9.73 -14.38
C ARG A 270 50.01 -9.85 -15.72
N ALA A 271 50.24 -10.94 -16.45
CA ALA A 271 49.54 -11.14 -17.71
C ALA A 271 48.04 -11.24 -17.51
N LEU A 272 47.61 -11.95 -16.47
CA LEU A 272 46.18 -12.05 -16.18
C LEU A 272 45.59 -10.69 -15.84
N PHE A 273 46.31 -9.90 -15.03
CA PHE A 273 45.83 -8.55 -14.69
C PHE A 273 45.70 -7.70 -15.95
N ASP A 274 46.70 -7.78 -16.84
CA ASP A 274 46.64 -7.00 -18.07
C ASP A 274 45.45 -7.45 -18.94
N LYS A 275 45.22 -8.76 -19.02
CA LYS A 275 44.10 -9.26 -19.82
C LYS A 275 42.77 -8.80 -19.26
N HIS A 276 42.62 -8.84 -17.94
CA HIS A 276 41.34 -8.50 -17.30
C HIS A 276 41.15 -7.01 -17.10
N ARG A 277 42.16 -6.19 -17.38
CA ARG A 277 42.04 -4.73 -17.30
C ARG A 277 41.66 -4.30 -15.88
N VAL A 278 42.53 -4.64 -14.93
CA VAL A 278 42.35 -4.27 -13.54
C VAL A 278 43.10 -2.97 -13.27
N TRP A 279 42.60 -2.20 -12.31
CA TRP A 279 43.24 -0.93 -11.97
C TRP A 279 44.63 -1.19 -11.38
N GLN A 280 45.56 -0.28 -11.68
CA GLN A 280 46.94 -0.46 -11.24
C GLN A 280 47.04 -0.51 -9.72
N ASN A 281 46.32 0.40 -9.04
CA ASN A 281 46.40 0.45 -7.58
C ASN A 281 45.80 -0.79 -6.95
N ARG A 282 44.84 -1.43 -7.62
CA ARG A 282 44.18 -2.62 -7.07
C ARG A 282 44.98 -3.90 -7.29
N ARG A 283 46.06 -3.86 -8.07
CA ARG A 283 46.78 -5.09 -8.38
C ARG A 283 47.41 -5.69 -7.13
N GLY A 284 48.01 -4.85 -6.28
CA GLY A 284 48.61 -5.36 -5.06
C GLY A 284 47.60 -6.00 -4.14
N MET A 285 46.45 -5.34 -3.96
CA MET A 285 45.40 -5.91 -3.11
C MET A 285 44.87 -7.21 -3.69
N MET A 286 44.70 -7.27 -5.02
CA MET A 286 44.22 -8.49 -5.64
C MET A 286 45.21 -9.63 -5.45
N GLY A 287 46.50 -9.36 -5.62
CA GLY A 287 47.51 -10.38 -5.42
C GLY A 287 47.56 -10.85 -3.98
N GLU A 288 47.46 -9.93 -3.03
CA GLU A 288 47.44 -10.32 -1.62
C GLU A 288 46.23 -11.19 -1.31
N ALA A 289 45.06 -10.82 -1.85
CA ALA A 289 43.87 -11.64 -1.62
C ALA A 289 44.03 -13.02 -2.22
N LEU A 290 44.57 -13.11 -3.44
CA LEU A 290 44.75 -14.40 -4.08
C LEU A 290 45.71 -15.28 -3.29
N ASN A 291 46.82 -14.71 -2.81
CA ASN A 291 47.78 -15.48 -2.05
C ASN A 291 47.30 -15.80 -0.64
N ARG A 292 46.32 -15.06 -0.13
CA ARG A 292 45.87 -15.27 1.24
C ARG A 292 44.98 -16.51 1.37
N LEU A 293 44.23 -16.86 0.33
CA LEU A 293 43.28 -17.97 0.37
C LEU A 293 43.46 -18.87 -0.84
N SER A 294 43.06 -20.13 -0.67
CA SER A 294 43.21 -21.16 -1.69
C SER A 294 41.85 -21.49 -2.31
N GLN A 295 41.86 -22.48 -3.21
CA GLN A 295 40.64 -22.88 -3.88
C GLN A 295 39.61 -23.47 -2.93
N THR A 296 40.04 -23.98 -1.77
CA THR A 296 39.08 -24.45 -0.78
C THR A 296 38.12 -23.33 -0.39
N GLN A 297 38.65 -22.15 -0.12
CA GLN A 297 37.84 -20.95 -0.03
C GLN A 297 37.58 -20.40 -1.43
N LEU A 298 36.64 -19.46 -1.52
CA LEU A 298 36.12 -18.90 -2.77
C LEU A 298 35.19 -19.86 -3.48
N ARG A 299 35.04 -21.10 -3.00
CA ARG A 299 34.06 -22.05 -3.49
C ARG A 299 32.87 -22.16 -2.56
N GLN A 300 33.13 -22.29 -1.26
CA GLN A 300 32.04 -22.20 -0.29
C GLN A 300 31.42 -20.81 -0.26
N ALA A 301 32.21 -19.78 -0.59
CA ALA A 301 31.66 -18.44 -0.65
C ALA A 301 30.61 -18.32 -1.74
N VAL A 302 30.83 -18.98 -2.88
CA VAL A 302 29.82 -18.98 -3.94
C VAL A 302 28.54 -19.66 -3.46
N GLN A 303 28.68 -20.77 -2.73
CA GLN A 303 27.50 -21.44 -2.18
C GLN A 303 26.76 -20.52 -1.22
N LEU A 304 27.49 -19.81 -0.35
CA LEU A 304 26.84 -18.88 0.56
C LEU A 304 26.12 -17.79 -0.19
N LEU A 305 26.74 -17.23 -1.22
CA LEU A 305 26.12 -16.16 -1.99
C LEU A 305 24.85 -16.65 -2.68
N THR A 306 24.91 -17.84 -3.30
CA THR A 306 23.73 -18.37 -3.96
C THR A 306 22.61 -18.63 -2.97
N ARG A 307 22.93 -19.24 -1.82
CA ARG A 307 21.90 -19.51 -0.83
C ARG A 307 21.29 -18.22 -0.31
N THR A 308 22.12 -17.19 -0.08
CA THR A 308 21.61 -15.91 0.39
C THR A 308 20.69 -15.28 -0.65
N GLU A 309 21.07 -15.33 -1.92
CA GLU A 309 20.20 -14.77 -2.96
C GLU A 309 18.88 -15.52 -3.04
N LEU A 310 18.93 -16.86 -2.95
CA LEU A 310 17.69 -17.63 -2.99
C LEU A 310 16.81 -17.31 -1.80
N THR A 311 17.40 -17.19 -0.61
CA THR A 311 16.61 -16.83 0.56
C THR A 311 15.98 -15.46 0.40
N LEU A 312 16.75 -14.51 -0.15
CA LEU A 312 16.23 -13.15 -0.35
C LEU A 312 15.05 -13.15 -1.32
N LYS A 313 15.16 -13.89 -2.42
CA LYS A 313 14.19 -13.77 -3.49
C LYS A 313 13.02 -14.75 -3.34
N GLN A 314 13.32 -16.05 -3.31
CA GLN A 314 12.25 -17.04 -3.19
C GLN A 314 11.50 -16.89 -1.87
N ASP A 315 12.21 -16.87 -0.76
CA ASP A 315 11.59 -16.90 0.56
C ASP A 315 11.27 -15.52 1.11
N TYR A 316 11.85 -14.46 0.56
CA TYR A 316 11.64 -13.11 1.07
C TYR A 316 11.95 -13.03 2.55
N GLY A 317 13.07 -13.63 2.95
CA GLY A 317 13.46 -13.66 4.34
C GLY A 317 14.03 -12.35 4.82
N GLN A 318 14.42 -12.33 6.10
CA GLN A 318 14.96 -11.14 6.74
C GLN A 318 16.31 -11.40 7.41
N SER A 319 16.86 -12.60 7.29
CA SER A 319 18.15 -12.94 7.87
C SER A 319 19.31 -12.72 6.90
N VAL A 320 19.15 -11.80 5.95
CA VAL A 320 20.19 -11.57 4.95
C VAL A 320 21.46 -11.02 5.60
N TRP A 321 21.30 -10.13 6.57
CA TRP A 321 22.46 -9.47 7.17
C TRP A 321 23.33 -10.46 7.94
N ALA A 322 22.71 -11.43 8.63
CA ALA A 322 23.49 -12.44 9.33
C ALA A 322 24.31 -13.27 8.35
N GLU A 323 23.71 -13.64 7.21
CA GLU A 323 24.45 -14.37 6.20
C GLU A 323 25.57 -13.54 5.61
N LEU A 324 25.33 -12.23 5.44
CA LEU A 324 26.38 -11.35 4.95
C LEU A 324 27.54 -11.29 5.92
N GLU A 325 27.26 -11.19 7.22
CA GLU A 325 28.32 -11.20 8.22
C GLU A 325 29.08 -12.51 8.19
N GLY A 326 28.36 -13.64 8.07
CA GLY A 326 29.03 -14.93 8.00
C GLY A 326 29.94 -15.03 6.79
N LEU A 327 29.47 -14.54 5.63
CA LEU A 327 30.30 -14.55 4.43
C LEU A 327 31.52 -13.64 4.60
N SER A 328 31.33 -12.50 5.25
CA SER A 328 32.46 -11.61 5.52
C SER A 328 33.52 -12.29 6.37
N LEU A 329 33.09 -13.00 7.41
CA LEU A 329 34.04 -13.75 8.22
C LEU A 329 34.71 -14.85 7.42
N LEU A 330 33.95 -15.54 6.57
CA LEU A 330 34.53 -16.61 5.75
C LEU A 330 35.61 -16.08 4.83
N LEU A 331 35.35 -14.94 4.18
CA LEU A 331 36.37 -14.36 3.30
C LEU A 331 37.63 -14.02 4.08
N CYS A 332 37.47 -13.52 5.30
CA CYS A 332 38.60 -13.39 6.19
C CYS A 332 39.05 -14.77 6.66
N HIS A 333 40.27 -14.82 7.20
CA HIS A 333 40.87 -16.09 7.62
C HIS A 333 40.22 -16.51 8.94
N LYS A 334 39.10 -17.23 8.81
CA LYS A 334 38.35 -17.72 9.96
C LYS A 334 37.95 -19.18 9.74
N PRO A 335 37.70 -19.93 10.83
CA PRO A 335 37.32 -21.35 10.68
C PRO A 335 36.04 -21.55 9.89
N LEU A 336 34.94 -20.95 10.33
CA LEU A 336 33.67 -21.07 9.63
C LEU A 336 33.23 -22.53 9.57
N ALA A 337 32.83 -23.09 10.72
CA ALA A 337 32.54 -24.52 10.89
C ALA A 337 31.81 -25.17 9.72
N ASP A 338 31.20 -24.40 8.82
CA ASP A 338 30.65 -24.90 7.56
C ASP A 338 29.31 -25.59 7.71
N VAL A 339 28.76 -25.63 8.92
CA VAL A 339 27.38 -26.08 9.08
C VAL A 339 26.42 -25.07 8.47
N PHE A 340 26.75 -23.78 8.59
CA PHE A 340 25.90 -22.74 8.03
C PHE A 340 25.93 -22.75 6.51
N ILE A 341 27.08 -23.10 5.92
CA ILE A 341 27.21 -23.08 4.46
C ILE A 341 26.23 -24.05 3.83
N ASP A 342 25.83 -25.09 4.55
CA ASP A 342 24.88 -26.09 4.04
C ASP A 342 25.37 -26.73 2.76
N GLY A 343 26.66 -27.10 2.75
CA GLY A 343 27.25 -27.74 1.59
C GLY A 343 26.59 -29.07 1.26
N SER B 2 -5.24 15.15 43.44
CA SER B 2 -5.02 15.14 41.99
C SER B 2 -3.55 14.93 41.66
N TYR B 3 -3.09 13.69 41.85
CA TYR B 3 -1.70 13.38 41.58
C TYR B 3 -1.40 13.56 40.09
N GLN B 4 -0.24 14.13 39.79
CA GLN B 4 0.19 14.39 38.43
C GLN B 4 1.21 13.34 37.99
N VAL B 5 1.26 13.11 36.68
CA VAL B 5 2.23 12.16 36.14
C VAL B 5 3.64 12.62 36.48
N LEU B 6 4.49 11.67 36.87
CA LEU B 6 5.85 12.01 37.25
C LEU B 6 6.60 12.66 36.09
N ALA B 7 6.45 12.12 34.88
CA ALA B 7 7.13 12.70 33.72
C ALA B 7 6.64 14.12 33.48
N ARG B 8 5.34 14.34 33.55
CA ARG B 8 4.81 15.68 33.32
C ARG B 8 5.10 16.61 34.49
N LYS B 9 4.90 16.13 35.71
CA LYS B 9 5.12 16.99 36.89
C LYS B 9 6.60 17.33 37.04
N TRP B 10 7.46 16.32 37.01
CA TRP B 10 8.90 16.52 37.20
C TRP B 10 9.53 16.76 35.84
N ARG B 11 9.87 18.01 35.55
CA ARG B 11 10.53 18.39 34.32
C ARG B 11 11.70 19.30 34.65
N PRO B 12 12.80 19.23 33.90
CA PRO B 12 13.95 20.10 34.20
C PRO B 12 13.56 21.57 34.10
N GLN B 13 14.09 22.38 35.02
CA GLN B 13 13.91 23.81 35.01
C GLN B 13 15.22 24.58 34.94
N THR B 14 16.35 23.95 35.23
CA THR B 14 17.66 24.57 35.10
C THR B 14 18.65 23.50 34.63
N PHE B 15 19.77 23.96 34.06
CA PHE B 15 20.78 23.02 33.59
C PHE B 15 21.27 22.11 34.73
N ALA B 16 21.20 22.59 35.97
CA ALA B 16 21.59 21.74 37.10
C ALA B 16 20.64 20.56 37.25
N ASP B 17 19.35 20.77 37.01
CA ASP B 17 18.37 19.69 37.18
C ASP B 17 18.57 18.58 36.15
N VAL B 18 19.07 18.93 34.96
CA VAL B 18 19.23 17.93 33.91
C VAL B 18 20.23 16.87 34.37
N VAL B 19 19.90 15.60 34.12
CA VAL B 19 20.71 14.46 34.54
C VAL B 19 21.54 14.00 33.35
N GLY B 20 22.86 14.01 33.51
CA GLY B 20 23.72 13.62 32.42
C GLY B 20 23.73 14.66 31.31
N GLN B 21 24.10 14.21 30.11
CA GLN B 21 24.22 15.10 28.96
C GLN B 21 25.16 16.26 29.28
N GLU B 22 26.26 15.93 29.96
CA GLU B 22 27.15 16.98 30.47
C GLU B 22 27.78 17.78 29.33
N HIS B 23 28.19 17.11 28.26
CA HIS B 23 28.91 17.80 27.19
C HIS B 23 28.04 18.85 26.53
N VAL B 24 26.79 18.51 26.21
CA VAL B 24 25.92 19.47 25.55
C VAL B 24 25.64 20.67 26.45
N LEU B 25 25.34 20.41 27.73
CA LEU B 25 25.07 21.51 28.65
C LEU B 25 26.28 22.41 28.81
N THR B 26 27.47 21.82 28.95
CA THR B 26 28.68 22.63 29.10
C THR B 26 28.94 23.46 27.85
N ALA B 27 28.76 22.86 26.66
CA ALA B 27 28.98 23.61 25.44
C ALA B 27 28.00 24.77 25.32
N LEU B 28 26.72 24.53 25.63
CA LEU B 28 25.74 25.61 25.55
C LEU B 28 26.05 26.71 26.55
N ALA B 29 26.43 26.33 27.77
CA ALA B 29 26.74 27.34 28.79
C ALA B 29 27.94 28.18 28.36
N ASN B 30 29.00 27.54 27.86
CA ASN B 30 30.16 28.29 27.40
C ASN B 30 29.82 29.21 26.24
N GLY B 31 29.02 28.71 25.29
CA GLY B 31 28.63 29.55 24.17
C GLY B 31 27.83 30.76 24.60
N LEU B 32 26.88 30.57 25.52
CA LEU B 32 26.10 31.70 26.01
C LEU B 32 26.97 32.68 26.78
N SER B 33 27.90 32.18 27.60
CA SER B 33 28.77 33.06 28.36
C SER B 33 29.66 33.89 27.45
N LEU B 34 30.23 33.26 26.42
CA LEU B 34 31.13 33.96 25.51
C LEU B 34 30.39 34.75 24.43
N GLY B 35 29.07 34.64 24.35
CA GLY B 35 28.30 35.33 23.34
C GLY B 35 28.27 34.65 21.99
N ARG B 36 28.87 33.47 21.85
CA ARG B 36 28.86 32.73 20.59
C ARG B 36 27.54 31.97 20.49
N ILE B 37 26.57 32.56 19.80
CA ILE B 37 25.25 31.95 19.62
C ILE B 37 25.06 31.67 18.14
N HIS B 38 24.95 30.39 17.79
CA HIS B 38 24.72 30.01 16.41
C HIS B 38 23.27 30.30 16.01
N HIS B 39 23.06 30.52 14.71
CA HIS B 39 21.75 30.91 14.23
C HIS B 39 20.76 29.75 14.20
N ALA B 40 21.22 28.52 14.37
CA ALA B 40 20.33 27.36 14.31
C ALA B 40 20.96 26.19 15.05
N TYR B 41 20.19 25.59 15.96
CA TYR B 41 20.61 24.45 16.74
C TYR B 41 19.72 23.26 16.43
N LEU B 42 20.34 22.08 16.33
CA LEU B 42 19.63 20.82 16.10
C LEU B 42 19.96 19.87 17.25
N PHE B 43 18.94 19.19 17.77
CA PHE B 43 19.10 18.25 18.86
C PHE B 43 18.66 16.87 18.39
N SER B 44 19.51 15.87 18.61
CA SER B 44 19.23 14.50 18.19
C SER B 44 19.55 13.54 19.31
N GLY B 45 18.90 12.38 19.27
CA GLY B 45 19.10 11.37 20.29
C GLY B 45 17.94 10.39 20.29
N THR B 46 17.95 9.53 21.31
CA THR B 46 16.91 8.53 21.47
C THR B 46 15.74 9.14 22.25
N ARG B 47 14.70 8.33 22.45
CA ARG B 47 13.50 8.78 23.16
C ARG B 47 13.82 9.08 24.61
N GLY B 48 13.18 10.12 25.15
CA GLY B 48 13.29 10.42 26.56
C GLY B 48 14.66 10.88 27.01
N VAL B 49 15.52 11.31 26.09
CA VAL B 49 16.84 11.79 26.48
C VAL B 49 16.82 13.24 26.93
N GLY B 50 15.74 13.98 26.65
CA GLY B 50 15.59 15.34 27.09
C GLY B 50 15.86 16.39 26.04
N LYS B 51 15.57 16.12 24.77
CA LYS B 51 15.76 17.12 23.73
C LYS B 51 14.88 18.34 23.96
N THR B 52 13.57 18.10 24.14
CA THR B 52 12.64 19.21 24.29
C THR B 52 12.92 19.99 25.57
N SER B 53 13.26 19.30 26.66
CA SER B 53 13.55 19.98 27.91
C SER B 53 14.74 20.92 27.74
N ILE B 54 15.81 20.43 27.12
CA ILE B 54 17.01 21.27 26.94
C ILE B 54 16.70 22.42 26.00
N ALA B 55 15.90 22.18 24.96
CA ALA B 55 15.53 23.27 24.07
C ALA B 55 14.76 24.36 24.81
N ARG B 56 13.83 23.96 25.67
CA ARG B 56 13.05 24.94 26.43
C ARG B 56 13.95 25.69 27.42
N LEU B 57 14.89 24.99 28.05
CA LEU B 57 15.81 25.68 28.96
C LEU B 57 16.67 26.69 28.21
N LEU B 58 17.14 26.32 27.01
CA LEU B 58 17.90 27.27 26.21
C LEU B 58 17.05 28.47 25.82
N ALA B 59 15.79 28.24 25.46
CA ALA B 59 14.90 29.34 25.14
C ALA B 59 14.72 30.27 26.33
N LYS B 60 14.57 29.70 27.53
CA LYS B 60 14.49 30.52 28.74
C LYS B 60 15.77 31.34 28.91
N GLY B 61 16.92 30.71 28.72
CA GLY B 61 18.18 31.42 28.91
C GLY B 61 18.36 32.58 27.94
N LEU B 62 17.98 32.37 26.68
CA LEU B 62 18.19 33.42 25.68
C LEU B 62 17.38 34.66 25.99
N ASN B 63 16.12 34.51 26.40
CA ASN B 63 15.21 35.63 26.57
C ASN B 63 15.02 36.04 28.03
N CYS B 64 15.90 35.60 28.93
CA CYS B 64 15.76 35.99 30.33
C CYS B 64 15.92 37.50 30.48
N GLU B 65 15.12 38.07 31.38
CA GLU B 65 15.12 39.52 31.56
C GLU B 65 16.48 40.02 32.06
N THR B 66 17.10 39.28 32.98
CA THR B 66 18.36 39.73 33.56
C THR B 66 19.44 39.86 32.49
N GLY B 67 19.52 38.89 31.59
CA GLY B 67 20.52 38.93 30.54
C GLY B 67 20.60 37.58 29.84
N ILE B 68 21.57 37.50 28.92
CA ILE B 68 21.84 36.25 28.21
C ILE B 68 22.77 35.44 29.11
N THR B 69 22.16 34.66 30.01
CA THR B 69 22.88 33.92 31.02
C THR B 69 22.79 32.42 30.73
N ALA B 70 23.86 31.70 31.07
CA ALA B 70 23.87 30.26 30.90
C ALA B 70 22.78 29.60 31.74
N THR B 71 22.63 30.03 32.98
CA THR B 71 21.62 29.49 33.89
C THR B 71 20.50 30.52 34.05
N PRO B 72 19.31 30.30 33.48
CA PRO B 72 18.25 31.30 33.65
C PRO B 72 17.83 31.43 35.11
N CYS B 73 17.40 32.64 35.47
CA CYS B 73 17.01 32.89 36.86
C CYS B 73 15.81 32.05 37.25
N GLY B 74 14.81 31.95 36.38
CA GLY B 74 13.61 31.21 36.67
C GLY B 74 12.60 31.94 37.53
N VAL B 75 12.82 33.23 37.80
CA VAL B 75 11.94 33.99 38.69
C VAL B 75 11.33 35.18 37.93
N CYS B 76 12.01 35.65 36.89
CA CYS B 76 11.50 36.79 36.15
C CYS B 76 10.28 36.38 35.32
N ASP B 77 9.55 37.39 34.84
CA ASP B 77 8.29 37.12 34.14
C ASP B 77 8.52 36.30 32.88
N ASN B 78 9.60 36.60 32.13
CA ASN B 78 9.85 35.87 30.90
C ASN B 78 10.06 34.39 31.17
N CYS B 79 10.85 34.05 32.19
CA CYS B 79 11.08 32.65 32.51
C CYS B 79 9.78 31.94 32.86
N ARG B 80 8.95 32.57 33.69
CA ARG B 80 7.68 31.94 34.07
C ARG B 80 6.77 31.74 32.88
N GLU B 81 6.67 32.75 32.01
CA GLU B 81 5.81 32.63 30.84
C GLU B 81 6.31 31.54 29.91
N ILE B 82 7.63 31.45 29.72
CA ILE B 82 8.19 30.39 28.88
C ILE B 82 7.90 29.02 29.48
N GLU B 83 8.05 28.89 30.80
CA GLU B 83 7.75 27.62 31.45
C GLU B 83 6.29 27.24 31.27
N GLN B 84 5.39 28.22 31.38
CA GLN B 84 3.96 27.97 31.19
C GLN B 84 3.56 27.91 29.72
N GLY B 85 4.48 28.18 28.80
CA GLY B 85 4.14 28.16 27.39
C GLY B 85 3.30 29.33 26.94
N ARG B 86 3.35 30.45 27.65
CA ARG B 86 2.54 31.62 27.35
C ARG B 86 3.38 32.82 26.91
N PHE B 87 4.69 32.64 26.74
CA PHE B 87 5.55 33.75 26.35
C PHE B 87 5.18 34.25 24.96
N VAL B 88 5.21 35.57 24.78
CA VAL B 88 4.74 36.17 23.54
C VAL B 88 5.62 35.75 22.36
N ASP B 89 6.93 35.80 22.54
CA ASP B 89 7.86 35.57 21.45
C ASP B 89 8.31 34.11 21.35
N LEU B 90 7.82 33.23 22.22
CA LEU B 90 8.13 31.81 22.15
C LEU B 90 7.06 31.12 21.31
N ILE B 91 7.48 30.50 20.20
CA ILE B 91 6.58 29.79 19.30
C ILE B 91 7.03 28.35 19.24
N GLU B 92 6.12 27.44 19.61
CA GLU B 92 6.39 26.00 19.63
C GLU B 92 5.64 25.37 18.47
N ILE B 93 6.31 25.28 17.32
CA ILE B 93 5.70 24.68 16.14
C ILE B 93 5.82 23.17 16.23
N ASP B 94 4.68 22.48 16.09
CA ASP B 94 4.64 21.02 16.09
C ASP B 94 4.59 20.58 14.63
N ALA B 95 5.76 20.24 14.07
CA ALA B 95 5.83 19.85 12.68
C ALA B 95 5.04 18.59 12.38
N ALA B 96 4.80 17.75 13.39
CA ALA B 96 4.06 16.51 13.15
C ALA B 96 2.66 16.78 12.63
N SER B 97 1.96 17.74 13.24
CA SER B 97 0.60 18.08 12.85
C SER B 97 0.53 19.24 11.87
N ARG B 98 1.67 19.78 11.45
CA ARG B 98 1.73 20.92 10.53
C ARG B 98 2.75 20.67 9.43
N THR B 99 2.72 19.46 8.86
CA THR B 99 3.62 19.13 7.76
C THR B 99 3.28 19.86 6.48
N LYS B 100 2.10 20.48 6.39
CA LYS B 100 1.68 21.16 5.18
C LYS B 100 2.54 22.40 4.94
N VAL B 101 2.72 22.74 3.67
CA VAL B 101 3.53 23.90 3.32
C VAL B 101 2.82 25.18 3.70
N GLU B 102 1.51 25.25 3.47
CA GLU B 102 0.76 26.47 3.78
C GLU B 102 0.76 26.78 5.27
N ASP B 103 0.99 25.79 6.13
CA ASP B 103 1.06 26.03 7.55
C ASP B 103 2.42 26.53 8.00
N THR B 104 3.50 26.02 7.41
CA THR B 104 4.84 26.49 7.73
C THR B 104 5.15 27.84 7.12
N ARG B 105 4.58 28.12 5.95
CA ARG B 105 4.80 29.41 5.30
C ARG B 105 4.25 30.56 6.13
N ASP B 106 3.09 30.38 6.76
CA ASP B 106 2.50 31.43 7.59
C ASP B 106 3.37 31.80 8.78
N LEU B 107 4.21 30.88 9.27
CA LEU B 107 5.15 31.17 10.34
C LEU B 107 6.47 31.72 9.82
N LEU B 108 6.98 31.17 8.73
CA LEU B 108 8.20 31.71 8.15
C LEU B 108 8.00 33.13 7.64
N ASP B 109 6.76 33.50 7.33
CA ASP B 109 6.46 34.90 6.99
C ASP B 109 6.38 35.76 8.25
N ASN B 110 5.78 35.24 9.32
CA ASN B 110 5.74 35.99 10.57
C ASN B 110 7.13 36.18 11.18
N VAL B 111 8.10 35.39 10.73
CA VAL B 111 9.48 35.58 11.17
C VAL B 111 9.94 37.03 10.95
N GLN B 112 9.34 37.72 9.98
CA GLN B 112 9.78 39.07 9.65
C GLN B 112 9.63 40.03 10.84
N TYR B 113 8.49 39.96 11.53
CA TYR B 113 8.20 40.95 12.56
C TYR B 113 9.17 40.84 13.72
N ALA B 114 9.53 41.99 14.28
CA ALA B 114 10.45 42.01 15.40
C ALA B 114 9.77 41.51 16.67
N PRO B 115 10.52 40.95 17.61
CA PRO B 115 9.91 40.45 18.85
C PRO B 115 9.26 41.58 19.63
N ALA B 116 8.11 41.27 20.24
CA ALA B 116 7.39 42.28 20.99
C ALA B 116 8.08 42.59 22.31
N ARG B 117 8.48 41.56 23.04
CA ARG B 117 9.07 41.72 24.37
C ARG B 117 10.48 41.19 24.48
N GLY B 118 10.73 39.94 24.08
CA GLY B 118 12.03 39.34 24.25
C GLY B 118 13.05 39.85 23.25
N ARG B 119 14.32 39.57 23.56
CA ARG B 119 15.40 39.96 22.65
C ARG B 119 15.31 39.20 21.34
N PHE B 120 15.04 37.90 21.41
CA PHE B 120 14.99 37.03 20.24
C PHE B 120 13.60 36.44 20.08
N LYS B 121 13.22 36.19 18.84
CA LYS B 121 11.95 35.54 18.52
C LYS B 121 12.23 34.07 18.24
N VAL B 122 12.33 33.29 19.32
CA VAL B 122 12.72 31.89 19.21
C VAL B 122 11.64 31.11 18.49
N TYR B 123 12.07 30.24 17.58
CA TYR B 123 11.17 29.35 16.82
C TYR B 123 11.56 27.91 17.15
N LEU B 124 10.84 27.30 18.08
CA LEU B 124 11.09 25.91 18.47
C LEU B 124 10.24 25.00 17.60
N ILE B 125 10.90 24.23 16.73
CA ILE B 125 10.24 23.30 15.83
C ILE B 125 10.57 21.89 16.30
N ASP B 126 9.56 21.15 16.71
CA ASP B 126 9.72 19.79 17.21
C ASP B 126 9.23 18.79 16.16
N GLU B 127 9.85 17.61 16.16
CA GLU B 127 9.55 16.58 15.18
C GLU B 127 9.75 17.11 13.76
N VAL B 128 10.84 17.85 13.55
CA VAL B 128 11.08 18.51 12.28
C VAL B 128 11.24 17.53 11.13
N HIS B 129 11.58 16.27 11.43
CA HIS B 129 11.82 15.30 10.37
C HIS B 129 10.56 14.95 9.58
N MET B 130 9.38 15.34 10.05
CA MET B 130 8.13 15.01 9.38
C MET B 130 7.69 16.06 8.37
N LEU B 131 8.46 17.14 8.20
CA LEU B 131 8.06 18.18 7.26
C LEU B 131 8.19 17.67 5.81
N SER B 132 7.47 18.34 4.92
CA SER B 132 7.49 17.98 3.52
C SER B 132 8.70 18.61 2.82
N ARG B 133 8.90 18.23 1.56
CA ARG B 133 10.06 18.70 0.81
C ARG B 133 10.03 20.20 0.61
N HIS B 134 8.87 20.73 0.21
CA HIS B 134 8.76 22.17 0.00
C HIS B 134 8.89 22.93 1.31
N SER B 135 8.38 22.36 2.40
CA SER B 135 8.61 22.96 3.71
C SER B 135 10.08 23.00 4.04
N PHE B 136 10.81 21.94 3.71
CA PHE B 136 12.26 21.94 3.90
C PHE B 136 12.91 23.02 3.06
N ASN B 137 12.44 23.23 1.83
CA ASN B 137 12.99 24.29 1.00
C ASN B 137 12.78 25.66 1.62
N ALA B 138 11.57 25.92 2.12
CA ALA B 138 11.29 27.20 2.75
C ALA B 138 12.16 27.39 3.99
N LEU B 139 12.31 26.33 4.80
CA LEU B 139 13.15 26.42 5.98
C LEU B 139 14.61 26.67 5.59
N LEU B 140 15.05 26.06 4.49
CA LEU B 140 16.41 26.30 4.01
C LEU B 140 16.60 27.76 3.61
N LYS B 141 15.61 28.34 2.92
CA LYS B 141 15.70 29.76 2.57
C LYS B 141 15.80 30.60 3.83
N THR B 142 14.95 30.33 4.82
CA THR B 142 14.95 31.12 6.05
C THR B 142 16.29 31.00 6.77
N LEU B 143 16.85 29.78 6.84
CA LEU B 143 18.15 29.60 7.48
C LEU B 143 19.26 30.25 6.67
N GLU B 144 19.09 30.35 5.35
CA GLU B 144 20.08 31.05 4.54
C GLU B 144 20.06 32.54 4.80
N GLU B 145 18.89 33.11 5.12
CA GLU B 145 18.77 34.52 5.47
C GLU B 145 18.06 34.66 6.82
N PRO B 146 18.76 34.37 7.91
CA PRO B 146 18.16 34.51 9.23
C PRO B 146 18.36 35.92 9.77
N PRO B 147 17.29 36.62 10.14
CA PRO B 147 17.46 37.90 10.83
C PRO B 147 18.21 37.74 12.14
N GLU B 148 18.97 38.77 12.51
CA GLU B 148 19.81 38.69 13.71
C GLU B 148 18.99 38.55 14.98
N HIS B 149 17.69 38.85 14.95
CA HIS B 149 16.84 38.80 16.12
C HIS B 149 15.99 37.53 16.18
N VAL B 150 16.31 36.53 15.37
CA VAL B 150 15.52 35.30 15.29
C VAL B 150 16.45 34.10 15.45
N LYS B 151 16.04 33.13 16.27
CA LYS B 151 16.78 31.90 16.48
C LYS B 151 15.86 30.71 16.23
N PHE B 152 16.46 29.59 15.83
CA PHE B 152 15.73 28.37 15.52
C PHE B 152 16.29 27.22 16.35
N LEU B 153 15.39 26.48 16.99
CA LEU B 153 15.73 25.28 17.74
C LEU B 153 14.98 24.10 17.14
N LEU B 154 15.72 23.07 16.74
CA LEU B 154 15.15 21.90 16.07
C LEU B 154 15.42 20.66 16.89
N ALA B 155 14.40 19.84 17.08
CA ALA B 155 14.50 18.57 17.79
C ALA B 155 13.97 17.46 16.90
N THR B 156 14.73 16.37 16.78
CA THR B 156 14.34 15.26 15.94
C THR B 156 15.02 13.99 16.44
N THR B 157 14.26 12.90 16.50
CA THR B 157 14.83 11.61 16.89
C THR B 157 15.62 10.97 15.77
N ASP B 158 15.30 11.27 14.51
CA ASP B 158 15.95 10.67 13.35
C ASP B 158 16.42 11.79 12.44
N PRO B 159 17.61 12.36 12.70
CA PRO B 159 18.11 13.44 11.84
C PRO B 159 18.45 13.01 10.43
N GLN B 160 18.53 11.70 10.16
CA GLN B 160 18.91 11.24 8.83
C GLN B 160 17.92 11.71 7.77
N LYS B 161 16.63 11.79 8.12
CA LYS B 161 15.63 12.18 7.15
C LYS B 161 15.84 13.60 6.65
N LEU B 162 16.40 14.47 7.47
CA LEU B 162 16.57 15.86 7.07
C LEU B 162 17.54 15.96 5.90
N PRO B 163 17.34 16.90 4.98
CA PRO B 163 18.34 17.11 3.93
C PRO B 163 19.67 17.55 4.51
N VAL B 164 20.75 17.20 3.80
CA VAL B 164 22.09 17.51 4.28
C VAL B 164 22.30 19.01 4.39
N THR B 165 21.59 19.80 3.58
CA THR B 165 21.75 21.25 3.64
C THR B 165 21.34 21.81 5.00
N ILE B 166 20.21 21.34 5.53
CA ILE B 166 19.77 21.80 6.84
C ILE B 166 20.78 21.42 7.90
N LEU B 167 21.30 20.19 7.83
CA LEU B 167 22.32 19.77 8.79
C LEU B 167 23.55 20.65 8.72
N SER B 168 23.98 20.99 7.50
CA SER B 168 25.16 21.84 7.34
C SER B 168 24.92 23.23 7.91
N ARG B 169 23.71 23.77 7.72
CA ARG B 169 23.38 25.10 8.20
C ARG B 169 22.85 25.10 9.63
N CYS B 170 23.19 24.08 10.42
CA CYS B 170 22.78 24.01 11.82
C CYS B 170 23.88 23.36 12.63
N LEU B 171 23.95 23.72 13.92
CA LEU B 171 24.90 23.13 14.84
C LEU B 171 24.22 21.96 15.55
N GLN B 172 24.79 20.76 15.39
CA GLN B 172 24.17 19.54 15.88
C GLN B 172 24.66 19.21 17.29
N PHE B 173 23.74 18.65 18.09
CA PHE B 173 24.06 18.14 19.41
C PHE B 173 23.36 16.80 19.59
N HIS B 174 24.15 15.75 19.80
CA HIS B 174 23.64 14.40 19.98
C HIS B 174 23.64 14.04 21.45
N LEU B 175 22.48 13.65 21.97
CA LEU B 175 22.32 13.32 23.38
C LEU B 175 22.47 11.81 23.56
N LYS B 176 23.40 11.41 24.43
CA LYS B 176 23.66 10.00 24.66
C LYS B 176 22.58 9.39 25.55
N ALA B 177 22.35 8.10 25.36
CA ALA B 177 21.41 7.38 26.20
C ALA B 177 21.88 7.38 27.65
N LEU B 178 20.97 7.69 28.57
CA LEU B 178 21.34 7.80 29.97
C LEU B 178 21.77 6.44 30.52
N ASP B 179 22.76 6.47 31.41
CA ASP B 179 23.28 5.26 32.01
C ASP B 179 22.34 4.72 33.07
N VAL B 180 22.54 3.45 33.42
CA VAL B 180 21.68 2.80 34.42
C VAL B 180 21.79 3.51 35.76
N GLU B 181 23.01 3.83 36.18
CA GLU B 181 23.20 4.46 37.49
C GLU B 181 22.50 5.82 37.55
N GLN B 182 22.60 6.61 36.48
CA GLN B 182 21.95 7.92 36.48
C GLN B 182 20.44 7.78 36.60
N ILE B 183 19.84 6.85 35.86
CA ILE B 183 18.40 6.65 35.93
C ILE B 183 18.00 6.19 37.33
N ARG B 184 18.77 5.27 37.90
CA ARG B 184 18.46 4.80 39.25
C ARG B 184 18.52 5.93 40.26
N HIS B 185 19.55 6.77 40.17
CA HIS B 185 19.68 7.88 41.11
C HIS B 185 18.53 8.87 40.95
N GLN B 186 18.15 9.16 39.69
CA GLN B 186 17.03 10.08 39.46
C GLN B 186 15.73 9.52 40.03
N LEU B 187 15.49 8.22 39.81
CA LEU B 187 14.28 7.60 40.36
C LEU B 187 14.29 7.66 41.89
N GLU B 188 15.43 7.37 42.50
CA GLU B 188 15.52 7.42 43.95
C GLU B 188 15.23 8.82 44.47
N HIS B 189 15.81 9.84 43.83
CA HIS B 189 15.58 11.21 44.24
C HIS B 189 14.10 11.58 44.11
N ILE B 190 13.49 11.22 42.98
CA ILE B 190 12.08 11.56 42.77
C ILE B 190 11.20 10.89 43.82
N LEU B 191 11.45 9.61 44.08
CA LEU B 191 10.64 8.89 45.06
C LEU B 191 10.84 9.47 46.46
N ASN B 192 12.07 9.81 46.81
CA ASN B 192 12.31 10.42 48.12
C ASN B 192 11.57 11.74 48.24
N GLU B 193 11.58 12.57 47.19
CA GLU B 193 10.84 13.82 47.23
C GLU B 193 9.34 13.61 47.18
N GLU B 194 8.88 12.44 46.71
CA GLU B 194 7.46 12.13 46.66
C GLU B 194 6.97 11.42 47.91
N HIS B 195 7.85 11.07 48.83
CA HIS B 195 7.47 10.38 50.07
C HIS B 195 6.79 9.04 49.76
N ILE B 196 7.48 8.20 48.98
CA ILE B 196 6.99 6.89 48.59
C ILE B 196 8.06 5.87 48.94
N ALA B 197 7.65 4.81 49.64
CA ALA B 197 8.59 3.75 50.02
C ALA B 197 9.09 3.02 48.78
N HIS B 198 10.33 2.55 48.84
CA HIS B 198 10.96 1.87 47.72
C HIS B 198 12.02 0.93 48.25
N GLU B 199 12.47 0.02 47.38
CA GLU B 199 13.52 -0.93 47.70
C GLU B 199 14.61 -0.85 46.64
N PRO B 200 15.88 -1.03 47.02
CA PRO B 200 16.96 -0.88 46.04
C PRO B 200 16.86 -1.83 44.86
N ARG B 201 16.44 -3.08 45.09
CA ARG B 201 16.32 -4.03 43.99
C ARG B 201 15.24 -3.60 43.01
N ALA B 202 14.15 -3.05 43.52
CA ALA B 202 13.10 -2.54 42.63
C ALA B 202 13.63 -1.41 41.75
N LEU B 203 14.41 -0.49 42.34
CA LEU B 203 14.99 0.59 41.54
C LEU B 203 15.94 0.04 40.49
N GLN B 204 16.77 -0.94 40.87
CA GLN B 204 17.70 -1.51 39.90
C GLN B 204 16.95 -2.17 38.75
N LEU B 205 15.89 -2.92 39.06
CA LEU B 205 15.12 -3.57 38.01
C LEU B 205 14.45 -2.55 37.11
N LEU B 206 13.89 -1.48 37.68
CA LEU B 206 13.28 -0.44 36.88
C LEU B 206 14.30 0.23 35.97
N ALA B 207 15.49 0.52 36.50
CA ALA B 207 16.52 1.14 35.68
C ALA B 207 16.94 0.22 34.54
N ARG B 208 17.09 -1.08 34.82
CA ARG B 208 17.43 -2.02 33.77
C ARG B 208 16.35 -2.07 32.70
N ALA B 209 15.08 -2.09 33.11
CA ALA B 209 13.98 -2.14 32.16
C ALA B 209 13.84 -0.84 31.38
N ALA B 210 14.36 0.27 31.91
CA ALA B 210 14.26 1.54 31.21
C ALA B 210 14.97 1.50 29.86
N GLU B 211 16.14 0.88 29.82
CA GLU B 211 16.93 0.77 28.59
C GLU B 211 17.36 2.15 28.08
N GLY B 212 17.83 2.99 29.00
CA GLY B 212 18.40 4.27 28.66
C GLY B 212 17.41 5.40 28.48
N SER B 213 16.11 5.14 28.60
CA SER B 213 15.08 6.15 28.46
C SER B 213 14.50 6.44 29.84
N LEU B 214 14.80 7.62 30.37
CA LEU B 214 14.31 7.98 31.70
C LEU B 214 12.79 8.11 31.71
N ARG B 215 12.19 8.51 30.59
CA ARG B 215 10.74 8.58 30.52
C ARG B 215 10.11 7.20 30.70
N ASP B 216 10.69 6.18 30.07
CA ASP B 216 10.22 4.82 30.30
C ASP B 216 10.38 4.43 31.76
N ALA B 217 11.48 4.86 32.38
CA ALA B 217 11.68 4.56 33.80
C ALA B 217 10.57 5.18 34.65
N LEU B 218 10.20 6.42 34.35
CA LEU B 218 9.12 7.07 35.10
C LEU B 218 7.79 6.37 34.86
N SER B 219 7.52 5.96 33.62
CA SER B 219 6.27 5.24 33.35
C SER B 219 6.22 3.93 34.11
N LEU B 220 7.32 3.19 34.12
CA LEU B 220 7.36 1.93 34.86
C LEU B 220 7.23 2.18 36.35
N THR B 221 7.81 3.27 36.85
CA THR B 221 7.66 3.61 38.26
C THR B 221 6.20 3.89 38.59
N ASP B 222 5.50 4.62 37.72
CA ASP B 222 4.08 4.86 37.95
C ASP B 222 3.30 3.55 37.96
N GLN B 223 3.59 2.66 37.02
CA GLN B 223 2.90 1.37 36.99
C GLN B 223 3.17 0.59 38.26
N ALA B 224 4.42 0.58 38.73
CA ALA B 224 4.75 -0.14 39.96
C ALA B 224 4.03 0.45 41.16
N ILE B 225 3.96 1.78 41.25
CA ILE B 225 3.24 2.41 42.34
C ILE B 225 1.77 2.02 42.30
N ALA B 226 1.18 2.02 41.11
CA ALA B 226 -0.22 1.62 40.99
C ALA B 226 -0.41 0.17 41.43
N SER B 227 0.47 -0.71 41.00
CA SER B 227 0.34 -2.13 41.35
C SER B 227 0.64 -2.37 42.82
N GLY B 228 1.63 -1.68 43.36
CA GLY B 228 2.02 -1.86 44.74
C GLY B 228 1.18 -1.14 45.77
N ASP B 229 0.16 -0.41 45.32
CA ASP B 229 -0.74 0.34 46.22
C ASP B 229 0.05 1.38 47.02
N GLY B 230 0.69 2.29 46.29
CA GLY B 230 1.42 3.37 46.90
C GLY B 230 2.81 3.03 47.39
N GLN B 231 3.29 1.82 47.11
CA GLN B 231 4.62 1.39 47.53
C GLN B 231 5.33 0.74 46.35
N VAL B 232 6.60 1.09 46.14
CA VAL B 232 7.41 0.51 45.08
C VAL B 232 8.10 -0.70 45.69
N SER B 233 7.39 -1.83 45.70
CA SER B 233 7.90 -3.08 46.27
C SER B 233 8.55 -3.92 45.18
N THR B 234 9.58 -4.67 45.55
CA THR B 234 10.29 -5.49 44.57
C THR B 234 9.38 -6.55 43.98
N GLN B 235 8.44 -7.07 44.77
CA GLN B 235 7.52 -8.09 44.26
C GLN B 235 6.69 -7.55 43.11
N ALA B 236 6.16 -6.34 43.26
CA ALA B 236 5.33 -5.75 42.21
C ALA B 236 6.14 -5.53 40.94
N VAL B 237 7.37 -5.02 41.07
CA VAL B 237 8.21 -4.78 39.90
C VAL B 237 8.52 -6.10 39.21
N SER B 238 8.86 -7.13 39.98
CA SER B 238 9.14 -8.44 39.40
C SER B 238 7.94 -8.98 38.65
N ALA B 239 6.75 -8.86 39.25
CA ALA B 239 5.54 -9.34 38.59
C ALA B 239 5.28 -8.60 37.29
N MET B 240 5.42 -7.26 37.31
CA MET B 240 5.21 -6.48 36.10
C MET B 240 6.20 -6.89 35.01
N LEU B 241 7.48 -7.00 35.36
CA LEU B 241 8.48 -7.35 34.36
C LEU B 241 8.21 -8.74 33.80
N GLY B 242 7.83 -9.69 34.66
CA GLY B 242 7.49 -11.02 34.17
C GLY B 242 6.32 -10.99 33.22
N THR B 243 5.29 -10.18 33.53
CA THR B 243 4.15 -10.08 32.64
C THR B 243 4.54 -9.50 31.29
N LEU B 244 5.39 -8.48 31.29
CA LEU B 244 5.80 -7.81 30.05
C LEU B 244 7.14 -8.29 29.52
N ASP B 245 7.71 -9.34 30.10
CA ASP B 245 8.99 -9.85 29.62
C ASP B 245 8.84 -10.38 28.20
N ASP B 246 9.82 -10.06 27.35
CA ASP B 246 9.83 -10.51 25.96
C ASP B 246 11.14 -11.18 25.57
N ASP B 247 12.02 -11.48 26.54
CA ASP B 247 13.29 -12.15 26.27
C ASP B 247 13.18 -13.66 26.39
N GLN B 248 11.99 -14.22 26.14
CA GLN B 248 11.78 -15.65 26.36
C GLN B 248 12.63 -16.51 25.43
N ALA B 249 12.97 -16.00 24.24
CA ALA B 249 13.80 -16.78 23.32
C ALA B 249 15.18 -17.02 23.91
N LEU B 250 15.81 -15.98 24.45
CA LEU B 250 17.13 -16.15 25.04
C LEU B 250 17.06 -17.04 26.27
N SER B 251 16.00 -16.92 27.07
CA SER B 251 15.84 -17.79 28.22
C SER B 251 15.70 -19.25 27.79
N LEU B 252 14.96 -19.50 26.72
CA LEU B 252 14.84 -20.86 26.19
C LEU B 252 16.18 -21.38 25.71
N VAL B 253 16.96 -20.54 25.04
CA VAL B 253 18.28 -20.96 24.59
C VAL B 253 19.16 -21.32 25.78
N GLU B 254 19.13 -20.48 26.83
CA GLU B 254 19.92 -20.77 28.02
C GLU B 254 19.49 -22.07 28.68
N ALA B 255 18.18 -22.30 28.79
CA ALA B 255 17.68 -23.52 29.40
C ALA B 255 18.10 -24.74 28.58
N MET B 256 18.01 -24.64 27.25
CA MET B 256 18.44 -25.74 26.39
C MET B 256 19.92 -26.02 26.57
N VAL B 257 20.74 -24.97 26.68
CA VAL B 257 22.17 -25.15 26.89
C VAL B 257 22.41 -25.86 28.23
N GLU B 258 21.71 -25.43 29.28
CA GLU B 258 21.88 -26.03 30.59
C GLU B 258 21.23 -27.41 30.70
N ALA B 259 20.43 -27.80 29.71
CA ALA B 259 19.76 -29.11 29.72
C ALA B 259 18.86 -29.25 30.95
N ASN B 260 18.00 -28.26 31.15
CA ASN B 260 17.04 -28.24 32.26
C ASN B 260 15.64 -28.29 31.66
N GLY B 261 15.03 -29.48 31.69
CA GLY B 261 13.72 -29.64 31.06
C GLY B 261 12.64 -28.81 31.73
N GLU B 262 12.66 -28.74 33.06
CA GLU B 262 11.61 -28.03 33.78
C GLU B 262 11.56 -26.56 33.39
N ARG B 263 12.73 -25.91 33.32
CA ARG B 263 12.77 -24.51 32.92
C ARG B 263 12.28 -24.32 31.50
N VAL B 264 12.65 -25.25 30.60
CA VAL B 264 12.17 -25.16 29.22
C VAL B 264 10.64 -25.25 29.19
N MET B 265 10.07 -26.18 29.95
CA MET B 265 8.62 -26.31 29.96
C MET B 265 7.96 -25.07 30.53
N ALA B 266 8.52 -24.51 31.60
CA ALA B 266 7.96 -23.29 32.17
C ALA B 266 7.99 -22.15 31.17
N LEU B 267 9.11 -21.99 30.46
CA LEU B 267 9.21 -20.93 29.47
C LEU B 267 8.24 -21.16 28.32
N ILE B 268 8.05 -22.40 27.89
CA ILE B 268 7.10 -22.70 26.83
C ILE B 268 5.69 -22.36 27.28
N ASN B 269 5.34 -22.70 28.51
CA ASN B 269 4.02 -22.35 29.03
C ASN B 269 3.83 -20.83 29.08
N GLU B 270 4.87 -20.12 29.53
CA GLU B 270 4.78 -18.65 29.57
C GLU B 270 4.58 -18.07 28.19
N ALA B 271 5.32 -18.59 27.19
CA ALA B 271 5.15 -18.12 25.82
C ALA B 271 3.75 -18.42 25.31
N ALA B 272 3.22 -19.61 25.61
CA ALA B 272 1.88 -19.95 25.19
C ALA B 272 0.85 -19.00 25.80
N ALA B 273 1.03 -18.64 27.08
CA ALA B 273 0.12 -17.69 27.70
C ALA B 273 0.17 -16.34 26.98
N ARG B 274 1.37 -15.88 26.63
CA ARG B 274 1.51 -14.61 25.93
C ARG B 274 0.95 -14.68 24.51
N GLY B 275 1.01 -15.85 23.87
CA GLY B 275 0.54 -16.00 22.52
C GLY B 275 1.57 -15.75 21.44
N ILE B 276 2.86 -15.77 21.78
CA ILE B 276 3.90 -15.52 20.80
C ILE B 276 3.85 -16.57 19.70
N GLU B 277 4.00 -16.13 18.46
CA GLU B 277 4.01 -17.04 17.33
C GLU B 277 5.16 -18.03 17.47
N TRP B 278 4.86 -19.31 17.21
CA TRP B 278 5.86 -20.35 17.43
C TRP B 278 6.95 -20.31 16.36
N GLU B 279 6.58 -20.14 15.10
CA GLU B 279 7.58 -20.06 14.05
C GLU B 279 8.50 -18.86 14.26
N ALA B 280 7.92 -17.73 14.68
CA ALA B 280 8.74 -16.57 15.00
C ALA B 280 9.70 -16.87 16.15
N LEU B 281 9.23 -17.63 17.15
CA LEU B 281 10.10 -18.02 18.25
C LEU B 281 11.27 -18.86 17.76
N LEU B 282 11.00 -19.83 16.88
CA LEU B 282 12.07 -20.65 16.34
C LEU B 282 13.05 -19.81 15.53
N VAL B 283 12.53 -18.87 14.74
CA VAL B 283 13.42 -18.01 13.95
C VAL B 283 14.30 -17.18 14.87
N GLU B 284 13.73 -16.63 15.94
CA GLU B 284 14.52 -15.85 16.87
C GLU B 284 15.60 -16.70 17.54
N MET B 285 15.25 -17.93 17.93
CA MET B 285 16.25 -18.82 18.53
C MET B 285 17.37 -19.13 17.55
N LEU B 286 17.02 -19.39 16.28
CA LEU B 286 18.05 -19.65 15.28
C LEU B 286 18.96 -18.44 15.10
N GLY B 287 18.37 -17.24 15.06
CA GLY B 287 19.18 -16.04 14.95
C GLY B 287 20.11 -15.85 16.13
N LEU B 288 19.60 -16.11 17.34
CA LEU B 288 20.45 -15.99 18.52
C LEU B 288 21.61 -16.99 18.49
N LEU B 289 21.33 -18.23 18.08
CA LEU B 289 22.41 -19.21 17.99
C LEU B 289 23.44 -18.79 16.95
N HIS B 290 22.97 -18.30 15.79
CA HIS B 290 23.89 -17.86 14.75
C HIS B 290 24.76 -16.71 15.25
N ARG B 291 24.17 -15.75 15.95
CA ARG B 291 24.95 -14.62 16.45
C ARG B 291 25.92 -15.05 17.54
N ILE B 292 25.54 -16.01 18.39
CA ILE B 292 26.49 -16.52 19.37
C ILE B 292 27.67 -17.19 18.69
N ALA B 293 27.40 -17.96 17.64
CA ALA B 293 28.49 -18.57 16.88
C ALA B 293 29.39 -17.51 16.28
N MET B 294 28.80 -16.46 15.71
CA MET B 294 29.59 -15.38 15.14
C MET B 294 30.45 -14.70 16.20
N VAL B 295 29.88 -14.49 17.40
CA VAL B 295 30.66 -13.91 18.49
C VAL B 295 31.83 -14.80 18.84
N GLN B 296 31.61 -16.12 18.88
CA GLN B 296 32.70 -17.04 19.14
C GLN B 296 33.78 -16.91 18.08
N LEU B 297 33.38 -16.76 16.81
CA LEU B 297 34.37 -16.54 15.76
C LEU B 297 35.12 -15.24 15.96
N SER B 298 34.42 -14.17 16.34
CA SER B 298 35.06 -12.88 16.56
C SER B 298 34.22 -12.04 17.52
N PRO B 299 34.84 -11.38 18.52
CA PRO B 299 34.04 -10.62 19.50
C PRO B 299 33.31 -9.43 18.91
N ALA B 300 33.70 -8.96 17.73
CA ALA B 300 33.10 -7.77 17.14
C ALA B 300 31.75 -8.04 16.47
N ALA B 301 31.21 -9.25 16.62
CA ALA B 301 29.93 -9.56 15.97
C ALA B 301 28.81 -8.67 16.50
N LEU B 302 28.76 -8.46 17.81
CA LEU B 302 27.70 -7.68 18.42
C LEU B 302 28.02 -6.20 18.38
N GLY B 303 26.99 -5.38 18.22
CA GLY B 303 27.10 -3.93 18.25
C GLY B 303 26.11 -3.35 19.25
N ASN B 304 25.52 -2.21 18.87
CA ASN B 304 24.52 -1.57 19.71
C ASN B 304 23.16 -2.24 19.61
N ASP B 305 22.93 -3.04 18.57
CA ASP B 305 21.62 -3.68 18.41
C ASP B 305 21.32 -4.63 19.56
N MET B 306 22.32 -5.40 20.00
CA MET B 306 22.16 -6.36 21.08
C MET B 306 22.69 -5.85 22.40
N ALA B 307 22.82 -4.52 22.57
CA ALA B 307 23.33 -3.98 23.82
C ALA B 307 22.46 -4.37 25.00
N ALA B 308 21.17 -4.60 24.78
CA ALA B 308 20.29 -4.98 25.88
C ALA B 308 20.69 -6.33 26.46
N ILE B 309 21.05 -7.29 25.61
CA ILE B 309 21.36 -8.64 26.05
C ILE B 309 22.77 -9.02 25.61
N GLU B 310 23.65 -8.04 25.49
CA GLU B 310 25.00 -8.31 25.05
C GLU B 310 25.75 -9.20 26.03
N LEU B 311 25.60 -8.94 27.32
CA LEU B 311 26.35 -9.67 28.33
C LEU B 311 26.01 -11.16 28.31
N ARG B 312 24.71 -11.48 28.25
CA ARG B 312 24.30 -12.88 28.23
C ARG B 312 24.80 -13.58 26.97
N MET B 313 24.70 -12.92 25.82
CA MET B 313 25.18 -13.51 24.58
C MET B 313 26.68 -13.78 24.65
N ARG B 314 27.45 -12.83 25.16
CA ARG B 314 28.89 -13.03 25.26
C ARG B 314 29.23 -14.15 26.24
N GLU B 315 28.50 -14.23 27.35
CA GLU B 315 28.75 -15.31 28.30
C GLU B 315 28.47 -16.67 27.67
N LEU B 316 27.35 -16.78 26.94
CA LEU B 316 27.04 -18.04 26.28
C LEU B 316 28.09 -18.38 25.24
N ALA B 317 28.57 -17.39 24.49
CA ALA B 317 29.62 -17.64 23.52
C ALA B 317 30.89 -18.14 24.19
N ARG B 318 31.26 -17.54 25.32
CA ARG B 318 32.46 -17.98 26.02
C ARG B 318 32.32 -19.40 26.55
N THR B 319 31.16 -19.73 27.11
CA THR B 319 31.01 -21.00 27.81
C THR B 319 30.78 -22.17 26.85
N ILE B 320 29.85 -22.02 25.93
CA ILE B 320 29.43 -23.16 25.11
C ILE B 320 30.52 -23.48 24.09
N PRO B 321 30.93 -24.75 23.95
CA PRO B 321 31.84 -25.09 22.87
C PRO B 321 31.17 -24.89 21.52
N PRO B 322 31.95 -24.58 20.48
CA PRO B 322 31.32 -24.35 19.16
C PRO B 322 30.52 -25.54 18.65
N THR B 323 31.00 -26.77 18.88
CA THR B 323 30.34 -27.94 18.32
C THR B 323 28.92 -28.08 18.85
N ASP B 324 28.73 -27.84 20.15
CA ASP B 324 27.37 -27.89 20.70
C ASP B 324 26.47 -26.86 20.06
N ILE B 325 27.01 -25.66 19.80
CA ILE B 325 26.21 -24.62 19.16
C ILE B 325 25.81 -25.06 17.75
N GLN B 326 26.75 -25.65 17.00
CA GLN B 326 26.42 -26.12 15.66
C GLN B 326 25.34 -27.20 15.72
N LEU B 327 25.47 -28.13 16.67
CA LEU B 327 24.48 -29.19 16.80
C LEU B 327 23.10 -28.64 17.13
N TYR B 328 23.04 -27.69 18.06
CA TYR B 328 21.76 -27.08 18.40
C TYR B 328 21.17 -26.33 17.22
N TYR B 329 22.01 -25.62 16.46
CA TYR B 329 21.53 -24.91 15.29
C TYR B 329 20.95 -25.87 14.27
N GLN B 330 21.64 -26.98 14.01
CA GLN B 330 21.13 -27.97 13.06
C GLN B 330 19.82 -28.56 13.55
N THR B 331 19.74 -28.88 14.84
CA THR B 331 18.51 -29.46 15.38
C THR B 331 17.34 -28.50 15.25
N LEU B 332 17.56 -27.22 15.58
CA LEU B 332 16.48 -26.25 15.48
C LEU B 332 16.09 -26.02 14.02
N LEU B 333 17.06 -26.05 13.11
CA LEU B 333 16.74 -25.91 11.70
C LEU B 333 15.87 -27.06 11.21
N ILE B 334 16.21 -28.29 11.62
CA ILE B 334 15.39 -29.43 11.25
C ILE B 334 13.99 -29.31 11.85
N GLY B 335 13.91 -28.85 13.10
CA GLY B 335 12.62 -28.66 13.72
C GLY B 335 11.77 -27.62 12.99
N ARG B 336 12.40 -26.53 12.56
CA ARG B 336 11.67 -25.54 11.77
C ARG B 336 11.18 -26.13 10.46
N LYS B 337 12.03 -26.94 9.81
CA LYS B 337 11.61 -27.59 8.57
C LYS B 337 10.40 -28.49 8.80
N GLU B 338 10.39 -29.22 9.92
CA GLU B 338 9.32 -30.17 10.19
C GLU B 338 8.08 -29.53 10.81
N LEU B 339 8.17 -28.30 11.29
CA LEU B 339 7.05 -27.67 11.99
C LEU B 339 5.75 -27.68 11.20
N PRO B 340 5.72 -27.35 9.90
CA PRO B 340 4.42 -27.28 9.21
C PRO B 340 3.63 -28.58 9.27
N TYR B 341 4.31 -29.73 9.22
CA TYR B 341 3.61 -31.00 9.19
C TYR B 341 3.21 -31.49 10.58
N ALA B 342 3.73 -30.87 11.64
CA ALA B 342 3.34 -31.27 12.98
C ALA B 342 1.88 -30.87 13.23
N PRO B 343 1.13 -31.66 14.00
CA PRO B 343 -0.29 -31.32 14.21
C PRO B 343 -0.50 -29.98 14.89
N ASP B 344 0.38 -29.60 15.81
CA ASP B 344 0.30 -28.32 16.51
C ASP B 344 1.68 -27.67 16.50
N ARG B 345 1.71 -26.37 16.25
CA ARG B 345 2.98 -25.66 16.24
C ARG B 345 3.63 -25.69 17.60
N ARG B 346 2.85 -25.56 18.67
CA ARG B 346 3.40 -25.72 20.02
C ARG B 346 3.98 -27.11 20.19
N MET B 347 3.27 -28.13 19.69
CA MET B 347 3.78 -29.49 19.78
C MET B 347 5.09 -29.63 19.02
N GLY B 348 5.18 -29.03 17.83
CA GLY B 348 6.42 -29.10 17.08
C GLY B 348 7.57 -28.42 17.79
N VAL B 349 7.31 -27.26 18.41
CA VAL B 349 8.35 -26.55 19.14
C VAL B 349 8.81 -27.39 20.33
N GLU B 350 7.86 -27.99 21.06
CA GLU B 350 8.23 -28.82 22.20
C GLU B 350 9.07 -30.01 21.76
N MET B 351 8.67 -30.67 20.66
CA MET B 351 9.44 -31.79 20.15
C MET B 351 10.85 -31.36 19.75
N THR B 352 10.96 -30.23 19.06
CA THR B 352 12.27 -29.76 18.64
C THR B 352 13.16 -29.45 19.84
N LEU B 353 12.60 -28.78 20.85
CA LEU B 353 13.39 -28.45 22.03
C LEU B 353 13.82 -29.70 22.78
N LEU B 354 12.93 -30.67 22.93
CA LEU B 354 13.31 -31.92 23.59
C LEU B 354 14.39 -32.65 22.81
N ARG B 355 14.26 -32.68 21.48
CA ARG B 355 15.27 -33.32 20.65
C ARG B 355 16.63 -32.65 20.83
N ALA B 356 16.65 -31.32 20.83
CA ALA B 356 17.90 -30.60 21.05
C ALA B 356 18.47 -30.90 22.43
N LEU B 357 17.60 -30.99 23.44
CA LEU B 357 18.07 -31.26 24.80
C LEU B 357 18.74 -32.63 24.89
N ALA B 358 18.06 -33.67 24.40
CA ALA B 358 18.51 -35.04 24.63
C ALA B 358 18.89 -35.77 23.36
N PHE B 359 18.01 -35.81 22.36
CA PHE B 359 18.19 -36.70 21.22
C PHE B 359 19.19 -36.11 20.24
N HIS B 360 20.36 -36.72 20.16
CA HIS B 360 21.40 -36.27 19.23
C HIS B 360 21.12 -36.82 17.83
N PRO B 361 21.04 -35.98 16.80
CA PRO B 361 20.86 -36.52 15.44
C PRO B 361 22.05 -37.37 15.04
N ARG B 362 21.76 -38.42 14.27
CA ARG B 362 22.80 -39.31 13.74
C ARG B 362 23.25 -38.75 12.40
N MET B 363 24.49 -38.29 12.34
CA MET B 363 25.01 -37.69 11.12
C MET B 363 24.98 -38.72 9.98
N PRO B 364 24.46 -38.37 8.81
CA PRO B 364 24.40 -39.35 7.72
C PRO B 364 25.78 -39.81 7.29
N LEU B 365 25.89 -41.08 6.96
CA LEU B 365 27.14 -41.66 6.49
C LEU B 365 27.28 -41.47 4.99
N PRO B 366 28.50 -41.54 4.45
CA PRO B 366 28.69 -41.40 3.00
C PRO B 366 27.90 -42.42 2.20
N SER C 2 -34.27 -14.20 16.98
CA SER C 2 -34.62 -13.20 17.98
C SER C 2 -33.54 -13.12 19.05
N TYR C 3 -33.09 -14.27 19.53
CA TYR C 3 -32.07 -14.31 20.56
C TYR C 3 -30.78 -13.66 20.06
N GLN C 4 -30.23 -12.77 20.87
CA GLN C 4 -28.96 -12.13 20.54
C GLN C 4 -27.80 -13.06 20.85
N VAL C 5 -26.68 -12.83 20.17
CA VAL C 5 -25.54 -13.73 20.30
C VAL C 5 -25.01 -13.68 21.74
N LEU C 6 -24.50 -14.84 22.19
CA LEU C 6 -24.03 -14.93 23.57
C LEU C 6 -22.85 -14.00 23.82
N ALA C 7 -21.95 -13.88 22.84
CA ALA C 7 -20.77 -13.03 23.02
C ALA C 7 -21.17 -11.59 23.29
N ARG C 8 -22.13 -11.07 22.53
CA ARG C 8 -22.58 -9.70 22.74
C ARG C 8 -23.40 -9.58 24.02
N LYS C 9 -24.28 -10.57 24.28
CA LYS C 9 -25.15 -10.50 25.44
C LYS C 9 -24.37 -10.55 26.75
N TRP C 10 -23.42 -11.49 26.85
CA TRP C 10 -22.70 -11.72 28.10
C TRP C 10 -21.39 -10.94 28.12
N ARG C 11 -21.51 -9.63 27.96
CA ARG C 11 -20.37 -8.74 28.02
C ARG C 11 -20.20 -8.23 29.45
N PRO C 12 -19.02 -8.40 30.08
CA PRO C 12 -18.87 -7.96 31.47
C PRO C 12 -19.21 -6.49 31.67
N GLN C 13 -20.26 -6.23 32.45
CA GLN C 13 -20.67 -4.86 32.77
C GLN C 13 -20.08 -4.36 34.08
N THR C 14 -19.29 -5.18 34.77
CA THR C 14 -18.63 -4.77 36.00
C THR C 14 -17.31 -5.52 36.11
N PHE C 15 -16.41 -4.98 36.94
CA PHE C 15 -15.13 -5.64 37.15
C PHE C 15 -15.27 -7.01 37.80
N ALA C 16 -16.40 -7.27 38.47
CA ALA C 16 -16.60 -8.58 39.07
C ALA C 16 -16.91 -9.64 38.03
N ASP C 17 -17.50 -9.25 36.90
CA ASP C 17 -17.86 -10.20 35.86
C ASP C 17 -16.69 -10.58 34.97
N VAL C 18 -15.54 -9.92 35.11
CA VAL C 18 -14.38 -10.21 34.26
C VAL C 18 -13.72 -11.49 34.75
N VAL C 19 -13.49 -12.42 33.83
CA VAL C 19 -12.87 -13.70 34.15
C VAL C 19 -11.36 -13.55 33.98
N GLY C 20 -10.61 -13.85 35.04
CA GLY C 20 -9.17 -13.76 34.97
C GLY C 20 -8.71 -12.32 34.88
N GLN C 21 -7.50 -12.15 34.33
CA GLN C 21 -6.88 -10.84 34.18
C GLN C 21 -6.81 -10.12 35.53
N GLU C 22 -6.48 -10.87 36.58
CA GLU C 22 -6.52 -10.31 37.92
C GLU C 22 -5.53 -9.17 38.09
N HIS C 23 -4.34 -9.28 37.49
CA HIS C 23 -3.32 -8.27 37.69
C HIS C 23 -3.76 -6.91 37.14
N VAL C 24 -4.30 -6.89 35.93
CA VAL C 24 -4.73 -5.63 35.33
C VAL C 24 -5.87 -5.01 36.12
N LEU C 25 -6.85 -5.83 36.51
CA LEU C 25 -7.98 -5.31 37.26
C LEU C 25 -7.53 -4.76 38.60
N THR C 26 -6.62 -5.46 39.29
CA THR C 26 -6.11 -4.98 40.56
C THR C 26 -5.37 -3.66 40.38
N ALA C 27 -4.54 -3.56 39.34
CA ALA C 27 -3.79 -2.32 39.10
C ALA C 27 -4.74 -1.16 38.85
N LEU C 28 -5.76 -1.39 38.00
CA LEU C 28 -6.70 -0.32 37.70
C LEU C 28 -7.49 0.09 38.94
N ALA C 29 -7.92 -0.89 39.74
CA ALA C 29 -8.66 -0.57 40.95
C ALA C 29 -7.80 0.24 41.92
N ASN C 30 -6.55 -0.16 42.11
CA ASN C 30 -5.66 0.59 42.99
C ASN C 30 -5.44 2.00 42.47
N GLY C 31 -5.23 2.14 41.16
CA GLY C 31 -5.03 3.47 40.59
C GLY C 31 -6.24 4.36 40.80
N LEU C 32 -7.43 3.84 40.54
CA LEU C 32 -8.64 4.63 40.72
C LEU C 32 -8.85 5.00 42.20
N SER C 33 -8.63 4.05 43.11
CA SER C 33 -8.85 4.33 44.52
C SER C 33 -7.87 5.37 45.04
N LEU C 34 -6.59 5.21 44.70
CA LEU C 34 -5.58 6.16 45.17
C LEU C 34 -5.74 7.52 44.51
N GLY C 35 -6.21 7.54 43.26
CA GLY C 35 -6.34 8.76 42.50
C GLY C 35 -5.21 9.03 41.53
N ARG C 36 -4.23 8.15 41.43
CA ARG C 36 -3.13 8.30 40.49
C ARG C 36 -3.60 7.80 39.12
N ILE C 37 -4.18 8.70 38.36
CA ILE C 37 -4.78 8.38 37.07
C ILE C 37 -3.87 8.92 35.97
N HIS C 38 -3.37 8.04 35.12
CA HIS C 38 -2.56 8.45 34.00
C HIS C 38 -3.45 8.82 32.81
N HIS C 39 -2.86 9.47 31.82
CA HIS C 39 -3.59 9.97 30.66
C HIS C 39 -3.35 9.13 29.41
N ALA C 40 -2.76 7.94 29.54
CA ALA C 40 -2.49 7.11 28.36
C ALA C 40 -2.37 5.66 28.81
N TYR C 41 -3.36 4.85 28.46
CA TYR C 41 -3.38 3.42 28.76
C TYR C 41 -3.38 2.64 27.45
N LEU C 42 -2.52 1.63 27.37
CA LEU C 42 -2.45 0.73 26.23
C LEU C 42 -2.73 -0.69 26.71
N PHE C 43 -3.61 -1.39 26.00
CA PHE C 43 -3.97 -2.76 26.31
C PHE C 43 -3.56 -3.66 25.16
N SER C 44 -2.88 -4.76 25.49
CA SER C 44 -2.38 -5.69 24.48
C SER C 44 -2.66 -7.12 24.93
N GLY C 45 -2.71 -8.02 23.96
CA GLY C 45 -2.96 -9.42 24.24
C GLY C 45 -3.47 -10.12 23.00
N THR C 46 -3.94 -11.35 23.21
CA THR C 46 -4.48 -12.17 22.14
C THR C 46 -5.93 -11.72 21.85
N ARG C 47 -6.64 -12.50 21.06
CA ARG C 47 -8.01 -12.18 20.68
C ARG C 47 -8.98 -12.75 21.70
N GLY C 48 -10.02 -11.98 22.03
CA GLY C 48 -11.05 -12.43 22.94
C GLY C 48 -10.67 -12.36 24.40
N VAL C 49 -9.50 -11.84 24.75
CA VAL C 49 -9.12 -11.75 26.15
C VAL C 49 -10.00 -10.73 26.87
N GLY C 50 -10.46 -9.69 26.16
CA GLY C 50 -11.36 -8.72 26.74
C GLY C 50 -10.75 -7.35 26.97
N LYS C 51 -9.86 -6.93 26.07
CA LYS C 51 -9.27 -5.59 26.18
C LYS C 51 -10.34 -4.52 26.05
N THR C 52 -11.23 -4.68 25.05
CA THR C 52 -12.27 -3.69 24.84
C THR C 52 -13.24 -3.64 26.02
N SER C 53 -13.56 -4.80 26.59
CA SER C 53 -14.45 -4.84 27.74
C SER C 53 -13.83 -4.09 28.92
N ILE C 54 -12.54 -4.31 29.17
CA ILE C 54 -11.88 -3.62 30.28
C ILE C 54 -11.81 -2.13 30.01
N ALA C 55 -11.58 -1.74 28.76
CA ALA C 55 -11.56 -0.32 28.42
C ALA C 55 -12.93 0.32 28.68
N ARG C 56 -14.00 -0.37 28.30
CA ARG C 56 -15.34 0.14 28.56
C ARG C 56 -15.60 0.25 30.06
N LEU C 57 -15.17 -0.75 30.83
CA LEU C 57 -15.35 -0.70 32.28
C LEU C 57 -14.60 0.48 32.88
N LEU C 58 -13.37 0.72 32.42
CA LEU C 58 -12.61 1.86 32.92
C LEU C 58 -13.30 3.17 32.56
N ALA C 59 -13.83 3.27 31.34
CA ALA C 59 -14.56 4.47 30.95
C ALA C 59 -15.77 4.68 31.83
N LYS C 60 -16.50 3.61 32.15
CA LYS C 60 -17.61 3.72 33.09
C LYS C 60 -17.14 4.21 34.45
N GLY C 61 -16.03 3.66 34.93
CA GLY C 61 -15.54 4.03 36.25
C GLY C 61 -15.15 5.50 36.32
N LEU C 62 -14.47 6.00 35.29
CA LEU C 62 -14.05 7.40 35.30
C LEU C 62 -15.25 8.34 35.28
N ASN C 63 -16.18 8.11 34.35
CA ASN C 63 -17.33 9.00 34.18
C ASN C 63 -18.55 8.35 34.84
N CYS C 64 -18.66 8.56 36.15
CA CYS C 64 -19.81 8.10 36.92
C CYS C 64 -20.29 9.22 37.82
N GLU C 65 -21.61 9.39 37.89
CA GLU C 65 -22.17 10.48 38.68
C GLU C 65 -21.87 10.34 40.16
N THR C 66 -21.51 9.14 40.62
CA THR C 66 -21.14 8.94 42.02
C THR C 66 -19.69 9.29 42.30
N GLY C 67 -18.93 9.71 41.29
CA GLY C 67 -17.54 10.06 41.44
C GLY C 67 -16.63 9.00 40.84
N ILE C 68 -15.33 9.29 40.89
CA ILE C 68 -14.32 8.36 40.39
C ILE C 68 -14.24 7.19 41.37
N THR C 69 -14.79 6.05 40.97
CA THR C 69 -14.86 4.87 41.83
C THR C 69 -14.38 3.64 41.06
N ALA C 70 -13.70 2.74 41.76
CA ALA C 70 -13.25 1.50 41.16
C ALA C 70 -14.39 0.52 40.91
N THR C 71 -15.57 0.77 41.49
CA THR C 71 -16.73 -0.10 41.33
C THR C 71 -17.90 0.75 40.85
N PRO C 72 -18.04 0.96 39.54
CA PRO C 72 -19.13 1.81 39.05
C PRO C 72 -20.49 1.27 39.44
N CYS C 73 -21.41 2.19 39.73
CA CYS C 73 -22.75 1.80 40.17
C CYS C 73 -23.46 0.95 39.12
N GLY C 74 -23.40 1.37 37.87
CA GLY C 74 -24.10 0.67 36.80
C GLY C 74 -25.57 1.00 36.67
N VAL C 75 -26.07 1.98 37.44
CA VAL C 75 -27.49 2.32 37.42
C VAL C 75 -27.67 3.77 36.99
N CYS C 76 -26.67 4.61 37.23
CA CYS C 76 -26.78 6.02 36.86
C CYS C 76 -26.82 6.15 35.35
N ASP C 77 -27.42 7.25 34.88
CA ASP C 77 -27.66 7.43 33.45
C ASP C 77 -26.36 7.36 32.65
N ASN C 78 -25.25 7.84 33.22
CA ASN C 78 -23.97 7.76 32.51
C ASN C 78 -23.58 6.30 32.27
N CYS C 79 -23.70 5.46 33.29
CA CYS C 79 -23.37 4.05 33.13
C CYS C 79 -24.29 3.39 32.11
N ARG C 80 -25.58 3.72 32.16
CA ARG C 80 -26.52 3.13 31.20
C ARG C 80 -26.17 3.53 29.78
N GLU C 81 -25.86 4.82 29.56
CA GLU C 81 -25.50 5.27 28.22
C GLU C 81 -24.23 4.61 27.73
N ILE C 82 -23.23 4.48 28.62
CA ILE C 82 -21.99 3.83 28.22
C ILE C 82 -22.24 2.37 27.85
N GLU C 83 -23.07 1.69 28.64
CA GLU C 83 -23.40 0.30 28.34
C GLU C 83 -24.11 0.18 27.01
N GLN C 84 -25.01 1.12 26.72
CA GLN C 84 -25.76 1.11 25.46
C GLN C 84 -24.99 1.75 24.31
N GLY C 85 -23.78 2.23 24.56
CA GLY C 85 -23.01 2.89 23.51
C GLY C 85 -23.62 4.18 23.02
N ARG C 86 -24.12 5.00 23.94
CA ARG C 86 -24.74 6.27 23.60
C ARG C 86 -24.19 7.45 24.37
N PHE C 87 -23.18 7.24 25.21
CA PHE C 87 -22.63 8.34 26.02
C PHE C 87 -21.94 9.36 25.11
N VAL C 88 -22.19 10.64 25.38
CA VAL C 88 -21.64 11.69 24.54
C VAL C 88 -20.15 11.93 24.79
N ASP C 89 -19.63 11.57 25.96
CA ASP C 89 -18.24 11.82 26.32
C ASP C 89 -17.39 10.55 26.23
N LEU C 90 -17.74 9.64 25.31
CA LEU C 90 -16.97 8.42 25.06
C LEU C 90 -16.77 8.36 23.55
N ILE C 91 -15.69 8.98 23.06
CA ILE C 91 -15.43 9.03 21.63
C ILE C 91 -14.69 7.76 21.23
N GLU C 92 -15.38 6.88 20.52
CA GLU C 92 -14.79 5.62 20.06
C GLU C 92 -14.33 5.80 18.61
N ILE C 93 -13.05 5.53 18.38
CA ILE C 93 -12.42 5.72 17.08
C ILE C 93 -12.08 4.35 16.51
N ASP C 94 -12.46 4.13 15.25
CA ASP C 94 -12.12 2.92 14.51
C ASP C 94 -10.84 3.20 13.73
N ALA C 95 -9.70 2.89 14.33
CA ALA C 95 -8.43 3.17 13.67
C ALA C 95 -8.27 2.37 12.38
N ALA C 96 -8.97 1.23 12.27
CA ALA C 96 -8.87 0.43 11.06
C ALA C 96 -9.38 1.20 9.85
N SER C 97 -10.49 1.92 10.00
CA SER C 97 -11.01 2.75 8.93
C SER C 97 -10.50 4.18 9.00
N ARG C 98 -10.14 4.65 10.19
CA ARG C 98 -9.64 6.02 10.38
C ARG C 98 -8.12 6.03 10.40
N THR C 99 -7.52 5.64 9.27
CA THR C 99 -6.08 5.50 9.16
C THR C 99 -5.40 6.76 8.64
N LYS C 100 -6.02 7.47 7.70
CA LYS C 100 -5.39 8.64 7.12
C LYS C 100 -5.18 9.72 8.18
N VAL C 101 -4.10 10.49 8.01
CA VAL C 101 -3.71 11.47 9.01
C VAL C 101 -4.71 12.62 9.12
N GLU C 102 -5.57 12.80 8.13
CA GLU C 102 -6.56 13.88 8.20
C GLU C 102 -7.49 13.68 9.38
N ASP C 103 -7.94 12.45 9.61
CA ASP C 103 -8.82 12.17 10.74
C ASP C 103 -8.11 12.46 12.06
N THR C 104 -6.83 12.06 12.17
CA THR C 104 -6.07 12.34 13.37
C THR C 104 -5.93 13.85 13.60
N ARG C 105 -5.66 14.59 12.53
CA ARG C 105 -5.56 16.04 12.65
C ARG C 105 -6.87 16.64 13.13
N ASP C 106 -7.99 16.18 12.58
CA ASP C 106 -9.29 16.67 13.03
C ASP C 106 -9.51 16.36 14.51
N LEU C 107 -9.19 15.13 14.92
CA LEU C 107 -9.37 14.76 16.33
C LEU C 107 -8.54 15.63 17.24
N LEU C 108 -7.28 15.88 16.87
CA LEU C 108 -6.43 16.72 17.71
C LEU C 108 -6.88 18.18 17.69
N ASP C 109 -7.48 18.63 16.59
CA ASP C 109 -7.99 19.99 16.54
C ASP C 109 -9.23 20.15 17.40
N ASN C 110 -10.02 19.08 17.56
CA ASN C 110 -11.25 19.12 18.35
C ASN C 110 -11.07 18.48 19.72
N VAL C 111 -9.90 18.65 20.34
CA VAL C 111 -9.58 18.02 21.61
C VAL C 111 -9.56 19.02 22.76
N GLN C 112 -9.70 20.31 22.48
CA GLN C 112 -9.56 21.33 23.53
C GLN C 112 -10.87 21.62 24.24
N TYR C 113 -12.01 21.42 23.57
CA TYR C 113 -13.29 21.76 24.16
C TYR C 113 -13.63 20.85 25.33
N ALA C 114 -14.30 21.42 26.32
CA ALA C 114 -14.64 20.69 27.54
C ALA C 114 -15.73 19.66 27.25
N PRO C 115 -15.81 18.60 28.06
CA PRO C 115 -16.85 17.60 27.85
C PRO C 115 -18.24 18.16 28.13
N ALA C 116 -19.24 17.54 27.50
CA ALA C 116 -20.61 18.02 27.64
C ALA C 116 -21.14 17.77 29.05
N ARG C 117 -21.20 16.50 29.47
CA ARG C 117 -21.81 16.13 30.73
C ARG C 117 -20.82 15.48 31.69
N GLY C 118 -20.03 14.52 31.22
CA GLY C 118 -19.09 13.84 32.09
C GLY C 118 -17.92 14.71 32.47
N ARG C 119 -17.14 14.22 33.43
CA ARG C 119 -15.97 14.92 33.94
C ARG C 119 -14.72 14.65 33.13
N PHE C 120 -14.79 13.78 32.12
CA PHE C 120 -13.66 13.51 31.24
C PHE C 120 -14.20 13.25 29.84
N LYS C 121 -13.32 13.46 28.85
CA LYS C 121 -13.61 13.17 27.45
C LYS C 121 -12.68 12.02 27.06
N VAL C 122 -13.22 10.80 27.13
CA VAL C 122 -12.42 9.59 26.97
C VAL C 122 -12.39 9.22 25.49
N TYR C 123 -11.19 9.23 24.91
CA TYR C 123 -10.96 8.80 23.53
C TYR C 123 -10.49 7.35 23.56
N LEU C 124 -11.33 6.44 23.08
CA LEU C 124 -10.99 5.02 22.98
C LEU C 124 -10.73 4.69 21.52
N ILE C 125 -9.46 4.51 21.16
CA ILE C 125 -9.06 4.20 19.80
C ILE C 125 -8.83 2.69 19.72
N ASP C 126 -9.57 2.02 18.84
CA ASP C 126 -9.49 0.58 18.71
C ASP C 126 -8.68 0.21 17.47
N GLU C 127 -7.90 -0.86 17.58
CA GLU C 127 -7.03 -1.31 16.49
C GLU C 127 -6.02 -0.24 16.12
N VAL C 128 -5.39 0.36 17.14
CA VAL C 128 -4.50 1.49 16.92
C VAL C 128 -3.29 1.10 16.06
N HIS C 129 -2.97 -0.18 15.97
CA HIS C 129 -1.79 -0.60 15.22
C HIS C 129 -1.92 -0.37 13.72
N MET C 130 -3.12 -0.05 13.23
CA MET C 130 -3.32 0.16 11.80
C MET C 130 -3.09 1.60 11.37
N LEU C 131 -2.83 2.51 12.30
CA LEU C 131 -2.59 3.90 11.94
C LEU C 131 -1.25 4.05 11.22
N SER C 132 -1.20 4.99 10.29
CA SER C 132 0.05 5.31 9.60
C SER C 132 1.00 6.06 10.54
N ARG C 133 2.26 6.18 10.12
CA ARG C 133 3.25 6.82 10.96
C ARG C 133 2.91 8.28 11.21
N HIS C 134 2.30 8.96 10.24
CA HIS C 134 1.96 10.36 10.41
C HIS C 134 0.95 10.54 11.54
N SER C 135 -0.02 9.64 11.63
CA SER C 135 -0.99 9.73 12.72
C SER C 135 -0.30 9.55 14.07
N PHE C 136 0.63 8.60 14.17
CA PHE C 136 1.37 8.41 15.42
C PHE C 136 2.16 9.66 15.78
N ASN C 137 2.85 10.25 14.80
CA ASN C 137 3.65 11.43 15.07
C ASN C 137 2.77 12.59 15.52
N ALA C 138 1.61 12.76 14.87
CA ALA C 138 0.69 13.82 15.28
C ALA C 138 0.19 13.58 16.71
N LEU C 139 -0.09 12.32 17.05
CA LEU C 139 -0.62 12.00 18.37
C LEU C 139 0.44 12.08 19.46
N LEU C 140 1.73 12.04 19.08
CA LEU C 140 2.80 12.05 20.07
C LEU C 140 2.67 13.21 21.06
N LYS C 141 2.72 14.45 20.56
CA LYS C 141 2.73 15.60 21.46
C LYS C 141 1.45 15.68 22.27
N THR C 142 0.31 15.39 21.65
CA THR C 142 -0.95 15.43 22.39
C THR C 142 -0.95 14.43 23.53
N LEU C 143 -0.39 13.25 23.30
CA LEU C 143 -0.23 12.29 24.39
C LEU C 143 0.75 12.80 25.45
N GLU C 144 1.76 13.57 25.03
CA GLU C 144 2.74 14.06 25.98
C GLU C 144 2.11 15.01 27.00
N GLU C 145 1.40 16.03 26.53
CA GLU C 145 0.77 17.03 27.38
C GLU C 145 -0.67 17.22 26.96
N PRO C 146 -1.55 16.28 27.29
CA PRO C 146 -2.96 16.43 26.95
C PRO C 146 -3.66 17.36 27.93
N PRO C 147 -4.82 17.90 27.57
CA PRO C 147 -5.59 18.69 28.54
C PRO C 147 -6.03 17.83 29.72
N GLU C 148 -6.23 18.48 30.86
CA GLU C 148 -6.56 17.75 32.09
C GLU C 148 -7.82 16.91 31.91
N HIS C 149 -8.79 17.40 31.14
CA HIS C 149 -10.07 16.74 30.96
C HIS C 149 -10.08 15.75 29.79
N VAL C 150 -8.92 15.24 29.39
CA VAL C 150 -8.81 14.33 28.25
C VAL C 150 -8.04 13.10 28.68
N LYS C 151 -8.57 11.92 28.36
CA LYS C 151 -7.92 10.64 28.63
C LYS C 151 -7.92 9.81 27.36
N PHE C 152 -6.80 9.12 27.12
CA PHE C 152 -6.63 8.29 25.94
C PHE C 152 -6.52 6.83 26.36
N LEU C 153 -7.31 5.98 25.68
CA LEU C 153 -7.28 4.54 25.89
C LEU C 153 -7.04 3.86 24.56
N LEU C 154 -6.04 2.98 24.51
CA LEU C 154 -5.63 2.31 23.28
C LEU C 154 -5.66 0.81 23.47
N ALA C 155 -6.04 0.10 22.42
CA ALA C 155 -6.09 -1.36 22.43
C ALA C 155 -5.66 -1.89 21.08
N THR C 156 -4.86 -2.97 21.09
CA THR C 156 -4.37 -3.56 19.86
C THR C 156 -3.96 -5.00 20.12
N THR C 157 -3.84 -5.76 19.04
CA THR C 157 -3.40 -7.15 19.10
C THR C 157 -1.92 -7.32 18.80
N ASP C 158 -1.31 -6.37 18.10
CA ASP C 158 0.08 -6.46 17.65
C ASP C 158 0.80 -5.18 18.06
N PRO C 159 1.19 -5.06 19.34
CA PRO C 159 1.90 -3.87 19.78
C PRO C 159 3.34 -3.78 19.31
N GLN C 160 3.85 -4.79 18.61
CA GLN C 160 5.24 -4.78 18.18
C GLN C 160 5.50 -3.79 17.05
N LYS C 161 4.47 -3.41 16.29
CA LYS C 161 4.63 -2.52 15.16
C LYS C 161 4.34 -1.06 15.49
N LEU C 162 4.07 -0.74 16.77
CA LEU C 162 3.88 0.64 17.15
C LEU C 162 5.23 1.34 17.29
N PRO C 163 5.27 2.67 17.08
CA PRO C 163 6.53 3.40 17.31
C PRO C 163 6.97 3.28 18.76
N VAL C 164 8.29 3.26 18.95
CA VAL C 164 8.84 3.08 20.29
C VAL C 164 8.43 4.25 21.20
N THR C 165 8.38 5.46 20.64
CA THR C 165 7.99 6.61 21.44
C THR C 165 6.56 6.47 21.97
N ILE C 166 5.64 6.00 21.11
CA ILE C 166 4.26 5.80 21.56
C ILE C 166 4.22 4.82 22.72
N LEU C 167 4.99 3.73 22.63
CA LEU C 167 5.05 2.78 23.73
C LEU C 167 5.60 3.44 24.99
N SER C 168 6.63 4.28 24.84
CA SER C 168 7.20 4.95 25.99
C SER C 168 6.21 5.91 26.64
N ARG C 169 5.27 6.44 25.85
CA ARG C 169 4.35 7.49 26.30
C ARG C 169 3.07 6.92 26.90
N CYS C 170 3.03 5.63 27.25
CA CYS C 170 1.79 5.01 27.70
C CYS C 170 2.08 3.99 28.79
N LEU C 171 1.04 3.67 29.56
CA LEU C 171 1.08 2.61 30.56
C LEU C 171 0.59 1.33 29.89
N GLN C 172 1.47 0.33 29.81
CA GLN C 172 1.16 -0.90 29.09
C GLN C 172 0.54 -1.92 30.03
N PHE C 173 -0.50 -2.61 29.55
CA PHE C 173 -1.11 -3.73 30.25
C PHE C 173 -1.29 -4.87 29.25
N HIS C 174 -0.60 -5.98 29.48
CA HIS C 174 -0.65 -7.13 28.58
C HIS C 174 -1.51 -8.21 29.22
N LEU C 175 -2.59 -8.59 28.54
CA LEU C 175 -3.47 -9.64 29.01
C LEU C 175 -3.00 -11.00 28.48
N LYS C 176 -3.07 -12.01 29.33
CA LYS C 176 -2.66 -13.36 28.97
C LYS C 176 -3.87 -14.23 28.67
N ALA C 177 -3.65 -15.25 27.85
CA ALA C 177 -4.74 -16.13 27.44
C ALA C 177 -5.32 -16.86 28.64
N LEU C 178 -6.63 -17.03 28.64
CA LEU C 178 -7.31 -17.73 29.74
C LEU C 178 -7.03 -19.22 29.67
N ASP C 179 -6.93 -19.84 30.84
CA ASP C 179 -6.68 -21.27 30.92
C ASP C 179 -7.97 -22.06 30.71
N VAL C 180 -7.82 -23.39 30.66
CA VAL C 180 -8.96 -24.25 30.36
C VAL C 180 -10.01 -24.15 31.46
N GLU C 181 -9.58 -24.15 32.73
CA GLU C 181 -10.53 -24.20 33.83
C GLU C 181 -11.42 -22.96 33.85
N GLN C 182 -10.84 -21.78 33.65
CA GLN C 182 -11.63 -20.55 33.66
C GLN C 182 -12.66 -20.55 32.53
N ILE C 183 -12.24 -20.97 31.33
CA ILE C 183 -13.17 -21.01 30.21
C ILE C 183 -14.31 -21.98 30.49
N ARG C 184 -13.97 -23.16 31.04
CA ARG C 184 -15.01 -24.14 31.34
C ARG C 184 -15.99 -23.60 32.38
N HIS C 185 -15.47 -22.95 33.42
CA HIS C 185 -16.34 -22.40 34.45
C HIS C 185 -17.24 -21.32 33.89
N GLN C 186 -16.70 -20.44 33.04
CA GLN C 186 -17.51 -19.39 32.44
C GLN C 186 -18.60 -19.98 31.56
N LEU C 187 -18.25 -20.99 30.75
CA LEU C 187 -19.27 -21.63 29.91
C LEU C 187 -20.35 -22.28 30.75
N GLU C 188 -19.96 -22.96 31.83
CA GLU C 188 -20.94 -23.59 32.71
C GLU C 188 -21.88 -22.54 33.31
N HIS C 189 -21.32 -21.43 33.79
CA HIS C 189 -22.16 -20.38 34.36
C HIS C 189 -23.12 -19.81 33.33
N ILE C 190 -22.62 -19.55 32.12
CA ILE C 190 -23.47 -18.96 31.08
C ILE C 190 -24.60 -19.92 30.72
N LEU C 191 -24.27 -21.22 30.56
CA LEU C 191 -25.31 -22.18 30.22
C LEU C 191 -26.32 -22.33 31.34
N ASN C 192 -25.87 -22.31 32.60
CA ASN C 192 -26.80 -22.36 33.71
C ASN C 192 -27.74 -21.17 33.68
N GLU C 193 -27.21 -19.98 33.42
CA GLU C 193 -28.06 -18.79 33.33
C GLU C 193 -29.05 -18.90 32.17
N GLU C 194 -28.61 -19.46 31.04
CA GLU C 194 -29.45 -19.57 29.86
C GLU C 194 -30.42 -20.73 29.92
N HIS C 195 -30.33 -21.60 30.93
CA HIS C 195 -31.23 -22.74 31.09
C HIS C 195 -31.12 -23.68 29.88
N ILE C 196 -29.91 -24.19 29.66
CA ILE C 196 -29.64 -25.13 28.59
C ILE C 196 -28.90 -26.33 29.18
N ALA C 197 -29.37 -27.53 28.86
CA ALA C 197 -28.74 -28.74 29.36
C ALA C 197 -27.33 -28.89 28.78
N HIS C 198 -26.45 -29.48 29.58
CA HIS C 198 -25.06 -29.65 29.19
C HIS C 198 -24.47 -30.84 29.93
N GLU C 199 -23.33 -31.30 29.45
CA GLU C 199 -22.59 -32.41 30.04
C GLU C 199 -21.15 -32.01 30.28
N PRO C 200 -20.51 -32.56 31.31
CA PRO C 200 -19.16 -32.10 31.65
C PRO C 200 -18.15 -32.29 30.53
N ARG C 201 -18.20 -33.42 29.82
CA ARG C 201 -17.21 -33.66 28.78
C ARG C 201 -17.39 -32.71 27.60
N ALA C 202 -18.63 -32.34 27.29
CA ALA C 202 -18.86 -31.35 26.24
C ALA C 202 -18.19 -30.03 26.60
N LEU C 203 -18.35 -29.58 27.85
CA LEU C 203 -17.70 -28.35 28.28
C LEU C 203 -16.19 -28.49 28.22
N GLN C 204 -15.66 -29.64 28.64
CA GLN C 204 -14.21 -29.85 28.58
C GLN C 204 -13.70 -29.76 27.15
N LEU C 205 -14.40 -30.41 26.21
CA LEU C 205 -13.98 -30.36 24.81
C LEU C 205 -14.05 -28.94 24.27
N LEU C 206 -15.13 -28.21 24.59
CA LEU C 206 -15.24 -26.84 24.10
C LEU C 206 -14.13 -25.97 24.66
N ALA C 207 -13.82 -26.12 25.96
CA ALA C 207 -12.75 -25.34 26.55
C ALA C 207 -11.40 -25.67 25.91
N ARG C 208 -11.14 -26.95 25.66
CA ARG C 208 -9.88 -27.32 25.03
C ARG C 208 -9.78 -26.77 23.62
N ALA C 209 -10.89 -26.78 22.88
CA ALA C 209 -10.89 -26.23 21.53
C ALA C 209 -10.86 -24.71 21.50
N ALA C 210 -11.21 -24.05 22.60
CA ALA C 210 -11.21 -22.59 22.62
C ALA C 210 -9.82 -22.03 22.38
N GLU C 211 -8.80 -22.62 23.01
CA GLU C 211 -7.41 -22.17 22.87
C GLU C 211 -7.26 -20.72 23.35
N GLY C 212 -7.60 -20.50 24.60
CA GLY C 212 -7.42 -19.21 25.23
C GLY C 212 -8.54 -18.22 24.97
N SER C 213 -8.82 -17.95 23.70
CA SER C 213 -9.84 -16.97 23.35
C SER C 213 -11.20 -17.42 23.86
N LEU C 214 -11.81 -16.59 24.71
CA LEU C 214 -13.13 -16.92 25.25
C LEU C 214 -14.23 -16.70 24.23
N ARG C 215 -14.05 -15.73 23.31
CA ARG C 215 -15.03 -15.53 22.25
C ARG C 215 -15.10 -16.76 21.35
N ASP C 216 -13.95 -17.41 21.10
CA ASP C 216 -13.97 -18.67 20.38
C ASP C 216 -14.78 -19.71 21.14
N ALA C 217 -14.64 -19.76 22.46
CA ALA C 217 -15.42 -20.70 23.26
C ALA C 217 -16.91 -20.42 23.12
N LEU C 218 -17.30 -19.15 23.16
CA LEU C 218 -18.72 -18.82 23.03
C LEU C 218 -19.24 -19.17 21.64
N SER C 219 -18.45 -18.92 20.60
CA SER C 219 -18.88 -19.27 19.25
C SER C 219 -19.05 -20.78 19.11
N LEU C 220 -18.10 -21.55 19.65
CA LEU C 220 -18.22 -23.00 19.60
C LEU C 220 -19.43 -23.48 20.40
N THR C 221 -19.72 -22.82 21.53
CA THR C 221 -20.91 -23.17 22.30
C THR C 221 -22.17 -22.91 21.49
N ASP C 222 -22.22 -21.80 20.76
CA ASP C 222 -23.37 -21.53 19.90
C ASP C 222 -23.50 -22.59 18.83
N GLN C 223 -22.38 -22.99 18.22
CA GLN C 223 -22.42 -24.05 17.22
C GLN C 223 -22.94 -25.35 17.82
N ALA C 224 -22.48 -25.69 19.02
CA ALA C 224 -22.93 -26.92 19.67
C ALA C 224 -24.42 -26.86 19.99
N ILE C 225 -24.91 -25.71 20.44
CA ILE C 225 -26.32 -25.56 20.73
C ILE C 225 -27.14 -25.73 19.45
N ALA C 226 -26.67 -25.13 18.35
CA ALA C 226 -27.38 -25.28 17.09
C ALA C 226 -27.40 -26.73 16.63
N SER C 227 -26.27 -27.43 16.75
CA SER C 227 -26.19 -28.81 16.29
C SER C 227 -27.05 -29.74 17.13
N GLY C 228 -27.03 -29.56 18.45
CA GLY C 228 -27.76 -30.42 19.36
C GLY C 228 -29.23 -30.11 19.50
N ASP C 229 -29.72 -29.07 18.82
CA ASP C 229 -31.13 -28.69 18.87
C ASP C 229 -31.56 -28.33 20.28
N GLY C 230 -30.88 -27.33 20.84
CA GLY C 230 -31.20 -26.80 22.14
C GLY C 230 -30.49 -27.45 23.31
N GLN C 231 -29.66 -28.47 23.07
CA GLN C 231 -28.91 -29.13 24.12
C GLN C 231 -27.45 -29.25 23.71
N VAL C 232 -26.56 -29.19 24.71
CA VAL C 232 -25.14 -29.36 24.49
C VAL C 232 -24.73 -30.75 24.98
N SER C 233 -24.76 -31.73 24.08
CA SER C 233 -24.45 -33.10 24.41
C SER C 233 -23.03 -33.45 23.97
N THR C 234 -22.47 -34.49 24.60
CA THR C 234 -21.13 -34.94 24.24
C THR C 234 -21.09 -35.38 22.79
N GLN C 235 -22.11 -36.13 22.34
CA GLN C 235 -22.14 -36.57 20.95
C GLN C 235 -22.23 -35.38 20.00
N ALA C 236 -23.04 -34.38 20.35
CA ALA C 236 -23.17 -33.22 19.48
C ALA C 236 -21.85 -32.49 19.30
N VAL C 237 -21.12 -32.29 20.40
CA VAL C 237 -19.82 -31.63 20.32
C VAL C 237 -18.82 -32.49 19.56
N SER C 238 -18.84 -33.81 19.81
CA SER C 238 -17.90 -34.70 19.12
C SER C 238 -18.18 -34.74 17.62
N ALA C 239 -19.42 -34.51 17.21
CA ALA C 239 -19.75 -34.57 15.79
C ALA C 239 -18.95 -33.55 14.98
N MET C 240 -18.84 -32.32 15.50
CA MET C 240 -18.18 -31.24 14.78
C MET C 240 -16.72 -31.05 15.21
N LEU C 241 -16.45 -31.02 16.52
CA LEU C 241 -15.11 -30.77 17.03
C LEU C 241 -14.40 -32.06 17.44
N GLY C 242 -15.03 -32.86 18.29
CA GLY C 242 -14.38 -34.05 18.82
C GLY C 242 -14.50 -35.26 17.93
N THR C 243 -14.40 -35.06 16.61
CA THR C 243 -14.28 -36.19 15.70
C THR C 243 -13.04 -37.01 16.00
N LEU C 244 -12.05 -36.41 16.65
CA LEU C 244 -10.83 -37.08 17.09
C LEU C 244 -10.93 -37.38 18.58
N ASP C 245 -9.83 -37.82 19.18
CA ASP C 245 -9.77 -38.15 20.61
C ASP C 245 -10.72 -39.30 20.94
N ASP C 246 -10.43 -40.45 20.32
CA ASP C 246 -11.14 -41.70 20.59
C ASP C 246 -10.13 -42.78 20.95
N ASP C 247 -10.61 -43.82 21.62
CA ASP C 247 -9.75 -44.91 22.04
C ASP C 247 -9.18 -45.70 20.86
N GLN C 248 -9.73 -45.51 19.65
CA GLN C 248 -9.21 -46.22 18.49
C GLN C 248 -7.76 -45.84 18.21
N ALA C 249 -7.43 -44.56 18.35
CA ALA C 249 -6.05 -44.12 18.12
C ALA C 249 -5.09 -44.79 19.10
N LEU C 250 -5.46 -44.81 20.38
CA LEU C 250 -4.61 -45.46 21.37
C LEU C 250 -4.48 -46.96 21.11
N SER C 251 -5.58 -47.60 20.71
CA SER C 251 -5.52 -49.02 20.39
C SER C 251 -4.59 -49.27 19.22
N LEU C 252 -4.66 -48.44 18.19
CA LEU C 252 -3.77 -48.58 17.04
C LEU C 252 -2.31 -48.37 17.46
N VAL C 253 -2.06 -47.38 18.32
CA VAL C 253 -0.69 -47.15 18.78
C VAL C 253 -0.17 -48.36 19.54
N GLU C 254 -0.99 -48.92 20.43
CA GLU C 254 -0.58 -50.09 21.19
C GLU C 254 -0.32 -51.28 20.27
N ALA C 255 -1.19 -51.48 19.28
CA ALA C 255 -1.01 -52.59 18.35
C ALA C 255 0.28 -52.42 17.55
N MET C 256 0.57 -51.19 17.11
CA MET C 256 1.82 -50.95 16.38
C MET C 256 3.02 -51.21 17.28
N VAL C 257 2.95 -50.79 18.54
CA VAL C 257 4.05 -51.03 19.47
C VAL C 257 4.29 -52.53 19.64
N GLU C 258 3.20 -53.31 19.65
CA GLU C 258 3.29 -54.76 19.85
C GLU C 258 3.47 -55.52 18.55
N ALA C 259 3.56 -54.84 17.41
CA ALA C 259 3.78 -55.48 16.11
C ALA C 259 2.68 -56.51 15.82
N ASN C 260 1.44 -56.15 16.15
CA ASN C 260 0.28 -57.01 15.89
C ASN C 260 -0.36 -56.54 14.58
N GLY C 261 0.13 -57.08 13.46
CA GLY C 261 -0.36 -56.65 12.17
C GLY C 261 -1.84 -56.91 11.98
N GLU C 262 -2.31 -58.09 12.42
CA GLU C 262 -3.72 -58.43 12.26
C GLU C 262 -4.60 -57.46 13.04
N ARG C 263 -4.21 -57.15 14.28
CA ARG C 263 -4.99 -56.20 15.07
C ARG C 263 -5.03 -54.83 14.42
N VAL C 264 -3.89 -54.38 13.88
CA VAL C 264 -3.85 -53.08 13.21
C VAL C 264 -4.78 -53.08 12.00
N MET C 265 -4.75 -54.16 11.21
CA MET C 265 -5.61 -54.22 10.04
C MET C 265 -7.08 -54.23 10.43
N ALA C 266 -7.43 -54.99 11.48
CA ALA C 266 -8.81 -55.01 11.95
C ALA C 266 -9.25 -53.63 12.43
N LEU C 267 -8.39 -52.94 13.16
CA LEU C 267 -8.71 -51.59 13.61
C LEU C 267 -8.91 -50.65 12.44
N ILE C 268 -8.06 -50.77 11.40
CA ILE C 268 -8.20 -49.93 10.22
C ILE C 268 -9.54 -50.21 9.54
N ASN C 269 -9.91 -51.48 9.42
CA ASN C 269 -11.19 -51.82 8.80
C ASN C 269 -12.36 -51.27 9.62
N GLU C 270 -12.28 -51.38 10.94
CA GLU C 270 -13.34 -50.85 11.78
C GLU C 270 -13.45 -49.34 11.64
N ALA C 271 -12.31 -48.64 11.61
CA ALA C 271 -12.34 -47.19 11.43
C ALA C 271 -12.93 -46.82 10.07
N ALA C 272 -12.57 -47.56 9.03
CA ALA C 272 -13.12 -47.29 7.70
C ALA C 272 -14.63 -47.49 7.70
N ALA C 273 -15.11 -48.55 8.36
CA ALA C 273 -16.54 -48.76 8.47
C ALA C 273 -17.21 -47.60 9.21
N ARG C 274 -16.60 -47.14 10.30
CA ARG C 274 -17.14 -46.00 11.04
C ARG C 274 -17.10 -44.71 10.25
N GLY C 275 -16.24 -44.62 9.23
CA GLY C 275 -16.08 -43.39 8.48
C GLY C 275 -15.23 -42.38 9.22
N ILE C 276 -13.98 -42.75 9.50
CA ILE C 276 -13.06 -41.92 10.26
C ILE C 276 -12.11 -41.23 9.29
N GLU C 277 -11.96 -39.91 9.44
CA GLU C 277 -11.01 -39.18 8.61
C GLU C 277 -9.59 -39.68 8.87
N TRP C 278 -8.85 -39.93 7.78
CA TRP C 278 -7.54 -40.53 7.91
C TRP C 278 -6.52 -39.53 8.45
N GLU C 279 -6.56 -38.29 7.95
CA GLU C 279 -5.62 -37.28 8.43
C GLU C 279 -5.81 -37.02 9.92
N ALA C 280 -7.07 -36.99 10.37
CA ALA C 280 -7.33 -36.84 11.80
C ALA C 280 -6.77 -38.01 12.59
N LEU C 281 -6.87 -39.22 12.05
CA LEU C 281 -6.32 -40.39 12.73
C LEU C 281 -4.81 -40.27 12.87
N LEU C 282 -4.13 -39.85 11.79
CA LEU C 282 -2.68 -39.66 11.87
C LEU C 282 -2.33 -38.57 12.87
N VAL C 283 -3.11 -37.48 12.89
CA VAL C 283 -2.87 -36.41 13.84
C VAL C 283 -2.99 -36.93 15.27
N GLU C 284 -4.02 -37.74 15.53
CA GLU C 284 -4.21 -38.26 16.89
C GLU C 284 -3.07 -39.19 17.28
N MET C 285 -2.62 -40.05 16.36
CA MET C 285 -1.50 -40.94 16.67
C MET C 285 -0.24 -40.13 16.97
N LEU C 286 0.03 -39.11 16.16
CA LEU C 286 1.19 -38.26 16.42
C LEU C 286 1.08 -37.56 17.77
N GLY C 287 -0.11 -37.06 18.10
CA GLY C 287 -0.29 -36.42 19.39
C GLY C 287 -0.07 -37.36 20.54
N LEU C 288 -0.60 -38.58 20.44
CA LEU C 288 -0.40 -39.56 21.51
C LEU C 288 1.07 -39.89 21.69
N LEU C 289 1.79 -40.09 20.57
CA LEU C 289 3.22 -40.36 20.66
C LEU C 289 3.95 -39.18 21.33
N HIS C 290 3.60 -37.95 20.94
CA HIS C 290 4.25 -36.79 21.53
C HIS C 290 3.99 -36.72 23.04
N ARG C 291 2.74 -36.96 23.47
CA ARG C 291 2.45 -36.89 24.89
C ARG C 291 3.16 -37.99 25.66
N ILE C 292 3.30 -39.18 25.07
CA ILE C 292 4.09 -40.23 25.71
C ILE C 292 5.54 -39.78 25.86
N ALA C 293 6.09 -39.15 24.82
CA ALA C 293 7.45 -38.65 24.92
C ALA C 293 7.59 -37.61 26.02
N MET C 294 6.62 -36.71 26.13
CA MET C 294 6.65 -35.70 27.19
C MET C 294 6.59 -36.35 28.55
N VAL C 295 5.74 -37.37 28.70
CA VAL C 295 5.68 -38.12 29.96
C VAL C 295 7.04 -38.71 30.28
N GLN C 296 7.71 -39.29 29.29
CA GLN C 296 9.05 -39.80 29.50
C GLN C 296 10.00 -38.71 29.97
N LEU C 297 9.88 -37.51 29.39
CA LEU C 297 10.72 -36.40 29.81
C LEU C 297 10.35 -35.94 31.23
N SER C 298 9.11 -35.51 31.42
CA SER C 298 8.63 -35.00 32.68
C SER C 298 7.41 -35.78 33.14
N PRO C 299 7.39 -36.32 34.36
CA PRO C 299 6.22 -37.09 34.80
C PRO C 299 4.95 -36.26 34.90
N ALA C 300 5.06 -34.94 35.02
CA ALA C 300 3.90 -34.06 35.19
C ALA C 300 3.36 -33.55 33.85
N ALA C 301 3.87 -34.06 32.73
CA ALA C 301 3.43 -33.57 31.43
C ALA C 301 1.94 -33.81 31.23
N LEU C 302 1.45 -34.99 31.62
CA LEU C 302 0.04 -35.33 31.43
C LEU C 302 -0.80 -34.69 32.51
N GLY C 303 -1.74 -33.83 32.12
CA GLY C 303 -2.69 -33.24 33.03
C GLY C 303 -3.95 -34.08 33.16
N ASN C 304 -4.93 -33.52 33.86
CA ASN C 304 -6.19 -34.21 34.07
C ASN C 304 -7.04 -34.29 32.81
N ASP C 305 -6.68 -33.53 31.77
CA ASP C 305 -7.52 -33.42 30.58
C ASP C 305 -7.86 -34.79 30.00
N MET C 306 -6.86 -35.68 29.91
CA MET C 306 -7.04 -37.04 29.43
C MET C 306 -6.84 -38.06 30.55
N ALA C 307 -7.24 -37.68 31.77
CA ALA C 307 -7.01 -38.55 32.92
C ALA C 307 -7.61 -39.94 32.71
N ALA C 308 -8.69 -40.02 31.93
CA ALA C 308 -9.35 -41.30 31.69
C ALA C 308 -8.37 -42.35 31.19
N ILE C 309 -7.38 -41.96 30.40
CA ILE C 309 -6.40 -42.89 29.87
C ILE C 309 -5.05 -42.78 30.55
N GLU C 310 -4.93 -41.91 31.57
CA GLU C 310 -3.64 -41.62 32.19
C GLU C 310 -2.82 -42.88 32.44
N LEU C 311 -3.37 -43.78 33.26
CA LEU C 311 -2.69 -45.03 33.59
C LEU C 311 -2.08 -45.67 32.35
N ARG C 312 -2.91 -45.94 31.34
CA ARG C 312 -2.42 -46.61 30.14
C ARG C 312 -1.23 -45.86 29.56
N MET C 313 -1.37 -44.54 29.41
CA MET C 313 -0.29 -43.73 28.87
C MET C 313 0.99 -43.96 29.66
N ARG C 314 0.89 -43.90 31.00
CA ARG C 314 2.08 -44.07 31.82
C ARG C 314 2.74 -45.41 31.55
N GLU C 315 1.94 -46.46 31.34
CA GLU C 315 2.53 -47.76 31.03
C GLU C 315 3.37 -47.67 29.77
N LEU C 316 2.83 -47.05 28.72
CA LEU C 316 3.59 -46.92 27.48
C LEU C 316 4.87 -46.12 27.69
N ALA C 317 4.90 -45.26 28.71
CA ALA C 317 6.12 -44.52 29.01
C ALA C 317 7.16 -45.39 29.68
N ARG C 318 6.74 -46.37 30.49
CA ARG C 318 7.69 -47.17 31.24
C ARG C 318 8.37 -48.23 30.36
N THR C 319 7.68 -48.76 29.36
CA THR C 319 8.20 -49.87 28.59
C THR C 319 8.93 -49.42 27.33
N ILE C 320 8.31 -48.53 26.54
CA ILE C 320 8.86 -48.17 25.24
C ILE C 320 10.10 -47.32 25.42
N PRO C 321 11.26 -47.69 24.86
CA PRO C 321 12.42 -46.82 24.93
C PRO C 321 12.18 -45.53 24.16
N PRO C 322 12.84 -44.43 24.54
CA PRO C 322 12.60 -43.17 23.81
C PRO C 322 12.92 -43.25 22.32
N THR C 323 13.96 -43.99 21.95
CA THR C 323 14.37 -44.04 20.55
C THR C 323 13.27 -44.64 19.68
N ASP C 324 12.60 -45.68 20.18
CA ASP C 324 11.49 -46.27 19.43
C ASP C 324 10.36 -45.26 19.23
N ILE C 325 10.06 -44.46 20.27
CA ILE C 325 9.02 -43.45 20.14
C ILE C 325 9.42 -42.42 19.10
N GLN C 326 10.69 -42.00 19.11
CA GLN C 326 11.14 -41.04 18.11
C GLN C 326 11.04 -41.61 16.71
N LEU C 327 11.40 -42.89 16.54
CA LEU C 327 11.30 -43.52 15.23
C LEU C 327 9.86 -43.56 14.76
N TYR C 328 8.94 -43.95 15.64
CA TYR C 328 7.52 -43.98 15.26
C TYR C 328 7.02 -42.59 14.90
N TYR C 329 7.39 -41.58 15.69
CA TYR C 329 6.95 -40.22 15.42
C TYR C 329 7.45 -39.74 14.07
N GLN C 330 8.73 -39.99 13.77
CA GLN C 330 9.30 -39.56 12.51
C GLN C 330 8.64 -40.29 11.34
N THR C 331 8.40 -41.60 11.50
CA THR C 331 7.76 -42.36 10.43
C THR C 331 6.35 -41.85 10.15
N LEU C 332 5.58 -41.59 11.20
CA LEU C 332 4.22 -41.07 11.00
C LEU C 332 4.25 -39.68 10.39
N LEU C 333 5.19 -38.84 10.81
CA LEU C 333 5.29 -37.51 10.23
C LEU C 333 5.61 -37.58 8.74
N ILE C 334 6.55 -38.44 8.36
CA ILE C 334 6.90 -38.57 6.95
C ILE C 334 5.73 -39.14 6.16
N GLY C 335 5.01 -40.11 6.73
CA GLY C 335 3.81 -40.59 6.07
C GLY C 335 2.78 -39.50 5.87
N ARG C 336 2.66 -38.60 6.84
CA ARG C 336 1.79 -37.44 6.68
C ARG C 336 2.26 -36.56 5.54
N LYS C 337 3.58 -36.36 5.43
CA LYS C 337 4.11 -35.61 4.28
C LYS C 337 3.72 -36.28 2.97
N GLU C 338 3.72 -37.62 2.95
CA GLU C 338 3.44 -38.38 1.74
C GLU C 338 1.95 -38.56 1.46
N LEU C 339 1.08 -38.25 2.43
CA LEU C 339 -0.34 -38.54 2.26
C LEU C 339 -0.96 -37.81 1.08
N PRO C 340 -0.72 -36.52 0.87
CA PRO C 340 -1.43 -35.82 -0.23
C PRO C 340 -1.20 -36.43 -1.60
N TYR C 341 0.01 -36.94 -1.86
CA TYR C 341 0.35 -37.50 -3.16
C TYR C 341 0.05 -38.99 -3.27
N ALA C 342 -0.43 -39.62 -2.21
CA ALA C 342 -0.74 -41.03 -2.25
C ALA C 342 -1.95 -41.29 -3.16
N PRO C 343 -2.04 -42.48 -3.75
CA PRO C 343 -3.21 -42.77 -4.60
C PRO C 343 -4.53 -42.67 -3.86
N ASP C 344 -4.55 -43.00 -2.57
CA ASP C 344 -5.77 -42.93 -1.78
C ASP C 344 -5.39 -42.71 -0.32
N ARG C 345 -6.24 -41.98 0.40
CA ARG C 345 -5.96 -41.67 1.80
C ARG C 345 -5.84 -42.94 2.63
N ARG C 346 -6.82 -43.84 2.50
CA ARG C 346 -6.74 -45.10 3.22
C ARG C 346 -5.52 -45.90 2.80
N MET C 347 -5.23 -45.93 1.50
CA MET C 347 -4.05 -46.63 1.02
C MET C 347 -2.77 -46.00 1.58
N GLY C 348 -2.74 -44.67 1.64
CA GLY C 348 -1.58 -43.99 2.20
C GLY C 348 -1.35 -44.34 3.66
N VAL C 349 -2.43 -44.32 4.46
CA VAL C 349 -2.29 -44.65 5.88
C VAL C 349 -1.87 -46.11 6.04
N GLU C 350 -2.45 -47.01 5.24
CA GLU C 350 -2.07 -48.41 5.33
C GLU C 350 -0.59 -48.59 4.98
N MET C 351 -0.11 -47.89 3.95
CA MET C 351 1.30 -47.99 3.60
C MET C 351 2.19 -47.43 4.69
N THR C 352 1.78 -46.32 5.32
CA THR C 352 2.56 -45.76 6.40
C THR C 352 2.67 -46.75 7.56
N LEU C 353 1.55 -47.37 7.94
CA LEU C 353 1.58 -48.33 9.03
C LEU C 353 2.40 -49.56 8.66
N LEU C 354 2.29 -50.02 7.41
CA LEU C 354 3.10 -51.15 6.97
C LEU C 354 4.59 -50.83 7.02
N ARG C 355 4.97 -49.61 6.61
CA ARG C 355 6.37 -49.20 6.71
C ARG C 355 6.82 -49.17 8.16
N ALA C 356 5.96 -48.66 9.04
CA ALA C 356 6.31 -48.64 10.46
C ALA C 356 6.52 -50.05 10.99
N LEU C 357 5.65 -50.99 10.61
CA LEU C 357 5.79 -52.36 11.09
C LEU C 357 7.04 -53.03 10.50
N ALA C 358 7.36 -52.74 9.24
CA ALA C 358 8.48 -53.40 8.59
C ALA C 358 9.80 -53.08 9.30
N PHE C 359 9.99 -51.83 9.70
CA PHE C 359 11.19 -51.39 10.40
C PHE C 359 11.01 -51.41 11.91
N HIS C 360 10.20 -52.32 12.44
CA HIS C 360 9.96 -52.36 13.88
C HIS C 360 11.27 -52.68 14.60
N PRO C 361 11.65 -51.90 15.61
CA PRO C 361 12.96 -52.14 16.25
C PRO C 361 13.09 -53.51 16.89
N ARG C 362 12.01 -54.07 17.42
CA ARG C 362 12.09 -55.33 18.17
C ARG C 362 11.91 -56.54 17.27
N MET C 363 10.75 -56.64 16.62
CA MET C 363 10.40 -57.80 15.79
C MET C 363 9.99 -57.34 14.40
N PRO C 364 10.95 -57.15 13.50
CA PRO C 364 10.59 -56.84 12.11
C PRO C 364 9.86 -58.01 11.46
N LEU C 365 9.11 -57.68 10.41
CA LEU C 365 8.39 -58.71 9.68
C LEU C 365 9.37 -59.71 9.08
N PRO C 366 8.97 -60.97 8.93
CA PRO C 366 9.92 -61.98 8.43
C PRO C 366 10.41 -61.64 7.03
N GLU C 367 11.70 -61.93 6.79
CA GLU C 367 12.31 -61.65 5.50
C GLU C 367 12.21 -62.87 4.59
N PRO C 368 12.20 -62.67 3.27
CA PRO C 368 12.13 -63.82 2.37
C PRO C 368 13.40 -64.67 2.44
N GLU C 369 13.24 -65.96 2.18
CA GLU C 369 14.35 -66.89 2.20
C GLU C 369 14.29 -67.83 0.99
N TYR D 3 -27.46 -22.80 -24.44
CA TYR D 3 -27.08 -23.97 -23.66
C TYR D 3 -26.21 -23.58 -22.48
N GLN D 4 -26.56 -24.09 -21.30
CA GLN D 4 -25.80 -23.89 -20.07
C GLN D 4 -25.16 -25.21 -19.65
N VAL D 5 -23.90 -25.15 -19.25
CA VAL D 5 -23.20 -26.36 -18.84
C VAL D 5 -23.93 -27.00 -17.65
N LEU D 6 -23.68 -28.30 -17.45
CA LEU D 6 -24.36 -29.03 -16.40
C LEU D 6 -24.05 -28.46 -15.02
N ALA D 7 -22.79 -28.10 -14.78
CA ALA D 7 -22.42 -27.51 -13.50
C ALA D 7 -23.08 -26.16 -13.27
N ARG D 8 -23.58 -25.52 -14.33
CA ARG D 8 -24.25 -24.23 -14.22
C ARG D 8 -25.76 -24.34 -14.36
N LYS D 9 -26.27 -25.47 -14.81
CA LYS D 9 -27.71 -25.68 -14.97
C LYS D 9 -28.34 -26.43 -13.81
N TRP D 10 -27.61 -27.35 -13.19
CA TRP D 10 -28.13 -28.19 -12.10
C TRP D 10 -27.71 -27.67 -10.73
N ARG D 11 -27.59 -26.36 -10.58
CA ARG D 11 -27.25 -25.80 -9.28
C ARG D 11 -28.40 -26.08 -8.30
N PRO D 12 -28.13 -26.54 -7.07
CA PRO D 12 -29.22 -26.81 -6.14
C PRO D 12 -30.05 -25.56 -5.87
N GLN D 13 -31.37 -25.75 -5.76
CA GLN D 13 -32.29 -24.68 -5.46
C GLN D 13 -33.00 -24.84 -4.12
N THR D 14 -32.83 -25.98 -3.45
CA THR D 14 -33.41 -26.20 -2.14
C THR D 14 -32.51 -27.16 -1.36
N PHE D 15 -32.68 -27.16 -0.04
CA PHE D 15 -31.89 -28.07 0.79
C PHE D 15 -32.11 -29.53 0.42
N ALA D 16 -33.27 -29.86 -0.14
CA ALA D 16 -33.52 -31.23 -0.57
C ALA D 16 -32.65 -31.65 -1.74
N ASP D 17 -32.11 -30.68 -2.50
CA ASP D 17 -31.29 -30.96 -3.66
C ASP D 17 -29.80 -30.97 -3.36
N VAL D 18 -29.41 -30.79 -2.10
CA VAL D 18 -28.01 -30.76 -1.71
C VAL D 18 -27.54 -32.18 -1.46
N VAL D 19 -26.43 -32.56 -2.08
CA VAL D 19 -25.87 -33.90 -1.95
C VAL D 19 -24.87 -33.87 -0.80
N GLY D 20 -25.14 -34.68 0.22
CA GLY D 20 -24.24 -34.72 1.37
C GLY D 20 -24.36 -33.48 2.23
N GLN D 21 -23.30 -33.25 3.01
CA GLN D 21 -23.24 -32.10 3.92
C GLN D 21 -24.44 -32.09 4.88
N GLU D 22 -24.78 -33.27 5.39
CA GLU D 22 -25.96 -33.38 6.24
C GLU D 22 -25.82 -32.56 7.52
N HIS D 23 -24.63 -32.57 8.13
CA HIS D 23 -24.46 -31.89 9.41
C HIS D 23 -24.68 -30.39 9.27
N VAL D 24 -24.15 -29.77 8.22
CA VAL D 24 -24.31 -28.33 8.04
C VAL D 24 -25.77 -27.98 7.84
N LEU D 25 -26.46 -28.75 6.98
CA LEU D 25 -27.88 -28.48 6.73
C LEU D 25 -28.70 -28.64 8.00
N THR D 26 -28.41 -29.69 8.77
CA THR D 26 -29.15 -29.90 10.03
C THR D 26 -28.90 -28.75 11.00
N ALA D 27 -27.65 -28.31 11.11
CA ALA D 27 -27.35 -27.20 12.01
C ALA D 27 -28.07 -25.92 11.58
N LEU D 28 -28.06 -25.63 10.28
CA LEU D 28 -28.74 -24.44 9.79
C LEU D 28 -30.24 -24.53 10.05
N ALA D 29 -30.84 -25.70 9.79
CA ALA D 29 -32.27 -25.86 10.01
C ALA D 29 -32.61 -25.68 11.49
N ASN D 30 -31.82 -26.27 12.38
CA ASN D 30 -32.07 -26.10 13.80
C ASN D 30 -31.94 -24.65 14.23
N GLY D 31 -30.91 -23.96 13.74
CA GLY D 31 -30.74 -22.56 14.09
C GLY D 31 -31.90 -21.70 13.62
N LEU D 32 -32.35 -21.92 12.39
CA LEU D 32 -33.48 -21.14 11.88
C LEU D 32 -34.75 -21.46 12.64
N SER D 33 -34.98 -22.73 12.98
CA SER D 33 -36.21 -23.11 13.68
C SER D 33 -36.23 -22.57 15.10
N LEU D 34 -35.10 -22.59 15.79
CA LEU D 34 -35.02 -22.14 17.17
C LEU D 34 -34.84 -20.63 17.29
N GLY D 35 -34.75 -19.90 16.18
CA GLY D 35 -34.56 -18.47 16.25
C GLY D 35 -33.24 -18.05 16.86
N ARG D 36 -32.16 -18.74 16.53
CA ARG D 36 -30.82 -18.43 17.02
C ARG D 36 -29.90 -18.06 15.87
N ILE D 37 -30.37 -17.18 14.99
CA ILE D 37 -29.61 -16.80 13.81
C ILE D 37 -28.39 -15.99 14.23
N HIS D 38 -27.23 -16.36 13.71
CA HIS D 38 -26.01 -15.61 13.93
C HIS D 38 -25.80 -14.60 12.81
N HIS D 39 -24.93 -13.63 13.07
CA HIS D 39 -24.69 -12.53 12.13
C HIS D 39 -23.44 -12.74 11.28
N ALA D 40 -22.81 -13.90 11.37
CA ALA D 40 -21.57 -14.15 10.62
C ALA D 40 -21.40 -15.65 10.42
N TYR D 41 -21.41 -16.08 9.17
CA TYR D 41 -21.24 -17.49 8.81
C TYR D 41 -20.08 -17.61 7.83
N LEU D 42 -19.19 -18.56 8.08
CA LEU D 42 -18.01 -18.80 7.26
C LEU D 42 -18.02 -20.27 6.84
N PHE D 43 -18.27 -20.51 5.56
CA PHE D 43 -18.28 -21.86 5.01
C PHE D 43 -16.91 -22.16 4.42
N SER D 44 -16.19 -23.10 5.02
CA SER D 44 -14.86 -23.47 4.58
C SER D 44 -14.88 -24.90 4.07
N GLY D 45 -14.30 -25.13 2.90
CA GLY D 45 -14.27 -26.46 2.32
C GLY D 45 -13.36 -26.51 1.12
N THR D 46 -13.29 -27.70 0.52
CA THR D 46 -12.45 -27.92 -0.65
C THR D 46 -13.14 -27.34 -1.88
N ARG D 47 -12.58 -27.63 -3.06
CA ARG D 47 -13.13 -27.09 -4.29
C ARG D 47 -14.42 -27.81 -4.66
N GLY D 48 -15.44 -27.04 -5.02
CA GLY D 48 -16.69 -27.59 -5.50
C GLY D 48 -17.40 -28.50 -4.53
N VAL D 49 -17.85 -27.95 -3.39
CA VAL D 49 -18.61 -28.71 -2.41
C VAL D 49 -19.87 -27.95 -2.01
N GLY D 50 -20.26 -26.97 -2.83
CA GLY D 50 -21.52 -26.28 -2.62
C GLY D 50 -21.49 -25.15 -1.62
N LYS D 51 -20.33 -24.55 -1.36
CA LYS D 51 -20.27 -23.41 -0.43
C LYS D 51 -21.16 -22.27 -0.92
N THR D 52 -20.97 -21.85 -2.17
CA THR D 52 -21.78 -20.77 -2.72
C THR D 52 -23.25 -21.14 -2.77
N SER D 53 -23.54 -22.38 -3.16
CA SER D 53 -24.93 -22.82 -3.23
C SER D 53 -25.59 -22.79 -1.86
N ILE D 54 -24.88 -23.29 -0.85
CA ILE D 54 -25.44 -23.28 0.51
C ILE D 54 -25.66 -21.85 0.99
N ALA D 55 -24.69 -20.97 0.71
CA ALA D 55 -24.86 -19.58 1.12
C ALA D 55 -26.07 -18.94 0.44
N ARG D 56 -26.25 -19.19 -0.85
CA ARG D 56 -27.40 -18.61 -1.55
C ARG D 56 -28.71 -19.17 -1.02
N LEU D 57 -28.76 -20.48 -0.73
CA LEU D 57 -29.98 -21.05 -0.17
C LEU D 57 -30.28 -20.46 1.21
N LEU D 58 -29.24 -20.25 2.02
CA LEU D 58 -29.44 -19.64 3.32
C LEU D 58 -29.97 -18.22 3.17
N ALA D 59 -29.44 -17.47 2.21
CA ALA D 59 -29.96 -16.13 1.96
C ALA D 59 -31.42 -16.16 1.54
N LYS D 60 -31.78 -17.10 0.66
CA LYS D 60 -33.17 -17.24 0.24
C LYS D 60 -34.07 -17.53 1.44
N GLY D 61 -33.63 -18.45 2.31
CA GLY D 61 -34.41 -18.76 3.49
C GLY D 61 -34.57 -17.56 4.41
N LEU D 62 -33.50 -16.78 4.58
CA LEU D 62 -33.58 -15.62 5.46
C LEU D 62 -34.48 -14.54 4.89
N ASN D 63 -34.51 -14.37 3.57
CA ASN D 63 -35.25 -13.29 2.93
C ASN D 63 -36.45 -13.81 2.13
N CYS D 64 -37.19 -14.77 2.68
CA CYS D 64 -38.38 -15.29 2.04
C CYS D 64 -39.61 -14.53 2.54
N GLU D 65 -40.57 -14.33 1.63
CA GLU D 65 -41.77 -13.56 1.98
C GLU D 65 -42.58 -14.25 3.06
N THR D 66 -42.72 -15.57 2.99
CA THR D 66 -43.52 -16.29 3.96
C THR D 66 -42.98 -16.11 5.38
N GLY D 67 -41.67 -16.18 5.53
CA GLY D 67 -41.05 -15.99 6.83
C GLY D 67 -39.68 -16.63 6.86
N ILE D 68 -39.04 -16.50 8.02
CA ILE D 68 -37.73 -17.10 8.24
C ILE D 68 -37.94 -18.61 8.37
N THR D 69 -37.59 -19.36 7.33
CA THR D 69 -37.81 -20.79 7.29
C THR D 69 -36.59 -21.48 6.71
N ALA D 70 -36.39 -22.74 7.10
CA ALA D 70 -35.32 -23.56 6.56
C ALA D 70 -35.69 -24.23 5.24
N THR D 71 -36.92 -24.05 4.76
CA THR D 71 -37.39 -24.62 3.51
C THR D 71 -38.00 -23.51 2.67
N PRO D 72 -37.18 -22.71 2.00
CA PRO D 72 -37.73 -21.60 1.21
C PRO D 72 -38.68 -22.09 0.13
N CYS D 73 -39.74 -21.32 -0.10
CA CYS D 73 -40.76 -21.73 -1.07
C CYS D 73 -40.18 -21.85 -2.47
N GLY D 74 -39.35 -20.89 -2.87
CA GLY D 74 -38.82 -20.86 -4.22
C GLY D 74 -39.74 -20.29 -5.26
N VAL D 75 -40.92 -19.79 -4.87
CA VAL D 75 -41.88 -19.24 -5.81
C VAL D 75 -42.21 -17.77 -5.53
N CYS D 76 -42.04 -17.28 -4.30
CA CYS D 76 -42.34 -15.90 -4.02
C CYS D 76 -41.37 -14.98 -4.75
N ASP D 77 -41.73 -13.70 -4.84
CA ASP D 77 -40.94 -12.76 -5.63
C ASP D 77 -39.51 -12.67 -5.12
N ASN D 78 -39.32 -12.68 -3.81
CA ASN D 78 -37.97 -12.60 -3.25
C ASN D 78 -37.11 -13.77 -3.71
N CYS D 79 -37.66 -14.99 -3.63
CA CYS D 79 -36.91 -16.17 -4.05
C CYS D 79 -36.58 -16.11 -5.54
N ARG D 80 -37.54 -15.71 -6.36
CA ARG D 80 -37.29 -15.63 -7.81
C ARG D 80 -36.21 -14.60 -8.11
N GLU D 81 -36.28 -13.43 -7.48
CA GLU D 81 -35.28 -12.40 -7.73
C GLU D 81 -33.90 -12.84 -7.27
N ILE D 82 -33.82 -13.52 -6.11
CA ILE D 82 -32.54 -14.02 -5.63
C ILE D 82 -31.98 -15.04 -6.61
N GLU D 83 -32.83 -15.94 -7.10
CA GLU D 83 -32.35 -16.93 -8.08
C GLU D 83 -31.87 -16.26 -9.35
N GLN D 84 -32.60 -15.25 -9.84
CA GLN D 84 -32.17 -14.54 -11.04
C GLN D 84 -30.90 -13.75 -10.78
N GLY D 85 -30.75 -13.22 -9.57
CA GLY D 85 -29.56 -12.47 -9.21
C GLY D 85 -29.71 -10.96 -9.23
N ARG D 86 -30.93 -10.44 -9.29
CA ARG D 86 -31.19 -9.01 -9.33
C ARG D 86 -32.00 -8.57 -8.11
N PHE D 87 -31.66 -9.12 -6.94
CA PHE D 87 -32.29 -8.76 -5.69
C PHE D 87 -31.45 -7.69 -5.01
N VAL D 88 -32.07 -6.55 -4.69
CA VAL D 88 -31.31 -5.39 -4.24
C VAL D 88 -30.65 -5.67 -2.90
N ASP D 89 -31.40 -6.23 -1.95
CA ASP D 89 -30.90 -6.38 -0.59
C ASP D 89 -29.84 -7.46 -0.46
N LEU D 90 -29.62 -8.28 -1.48
CA LEU D 90 -28.57 -9.28 -1.48
C LEU D 90 -27.40 -8.72 -2.29
N ILE D 91 -26.32 -8.37 -1.60
CA ILE D 91 -25.13 -7.79 -2.23
C ILE D 91 -24.04 -8.85 -2.21
N GLU D 92 -23.61 -9.27 -3.40
CA GLU D 92 -22.62 -10.33 -3.55
C GLU D 92 -21.29 -9.70 -3.95
N ILE D 93 -20.33 -9.75 -3.03
CA ILE D 93 -18.99 -9.21 -3.29
C ILE D 93 -18.13 -10.30 -3.90
N ASP D 94 -17.11 -9.89 -4.64
CA ASP D 94 -16.18 -10.81 -5.28
C ASP D 94 -14.95 -11.10 -4.42
N ALA D 95 -14.42 -10.08 -3.73
CA ALA D 95 -13.27 -10.24 -2.85
C ALA D 95 -12.00 -10.62 -3.62
N ALA D 96 -12.08 -10.62 -4.95
CA ALA D 96 -10.92 -10.86 -5.81
C ALA D 96 -10.73 -9.77 -6.84
N SER D 97 -11.82 -9.23 -7.39
CA SER D 97 -11.76 -8.05 -8.23
C SER D 97 -11.91 -6.76 -7.44
N ARG D 98 -12.30 -6.84 -6.17
CA ARG D 98 -12.46 -5.68 -5.30
C ARG D 98 -11.73 -5.99 -4.00
N THR D 99 -10.43 -5.69 -3.98
CA THR D 99 -9.57 -5.98 -2.82
C THR D 99 -9.10 -4.74 -2.09
N LYS D 100 -9.15 -3.57 -2.71
CA LYS D 100 -8.58 -2.37 -2.12
C LYS D 100 -9.40 -1.92 -0.90
N VAL D 101 -8.76 -1.15 -0.03
CA VAL D 101 -9.41 -0.75 1.21
C VAL D 101 -10.58 0.19 0.94
N GLU D 102 -10.51 0.97 -0.13
CA GLU D 102 -11.58 1.94 -0.39
C GLU D 102 -12.92 1.25 -0.59
N ASP D 103 -12.93 0.13 -1.32
CA ASP D 103 -14.18 -0.59 -1.55
C ASP D 103 -14.78 -1.06 -0.23
N THR D 104 -13.96 -1.68 0.63
CA THR D 104 -14.46 -2.16 1.91
C THR D 104 -14.95 -1.00 2.77
N ARG D 105 -14.21 0.10 2.79
CA ARG D 105 -14.58 1.23 3.63
C ARG D 105 -15.91 1.83 3.18
N ASP D 106 -16.11 2.00 1.87
CA ASP D 106 -17.36 2.56 1.41
C ASP D 106 -18.52 1.58 1.61
N LEU D 107 -18.25 0.27 1.51
CA LEU D 107 -19.30 -0.70 1.81
C LEU D 107 -19.71 -0.63 3.27
N LEU D 108 -18.72 -0.51 4.17
CA LEU D 108 -19.02 -0.44 5.60
C LEU D 108 -19.70 0.87 6.00
N ASP D 109 -19.71 1.87 5.13
CA ASP D 109 -20.43 3.11 5.40
C ASP D 109 -21.89 3.07 4.96
N ASN D 110 -22.31 1.98 4.32
CA ASN D 110 -23.69 1.81 3.87
C ASN D 110 -24.44 0.77 4.68
N VAL D 111 -23.98 0.50 5.91
CA VAL D 111 -24.56 -0.55 6.75
C VAL D 111 -25.66 0.00 7.66
N GLN D 112 -25.89 1.31 7.64
CA GLN D 112 -26.88 1.93 8.51
C GLN D 112 -28.27 1.99 7.89
N TYR D 113 -28.36 2.14 6.57
CA TYR D 113 -29.65 2.26 5.92
C TYR D 113 -30.42 0.93 5.99
N ALA D 114 -31.73 1.04 6.17
CA ALA D 114 -32.57 -0.14 6.27
C ALA D 114 -32.69 -0.83 4.92
N PRO D 115 -33.04 -2.12 4.90
CA PRO D 115 -33.19 -2.83 3.63
C PRO D 115 -34.27 -2.19 2.77
N ALA D 116 -34.03 -2.18 1.46
CA ALA D 116 -34.99 -1.56 0.54
C ALA D 116 -36.30 -2.34 0.51
N ARG D 117 -36.22 -3.66 0.31
CA ARG D 117 -37.41 -4.50 0.17
C ARG D 117 -37.50 -5.59 1.22
N GLY D 118 -36.42 -6.34 1.44
CA GLY D 118 -36.45 -7.46 2.35
C GLY D 118 -36.34 -7.02 3.80
N ARG D 119 -36.12 -8.00 4.68
CA ARG D 119 -35.99 -7.75 6.10
C ARG D 119 -34.55 -7.79 6.59
N PHE D 120 -33.66 -8.48 5.88
CA PHE D 120 -32.25 -8.54 6.21
C PHE D 120 -31.43 -8.09 5.02
N LYS D 121 -30.34 -7.39 5.29
CA LYS D 121 -29.38 -6.98 4.27
C LYS D 121 -28.24 -7.99 4.29
N VAL D 122 -28.13 -8.79 3.24
CA VAL D 122 -27.24 -9.95 3.21
C VAL D 122 -26.04 -9.61 2.34
N TYR D 123 -24.86 -9.52 2.96
CA TYR D 123 -23.59 -9.35 2.27
C TYR D 123 -22.96 -10.73 2.11
N LEU D 124 -22.93 -11.23 0.88
CA LEU D 124 -22.34 -12.53 0.57
C LEU D 124 -20.96 -12.29 -0.01
N ILE D 125 -19.93 -12.54 0.79
CA ILE D 125 -18.55 -12.34 0.38
C ILE D 125 -17.98 -13.69 -0.02
N ASP D 126 -17.70 -13.86 -1.30
CA ASP D 126 -17.14 -15.09 -1.83
C ASP D 126 -15.66 -14.91 -2.11
N GLU D 127 -14.88 -15.97 -1.86
CA GLU D 127 -13.43 -15.92 -2.02
C GLU D 127 -12.82 -14.83 -1.14
N VAL D 128 -13.26 -14.80 0.12
CA VAL D 128 -12.83 -13.76 1.05
C VAL D 128 -11.35 -13.85 1.39
N HIS D 129 -10.68 -14.95 1.04
CA HIS D 129 -9.27 -15.11 1.36
C HIS D 129 -8.36 -14.25 0.50
N MET D 130 -8.89 -13.50 -0.45
CA MET D 130 -8.10 -12.65 -1.35
C MET D 130 -8.29 -11.17 -1.01
N LEU D 131 -8.38 -10.85 0.28
CA LEU D 131 -8.49 -9.48 0.75
C LEU D 131 -7.23 -9.09 1.50
N SER D 132 -6.84 -7.82 1.38
CA SER D 132 -5.64 -7.34 2.05
C SER D 132 -5.88 -7.25 3.56
N ARG D 133 -4.78 -7.08 4.30
CA ARG D 133 -4.87 -7.00 5.76
C ARG D 133 -5.75 -5.82 6.19
N HIS D 134 -5.61 -4.69 5.51
CA HIS D 134 -6.39 -3.52 5.88
C HIS D 134 -7.89 -3.79 5.74
N SER D 135 -8.28 -4.51 4.69
CA SER D 135 -9.69 -4.84 4.51
C SER D 135 -10.20 -5.69 5.66
N PHE D 136 -9.44 -6.70 6.07
CA PHE D 136 -9.85 -7.53 7.20
C PHE D 136 -9.97 -6.70 8.47
N ASN D 137 -8.99 -5.84 8.74
CA ASN D 137 -9.02 -5.04 9.95
C ASN D 137 -10.22 -4.09 9.95
N ALA D 138 -10.53 -3.49 8.79
CA ALA D 138 -11.72 -2.65 8.69
C ALA D 138 -12.98 -3.47 8.94
N LEU D 139 -13.02 -4.70 8.42
CA LEU D 139 -14.20 -5.54 8.60
C LEU D 139 -14.42 -5.88 10.07
N LEU D 140 -13.33 -6.14 10.80
CA LEU D 140 -13.40 -6.74 12.14
C LEU D 140 -14.52 -6.17 13.02
N LYS D 141 -14.48 -4.88 13.31
CA LYS D 141 -15.41 -4.33 14.30
C LYS D 141 -16.85 -4.40 13.81
N THR D 142 -17.09 -4.14 12.52
CA THR D 142 -18.43 -4.28 11.99
C THR D 142 -18.92 -5.71 12.10
N LEU D 143 -18.05 -6.68 11.83
CA LEU D 143 -18.43 -8.08 11.98
C LEU D 143 -18.75 -8.40 13.44
N GLU D 144 -18.03 -7.78 14.37
CA GLU D 144 -18.23 -8.09 15.79
C GLU D 144 -19.64 -7.74 16.24
N GLU D 145 -20.07 -6.50 16.00
CA GLU D 145 -21.35 -6.00 16.49
C GLU D 145 -22.05 -5.23 15.38
N PRO D 146 -22.53 -5.92 14.35
CA PRO D 146 -23.27 -5.26 13.28
C PRO D 146 -24.68 -4.93 13.71
N PRO D 147 -25.39 -4.09 12.95
CA PRO D 147 -26.78 -3.80 13.28
C PRO D 147 -27.67 -5.01 13.07
N GLU D 148 -28.89 -4.92 13.60
CA GLU D 148 -29.79 -6.07 13.60
C GLU D 148 -30.15 -6.52 12.19
N HIS D 149 -30.40 -5.56 11.30
CA HIS D 149 -30.92 -5.86 9.97
C HIS D 149 -29.84 -6.22 8.96
N VAL D 150 -28.66 -6.65 9.39
CA VAL D 150 -27.55 -6.95 8.50
C VAL D 150 -26.97 -8.30 8.87
N LYS D 151 -26.71 -9.13 7.86
CA LYS D 151 -26.12 -10.45 8.04
C LYS D 151 -24.95 -10.61 7.09
N PHE D 152 -23.87 -11.22 7.58
CA PHE D 152 -22.65 -11.44 6.80
C PHE D 152 -22.50 -12.93 6.52
N LEU D 153 -22.27 -13.27 5.25
CA LEU D 153 -22.00 -14.63 4.82
C LEU D 153 -20.66 -14.68 4.12
N LEU D 154 -19.79 -15.59 4.56
CA LEU D 154 -18.44 -15.71 4.04
C LEU D 154 -18.23 -17.12 3.48
N ALA D 155 -17.55 -17.20 2.35
CA ALA D 155 -17.24 -18.48 1.71
C ALA D 155 -15.81 -18.44 1.22
N THR D 156 -14.99 -19.36 1.71
CA THR D 156 -13.58 -19.43 1.34
C THR D 156 -13.17 -20.89 1.17
N THR D 157 -12.18 -21.10 0.30
CA THR D 157 -11.58 -22.42 0.09
C THR D 157 -10.22 -22.55 0.77
N ASP D 158 -9.80 -21.54 1.54
CA ASP D 158 -8.48 -21.52 2.16
C ASP D 158 -8.59 -20.80 3.51
N PRO D 159 -9.23 -21.43 4.50
CA PRO D 159 -9.47 -20.73 5.77
C PRO D 159 -8.22 -20.35 6.53
N GLN D 160 -7.08 -20.98 6.26
CA GLN D 160 -5.87 -20.72 7.04
C GLN D 160 -5.17 -19.44 6.62
N LYS D 161 -5.61 -18.78 5.55
CA LYS D 161 -5.03 -17.52 5.13
C LYS D 161 -5.69 -16.31 5.77
N LEU D 162 -6.79 -16.51 6.53
CA LEU D 162 -7.49 -15.40 7.14
C LEU D 162 -6.89 -15.05 8.50
N PRO D 163 -7.03 -13.82 8.97
CA PRO D 163 -6.60 -13.49 10.33
C PRO D 163 -7.37 -14.30 11.35
N VAL D 164 -6.70 -14.59 12.47
CA VAL D 164 -7.32 -15.40 13.51
C VAL D 164 -8.56 -14.71 14.07
N THR D 165 -8.51 -13.38 14.18
CA THR D 165 -9.65 -12.63 14.72
C THR D 165 -10.88 -12.79 13.81
N ILE D 166 -10.67 -12.75 12.50
CA ILE D 166 -11.80 -12.93 11.57
C ILE D 166 -12.44 -14.29 11.78
N LEU D 167 -11.62 -15.34 11.93
CA LEU D 167 -12.16 -16.66 12.20
C LEU D 167 -12.92 -16.70 13.53
N SER D 168 -12.38 -16.01 14.54
CA SER D 168 -13.01 -16.02 15.86
C SER D 168 -14.33 -15.25 15.88
N ARG D 169 -14.52 -14.31 14.95
CA ARG D 169 -15.73 -13.50 14.91
C ARG D 169 -16.86 -14.14 14.13
N CYS D 170 -16.66 -15.33 13.57
CA CYS D 170 -17.63 -15.95 12.68
C CYS D 170 -17.95 -17.38 13.13
N LEU D 171 -19.12 -17.85 12.73
CA LEU D 171 -19.52 -19.23 12.94
C LEU D 171 -19.02 -20.08 11.79
N GLN D 172 -18.14 -21.03 12.09
CA GLN D 172 -17.45 -21.80 11.05
C GLN D 172 -18.20 -23.09 10.75
N PHE D 173 -18.42 -23.35 9.46
CA PHE D 173 -18.97 -24.61 8.98
C PHE D 173 -17.99 -25.24 8.02
N HIS D 174 -17.47 -26.42 8.37
CA HIS D 174 -16.47 -27.10 7.58
C HIS D 174 -17.15 -28.18 6.74
N LEU D 175 -17.21 -27.96 5.43
CA LEU D 175 -17.77 -28.95 4.53
C LEU D 175 -16.81 -30.11 4.33
N LYS D 176 -17.37 -31.25 3.95
CA LYS D 176 -16.63 -32.48 3.73
C LYS D 176 -16.66 -32.86 2.26
N ALA D 177 -15.57 -33.45 1.80
CA ALA D 177 -15.50 -33.90 0.41
C ALA D 177 -16.48 -35.04 0.16
N LEU D 178 -17.17 -34.98 -0.97
CA LEU D 178 -18.15 -35.99 -1.30
C LEU D 178 -17.47 -37.32 -1.62
N ASP D 179 -18.10 -38.41 -1.21
CA ASP D 179 -17.56 -39.74 -1.46
C ASP D 179 -17.89 -40.19 -2.89
N VAL D 180 -17.32 -41.33 -3.27
CA VAL D 180 -17.50 -41.83 -4.63
C VAL D 180 -18.95 -42.19 -4.89
N GLU D 181 -19.60 -42.85 -3.93
CA GLU D 181 -20.96 -43.31 -4.16
C GLU D 181 -21.92 -42.15 -4.36
N GLN D 182 -21.78 -41.09 -3.56
CA GLN D 182 -22.66 -39.94 -3.71
C GLN D 182 -22.49 -39.28 -5.07
N ILE D 183 -21.24 -39.12 -5.51
CA ILE D 183 -20.99 -38.52 -6.82
C ILE D 183 -21.57 -39.38 -7.93
N ARG D 184 -21.40 -40.69 -7.83
CA ARG D 184 -21.94 -41.59 -8.85
C ARG D 184 -23.46 -41.50 -8.89
N HIS D 185 -24.11 -41.48 -7.73
CA HIS D 185 -25.56 -41.39 -7.69
C HIS D 185 -26.04 -40.07 -8.28
N GLN D 186 -25.37 -38.97 -7.94
CA GLN D 186 -25.77 -37.68 -8.49
C GLN D 186 -25.61 -37.65 -10.00
N LEU D 187 -24.49 -38.19 -10.51
CA LEU D 187 -24.29 -38.25 -11.95
C LEU D 187 -25.37 -39.08 -12.62
N GLU D 188 -25.70 -40.23 -12.04
CA GLU D 188 -26.75 -41.07 -12.62
C GLU D 188 -28.09 -40.34 -12.65
N HIS D 189 -28.42 -39.65 -11.57
CA HIS D 189 -29.69 -38.91 -11.53
C HIS D 189 -29.70 -37.81 -12.58
N ILE D 190 -28.61 -37.07 -12.70
CA ILE D 190 -28.55 -35.98 -13.67
C ILE D 190 -28.69 -36.53 -15.09
N LEU D 191 -27.97 -37.61 -15.39
CA LEU D 191 -28.06 -38.18 -16.73
C LEU D 191 -29.45 -38.72 -17.02
N ASN D 192 -30.08 -39.36 -16.04
CA ASN D 192 -31.45 -39.82 -16.23
C ASN D 192 -32.39 -38.66 -16.52
N GLU D 193 -32.24 -37.56 -15.79
CA GLU D 193 -33.08 -36.38 -16.04
C GLU D 193 -32.82 -35.82 -17.43
N GLU D 194 -31.57 -35.80 -17.87
CA GLU D 194 -31.20 -35.25 -19.16
C GLU D 194 -31.42 -36.22 -20.31
N HIS D 195 -31.80 -37.47 -20.04
CA HIS D 195 -32.04 -38.48 -21.07
C HIS D 195 -30.77 -38.71 -21.90
N ILE D 196 -29.73 -39.18 -21.23
CA ILE D 196 -28.44 -39.47 -21.86
C ILE D 196 -28.05 -40.90 -21.47
N ALA D 197 -27.65 -41.69 -22.46
CA ALA D 197 -27.24 -43.06 -22.22
C ALA D 197 -25.95 -43.10 -21.39
N HIS D 198 -25.82 -44.14 -20.57
CA HIS D 198 -24.67 -44.27 -19.70
C HIS D 198 -24.52 -45.73 -19.31
N GLU D 199 -23.34 -46.06 -18.78
CA GLU D 199 -23.02 -47.40 -18.31
C GLU D 199 -22.46 -47.32 -16.91
N PRO D 200 -22.67 -48.36 -16.09
CA PRO D 200 -22.16 -48.29 -14.70
C PRO D 200 -20.65 -48.09 -14.62
N ARG D 201 -19.88 -48.73 -15.50
CA ARG D 201 -18.44 -48.59 -15.44
C ARG D 201 -18.01 -47.16 -15.72
N ALA D 202 -18.63 -46.51 -16.70
CA ALA D 202 -18.28 -45.13 -17.02
C ALA D 202 -18.54 -44.21 -15.83
N LEU D 203 -19.70 -44.36 -15.19
CA LEU D 203 -20.01 -43.53 -14.04
C LEU D 203 -19.05 -43.81 -12.89
N GLN D 204 -18.72 -45.08 -12.66
CA GLN D 204 -17.78 -45.41 -11.59
C GLN D 204 -16.41 -44.77 -11.85
N LEU D 205 -15.93 -44.86 -13.09
CA LEU D 205 -14.64 -44.26 -13.43
C LEU D 205 -14.68 -42.75 -13.26
N LEU D 206 -15.75 -42.11 -13.71
CA LEU D 206 -15.86 -40.66 -13.57
C LEU D 206 -15.88 -40.25 -12.10
N ALA D 207 -16.64 -40.98 -11.28
CA ALA D 207 -16.70 -40.67 -9.86
C ALA D 207 -15.34 -40.84 -9.21
N ARG D 208 -14.61 -41.91 -9.56
CA ARG D 208 -13.29 -42.12 -8.99
C ARG D 208 -12.33 -41.02 -9.41
N ALA D 209 -12.41 -40.59 -10.67
CA ALA D 209 -11.52 -39.54 -11.16
C ALA D 209 -11.91 -38.15 -10.65
N ALA D 210 -13.15 -37.98 -10.16
CA ALA D 210 -13.58 -36.67 -9.68
C ALA D 210 -12.76 -36.21 -8.48
N GLU D 211 -12.21 -37.15 -7.70
CA GLU D 211 -11.41 -36.83 -6.54
C GLU D 211 -12.20 -36.01 -5.51
N GLY D 212 -13.48 -36.36 -5.35
CA GLY D 212 -14.30 -35.76 -4.32
C GLY D 212 -14.89 -34.41 -4.63
N SER D 213 -14.74 -33.92 -5.86
CA SER D 213 -15.30 -32.64 -6.28
C SER D 213 -16.39 -32.88 -7.32
N LEU D 214 -17.58 -32.33 -7.07
CA LEU D 214 -18.70 -32.58 -7.97
C LEU D 214 -18.58 -31.76 -9.24
N ARG D 215 -18.04 -30.54 -9.16
CA ARG D 215 -17.85 -29.75 -10.37
C ARG D 215 -16.89 -30.44 -11.33
N ASP D 216 -15.83 -31.04 -10.79
CA ASP D 216 -14.92 -31.80 -11.64
C ASP D 216 -15.62 -32.98 -12.29
N ALA D 217 -16.48 -33.67 -11.54
CA ALA D 217 -17.24 -34.78 -12.10
C ALA D 217 -18.12 -34.32 -13.24
N LEU D 218 -18.81 -33.19 -13.06
CA LEU D 218 -19.68 -32.67 -14.12
C LEU D 218 -18.87 -32.23 -15.32
N SER D 219 -17.70 -31.63 -15.10
CA SER D 219 -16.84 -31.23 -16.21
C SER D 219 -16.38 -32.46 -17.00
N LEU D 220 -15.98 -33.52 -16.31
CA LEU D 220 -15.57 -34.74 -17.00
C LEU D 220 -16.75 -35.35 -17.75
N THR D 221 -17.94 -35.32 -17.16
CA THR D 221 -19.11 -35.82 -17.85
C THR D 221 -19.39 -35.02 -19.12
N ASP D 222 -19.24 -33.70 -19.05
CA ASP D 222 -19.43 -32.88 -20.24
C ASP D 222 -18.38 -33.20 -21.30
N GLN D 223 -17.13 -33.42 -20.88
CA GLN D 223 -16.10 -33.83 -21.83
C GLN D 223 -16.48 -35.13 -22.52
N ALA D 224 -16.95 -36.11 -21.74
CA ALA D 224 -17.33 -37.39 -22.32
C ALA D 224 -18.50 -37.22 -23.30
N ILE D 225 -19.48 -36.40 -22.92
CA ILE D 225 -20.63 -36.17 -23.79
C ILE D 225 -20.18 -35.54 -25.10
N ALA D 226 -19.33 -34.52 -25.02
CA ALA D 226 -18.87 -33.85 -26.22
C ALA D 226 -18.06 -34.79 -27.11
N SER D 227 -17.16 -35.58 -26.51
CA SER D 227 -16.31 -36.49 -27.26
C SER D 227 -16.93 -37.87 -27.44
N GLY D 228 -18.04 -38.16 -26.78
CA GLY D 228 -18.65 -39.47 -26.85
C GLY D 228 -19.86 -39.52 -27.75
N ASP D 229 -20.02 -38.51 -28.61
CA ASP D 229 -21.18 -38.44 -29.52
C ASP D 229 -22.48 -38.53 -28.75
N GLY D 230 -22.57 -37.78 -27.65
CA GLY D 230 -23.77 -37.79 -26.83
C GLY D 230 -24.05 -39.11 -26.16
N GLN D 231 -23.00 -39.82 -25.74
CA GLN D 231 -23.17 -41.10 -25.05
C GLN D 231 -22.00 -41.30 -24.10
N VAL D 232 -22.31 -41.54 -22.83
CA VAL D 232 -21.28 -41.76 -21.81
C VAL D 232 -21.00 -43.26 -21.81
N SER D 233 -20.10 -43.68 -22.69
CA SER D 233 -19.72 -45.08 -22.83
C SER D 233 -18.41 -45.34 -22.08
N THR D 234 -18.21 -46.61 -21.71
CA THR D 234 -17.00 -46.97 -20.98
C THR D 234 -15.75 -46.72 -21.81
N GLN D 235 -15.80 -47.05 -23.10
CA GLN D 235 -14.63 -46.87 -23.96
C GLN D 235 -14.23 -45.40 -24.04
N ALA D 236 -15.20 -44.51 -24.20
CA ALA D 236 -14.88 -43.09 -24.31
C ALA D 236 -14.26 -42.56 -23.02
N VAL D 237 -14.83 -42.93 -21.87
CA VAL D 237 -14.29 -42.46 -20.60
C VAL D 237 -12.88 -43.00 -20.38
N SER D 238 -12.67 -44.29 -20.70
CA SER D 238 -11.33 -44.86 -20.54
C SER D 238 -10.33 -44.16 -21.45
N ALA D 239 -10.72 -43.87 -22.68
CA ALA D 239 -9.83 -43.17 -23.60
C ALA D 239 -9.49 -41.78 -23.08
N MET D 240 -10.50 -41.04 -22.58
CA MET D 240 -10.24 -39.71 -22.06
C MET D 240 -9.31 -39.75 -20.86
N LEU D 241 -9.56 -40.67 -19.94
CA LEU D 241 -8.79 -40.75 -18.70
C LEU D 241 -7.54 -41.60 -18.83
N GLY D 242 -7.30 -42.22 -19.98
CA GLY D 242 -6.13 -43.06 -20.17
C GLY D 242 -6.08 -44.20 -19.16
N THR D 243 -7.13 -45.00 -19.11
CA THR D 243 -7.27 -46.06 -18.13
C THR D 243 -6.45 -47.27 -18.57
N LEU D 244 -5.42 -47.60 -17.80
CA LEU D 244 -4.64 -48.80 -18.08
C LEU D 244 -5.52 -50.04 -17.92
N ASP D 245 -5.43 -50.94 -18.89
CA ASP D 245 -6.21 -52.17 -18.89
C ASP D 245 -5.36 -53.43 -18.94
N ASP D 246 -4.29 -53.43 -19.74
CA ASP D 246 -3.43 -54.60 -19.85
C ASP D 246 -2.43 -54.64 -18.70
N ASP D 247 -1.45 -55.55 -18.76
CA ASP D 247 -0.52 -55.77 -17.66
C ASP D 247 0.78 -54.98 -17.83
N GLN D 248 0.70 -53.77 -18.39
CA GLN D 248 1.89 -52.94 -18.51
C GLN D 248 2.46 -52.59 -17.14
N ALA D 249 1.59 -52.24 -16.19
CA ALA D 249 2.06 -51.87 -14.86
C ALA D 249 2.76 -53.04 -14.18
N LEU D 250 2.14 -54.23 -14.24
CA LEU D 250 2.73 -55.40 -13.61
C LEU D 250 4.05 -55.77 -14.27
N SER D 251 4.10 -55.72 -15.60
CA SER D 251 5.34 -56.03 -16.31
C SER D 251 6.45 -55.06 -15.93
N LEU D 252 6.13 -53.76 -15.87
CA LEU D 252 7.13 -52.78 -15.48
C LEU D 252 7.60 -53.01 -14.05
N VAL D 253 6.67 -53.33 -13.14
CA VAL D 253 7.07 -53.58 -11.76
C VAL D 253 7.99 -54.78 -11.68
N GLU D 254 7.66 -55.86 -12.40
CA GLU D 254 8.50 -57.04 -12.38
C GLU D 254 9.88 -56.75 -12.95
N ALA D 255 9.95 -56.01 -14.06
CA ALA D 255 11.23 -55.67 -14.65
C ALA D 255 12.06 -54.80 -13.70
N MET D 256 11.41 -53.84 -13.04
CA MET D 256 12.10 -52.98 -12.09
C MET D 256 12.66 -53.78 -10.93
N VAL D 257 11.87 -54.72 -10.40
CA VAL D 257 12.34 -55.56 -9.31
C VAL D 257 13.51 -56.42 -9.76
N GLU D 258 13.41 -57.00 -10.96
CA GLU D 258 14.49 -57.81 -11.50
C GLU D 258 15.71 -57.00 -11.91
N ALA D 259 15.60 -55.67 -11.92
CA ALA D 259 16.71 -54.79 -12.27
C ALA D 259 17.16 -54.99 -13.72
N ASN D 260 16.24 -55.39 -14.59
CA ASN D 260 16.51 -55.57 -16.01
C ASN D 260 16.22 -54.26 -16.72
N GLY D 261 17.23 -53.38 -16.77
CA GLY D 261 17.02 -52.07 -17.34
C GLY D 261 16.61 -52.11 -18.80
N GLU D 262 17.17 -53.06 -19.56
CA GLU D 262 16.86 -53.15 -20.98
C GLU D 262 15.35 -53.32 -21.20
N ARG D 263 14.74 -54.27 -20.48
CA ARG D 263 13.32 -54.52 -20.65
C ARG D 263 12.50 -53.33 -20.16
N VAL D 264 12.93 -52.68 -19.09
CA VAL D 264 12.22 -51.51 -18.59
C VAL D 264 12.19 -50.42 -19.65
N MET D 265 13.34 -50.13 -20.26
CA MET D 265 13.39 -49.09 -21.28
C MET D 265 12.59 -49.49 -22.52
N ALA D 266 12.64 -50.77 -22.90
CA ALA D 266 11.85 -51.23 -24.04
C ALA D 266 10.36 -51.04 -23.78
N LEU D 267 9.90 -51.39 -22.58
CA LEU D 267 8.50 -51.20 -22.23
C LEU D 267 8.13 -49.73 -22.21
N ILE D 268 9.02 -48.88 -21.70
CA ILE D 268 8.76 -47.44 -21.69
C ILE D 268 8.59 -46.93 -23.11
N ASN D 269 9.49 -47.34 -24.01
CA ASN D 269 9.40 -46.91 -25.41
C ASN D 269 8.12 -47.40 -26.05
N GLU D 270 7.74 -48.65 -25.80
CA GLU D 270 6.51 -49.18 -26.38
C GLU D 270 5.30 -48.41 -25.86
N ALA D 271 5.26 -48.12 -24.56
CA ALA D 271 4.15 -47.37 -24.01
C ALA D 271 4.08 -45.97 -24.59
N ALA D 272 5.23 -45.32 -24.73
CA ALA D 272 5.26 -43.98 -25.34
C ALA D 272 4.74 -44.04 -26.77
N ALA D 273 5.14 -45.06 -27.53
CA ALA D 273 4.64 -45.20 -28.89
C ALA D 273 3.12 -45.39 -28.90
N ARG D 274 2.60 -46.22 -28.00
CA ARG D 274 1.15 -46.38 -27.90
C ARG D 274 0.48 -45.08 -27.46
N GLY D 275 1.04 -44.41 -26.45
CA GLY D 275 0.45 -43.20 -25.92
C GLY D 275 -0.34 -43.48 -24.67
N ILE D 276 0.23 -43.18 -23.50
CA ILE D 276 -0.38 -43.48 -22.21
C ILE D 276 -0.13 -42.31 -21.26
N GLU D 277 -1.09 -42.07 -20.38
CA GLU D 277 -0.94 -41.06 -19.34
C GLU D 277 0.03 -41.58 -18.29
N TRP D 278 1.13 -40.86 -18.09
CA TRP D 278 2.18 -41.34 -17.20
C TRP D 278 1.71 -41.37 -15.75
N GLU D 279 0.94 -40.36 -15.33
CA GLU D 279 0.48 -40.33 -13.95
C GLU D 279 -0.40 -41.52 -13.63
N ALA D 280 -1.25 -41.93 -14.57
CA ALA D 280 -2.08 -43.11 -14.37
C ALA D 280 -1.21 -44.35 -14.21
N LEU D 281 -0.16 -44.47 -15.01
CA LEU D 281 0.75 -45.61 -14.89
C LEU D 281 1.42 -45.63 -13.52
N LEU D 282 1.89 -44.46 -13.06
CA LEU D 282 2.51 -44.41 -11.74
C LEU D 282 1.52 -44.78 -10.64
N VAL D 283 0.28 -44.31 -10.75
CA VAL D 283 -0.73 -44.63 -9.75
C VAL D 283 -1.00 -46.14 -9.74
N GLU D 284 -1.08 -46.75 -10.92
CA GLU D 284 -1.30 -48.19 -10.99
C GLU D 284 -0.14 -48.95 -10.36
N MET D 285 1.10 -48.51 -10.64
CA MET D 285 2.25 -49.17 -10.03
C MET D 285 2.23 -49.04 -8.51
N LEU D 286 1.87 -47.85 -8.00
CA LEU D 286 1.76 -47.67 -6.56
C LEU D 286 0.70 -48.59 -5.97
N GLY D 287 -0.43 -48.71 -6.65
CA GLY D 287 -1.48 -49.61 -6.17
C GLY D 287 -1.02 -51.05 -6.14
N LEU D 288 -0.30 -51.49 -7.18
CA LEU D 288 0.22 -52.85 -7.19
C LEU D 288 1.20 -53.08 -6.06
N LEU D 289 2.08 -52.11 -5.81
CA LEU D 289 3.03 -52.25 -4.71
C LEU D 289 2.31 -52.33 -3.37
N HIS D 290 1.28 -51.51 -3.19
CA HIS D 290 0.51 -51.58 -1.94
C HIS D 290 -0.17 -52.93 -1.80
N ARG D 291 -0.71 -53.47 -2.90
CA ARG D 291 -1.34 -54.77 -2.83
C ARG D 291 -0.33 -55.85 -2.47
N ILE D 292 0.88 -55.79 -3.03
CA ILE D 292 1.90 -56.77 -2.69
C ILE D 292 2.27 -56.66 -1.22
N ALA D 293 2.40 -55.45 -0.71
CA ALA D 293 2.71 -55.27 0.72
C ALA D 293 1.59 -55.85 1.59
N MET D 294 0.34 -55.60 1.21
CA MET D 294 -0.78 -56.15 1.96
C MET D 294 -0.76 -57.67 1.94
N VAL D 295 -0.48 -58.27 0.78
CA VAL D 295 -0.40 -59.72 0.69
C VAL D 295 0.71 -60.24 1.60
N GLN D 296 1.85 -59.56 1.63
CA GLN D 296 2.92 -59.95 2.54
C GLN D 296 2.45 -59.89 3.99
N LEU D 297 1.66 -58.86 4.33
CA LEU D 297 1.14 -58.78 5.68
C LEU D 297 0.23 -59.96 6.00
N SER D 298 -0.64 -60.33 5.06
CA SER D 298 -1.55 -61.45 5.25
C SER D 298 -1.81 -62.09 3.89
N PRO D 299 -1.74 -63.42 3.77
CA PRO D 299 -1.92 -64.05 2.45
C PRO D 299 -3.30 -63.83 1.85
N ALA D 300 -4.31 -63.54 2.66
CA ALA D 300 -5.68 -63.38 2.18
C ALA D 300 -6.01 -61.96 1.74
N ALA D 301 -5.04 -61.05 1.79
CA ALA D 301 -5.32 -59.66 1.42
C ALA D 301 -5.64 -59.53 -0.06
N LEU D 302 -5.04 -60.38 -0.89
CA LEU D 302 -5.23 -60.31 -2.33
C LEU D 302 -6.71 -60.44 -2.69
N GLY D 303 -7.27 -59.37 -3.27
CA GLY D 303 -8.66 -59.40 -3.67
C GLY D 303 -8.90 -60.20 -4.93
N ASN D 304 -10.13 -60.71 -5.06
CA ASN D 304 -10.46 -61.53 -6.22
C ASN D 304 -10.38 -60.75 -7.52
N ASP D 305 -10.55 -59.44 -7.46
CA ASP D 305 -10.58 -58.62 -8.68
C ASP D 305 -9.34 -58.86 -9.52
N MET D 306 -8.17 -58.91 -8.90
CA MET D 306 -6.92 -59.18 -9.60
C MET D 306 -6.57 -60.66 -9.56
N ALA D 307 -7.55 -61.51 -9.92
CA ALA D 307 -7.30 -62.94 -9.96
C ALA D 307 -6.41 -63.34 -11.12
N ALA D 308 -6.61 -62.70 -12.28
CA ALA D 308 -5.90 -63.12 -13.49
C ALA D 308 -4.39 -63.09 -13.32
N ILE D 309 -3.89 -62.22 -12.44
CA ILE D 309 -2.46 -62.11 -12.17
C ILE D 309 -2.09 -62.56 -10.77
N GLU D 310 -3.07 -63.04 -9.99
CA GLU D 310 -2.85 -63.40 -8.59
C GLU D 310 -1.55 -64.17 -8.39
N LEU D 311 -1.41 -65.31 -9.07
CA LEU D 311 -0.20 -66.12 -9.00
C LEU D 311 1.05 -65.25 -9.09
N ARG D 312 1.18 -64.52 -10.19
CA ARG D 312 2.36 -63.67 -10.38
C ARG D 312 2.56 -62.75 -9.18
N MET D 313 1.49 -62.08 -8.75
CA MET D 313 1.59 -61.19 -7.60
C MET D 313 2.17 -61.92 -6.40
N ARG D 314 1.62 -63.11 -6.10
CA ARG D 314 2.10 -63.86 -4.95
C ARG D 314 3.60 -64.13 -5.05
N GLU D 315 4.08 -64.43 -6.27
CA GLU D 315 5.50 -64.68 -6.45
C GLU D 315 6.32 -63.51 -5.92
N LEU D 316 5.93 -62.29 -6.27
CA LEU D 316 6.64 -61.12 -5.77
C LEU D 316 6.59 -61.08 -4.25
N ALA D 317 5.42 -61.37 -3.67
CA ALA D 317 5.30 -61.36 -2.22
C ALA D 317 6.24 -62.36 -1.56
N ARG D 318 6.69 -63.37 -2.31
CA ARG D 318 7.60 -64.39 -1.78
C ARG D 318 9.07 -64.09 -2.05
N THR D 319 9.37 -62.99 -2.73
CA THR D 319 10.75 -62.69 -3.11
C THR D 319 11.23 -61.32 -2.65
N ILE D 320 10.38 -60.31 -2.71
CA ILE D 320 10.77 -58.94 -2.41
C ILE D 320 10.66 -58.72 -0.90
N PRO D 321 11.72 -58.32 -0.21
CA PRO D 321 11.58 -57.99 1.20
C PRO D 321 10.66 -56.80 1.37
N PRO D 322 9.92 -56.72 2.49
CA PRO D 322 9.00 -55.59 2.68
C PRO D 322 9.68 -54.24 2.65
N THR D 323 10.89 -54.13 3.18
CA THR D 323 11.59 -52.86 3.19
C THR D 323 11.87 -52.38 1.77
N ASP D 324 12.27 -53.31 0.88
CA ASP D 324 12.48 -52.95 -0.51
C ASP D 324 11.18 -52.47 -1.16
N ILE D 325 10.06 -53.11 -0.81
CA ILE D 325 8.77 -52.68 -1.36
C ILE D 325 8.46 -51.27 -0.91
N GLN D 326 8.70 -50.96 0.38
CA GLN D 326 8.46 -49.61 0.87
C GLN D 326 9.36 -48.61 0.15
N LEU D 327 10.62 -48.98 -0.08
CA LEU D 327 11.55 -48.08 -0.75
C LEU D 327 11.09 -47.80 -2.18
N TYR D 328 10.68 -48.84 -2.91
CA TYR D 328 10.18 -48.64 -4.27
C TYR D 328 8.93 -47.79 -4.27
N TYR D 329 8.02 -48.02 -3.32
CA TYR D 329 6.80 -47.23 -3.24
C TYR D 329 7.11 -45.76 -3.02
N GLN D 330 8.03 -45.46 -2.10
CA GLN D 330 8.37 -44.07 -1.84
C GLN D 330 9.07 -43.44 -3.04
N THR D 331 9.92 -44.21 -3.72
CA THR D 331 10.59 -43.67 -4.91
C THR D 331 9.56 -43.32 -5.99
N LEU D 332 8.60 -44.20 -6.22
CA LEU D 332 7.56 -43.90 -7.21
C LEU D 332 6.71 -42.72 -6.78
N LEU D 333 6.42 -42.61 -5.49
CA LEU D 333 5.64 -41.46 -5.00
C LEU D 333 6.39 -40.16 -5.26
N ILE D 334 7.69 -40.14 -4.95
CA ILE D 334 8.49 -38.94 -5.19
C ILE D 334 8.53 -38.61 -6.67
N GLY D 335 8.70 -39.63 -7.52
CA GLY D 335 8.67 -39.40 -8.95
C GLY D 335 7.35 -38.79 -9.41
N ARG D 336 6.24 -39.27 -8.85
CA ARG D 336 4.94 -38.70 -9.18
C ARG D 336 4.86 -37.24 -8.75
N LYS D 337 5.38 -36.93 -7.55
CA LYS D 337 5.31 -35.56 -7.06
C LYS D 337 6.05 -34.60 -7.97
N GLU D 338 7.24 -35.00 -8.43
CA GLU D 338 8.10 -34.14 -9.23
C GLU D 338 7.82 -34.25 -10.73
N LEU D 339 6.87 -35.08 -11.14
CA LEU D 339 6.61 -35.24 -12.57
C LEU D 339 6.21 -33.93 -13.24
N PRO D 340 5.32 -33.10 -12.68
CA PRO D 340 5.02 -31.82 -13.33
C PRO D 340 6.23 -30.93 -13.52
N TYR D 341 7.14 -30.91 -12.56
CA TYR D 341 8.31 -30.02 -12.61
C TYR D 341 9.51 -30.76 -13.19
N ALA D 342 9.37 -31.15 -14.45
CA ALA D 342 10.43 -31.82 -15.19
C ALA D 342 10.45 -31.29 -16.61
N PRO D 343 11.58 -31.40 -17.31
CA PRO D 343 11.59 -30.95 -18.71
C PRO D 343 10.56 -31.65 -19.57
N ASP D 344 10.32 -32.93 -19.31
CA ASP D 344 9.30 -33.69 -20.03
C ASP D 344 8.77 -34.77 -19.11
N ARG D 345 7.50 -35.13 -19.33
CA ARG D 345 6.89 -36.17 -18.50
C ARG D 345 7.59 -37.50 -18.69
N ARG D 346 7.90 -37.85 -19.96
CA ARG D 346 8.64 -39.08 -20.22
C ARG D 346 10.01 -39.05 -19.58
N MET D 347 10.69 -37.90 -19.62
CA MET D 347 11.99 -37.80 -18.97
C MET D 347 11.87 -38.01 -17.47
N GLY D 348 10.84 -37.44 -16.84
CA GLY D 348 10.66 -37.66 -15.42
C GLY D 348 10.39 -39.11 -15.09
N VAL D 349 9.55 -39.78 -15.89
CA VAL D 349 9.28 -41.20 -15.67
C VAL D 349 10.56 -42.01 -15.80
N GLU D 350 11.34 -41.73 -16.85
CA GLU D 350 12.59 -42.47 -17.05
C GLU D 350 13.56 -42.24 -15.90
N MET D 351 13.67 -41.00 -15.43
CA MET D 351 14.57 -40.72 -14.31
C MET D 351 14.13 -41.46 -13.06
N THR D 352 12.82 -41.45 -12.78
CA THR D 352 12.32 -42.16 -11.60
C THR D 352 12.61 -43.66 -11.70
N LEU D 353 12.36 -44.24 -12.87
CA LEU D 353 12.57 -45.69 -13.02
C LEU D 353 14.05 -46.04 -12.97
N LEU D 354 14.92 -45.18 -13.51
CA LEU D 354 16.36 -45.43 -13.39
C LEU D 354 16.80 -45.35 -11.94
N ARG D 355 16.29 -44.37 -11.19
CA ARG D 355 16.63 -44.29 -9.78
C ARG D 355 16.17 -45.55 -9.04
N ALA D 356 14.96 -46.03 -9.37
CA ALA D 356 14.47 -47.25 -8.74
C ALA D 356 15.34 -48.44 -9.09
N LEU D 357 15.79 -48.53 -10.35
CA LEU D 357 16.68 -49.61 -10.75
C LEU D 357 17.99 -49.56 -9.98
N ALA D 358 18.53 -48.35 -9.79
CA ALA D 358 19.78 -48.19 -9.04
C ALA D 358 19.62 -48.44 -7.55
N PHE D 359 18.39 -48.59 -7.05
CA PHE D 359 18.15 -48.78 -5.62
C PHE D 359 18.38 -50.21 -5.16
N HIS D 360 18.70 -51.13 -6.06
CA HIS D 360 18.84 -52.54 -5.72
C HIS D 360 19.78 -52.71 -4.54
N PRO D 361 19.29 -53.08 -3.36
CA PRO D 361 20.19 -53.27 -2.21
C PRO D 361 20.88 -54.62 -2.17
N ARG D 362 20.47 -55.56 -3.02
CA ARG D 362 21.00 -56.92 -2.98
C ARG D 362 22.11 -57.10 -4.01
N MET E 1 2.16 -17.75 -36.40
CA MET E 1 0.89 -18.51 -36.49
C MET E 1 0.80 -19.25 -37.82
N ARG E 2 1.01 -20.56 -37.78
CA ARG E 2 0.98 -21.41 -38.96
C ARG E 2 -0.02 -22.54 -38.75
N TRP E 3 -0.77 -22.85 -39.80
CA TRP E 3 -1.80 -23.90 -39.74
C TRP E 3 -1.16 -25.21 -40.17
N TYR E 4 -0.77 -26.02 -39.19
CA TYR E 4 -0.17 -27.31 -39.48
C TYR E 4 -1.26 -28.30 -39.91
N PRO E 5 -0.95 -29.22 -40.83
CA PRO E 5 -2.00 -30.16 -41.28
C PRO E 5 -2.61 -30.99 -40.18
N TRP E 6 -1.80 -31.44 -39.21
CA TRP E 6 -2.30 -32.38 -38.21
C TRP E 6 -3.33 -31.76 -37.27
N LEU E 7 -3.58 -30.46 -37.37
CA LEU E 7 -4.63 -29.82 -36.60
C LEU E 7 -6.00 -29.94 -37.23
N ARG E 8 -6.09 -30.47 -38.46
CA ARG E 8 -7.39 -30.55 -39.13
C ARG E 8 -8.39 -31.40 -38.36
N PRO E 9 -8.04 -32.61 -37.87
CA PRO E 9 -9.06 -33.44 -37.20
C PRO E 9 -9.68 -32.77 -35.99
N ASP E 10 -8.84 -32.37 -35.03
CA ASP E 10 -9.34 -31.81 -33.78
C ASP E 10 -10.31 -30.66 -34.03
N PHE E 11 -9.93 -29.75 -34.92
CA PHE E 11 -10.82 -28.63 -35.27
C PHE E 11 -12.20 -29.14 -35.66
N GLU E 12 -12.25 -30.12 -36.57
CA GLU E 12 -13.54 -30.62 -37.04
C GLU E 12 -14.42 -31.09 -35.90
N LYS E 13 -13.81 -31.56 -34.81
CA LYS E 13 -14.58 -31.90 -33.63
C LYS E 13 -15.13 -30.65 -32.95
N LEU E 14 -14.23 -29.76 -32.52
CA LEU E 14 -14.64 -28.67 -31.65
C LEU E 14 -15.70 -27.80 -32.31
N VAL E 15 -15.44 -27.35 -33.54
CA VAL E 15 -16.39 -26.49 -34.23
C VAL E 15 -17.76 -27.13 -34.28
N ALA E 16 -17.80 -28.46 -34.46
CA ALA E 16 -19.08 -29.15 -34.54
C ALA E 16 -19.94 -28.84 -33.33
N SER E 17 -19.35 -28.90 -32.13
CA SER E 17 -20.11 -28.59 -30.93
C SER E 17 -20.66 -27.17 -31.00
N TYR E 18 -19.82 -26.21 -31.40
CA TYR E 18 -20.28 -24.83 -31.50
C TYR E 18 -21.33 -24.67 -32.59
N GLN E 19 -21.40 -25.60 -33.54
CA GLN E 19 -22.48 -25.54 -34.54
C GLN E 19 -23.81 -25.98 -33.94
N ALA E 20 -23.78 -26.85 -32.93
CA ALA E 20 -24.99 -27.36 -32.31
C ALA E 20 -25.42 -26.55 -31.10
N GLY E 21 -24.73 -25.46 -30.79
CA GLY E 21 -25.06 -24.69 -29.60
C GLY E 21 -24.86 -25.48 -28.33
N ARG E 22 -23.78 -26.26 -28.26
CA ARG E 22 -23.48 -27.08 -27.09
C ARG E 22 -22.03 -26.91 -26.65
N GLY E 23 -21.39 -25.82 -27.04
CA GLY E 23 -19.99 -25.60 -26.71
C GLY E 23 -19.82 -25.06 -25.29
N HIS E 24 -18.78 -25.54 -24.63
CA HIS E 24 -18.46 -25.07 -23.29
C HIS E 24 -18.01 -23.61 -23.34
N HIS E 25 -18.26 -22.89 -22.26
CA HIS E 25 -17.90 -21.48 -22.19
C HIS E 25 -16.45 -21.25 -21.80
N ALA E 26 -15.69 -22.31 -21.52
CA ALA E 26 -14.28 -22.18 -21.17
C ALA E 26 -13.56 -23.43 -21.66
N LEU E 27 -12.68 -23.26 -22.64
CA LEU E 27 -11.94 -24.35 -23.25
C LEU E 27 -10.46 -24.21 -22.92
N LEU E 28 -9.87 -25.27 -22.38
CA LEU E 28 -8.45 -25.31 -22.03
C LEU E 28 -7.78 -26.35 -22.93
N ILE E 29 -6.90 -25.88 -23.81
CA ILE E 29 -6.21 -26.73 -24.77
C ILE E 29 -4.81 -27.01 -24.24
N GLN E 30 -4.48 -28.28 -24.10
CA GLN E 30 -3.15 -28.71 -23.66
C GLN E 30 -2.35 -29.13 -24.89
N ALA E 31 -1.18 -28.52 -25.08
CA ALA E 31 -0.34 -28.85 -26.22
C ALA E 31 1.08 -28.38 -25.94
N LEU E 32 2.05 -29.15 -26.43
CA LEU E 32 3.44 -28.77 -26.31
C LEU E 32 3.73 -27.55 -27.18
N PRO E 33 4.78 -26.79 -26.86
CA PRO E 33 5.12 -25.64 -27.71
C PRO E 33 5.43 -26.07 -29.13
N GLY E 34 4.99 -25.25 -30.08
CA GLY E 34 5.15 -25.56 -31.49
C GLY E 34 4.09 -26.47 -32.06
N MET E 35 3.09 -26.86 -31.28
CA MET E 35 2.02 -27.73 -31.78
C MET E 35 0.95 -26.96 -32.56
N GLY E 36 0.94 -25.63 -32.51
CA GLY E 36 0.01 -24.86 -33.28
C GLY E 36 -1.36 -24.67 -32.65
N ASP E 37 -1.47 -24.81 -31.33
CA ASP E 37 -2.75 -24.60 -30.66
C ASP E 37 -3.23 -23.17 -30.86
N ASP E 38 -2.31 -22.21 -30.99
CA ASP E 38 -2.72 -20.83 -31.23
C ASP E 38 -3.48 -20.70 -32.53
N ALA E 39 -3.04 -21.40 -33.58
CA ALA E 39 -3.76 -21.36 -34.84
C ALA E 39 -5.17 -21.93 -34.70
N LEU E 40 -5.31 -23.03 -33.95
CA LEU E 40 -6.62 -23.61 -33.73
C LEU E 40 -7.54 -22.64 -32.99
N ILE E 41 -7.01 -21.98 -31.95
CA ILE E 41 -7.81 -21.03 -31.19
C ILE E 41 -8.21 -19.86 -32.08
N TYR E 42 -7.28 -19.38 -32.90
CA TYR E 42 -7.59 -18.28 -33.80
C TYR E 42 -8.68 -18.67 -34.80
N ALA E 43 -8.60 -19.88 -35.35
CA ALA E 43 -9.62 -20.33 -36.28
C ALA E 43 -10.98 -20.42 -35.59
N LEU E 44 -11.02 -20.96 -34.38
CA LEU E 44 -12.29 -21.03 -33.65
C LEU E 44 -12.84 -19.64 -33.38
N SER E 45 -11.98 -18.70 -32.99
CA SER E 45 -12.44 -17.34 -32.74
C SER E 45 -12.98 -16.70 -34.01
N ARG E 46 -12.28 -16.90 -35.13
CA ARG E 46 -12.76 -16.36 -36.40
C ARG E 46 -14.12 -16.93 -36.77
N TYR E 47 -14.31 -18.24 -36.58
CA TYR E 47 -15.61 -18.82 -36.87
C TYR E 47 -16.69 -18.25 -35.96
N LEU E 48 -16.38 -18.12 -34.66
CA LEU E 48 -17.39 -17.61 -33.73
C LEU E 48 -17.79 -16.18 -34.05
N LEU E 49 -16.82 -15.32 -34.37
CA LEU E 49 -17.10 -13.92 -34.61
C LEU E 49 -17.63 -13.63 -36.00
N CYS E 50 -17.57 -14.59 -36.91
CA CYS E 50 -18.11 -14.38 -38.25
C CYS E 50 -19.63 -14.27 -38.18
N GLN E 51 -20.17 -13.35 -38.98
CA GLN E 51 -21.61 -13.09 -38.98
C GLN E 51 -22.36 -13.98 -39.97
N GLN E 52 -21.73 -14.42 -41.04
CA GLN E 52 -22.35 -15.28 -42.05
C GLN E 52 -21.41 -16.45 -42.34
N PRO E 53 -21.21 -17.34 -41.37
CA PRO E 53 -20.31 -18.48 -41.59
C PRO E 53 -20.80 -19.38 -42.71
N GLN E 54 -19.85 -19.89 -43.49
CA GLN E 54 -20.13 -20.82 -44.59
C GLN E 54 -19.72 -22.21 -44.12
N GLY E 55 -20.63 -22.90 -43.45
CA GLY E 55 -20.34 -24.21 -42.91
C GLY E 55 -19.34 -24.14 -41.78
N HIS E 56 -18.18 -24.76 -41.96
CA HIS E 56 -17.11 -24.74 -40.97
C HIS E 56 -16.06 -23.69 -41.25
N LYS E 57 -16.25 -22.85 -42.27
CA LYS E 57 -15.25 -21.87 -42.68
C LYS E 57 -15.86 -20.48 -42.65
N SER E 58 -15.08 -19.51 -42.16
CA SER E 58 -15.53 -18.13 -42.15
C SER E 58 -15.64 -17.58 -43.56
N CYS E 59 -16.67 -16.75 -43.79
CA CYS E 59 -16.88 -16.21 -45.13
C CYS E 59 -15.71 -15.35 -45.58
N GLY E 60 -15.19 -14.51 -44.68
CA GLY E 60 -14.11 -13.60 -45.01
C GLY E 60 -14.54 -12.29 -45.62
N HIS E 61 -15.86 -12.06 -45.78
CA HIS E 61 -16.36 -10.84 -46.38
C HIS E 61 -17.19 -9.98 -45.44
N CYS E 62 -17.80 -10.55 -44.41
CA CYS E 62 -18.64 -9.77 -43.52
C CYS E 62 -17.79 -8.78 -42.70
N ARG E 63 -18.49 -7.87 -42.03
CA ARG E 63 -17.80 -6.85 -41.24
C ARG E 63 -16.93 -7.48 -40.17
N GLY E 64 -17.41 -8.53 -39.51
CA GLY E 64 -16.62 -9.18 -38.49
C GLY E 64 -15.32 -9.72 -39.03
N CYS E 65 -15.37 -10.38 -40.18
CA CYS E 65 -14.15 -10.91 -40.79
C CYS E 65 -13.18 -9.80 -41.15
N GLN E 66 -13.70 -8.70 -41.72
CA GLN E 66 -12.83 -7.58 -42.08
C GLN E 66 -12.14 -7.01 -40.84
N LEU E 67 -12.90 -6.81 -39.76
CA LEU E 67 -12.31 -6.26 -38.54
C LEU E 67 -11.29 -7.22 -37.94
N MET E 68 -11.59 -8.53 -37.95
CA MET E 68 -10.63 -9.49 -37.42
C MET E 68 -9.34 -9.50 -38.24
N GLN E 69 -9.47 -9.43 -39.56
CA GLN E 69 -8.27 -9.35 -40.40
C GLN E 69 -7.48 -8.08 -40.10
N ALA E 70 -8.19 -6.96 -39.92
CA ALA E 70 -7.54 -5.71 -39.53
C ALA E 70 -7.15 -5.68 -38.06
N GLY E 71 -7.59 -6.65 -37.27
CA GLY E 71 -7.25 -6.69 -35.85
C GLY E 71 -7.82 -5.53 -35.07
N THR E 72 -9.06 -5.15 -35.35
CA THR E 72 -9.71 -4.03 -34.67
C THR E 72 -11.17 -4.35 -34.32
N HIS E 73 -11.48 -5.63 -34.10
CA HIS E 73 -12.85 -6.01 -33.78
C HIS E 73 -13.19 -5.57 -32.36
N PRO E 74 -14.24 -4.78 -32.15
CA PRO E 74 -14.53 -4.31 -30.78
C PRO E 74 -14.80 -5.42 -29.79
N ASP E 75 -15.41 -6.53 -30.23
CA ASP E 75 -15.83 -7.60 -29.34
C ASP E 75 -14.74 -8.65 -29.11
N TYR E 76 -13.55 -8.46 -29.68
CA TYR E 76 -12.45 -9.42 -29.54
C TYR E 76 -11.48 -8.90 -28.49
N TYR E 77 -11.22 -9.71 -27.47
CA TYR E 77 -10.34 -9.35 -26.37
C TYR E 77 -9.23 -10.38 -26.25
N THR E 78 -8.01 -9.90 -25.98
CA THR E 78 -6.85 -10.75 -25.83
C THR E 78 -6.08 -10.33 -24.57
N LEU E 79 -5.67 -11.32 -23.79
CA LEU E 79 -4.86 -11.10 -22.59
C LEU E 79 -3.49 -11.71 -22.82
N ALA E 80 -2.47 -10.87 -22.91
CA ALA E 80 -1.10 -11.30 -23.12
C ALA E 80 -0.18 -10.48 -22.23
N PRO E 81 0.97 -11.04 -21.85
CA PRO E 81 1.91 -10.26 -21.03
C PRO E 81 2.42 -9.04 -21.78
N GLU E 82 2.69 -7.97 -21.04
CA GLU E 82 3.15 -6.74 -21.64
C GLU E 82 4.54 -6.93 -22.26
N LYS E 83 4.89 -6.01 -23.15
CA LYS E 83 6.18 -6.08 -23.84
C LYS E 83 7.32 -6.08 -22.82
N GLY E 84 8.27 -6.98 -23.01
CA GLY E 84 9.39 -7.12 -22.07
C GLY E 84 9.09 -7.97 -20.86
N LYS E 85 7.96 -7.73 -20.21
CA LYS E 85 7.57 -8.52 -19.05
C LYS E 85 7.17 -9.93 -19.48
N ASN E 86 7.21 -10.85 -18.52
CA ASN E 86 6.89 -12.26 -18.75
C ASN E 86 5.78 -12.73 -17.80
N THR E 87 4.84 -11.84 -17.47
CA THR E 87 3.73 -12.18 -16.59
C THR E 87 2.51 -11.37 -17.00
N LEU E 88 1.34 -11.85 -16.60
CA LEU E 88 0.07 -11.18 -16.86
C LEU E 88 -0.46 -10.65 -15.55
N GLY E 89 -0.74 -9.34 -15.50
CA GLY E 89 -1.11 -8.69 -14.26
C GLY E 89 -2.59 -8.77 -13.95
N VAL E 90 -2.93 -8.32 -12.75
CA VAL E 90 -4.32 -8.31 -12.31
C VAL E 90 -5.10 -7.21 -13.02
N ASP E 91 -4.44 -6.10 -13.35
CA ASP E 91 -5.15 -4.96 -13.92
C ASP E 91 -5.81 -5.31 -15.25
N ALA E 92 -5.11 -6.04 -16.11
CA ALA E 92 -5.69 -6.44 -17.39
C ALA E 92 -6.92 -7.31 -17.20
N VAL E 93 -6.84 -8.27 -16.26
CA VAL E 93 -7.97 -9.14 -16.00
C VAL E 93 -9.16 -8.33 -15.49
N ARG E 94 -8.90 -7.40 -14.56
CA ARG E 94 -9.97 -6.57 -14.04
C ARG E 94 -10.61 -5.74 -15.15
N GLU E 95 -9.78 -5.17 -16.02
CA GLU E 95 -10.32 -4.36 -17.12
C GLU E 95 -11.19 -5.21 -18.03
N VAL E 96 -10.73 -6.40 -18.38
CA VAL E 96 -11.51 -7.26 -19.27
C VAL E 96 -12.82 -7.66 -18.61
N THR E 97 -12.78 -8.02 -17.33
CA THR E 97 -14.01 -8.41 -16.64
C THR E 97 -14.99 -7.25 -16.58
N GLU E 98 -14.50 -6.04 -16.29
CA GLU E 98 -15.39 -4.88 -16.26
C GLU E 98 -16.00 -4.62 -17.63
N LYS E 99 -15.19 -4.75 -18.69
CA LYS E 99 -15.71 -4.52 -20.03
C LYS E 99 -16.76 -5.57 -20.41
N LEU E 100 -16.58 -6.80 -19.94
CA LEU E 100 -17.50 -7.88 -20.32
C LEU E 100 -18.93 -7.63 -19.83
N ASN E 101 -19.12 -6.75 -18.84
CA ASN E 101 -20.45 -6.51 -18.30
C ASN E 101 -21.38 -5.82 -19.29
N GLU E 102 -20.86 -5.29 -20.39
CA GLU E 102 -21.65 -4.59 -21.39
C GLU E 102 -21.89 -5.47 -22.61
N HIS E 103 -22.96 -5.15 -23.33
CA HIS E 103 -23.33 -5.94 -24.50
C HIS E 103 -22.36 -5.71 -25.64
N ALA E 104 -22.30 -6.69 -26.55
CA ALA E 104 -21.43 -6.59 -27.70
C ALA E 104 -21.90 -5.50 -28.66
N ARG E 105 -20.94 -4.73 -29.17
CA ARG E 105 -21.30 -3.64 -30.08
C ARG E 105 -21.92 -4.16 -31.36
N LEU E 106 -21.39 -5.25 -31.91
CA LEU E 106 -21.87 -5.81 -33.16
C LEU E 106 -23.03 -6.78 -32.97
N GLY E 107 -23.52 -6.94 -31.74
CA GLY E 107 -24.63 -7.83 -31.49
C GLY E 107 -24.31 -9.28 -31.77
N GLY E 108 -23.12 -9.72 -31.36
CA GLY E 108 -22.71 -11.09 -31.55
C GLY E 108 -22.06 -11.67 -30.30
N ALA E 109 -21.16 -12.62 -30.49
CA ALA E 109 -20.48 -13.25 -29.37
C ALA E 109 -19.24 -12.46 -28.98
N LYS E 110 -18.79 -12.68 -27.74
CA LYS E 110 -17.60 -12.06 -27.20
C LYS E 110 -16.57 -13.15 -26.91
N VAL E 111 -15.36 -12.97 -27.41
CA VAL E 111 -14.29 -13.96 -27.31
C VAL E 111 -13.15 -13.37 -26.48
N VAL E 112 -12.72 -14.10 -25.46
CA VAL E 112 -11.59 -13.72 -24.63
C VAL E 112 -10.55 -14.81 -24.75
N TRP E 113 -9.34 -14.43 -25.17
CA TRP E 113 -8.24 -15.35 -25.39
C TRP E 113 -7.12 -15.05 -24.41
N VAL E 114 -6.69 -16.09 -23.69
CA VAL E 114 -5.52 -16.00 -22.82
C VAL E 114 -4.37 -16.72 -23.54
N THR E 115 -3.30 -15.98 -23.81
CA THR E 115 -2.20 -16.55 -24.58
C THR E 115 -1.56 -17.73 -23.86
N ASP E 116 -1.35 -17.61 -22.55
CA ASP E 116 -0.74 -18.68 -21.77
C ASP E 116 -1.23 -18.54 -20.34
N ALA E 117 -2.09 -19.47 -19.90
CA ALA E 117 -2.60 -19.43 -18.54
C ALA E 117 -1.51 -19.65 -17.51
N ALA E 118 -0.40 -20.30 -17.89
CA ALA E 118 0.68 -20.55 -16.95
C ALA E 118 1.33 -19.26 -16.46
N LEU E 119 1.27 -18.19 -17.26
CA LEU E 119 1.86 -16.92 -16.86
C LEU E 119 1.00 -16.14 -15.88
N LEU E 120 -0.25 -16.54 -15.67
CA LEU E 120 -1.12 -15.83 -14.75
C LEU E 120 -0.58 -15.91 -13.33
N THR E 121 -0.65 -14.78 -12.62
CA THR E 121 -0.32 -14.76 -11.20
C THR E 121 -1.51 -15.29 -10.40
N ASP E 122 -1.25 -15.53 -9.11
CA ASP E 122 -2.31 -16.05 -8.25
C ASP E 122 -3.49 -15.08 -8.18
N ALA E 123 -3.21 -13.79 -8.03
CA ALA E 123 -4.27 -12.80 -7.93
C ALA E 123 -5.09 -12.75 -9.22
N ALA E 124 -4.43 -12.80 -10.37
CA ALA E 124 -5.15 -12.78 -11.64
C ALA E 124 -6.07 -13.99 -11.78
N ALA E 125 -5.56 -15.18 -11.44
CA ALA E 125 -6.39 -16.37 -11.52
C ALA E 125 -7.59 -16.29 -10.58
N ASN E 126 -7.36 -15.83 -9.35
CA ASN E 126 -8.47 -15.72 -8.41
C ASN E 126 -9.50 -14.72 -8.90
N ALA E 127 -9.05 -13.61 -9.49
CA ALA E 127 -9.99 -12.64 -10.05
C ALA E 127 -10.79 -13.25 -11.19
N LEU E 128 -10.14 -14.06 -12.03
CA LEU E 128 -10.81 -14.65 -13.19
C LEU E 128 -11.74 -15.80 -12.81
N LEU E 129 -11.57 -16.38 -11.62
CA LEU E 129 -12.38 -17.52 -11.21
C LEU E 129 -13.88 -17.24 -11.36
N LYS E 130 -14.38 -16.25 -10.64
CA LYS E 130 -15.82 -16.01 -10.60
C LYS E 130 -16.36 -15.67 -11.99
N THR E 131 -15.61 -14.88 -12.75
CA THR E 131 -16.05 -14.53 -14.10
C THR E 131 -16.14 -15.78 -14.97
N LEU E 132 -15.19 -16.71 -14.84
CA LEU E 132 -15.27 -17.95 -15.60
C LEU E 132 -16.43 -18.83 -15.12
N GLU E 133 -16.78 -18.74 -13.84
CA GLU E 133 -17.84 -19.61 -13.32
C GLU E 133 -19.18 -19.32 -13.98
N GLU E 134 -19.57 -18.04 -14.03
CA GLU E 134 -20.87 -17.63 -14.55
C GLU E 134 -20.68 -16.46 -15.52
N PRO E 135 -20.11 -16.71 -16.70
CA PRO E 135 -19.91 -15.63 -17.66
C PRO E 135 -21.23 -15.16 -18.24
N PRO E 136 -21.31 -13.92 -18.73
CA PRO E 136 -22.54 -13.46 -19.37
C PRO E 136 -22.86 -14.30 -20.59
N ALA E 137 -24.05 -14.05 -21.14
CA ALA E 137 -24.50 -14.80 -22.31
C ALA E 137 -23.63 -14.50 -23.52
N GLU E 138 -23.46 -15.51 -24.38
CA GLU E 138 -22.69 -15.38 -25.60
C GLU E 138 -21.26 -14.92 -25.33
N THR E 139 -20.66 -15.46 -24.27
CA THR E 139 -19.28 -15.19 -23.91
C THR E 139 -18.50 -16.50 -23.92
N TRP E 140 -17.36 -16.51 -24.62
CA TRP E 140 -16.54 -17.70 -24.78
C TRP E 140 -15.12 -17.39 -24.34
N PHE E 141 -14.54 -18.27 -23.52
CA PHE E 141 -13.18 -18.14 -23.03
C PHE E 141 -12.32 -19.25 -23.61
N PHE E 142 -11.16 -18.89 -24.14
CA PHE E 142 -10.19 -19.84 -24.67
C PHE E 142 -8.88 -19.69 -23.91
N LEU E 143 -8.37 -20.80 -23.39
CA LEU E 143 -7.12 -20.81 -22.64
C LEU E 143 -6.18 -21.86 -23.24
N ALA E 144 -4.89 -21.60 -23.11
CA ALA E 144 -3.86 -22.51 -23.60
C ALA E 144 -2.80 -22.69 -22.54
N THR E 145 -2.27 -23.91 -22.43
CA THR E 145 -1.23 -24.21 -21.46
C THR E 145 -0.48 -25.45 -21.91
N ARG E 146 0.71 -25.64 -21.34
CA ARG E 146 1.51 -26.82 -21.62
C ARG E 146 1.25 -27.94 -20.63
N GLU E 147 1.31 -27.63 -19.33
CA GLU E 147 1.03 -28.58 -18.27
C GLU E 147 -0.14 -28.07 -17.44
N PRO E 148 -1.35 -28.62 -17.61
CA PRO E 148 -2.49 -28.13 -16.83
C PRO E 148 -2.40 -28.46 -15.34
N GLU E 149 -1.42 -29.25 -14.91
CA GLU E 149 -1.29 -29.59 -13.50
C GLU E 149 -0.78 -28.43 -12.66
N ARG E 150 -0.11 -27.45 -13.28
CA ARG E 150 0.39 -26.30 -12.53
C ARG E 150 -0.66 -25.23 -12.29
N LEU E 151 -1.71 -25.19 -13.11
CA LEU E 151 -2.75 -24.19 -12.93
C LEU E 151 -3.49 -24.42 -11.61
N LEU E 152 -4.08 -23.35 -11.09
CA LEU E 152 -4.82 -23.45 -9.84
C LEU E 152 -5.95 -24.45 -9.98
N ALA E 153 -6.15 -25.25 -8.92
CA ALA E 153 -7.13 -26.34 -8.98
C ALA E 153 -8.54 -25.81 -9.25
N THR E 154 -8.92 -24.72 -8.58
CA THR E 154 -10.24 -24.14 -8.81
C THR E 154 -10.40 -23.70 -10.26
N LEU E 155 -9.35 -23.09 -10.84
CA LEU E 155 -9.40 -22.71 -12.24
C LEU E 155 -9.52 -23.92 -13.14
N ARG E 156 -8.78 -24.99 -12.84
CA ARG E 156 -8.83 -26.20 -13.66
C ARG E 156 -10.22 -26.83 -13.63
N SER E 157 -10.86 -26.83 -12.46
CA SER E 157 -12.10 -27.58 -12.26
C SER E 157 -13.33 -26.92 -12.87
N ARG E 158 -13.16 -25.90 -13.72
CA ARG E 158 -14.30 -25.24 -14.35
C ARG E 158 -14.03 -24.95 -15.82
N CYS E 159 -13.27 -25.82 -16.49
CA CYS E 159 -12.99 -25.68 -17.91
C CYS E 159 -13.01 -27.05 -18.57
N ARG E 160 -13.41 -27.07 -19.84
CA ARG E 160 -13.39 -28.30 -20.64
C ARG E 160 -11.98 -28.49 -21.18
N LEU E 161 -11.36 -29.62 -20.84
CA LEU E 161 -9.99 -29.90 -21.25
C LEU E 161 -9.97 -30.62 -22.58
N HIS E 162 -9.06 -30.20 -23.46
CA HIS E 162 -8.85 -30.85 -24.75
C HIS E 162 -7.36 -31.04 -24.95
N TYR E 163 -6.94 -32.29 -25.11
CA TYR E 163 -5.52 -32.63 -25.21
C TYR E 163 -5.14 -32.90 -26.67
N LEU E 164 -4.02 -32.34 -27.09
CA LEU E 164 -3.46 -32.57 -28.42
C LEU E 164 -2.19 -33.39 -28.29
N ALA E 165 -1.99 -34.31 -29.23
CA ALA E 165 -0.83 -35.18 -29.24
C ALA E 165 -0.14 -35.10 -30.59
N PRO E 166 1.18 -35.27 -30.64
CA PRO E 166 1.89 -35.20 -31.92
C PRO E 166 1.65 -36.45 -32.74
N PRO E 167 1.88 -36.40 -34.05
CA PRO E 167 1.69 -37.58 -34.88
C PRO E 167 2.82 -38.58 -34.68
N PRO E 168 2.75 -39.74 -35.33
CA PRO E 168 3.84 -40.71 -35.20
C PRO E 168 5.16 -40.14 -35.71
N GLU E 169 6.25 -40.65 -35.14
CA GLU E 169 7.57 -40.13 -35.46
C GLU E 169 7.85 -40.15 -36.95
N GLN E 170 7.35 -41.17 -37.66
CA GLN E 170 7.59 -41.26 -39.10
C GLN E 170 6.98 -40.06 -39.82
N TYR E 171 5.74 -39.71 -39.48
CA TYR E 171 5.09 -38.58 -40.13
C TYR E 171 5.82 -37.28 -39.85
N ALA E 172 6.23 -37.07 -38.60
CA ALA E 172 6.96 -35.84 -38.26
C ALA E 172 8.29 -35.77 -39.00
N VAL E 173 9.00 -36.90 -39.08
CA VAL E 173 10.28 -36.93 -39.79
C VAL E 173 10.07 -36.61 -41.26
N THR E 174 9.04 -37.19 -41.87
CA THR E 174 8.75 -36.90 -43.27
C THR E 174 8.44 -35.41 -43.47
N TRP E 175 7.63 -34.84 -42.58
CA TRP E 175 7.29 -33.43 -42.69
C TRP E 175 8.54 -32.55 -42.55
N LEU E 176 9.41 -32.87 -41.59
CA LEU E 176 10.62 -32.08 -41.41
C LEU E 176 11.54 -32.20 -42.62
N SER E 177 11.66 -33.41 -43.18
CA SER E 177 12.48 -33.58 -44.39
C SER E 177 11.92 -32.76 -45.54
N ARG E 178 10.59 -32.71 -45.66
CA ARG E 178 9.98 -31.84 -46.66
C ARG E 178 10.33 -30.38 -46.41
N GLU E 179 10.30 -29.95 -45.15
CA GLU E 179 10.57 -28.56 -44.83
C GLU E 179 12.08 -28.29 -44.76
N VAL E 180 12.77 -28.96 -43.85
CA VAL E 180 14.19 -28.74 -43.63
C VAL E 180 14.99 -29.77 -44.41
N THR E 181 16.26 -29.46 -44.64
CA THR E 181 17.18 -30.32 -45.38
C THR E 181 18.38 -30.63 -44.48
N MET E 182 18.29 -31.76 -43.78
CA MET E 182 19.37 -32.20 -42.89
C MET E 182 19.41 -33.72 -42.91
N SER E 183 20.39 -34.28 -42.21
CA SER E 183 20.52 -35.72 -42.13
C SER E 183 19.39 -36.32 -41.30
N GLN E 184 19.10 -37.59 -41.57
CA GLN E 184 18.00 -38.26 -40.87
C GLN E 184 18.26 -38.31 -39.37
N ASP E 185 19.51 -38.61 -38.98
CA ASP E 185 19.83 -38.64 -37.55
C ASP E 185 19.62 -37.28 -36.90
N ALA E 186 20.01 -36.20 -37.58
CA ALA E 186 19.80 -34.87 -37.03
C ALA E 186 18.33 -34.57 -36.85
N LEU E 187 17.50 -34.91 -37.85
CA LEU E 187 16.07 -34.67 -37.74
C LEU E 187 15.47 -35.47 -36.59
N LEU E 188 15.86 -36.74 -36.46
CA LEU E 188 15.32 -37.56 -35.38
C LEU E 188 15.73 -37.03 -34.02
N ALA E 189 16.99 -36.61 -33.88
CA ALA E 189 17.45 -36.05 -32.62
C ALA E 189 16.70 -34.77 -32.28
N ALA E 190 16.50 -33.89 -33.27
CA ALA E 190 15.78 -32.67 -33.03
C ALA E 190 14.34 -32.95 -32.61
N LEU E 191 13.70 -33.91 -33.27
CA LEU E 191 12.32 -34.26 -32.92
C LEU E 191 12.24 -34.81 -31.51
N ARG E 192 13.17 -35.70 -31.14
CA ARG E 192 13.14 -36.29 -29.81
C ARG E 192 13.42 -35.24 -28.74
N LEU E 193 14.36 -34.33 -28.99
CA LEU E 193 14.60 -33.24 -28.06
C LEU E 193 13.35 -32.37 -27.88
N SER E 194 12.57 -32.25 -28.94
CA SER E 194 11.34 -31.47 -28.91
C SER E 194 10.16 -32.22 -28.31
N ALA E 195 10.40 -33.39 -27.70
CA ALA E 195 9.33 -34.20 -27.12
C ALA E 195 8.29 -34.60 -28.17
N GLY E 196 8.73 -34.77 -29.42
CA GLY E 196 7.84 -35.17 -30.48
C GLY E 196 7.08 -34.06 -31.15
N SER E 197 7.35 -32.80 -30.81
CA SER E 197 6.65 -31.68 -31.41
C SER E 197 7.34 -31.27 -32.71
N PRO E 198 6.70 -31.44 -33.87
CA PRO E 198 7.39 -31.06 -35.12
C PRO E 198 7.73 -29.58 -35.19
N GLY E 199 6.89 -28.71 -34.63
CA GLY E 199 7.13 -27.28 -34.75
C GLY E 199 8.40 -26.84 -34.05
N ALA E 200 8.67 -27.39 -32.86
CA ALA E 200 9.84 -26.96 -32.09
C ALA E 200 11.13 -27.32 -32.81
N ALA E 201 11.18 -28.49 -33.45
CA ALA E 201 12.38 -28.89 -34.19
C ALA E 201 12.65 -27.92 -35.34
N LEU E 202 11.61 -27.49 -36.04
CA LEU E 202 11.78 -26.51 -37.10
C LEU E 202 12.34 -25.21 -36.55
N ALA E 203 11.84 -24.78 -35.38
CA ALA E 203 12.37 -23.57 -34.75
C ALA E 203 13.85 -23.74 -34.39
N LEU E 204 14.22 -24.90 -33.87
CA LEU E 204 15.62 -25.15 -33.52
C LEU E 204 16.50 -25.06 -34.77
N PHE E 205 16.06 -25.68 -35.86
CA PHE E 205 16.84 -25.63 -37.10
C PHE E 205 16.93 -24.20 -37.63
N GLN E 206 15.84 -23.45 -37.57
CA GLN E 206 15.80 -22.08 -38.07
C GLN E 206 16.34 -21.15 -36.99
N GLY E 207 17.62 -20.84 -37.06
CA GLY E 207 18.28 -19.96 -36.13
C GLY E 207 19.67 -20.44 -35.82
N ASP E 208 20.22 -19.94 -34.72
CA ASP E 208 21.55 -20.30 -34.25
C ASP E 208 21.52 -21.36 -33.16
N ASN E 209 20.35 -21.94 -32.87
CA ASN E 209 20.25 -22.92 -31.80
C ASN E 209 21.10 -24.15 -32.10
N TRP E 210 21.10 -24.61 -33.35
CA TRP E 210 21.90 -25.78 -33.70
C TRP E 210 23.39 -25.51 -33.54
N GLN E 211 23.83 -24.31 -33.91
CA GLN E 211 25.23 -23.95 -33.71
C GLN E 211 25.58 -23.93 -32.23
N ALA E 212 24.69 -23.40 -31.39
CA ALA E 212 24.92 -23.41 -29.96
C ALA E 212 25.00 -24.83 -29.42
N ARG E 213 24.13 -25.72 -29.91
CA ARG E 213 24.18 -27.11 -29.49
C ARG E 213 25.50 -27.76 -29.89
N GLU E 214 25.97 -27.48 -31.10
CA GLU E 214 27.26 -28.03 -31.53
C GLU E 214 28.39 -27.51 -30.67
N THR E 215 28.37 -26.22 -30.35
CA THR E 215 29.40 -25.65 -29.48
C THR E 215 29.38 -26.30 -28.10
N LEU E 216 28.17 -26.49 -27.55
CA LEU E 216 28.05 -27.14 -26.25
C LEU E 216 28.58 -28.57 -26.30
N CYS E 217 28.28 -29.30 -27.39
CA CYS E 217 28.77 -30.66 -27.52
C CYS E 217 30.29 -30.68 -27.58
N GLN E 218 30.89 -29.77 -28.35
CA GLN E 218 32.35 -29.70 -28.41
C GLN E 218 32.95 -29.38 -27.05
N ALA E 219 32.36 -28.43 -26.33
CA ALA E 219 32.88 -28.06 -25.02
C ALA E 219 32.79 -29.24 -24.05
N LEU E 220 31.66 -29.95 -24.07
CA LEU E 220 31.50 -31.10 -23.18
C LEU E 220 32.47 -32.21 -23.55
N ALA E 221 32.70 -32.42 -24.86
CA ALA E 221 33.66 -33.43 -25.29
C ALA E 221 35.06 -33.09 -24.80
N TYR E 222 35.42 -31.80 -24.84
CA TYR E 222 36.71 -31.39 -24.29
C TYR E 222 36.77 -31.57 -22.77
N SER E 223 35.67 -31.27 -22.09
CA SER E 223 35.69 -31.23 -20.62
C SER E 223 35.69 -32.63 -20.03
N VAL E 224 34.96 -33.57 -20.64
CA VAL E 224 34.76 -34.88 -20.02
C VAL E 224 36.08 -35.61 -19.76
N PRO E 225 37.02 -35.68 -20.70
CA PRO E 225 38.28 -36.38 -20.40
C PRO E 225 39.01 -35.80 -19.20
N SER E 226 38.96 -34.49 -19.01
CA SER E 226 39.60 -33.82 -17.89
C SER E 226 38.55 -33.55 -16.81
N GLY E 227 38.96 -32.84 -15.75
CA GLY E 227 38.06 -32.47 -14.68
C GLY E 227 37.61 -31.03 -14.76
N ASP E 228 37.79 -30.40 -15.92
CA ASP E 228 37.50 -28.98 -16.11
C ASP E 228 36.11 -28.83 -16.70
N TRP E 229 35.10 -28.73 -15.83
CA TRP E 229 33.74 -28.44 -16.26
C TRP E 229 33.41 -26.96 -16.25
N TYR E 230 34.17 -26.16 -15.50
CA TYR E 230 33.90 -24.72 -15.43
C TYR E 230 33.95 -24.08 -16.81
N SER E 231 34.77 -24.63 -17.71
CA SER E 231 34.87 -24.07 -19.06
C SER E 231 33.53 -24.11 -19.80
N LEU E 232 32.58 -24.94 -19.36
CA LEU E 232 31.27 -24.97 -19.98
C LEU E 232 30.49 -23.69 -19.74
N LEU E 233 30.91 -22.85 -18.78
CA LEU E 233 30.16 -21.65 -18.45
C LEU E 233 29.93 -20.78 -19.67
N ALA E 234 30.97 -20.57 -20.48
CA ALA E 234 30.84 -19.74 -21.67
C ALA E 234 29.76 -20.28 -22.60
N ALA E 235 29.64 -21.61 -22.69
CA ALA E 235 28.63 -22.20 -23.55
C ALA E 235 27.24 -22.16 -22.95
N LEU E 236 27.12 -21.97 -21.64
CA LEU E 236 25.83 -22.00 -20.95
C LEU E 236 25.28 -20.61 -20.66
N ASN E 237 26.13 -19.66 -20.28
CA ASN E 237 25.67 -18.33 -19.92
C ASN E 237 25.07 -17.65 -21.15
N HIS E 238 23.75 -17.54 -21.19
CA HIS E 238 23.04 -16.94 -22.32
C HIS E 238 21.58 -16.85 -21.93
N GLU E 239 20.82 -16.10 -22.73
CA GLU E 239 19.39 -15.96 -22.46
C GLU E 239 18.68 -17.30 -22.53
N GLN E 240 19.02 -18.11 -23.54
CA GLN E 240 18.41 -19.43 -23.70
C GLN E 240 19.19 -20.48 -22.92
N ALA E 241 19.27 -20.26 -21.61
CA ALA E 241 19.97 -21.16 -20.72
C ALA E 241 19.15 -22.41 -20.42
N PRO E 242 17.84 -22.29 -20.18
CA PRO E 242 17.04 -23.50 -19.93
C PRO E 242 17.13 -24.53 -21.06
N ALA E 243 17.14 -24.08 -22.31
CA ALA E 243 17.24 -25.02 -23.42
C ALA E 243 18.56 -25.77 -23.40
N ARG E 244 19.66 -25.07 -23.13
CA ARG E 244 20.96 -25.73 -23.10
C ARG E 244 21.06 -26.68 -21.92
N LEU E 245 20.49 -26.28 -20.77
CA LEU E 245 20.44 -27.21 -19.63
C LEU E 245 19.64 -28.45 -19.97
N HIS E 246 18.53 -28.28 -20.70
CA HIS E 246 17.74 -29.43 -21.14
C HIS E 246 18.56 -30.32 -22.06
N TRP E 247 19.33 -29.73 -22.97
CA TRP E 247 20.17 -30.52 -23.86
C TRP E 247 21.20 -31.32 -23.06
N LEU E 248 21.83 -30.67 -22.08
CA LEU E 248 22.81 -31.39 -21.24
C LEU E 248 22.13 -32.52 -20.47
N ALA E 249 20.93 -32.27 -19.96
CA ALA E 249 20.20 -33.31 -19.24
C ALA E 249 19.88 -34.48 -20.14
N THR E 250 19.47 -34.22 -21.38
CA THR E 250 19.20 -35.30 -22.32
C THR E 250 20.48 -36.10 -22.61
N LEU E 251 21.60 -35.41 -22.76
CA LEU E 251 22.86 -36.12 -22.99
C LEU E 251 23.20 -37.02 -21.81
N LEU E 252 23.05 -36.51 -20.59
CA LEU E 252 23.34 -37.33 -19.41
C LEU E 252 22.40 -38.52 -19.32
N MET E 253 21.11 -38.31 -19.61
CA MET E 253 20.15 -39.41 -19.58
C MET E 253 20.49 -40.46 -20.62
N ASP E 254 20.90 -40.04 -21.82
CA ASP E 254 21.32 -40.99 -22.84
C ASP E 254 22.54 -41.77 -22.38
N ALA E 255 23.49 -41.09 -21.72
CA ALA E 255 24.65 -41.80 -21.18
C ALA E 255 24.23 -42.86 -20.17
N LEU E 256 23.29 -42.51 -19.28
CA LEU E 256 22.81 -43.50 -18.32
C LEU E 256 22.12 -44.67 -19.02
N LYS E 257 21.31 -44.38 -20.04
CA LYS E 257 20.64 -45.44 -20.78
C LYS E 257 21.66 -46.38 -21.42
N ARG E 258 22.70 -45.82 -22.02
CA ARG E 258 23.76 -46.66 -22.59
C ARG E 258 24.44 -47.47 -21.50
N HIS E 259 24.66 -46.87 -20.33
CA HIS E 259 25.25 -47.61 -19.22
C HIS E 259 24.40 -48.82 -18.84
N HIS E 260 23.08 -48.64 -18.85
CA HIS E 260 22.18 -49.75 -18.53
C HIS E 260 21.91 -50.65 -19.73
N GLY E 261 22.55 -50.41 -20.87
CA GLY E 261 22.39 -51.28 -22.02
C GLY E 261 21.11 -51.09 -22.78
N ALA E 262 20.46 -49.93 -22.67
CA ALA E 262 19.23 -49.67 -23.40
C ALA E 262 19.53 -49.57 -24.90
N ALA E 263 18.46 -49.39 -25.68
CA ALA E 263 18.56 -49.30 -27.14
C ALA E 263 18.27 -47.90 -27.64
N GLN E 264 17.11 -47.33 -27.29
CA GLN E 264 16.75 -46.01 -27.77
C GLN E 264 17.45 -44.93 -26.95
N VAL E 265 17.96 -43.91 -27.65
CA VAL E 265 18.65 -42.79 -27.03
C VAL E 265 18.11 -41.50 -27.65
N THR E 266 17.97 -40.46 -26.82
CA THR E 266 17.45 -39.20 -27.31
C THR E 266 18.38 -38.59 -28.36
N ASN E 267 19.68 -38.63 -28.11
CA ASN E 267 20.68 -38.09 -29.03
C ASN E 267 21.19 -39.22 -29.91
N VAL E 268 20.89 -39.15 -31.20
CA VAL E 268 21.26 -40.19 -32.16
C VAL E 268 22.27 -39.65 -33.18
N ASP E 269 22.92 -38.52 -32.88
CA ASP E 269 23.88 -37.91 -33.78
C ASP E 269 25.26 -37.72 -33.18
N VAL E 270 25.43 -37.97 -31.88
CA VAL E 270 26.73 -37.83 -31.24
C VAL E 270 27.02 -39.07 -30.41
N PRO E 271 27.12 -40.25 -31.04
CA PRO E 271 27.39 -41.47 -30.26
C PRO E 271 28.72 -41.43 -29.52
N GLY E 272 29.74 -40.80 -30.09
CA GLY E 272 31.04 -40.77 -29.43
C GLY E 272 31.00 -40.04 -28.10
N LEU E 273 30.31 -38.91 -28.05
CA LEU E 273 30.21 -38.16 -26.80
C LEU E 273 29.47 -38.96 -25.74
N VAL E 274 28.39 -39.64 -26.14
CA VAL E 274 27.65 -40.47 -25.19
C VAL E 274 28.53 -41.61 -24.67
N ALA E 275 29.29 -42.24 -25.56
CA ALA E 275 30.18 -43.31 -25.14
C ALA E 275 31.23 -42.81 -24.17
N GLU E 276 31.81 -41.64 -24.45
CA GLU E 276 32.81 -41.08 -23.54
C GLU E 276 32.20 -40.76 -22.18
N LEU E 277 30.99 -40.18 -22.18
CA LEU E 277 30.32 -39.88 -20.91
C LEU E 277 30.08 -41.15 -20.12
N ALA E 278 29.61 -42.21 -20.78
CA ALA E 278 29.36 -43.47 -20.09
C ALA E 278 30.66 -44.06 -19.54
N ASN E 279 31.74 -44.00 -20.32
CA ASN E 279 33.00 -44.61 -19.89
C ASN E 279 33.61 -43.86 -18.72
N HIS E 280 33.60 -42.53 -18.77
CA HIS E 280 34.34 -41.72 -17.81
C HIS E 280 33.54 -41.36 -16.56
N LEU E 281 32.27 -41.73 -16.48
CA LEU E 281 31.42 -41.36 -15.35
C LEU E 281 30.62 -42.56 -14.88
N SER E 282 30.49 -42.69 -13.56
CA SER E 282 29.70 -43.75 -12.96
C SER E 282 28.22 -43.40 -12.95
N PRO E 283 27.34 -44.41 -12.88
CA PRO E 283 25.91 -44.10 -12.89
C PRO E 283 25.46 -43.17 -11.78
N SER E 284 26.00 -43.33 -10.58
CA SER E 284 25.57 -42.48 -9.45
C SER E 284 25.92 -41.02 -9.70
N ARG E 285 27.13 -40.74 -10.18
CA ARG E 285 27.51 -39.37 -10.47
C ARG E 285 26.65 -38.80 -11.59
N LEU E 286 26.35 -39.61 -12.62
CA LEU E 286 25.48 -39.14 -13.68
C LEU E 286 24.10 -38.77 -13.15
N GLN E 287 23.54 -39.61 -12.28
CA GLN E 287 22.23 -39.31 -11.72
C GLN E 287 22.27 -38.03 -10.88
N ALA E 288 23.32 -37.88 -10.07
CA ALA E 288 23.41 -36.67 -9.23
C ALA E 288 23.53 -35.42 -10.09
N ILE E 289 24.35 -35.47 -11.14
CA ILE E 289 24.51 -34.31 -12.01
C ILE E 289 23.21 -34.01 -12.75
N LEU E 290 22.51 -35.05 -13.20
CA LEU E 290 21.23 -34.83 -13.87
C LEU E 290 20.23 -34.17 -12.94
N GLY E 291 20.15 -34.65 -11.69
CA GLY E 291 19.25 -34.03 -10.73
C GLY E 291 19.60 -32.57 -10.48
N ASP E 292 20.90 -32.28 -10.31
CA ASP E 292 21.31 -30.90 -10.09
C ASP E 292 20.96 -30.02 -11.28
N VAL E 293 21.19 -30.51 -12.49
CA VAL E 293 20.88 -29.71 -13.68
C VAL E 293 19.39 -29.44 -13.76
N CYS E 294 18.56 -30.46 -13.51
CA CYS E 294 17.12 -30.26 -13.56
C CYS E 294 16.67 -29.25 -12.50
N HIS E 295 17.21 -29.37 -11.28
CA HIS E 295 16.83 -28.44 -10.23
C HIS E 295 17.23 -27.01 -10.57
N ILE E 296 18.42 -26.83 -11.12
CA ILE E 296 18.87 -25.48 -11.48
C ILE E 296 18.02 -24.92 -12.60
N ARG E 297 17.67 -25.75 -13.58
CA ARG E 297 16.80 -25.28 -14.66
C ARG E 297 15.44 -24.84 -14.10
N GLU E 298 14.88 -25.63 -13.17
CA GLU E 298 13.61 -25.26 -12.57
C GLU E 298 13.72 -23.96 -11.80
N GLN E 299 14.81 -23.78 -11.05
CA GLN E 299 15.00 -22.54 -10.30
C GLN E 299 15.11 -21.35 -11.24
N LEU E 300 15.86 -21.49 -12.33
CA LEU E 300 16.00 -20.39 -13.28
C LEU E 300 14.66 -20.05 -13.92
N MET E 301 13.87 -21.06 -14.28
CA MET E 301 12.59 -20.79 -14.94
C MET E 301 11.54 -20.28 -13.98
N SER E 302 11.66 -20.56 -12.67
CA SER E 302 10.64 -20.18 -11.71
C SER E 302 10.93 -18.81 -11.08
N VAL E 303 12.11 -18.66 -10.46
CA VAL E 303 12.41 -17.41 -9.79
C VAL E 303 12.51 -16.28 -10.81
N THR E 304 12.12 -15.09 -10.37
CA THR E 304 12.10 -13.90 -11.23
C THR E 304 13.32 -13.04 -10.90
N GLY E 305 14.12 -12.72 -11.91
CA GLY E 305 15.28 -11.88 -11.72
C GLY E 305 16.48 -12.59 -11.12
N ILE E 306 16.44 -13.92 -10.99
CA ILE E 306 17.57 -14.64 -10.41
C ILE E 306 18.80 -14.45 -11.29
N ASN E 307 19.97 -14.37 -10.66
CA ASN E 307 21.22 -14.14 -11.38
C ASN E 307 21.63 -15.43 -12.09
N ARG E 308 21.68 -15.37 -13.42
CA ARG E 308 21.99 -16.55 -14.21
C ARG E 308 23.44 -16.99 -14.02
N GLU E 309 24.37 -16.05 -14.13
CA GLU E 309 25.79 -16.39 -14.12
C GLU E 309 26.19 -17.02 -12.80
N LEU E 310 25.74 -16.45 -11.68
CA LEU E 310 26.13 -17.00 -10.38
C LEU E 310 25.60 -18.41 -10.21
N LEU E 311 24.34 -18.65 -10.58
CA LEU E 311 23.77 -19.99 -10.45
C LEU E 311 24.52 -20.99 -11.31
N ILE E 312 24.82 -20.64 -12.56
CA ILE E 312 25.51 -21.57 -13.44
C ILE E 312 26.91 -21.85 -12.91
N THR E 313 27.61 -20.82 -12.42
CA THR E 313 28.95 -21.02 -11.88
C THR E 313 28.92 -21.94 -10.67
N ASP E 314 27.95 -21.72 -9.77
CA ASP E 314 27.83 -22.59 -8.60
C ASP E 314 27.53 -24.02 -9.00
N LEU E 315 26.66 -24.20 -10.00
CA LEU E 315 26.34 -25.54 -10.47
C LEU E 315 27.58 -26.23 -11.02
N LEU E 316 28.37 -25.52 -11.82
CA LEU E 316 29.57 -26.12 -12.39
C LEU E 316 30.58 -26.46 -11.30
N LEU E 317 30.75 -25.57 -10.32
CA LEU E 317 31.68 -25.85 -9.23
C LEU E 317 31.25 -27.07 -8.43
N ARG E 318 29.95 -27.18 -8.15
CA ARG E 318 29.46 -28.35 -7.42
C ARG E 318 29.64 -29.63 -8.24
N ILE E 319 29.41 -29.55 -9.55
CA ILE E 319 29.60 -30.72 -10.40
C ILE E 319 31.05 -31.17 -10.36
N GLU E 320 31.99 -30.21 -10.45
CA GLU E 320 33.40 -30.56 -10.34
C GLU E 320 33.70 -31.17 -8.98
N HIS E 321 33.11 -30.62 -7.91
CA HIS E 321 33.36 -31.13 -6.57
C HIS E 321 32.89 -32.57 -6.43
N TYR E 322 31.73 -32.91 -7.00
CA TYR E 322 31.19 -34.25 -6.85
C TYR E 322 32.14 -35.30 -7.42
N LEU E 323 32.77 -35.00 -8.55
CA LEU E 323 33.63 -35.99 -9.20
C LEU E 323 34.79 -36.41 -8.32
N GLN E 324 35.14 -35.62 -7.31
CA GLN E 324 36.24 -35.99 -6.43
C GLN E 324 35.87 -37.21 -5.60
N PRO E 325 36.84 -38.05 -5.23
CA PRO E 325 36.52 -39.22 -4.40
C PRO E 325 36.03 -38.82 -3.01
N GLY E 326 35.21 -39.70 -2.43
CA GLY E 326 34.75 -39.49 -1.07
C GLY E 326 33.83 -38.30 -0.88
N VAL E 327 32.88 -38.11 -1.79
CA VAL E 327 31.93 -37.00 -1.72
C VAL E 327 30.53 -37.59 -1.59
N VAL E 328 29.77 -37.09 -0.62
CA VAL E 328 28.42 -37.59 -0.35
C VAL E 328 27.50 -37.01 -1.42
N LEU E 329 26.96 -37.88 -2.28
CA LEU E 329 26.06 -37.43 -3.32
C LEU E 329 24.69 -37.08 -2.73
N PRO E 330 23.94 -36.18 -3.36
CA PRO E 330 22.63 -35.81 -2.84
C PRO E 330 21.61 -36.93 -3.05
N VAL E 331 20.55 -36.88 -2.25
CA VAL E 331 19.45 -37.83 -2.33
C VAL E 331 18.15 -37.06 -2.51
N PRO E 332 17.25 -37.47 -3.40
CA PRO E 332 15.98 -36.75 -3.53
C PRO E 332 15.17 -36.82 -2.23
N HIS E 333 14.44 -35.74 -1.97
CA HIS E 333 13.59 -35.63 -0.78
C HIS E 333 12.25 -35.06 -1.18
N LEU E 334 11.27 -35.19 -0.28
CA LEU E 334 9.93 -34.68 -0.51
C LEU E 334 9.37 -34.08 0.78
N THR F 2 26.22 -48.60 8.87
CA THR F 2 26.87 -49.51 7.93
C THR F 2 25.90 -50.61 7.48
N SER F 3 24.98 -50.98 8.35
CA SER F 3 24.01 -52.01 8.02
C SER F 3 23.08 -51.52 6.91
N ARG F 4 22.59 -52.47 6.11
CA ARG F 4 21.70 -52.13 5.01
C ARG F 4 20.43 -51.47 5.51
N ARG F 5 19.98 -51.81 6.73
CA ARG F 5 18.80 -51.18 7.26
C ARG F 5 18.99 -49.69 7.45
N ASP F 6 20.17 -49.28 7.93
CA ASP F 6 20.46 -47.85 8.07
C ASP F 6 20.48 -47.16 6.72
N TRP F 7 21.06 -47.81 5.70
CA TRP F 7 21.08 -47.21 4.37
C TRP F 7 19.66 -47.04 3.83
N GLN F 8 18.82 -48.06 4.00
CA GLN F 8 17.43 -47.94 3.54
C GLN F 8 16.69 -46.85 4.30
N LEU F 9 16.94 -46.74 5.61
CA LEU F 9 16.28 -45.70 6.40
C LEU F 9 16.71 -44.32 5.92
N GLN F 10 18.00 -44.14 5.63
CA GLN F 10 18.47 -42.86 5.10
C GLN F 10 17.83 -42.56 3.75
N GLN F 11 17.74 -43.57 2.88
CA GLN F 11 17.11 -43.37 1.59
C GLN F 11 15.65 -42.97 1.74
N LEU F 12 14.94 -43.57 2.70
CA LEU F 12 13.56 -43.21 2.95
C LEU F 12 13.40 -41.82 3.56
N GLY F 13 14.49 -41.19 4.00
CA GLY F 13 14.41 -39.90 4.64
C GLY F 13 14.03 -39.95 6.11
N ILE F 14 13.93 -41.13 6.70
CA ILE F 14 13.56 -41.27 8.11
C ILE F 14 14.82 -41.04 8.93
N THR F 15 14.90 -39.88 9.57
CA THR F 15 16.04 -39.55 10.42
C THR F 15 15.96 -40.33 11.72
N GLN F 16 17.07 -40.97 12.09
CA GLN F 16 17.15 -41.77 13.31
C GLN F 16 17.93 -41.00 14.35
N TRP F 17 17.38 -40.91 15.56
CA TRP F 17 17.92 -40.07 16.62
C TRP F 17 18.36 -40.94 17.79
N SER F 18 19.57 -40.69 18.28
CA SER F 18 20.13 -41.41 19.42
C SER F 18 20.37 -40.43 20.56
N LEU F 19 19.88 -40.78 21.74
CA LEU F 19 20.02 -39.90 22.90
C LEU F 19 21.48 -39.77 23.31
N ARG F 20 21.87 -38.57 23.72
CA ARG F 20 23.23 -38.29 24.18
C ARG F 20 23.30 -37.84 25.63
N ARG F 21 22.19 -37.44 26.24
CA ARG F 21 22.16 -36.97 27.63
C ARG F 21 21.09 -37.75 28.37
N PRO F 22 21.37 -38.98 28.78
CA PRO F 22 20.37 -39.75 29.53
C PRO F 22 19.93 -39.07 30.82
N GLY F 23 20.80 -38.29 31.45
CA GLY F 23 20.45 -37.63 32.69
C GLY F 23 19.38 -36.56 32.53
N ALA F 24 19.23 -36.01 31.32
CA ALA F 24 18.21 -34.99 31.10
C ALA F 24 16.81 -35.55 31.34
N LEU F 25 16.55 -36.76 30.87
CA LEU F 25 15.25 -37.39 31.08
C LEU F 25 15.03 -37.64 32.56
N GLN F 26 13.78 -37.52 33.00
CA GLN F 26 13.42 -37.72 34.39
C GLN F 26 12.14 -38.54 34.51
N MET G 1 -24.52 36.58 30.78
CA MET G 1 -24.27 37.25 29.47
C MET G 1 -25.38 36.93 28.49
N LYS G 2 -26.08 37.96 28.03
CA LYS G 2 -27.12 37.78 27.03
C LYS G 2 -27.35 39.11 26.32
N PHE G 3 -27.88 39.02 25.11
CA PHE G 3 -28.23 40.21 24.34
C PHE G 3 -29.20 39.81 23.24
N THR G 4 -29.77 40.82 22.58
CA THR G 4 -30.72 40.63 21.49
C THR G 4 -30.45 41.68 20.43
N VAL G 5 -30.22 41.24 19.20
CA VAL G 5 -29.90 42.12 18.07
C VAL G 5 -30.72 41.66 16.86
N GLU G 6 -30.48 42.33 15.74
CA GLU G 6 -31.14 42.00 14.47
C GLU G 6 -30.12 41.49 13.47
N ARG G 7 -30.57 40.59 12.59
CA ARG G 7 -29.67 39.99 11.63
C ARG G 7 -29.09 41.04 10.68
N GLU G 8 -29.90 42.01 10.28
CA GLU G 8 -29.43 43.02 9.34
C GLU G 8 -28.26 43.81 9.93
N HIS G 9 -28.37 44.21 11.19
CA HIS G 9 -27.30 44.99 11.81
C HIS G 9 -26.05 44.15 12.01
N LEU G 10 -26.21 42.89 12.41
CA LEU G 10 -25.07 42.05 12.75
C LEU G 10 -24.41 41.40 11.53
N LEU G 11 -25.05 41.44 10.36
CA LEU G 11 -24.49 40.77 9.20
C LEU G 11 -23.18 41.42 8.75
N LYS G 12 -23.17 42.76 8.65
CA LYS G 12 -21.98 43.45 8.14
C LYS G 12 -20.75 43.24 9.01
N PRO G 13 -20.78 43.49 10.32
CA PRO G 13 -19.56 43.29 11.12
C PRO G 13 -19.04 41.87 11.10
N LEU G 14 -19.92 40.88 11.04
CA LEU G 14 -19.48 39.49 10.94
C LEU G 14 -18.64 39.28 9.68
N GLN G 15 -19.13 39.76 8.55
CA GLN G 15 -18.37 39.64 7.31
C GLN G 15 -17.06 40.41 7.39
N GLN G 16 -17.10 41.61 7.98
CA GLN G 16 -15.90 42.42 8.06
C GLN G 16 -14.82 41.75 8.89
N VAL G 17 -15.19 41.16 10.03
CA VAL G 17 -14.20 40.57 10.93
C VAL G 17 -13.85 39.13 10.57
N SER G 18 -14.68 38.45 9.77
CA SER G 18 -14.42 37.07 9.38
C SER G 18 -13.67 36.94 8.08
N GLY G 19 -13.28 38.06 7.45
CA GLY G 19 -12.58 38.02 6.20
C GLY G 19 -11.21 37.36 6.30
N PRO G 20 -10.28 38.01 7.00
CA PRO G 20 -8.95 37.42 7.14
C PRO G 20 -8.96 36.08 7.86
N LEU G 21 -9.85 35.90 8.82
CA LEU G 21 -9.90 34.65 9.56
C LEU G 21 -10.35 33.52 8.64
N GLY G 22 -9.59 32.43 8.65
CA GLY G 22 -9.91 31.29 7.81
C GLY G 22 -8.83 30.25 7.88
N GLY G 23 -9.04 29.18 7.12
CA GLY G 23 -8.07 28.09 7.08
C GLY G 23 -7.98 27.40 8.43
N ARG G 24 -6.77 26.90 8.72
CA ARG G 24 -6.49 26.21 9.98
C ARG G 24 -5.53 27.06 10.80
N PRO G 25 -6.00 27.78 11.82
CA PRO G 25 -5.07 28.61 12.60
C PRO G 25 -4.11 27.77 13.41
N THR G 26 -2.95 28.36 13.72
CA THR G 26 -1.95 27.64 14.50
C THR G 26 -2.49 27.27 15.87
N LEU G 27 -3.28 28.14 16.49
CA LEU G 27 -3.95 27.86 17.75
C LEU G 27 -5.45 27.76 17.51
N PRO G 28 -6.14 26.77 18.08
CA PRO G 28 -7.59 26.68 17.84
C PRO G 28 -8.35 27.93 18.26
N ILE G 29 -7.95 28.55 19.38
CA ILE G 29 -8.68 29.70 19.89
C ILE G 29 -8.65 30.85 18.90
N LEU G 30 -7.59 30.94 18.10
CA LEU G 30 -7.50 32.00 17.10
C LEU G 30 -8.58 31.88 16.04
N GLY G 31 -9.21 30.73 15.90
CA GLY G 31 -10.29 30.54 14.96
C GLY G 31 -11.65 30.95 15.46
N ASN G 32 -11.75 31.51 16.67
CA ASN G 32 -13.01 31.87 17.28
C ASN G 32 -13.06 33.37 17.49
N LEU G 33 -14.16 33.99 17.08
CA LEU G 33 -14.37 35.41 17.34
C LEU G 33 -14.68 35.64 18.80
N LEU G 34 -14.18 36.74 19.36
CA LEU G 34 -14.42 37.11 20.75
C LEU G 34 -15.58 38.09 20.78
N LEU G 35 -16.66 37.72 21.47
CA LEU G 35 -17.83 38.57 21.62
C LEU G 35 -17.91 39.03 23.07
N GLN G 36 -17.97 40.35 23.26
CA GLN G 36 -18.03 40.94 24.59
C GLN G 36 -19.14 41.96 24.66
N VAL G 37 -20.03 41.82 25.64
CA VAL G 37 -21.13 42.75 25.87
C VAL G 37 -20.79 43.56 27.10
N ALA G 38 -20.80 44.88 26.97
CA ALA G 38 -20.48 45.76 28.09
C ALA G 38 -20.78 47.20 27.69
N ASP G 39 -21.17 47.99 28.68
CA ASP G 39 -21.41 49.43 28.48
C ASP G 39 -22.41 49.67 27.36
N GLY G 40 -23.43 48.81 27.30
CA GLY G 40 -24.45 48.96 26.26
C GLY G 40 -23.92 48.80 24.86
N THR G 41 -22.83 48.04 24.69
CA THR G 41 -22.24 47.83 23.38
C THR G 41 -21.77 46.39 23.26
N LEU G 42 -21.77 45.89 22.02
CA LEU G 42 -21.27 44.57 21.70
C LEU G 42 -20.02 44.73 20.84
N SER G 43 -18.92 44.14 21.28
CA SER G 43 -17.64 44.21 20.60
C SER G 43 -17.28 42.83 20.07
N LEU G 44 -17.03 42.75 18.77
CA LEU G 44 -16.62 41.51 18.10
C LEU G 44 -15.18 41.69 17.66
N THR G 45 -14.30 40.80 18.12
CA THR G 45 -12.87 40.89 17.86
C THR G 45 -12.39 39.64 17.14
N GLY G 46 -11.56 39.85 16.12
CA GLY G 46 -10.94 38.77 15.38
C GLY G 46 -9.46 39.03 15.15
N THR G 47 -8.61 38.08 15.54
CA THR G 47 -7.17 38.27 15.47
C THR G 47 -6.53 37.08 14.76
N ASP G 48 -5.34 37.32 14.21
CA ASP G 48 -4.57 36.30 13.51
C ASP G 48 -3.13 36.26 14.00
N LEU G 49 -2.86 36.73 15.22
CA LEU G 49 -1.56 36.78 15.85
C LEU G 49 -0.68 37.90 15.30
N GLU G 50 -1.06 38.53 14.20
CA GLU G 50 -0.35 39.69 13.66
C GLU G 50 -1.24 40.86 13.32
N MET G 51 -2.54 40.65 13.11
CA MET G 51 -3.48 41.72 12.83
C MET G 51 -4.75 41.49 13.63
N GLU G 52 -5.44 42.58 13.97
CA GLU G 52 -6.64 42.53 14.78
C GLU G 52 -7.70 43.43 14.17
N MET G 53 -8.95 42.95 14.19
CA MET G 53 -10.09 43.72 13.70
C MET G 53 -11.17 43.70 14.77
N VAL G 54 -11.68 44.88 15.11
CA VAL G 54 -12.70 45.04 16.15
C VAL G 54 -13.86 45.82 15.57
N ALA G 55 -15.08 45.32 15.81
CA ALA G 55 -16.31 45.97 15.38
C ALA G 55 -17.21 46.17 16.59
N ARG G 56 -17.89 47.31 16.63
CA ARG G 56 -18.76 47.69 17.73
C ARG G 56 -20.18 47.90 17.24
N VAL G 57 -21.14 47.38 18.00
CA VAL G 57 -22.57 47.49 17.67
C VAL G 57 -23.31 48.01 18.89
N ALA G 58 -24.18 48.99 18.69
CA ALA G 58 -24.98 49.53 19.76
C ALA G 58 -26.14 48.61 20.11
N LEU G 59 -26.50 48.60 21.39
CA LEU G 59 -27.57 47.75 21.90
C LEU G 59 -28.72 48.63 22.38
N VAL G 60 -29.94 48.27 21.98
CA VAL G 60 -31.15 48.97 22.40
C VAL G 60 -32.11 48.02 23.11
N GLN G 61 -31.60 46.93 23.67
CA GLN G 61 -32.39 45.92 24.34
C GLN G 61 -31.72 45.56 25.66
N PRO G 62 -32.48 45.02 26.62
CA PRO G 62 -31.87 44.60 27.89
C PRO G 62 -30.79 43.55 27.65
N HIS G 63 -29.74 43.62 28.46
CA HIS G 63 -28.57 42.77 28.27
C HIS G 63 -27.82 42.66 29.59
N GLU G 64 -26.85 41.75 29.63
CA GLU G 64 -26.00 41.55 30.78
C GLU G 64 -24.54 41.61 30.36
N PRO G 65 -23.65 42.18 31.18
CA PRO G 65 -22.23 42.19 30.80
C PRO G 65 -21.65 40.80 30.75
N GLY G 66 -20.67 40.61 29.87
CA GLY G 66 -19.98 39.33 29.78
C GLY G 66 -19.07 39.29 28.58
N ALA G 67 -18.39 38.15 28.44
CA ALA G 67 -17.48 37.94 27.33
C ALA G 67 -17.35 36.44 27.08
N THR G 68 -17.15 36.07 25.83
CA THR G 68 -17.00 34.66 25.46
C THR G 68 -16.45 34.60 24.04
N THR G 69 -16.27 33.37 23.55
CA THR G 69 -15.76 33.13 22.20
C THR G 69 -16.71 32.19 21.47
N VAL G 70 -16.75 32.33 20.15
CA VAL G 70 -17.65 31.53 19.32
C VAL G 70 -16.98 31.28 17.97
N PRO G 71 -17.06 30.08 17.40
CA PRO G 71 -16.42 29.85 16.09
C PRO G 71 -16.99 30.78 15.03
N ALA G 72 -16.11 31.30 14.17
CA ALA G 72 -16.52 32.30 13.21
C ALA G 72 -17.43 31.72 12.14
N ARG G 73 -17.03 30.59 11.55
CA ARG G 73 -17.77 30.07 10.40
C ARG G 73 -19.16 29.61 10.80
N LYS G 74 -19.27 28.86 11.90
CA LYS G 74 -20.57 28.35 12.32
C LYS G 74 -21.51 29.50 12.67
N PHE G 75 -21.02 30.49 13.43
CA PHE G 75 -21.86 31.61 13.82
C PHE G 75 -22.29 32.42 12.60
N PHE G 76 -21.36 32.66 11.66
CA PHE G 76 -21.72 33.41 10.47
C PHE G 76 -22.75 32.68 9.64
N ASP G 77 -22.59 31.36 9.47
CA ASP G 77 -23.57 30.58 8.71
C ASP G 77 -24.93 30.60 9.37
N ILE G 78 -24.96 30.46 10.70
CA ILE G 78 -26.23 30.48 11.42
C ILE G 78 -26.91 31.82 11.24
N CYS G 79 -26.16 32.91 11.38
CA CYS G 79 -26.75 34.24 11.23
C CYS G 79 -27.26 34.46 9.81
N ARG G 80 -26.49 34.02 8.81
CA ARG G 80 -26.89 34.25 7.43
C ARG G 80 -28.08 33.38 7.03
N GLY G 81 -28.21 32.19 7.62
CA GLY G 81 -29.28 31.29 7.21
C GLY G 81 -30.66 31.71 7.67
N LEU G 82 -30.75 32.54 8.71
CA LEU G 82 -32.05 32.91 9.23
C LEU G 82 -32.82 33.79 8.23
N PRO G 83 -34.15 33.81 8.31
CA PRO G 83 -34.91 34.65 7.38
C PRO G 83 -34.61 36.12 7.60
N GLU G 84 -34.73 36.90 6.53
CA GLU G 84 -34.50 38.34 6.61
C GLU G 84 -35.52 38.98 7.54
N GLY G 85 -35.05 39.93 8.34
CA GLY G 85 -35.88 40.62 9.30
C GLY G 85 -36.01 39.94 10.64
N ALA G 86 -35.44 38.75 10.80
CA ALA G 86 -35.52 38.04 12.07
C ALA G 86 -34.57 38.67 13.09
N GLU G 87 -34.89 38.44 14.37
CA GLU G 87 -34.09 38.93 15.48
C GLU G 87 -33.42 37.75 16.17
N ILE G 88 -32.17 37.95 16.57
CA ILE G 88 -31.34 36.91 17.19
C ILE G 88 -31.13 37.26 18.65
N ALA G 89 -31.48 36.34 19.53
CA ALA G 89 -31.24 36.48 20.97
C ALA G 89 -30.17 35.46 21.37
N VAL G 90 -29.06 35.95 21.93
CA VAL G 90 -27.93 35.13 22.31
C VAL G 90 -27.82 35.13 23.83
N GLN G 91 -27.54 33.96 24.39
CA GLN G 91 -27.34 33.80 25.83
C GLN G 91 -26.18 32.86 26.08
N LEU G 92 -25.58 32.98 27.25
CA LEU G 92 -24.49 32.12 27.69
C LEU G 92 -24.98 31.27 28.85
N GLU G 93 -24.98 29.95 28.67
CA GLU G 93 -25.42 29.02 29.70
C GLU G 93 -24.32 27.99 29.92
N GLY G 94 -23.84 27.89 31.16
CA GLY G 94 -22.74 26.98 31.44
C GLY G 94 -21.54 27.34 30.58
N GLU G 95 -21.04 26.35 29.85
CA GLU G 95 -19.94 26.53 28.90
C GLU G 95 -20.44 26.42 27.46
N ARG G 96 -21.64 26.92 27.21
CA ARG G 96 -22.26 26.83 25.89
C ARG G 96 -22.99 28.13 25.58
N MET G 97 -23.18 28.37 24.29
CA MET G 97 -23.90 29.55 23.80
C MET G 97 -25.20 29.10 23.15
N LEU G 98 -26.30 29.71 23.56
CA LEU G 98 -27.63 29.39 23.06
C LEU G 98 -28.15 30.54 22.22
N VAL G 99 -28.58 30.25 21.00
CA VAL G 99 -29.05 31.24 20.05
C VAL G 99 -30.50 30.92 19.72
N ARG G 100 -31.37 31.93 19.82
CA ARG G 100 -32.78 31.79 19.52
C ARG G 100 -33.17 32.78 18.43
N SER G 101 -33.98 32.30 17.48
CA SER G 101 -34.51 33.14 16.41
C SER G 101 -35.95 32.67 16.15
N GLY G 102 -36.91 33.42 16.67
CA GLY G 102 -38.30 33.01 16.56
C GLY G 102 -38.56 31.70 17.27
N ARG G 103 -38.79 30.64 16.50
CA ARG G 103 -38.98 29.30 17.04
C ARG G 103 -37.83 28.36 16.69
N SER G 104 -36.65 28.91 16.39
CA SER G 104 -35.48 28.13 16.03
C SER G 104 -34.42 28.29 17.11
N ARG G 105 -33.79 27.17 17.48
CA ARG G 105 -32.82 27.13 18.56
C ARG G 105 -31.53 26.49 18.08
N PHE G 106 -30.40 27.06 18.51
CA PHE G 106 -29.08 26.53 18.19
C PHE G 106 -28.23 26.54 19.44
N SER G 107 -27.37 25.54 19.57
CA SER G 107 -26.42 25.43 20.68
C SER G 107 -25.02 25.30 20.12
N LEU G 108 -24.09 26.07 20.67
CA LEU G 108 -22.71 26.09 20.19
C LEU G 108 -21.75 25.97 21.37
N SER G 109 -20.61 25.34 21.11
CA SER G 109 -19.54 25.22 22.09
C SER G 109 -18.64 26.45 22.04
N THR G 110 -18.12 26.82 23.22
CA THR G 110 -17.31 28.01 23.35
C THR G 110 -16.07 27.70 24.18
N LEU G 111 -15.17 28.68 24.26
CA LEU G 111 -13.94 28.59 25.02
C LEU G 111 -13.82 29.81 25.93
N PRO G 112 -13.11 29.70 27.05
CA PRO G 112 -13.00 30.86 27.95
C PRO G 112 -12.34 32.05 27.26
N ALA G 113 -12.84 33.24 27.60
CA ALA G 113 -12.31 34.47 27.01
C ALA G 113 -10.98 34.87 27.60
N ALA G 114 -10.62 34.36 28.78
CA ALA G 114 -9.35 34.72 29.39
C ALA G 114 -8.18 34.25 28.53
N ASP G 115 -8.27 33.04 27.97
CA ASP G 115 -7.20 32.50 27.15
C ASP G 115 -7.07 33.20 25.80
N PHE G 116 -8.03 34.03 25.42
CA PHE G 116 -7.96 34.70 24.13
C PHE G 116 -6.80 35.69 24.14
N PRO G 117 -5.91 35.66 23.14
CA PRO G 117 -4.76 36.57 23.16
C PRO G 117 -5.22 38.02 23.07
N ASN G 118 -4.50 38.89 23.79
CA ASN G 118 -4.78 40.32 23.82
C ASN G 118 -3.55 41.08 23.36
N LEU G 119 -3.72 41.97 22.39
CA LEU G 119 -2.61 42.76 21.87
C LEU G 119 -2.13 43.73 22.95
N ASP G 120 -0.82 43.75 23.20
CA ASP G 120 -0.27 44.61 24.23
C ASP G 120 -0.55 46.07 23.91
N ASP G 121 -0.99 46.81 24.93
CA ASP G 121 -1.28 48.23 24.75
C ASP G 121 0.00 48.99 24.44
N TRP G 122 -0.11 49.96 23.53
CA TRP G 122 1.02 50.77 23.12
C TRP G 122 0.57 52.22 22.98
N GLN G 123 1.52 53.14 23.13
CA GLN G 123 1.27 54.56 23.04
C GLN G 123 1.56 55.05 21.64
N SER G 124 0.59 55.73 21.03
CA SER G 124 0.75 56.24 19.68
C SER G 124 1.82 57.32 19.65
N GLU G 125 2.58 57.37 18.56
CA GLU G 125 3.59 58.39 18.35
C GLU G 125 3.04 59.56 17.54
N VAL G 126 2.39 59.27 16.42
CA VAL G 126 1.80 60.29 15.55
C VAL G 126 0.35 59.91 15.27
N GLU G 127 -0.58 60.75 15.71
CA GLU G 127 -2.01 60.51 15.52
C GLU G 127 -2.59 61.67 14.74
N PHE G 128 -3.40 61.37 13.72
CA PHE G 128 -3.98 62.39 12.87
C PHE G 128 -5.23 61.85 12.22
N THR G 129 -5.85 62.68 11.39
CA THR G 129 -7.06 62.33 10.65
C THR G 129 -6.83 62.61 9.16
N LEU G 130 -7.48 61.80 8.32
CA LEU G 130 -7.30 61.88 6.89
C LEU G 130 -8.60 61.52 6.19
N PRO G 131 -8.96 62.20 5.10
CA PRO G 131 -10.14 61.78 4.34
C PRO G 131 -9.90 60.47 3.60
N GLN G 132 -11.00 59.78 3.30
CA GLN G 132 -10.93 58.46 2.68
C GLN G 132 -10.36 58.54 1.27
N ALA G 133 -10.75 59.58 0.51
CA ALA G 133 -10.38 59.65 -0.90
C ALA G 133 -8.87 59.74 -1.07
N THR G 134 -8.20 60.54 -0.24
CA THR G 134 -6.75 60.70 -0.36
C THR G 134 -6.04 59.37 -0.12
N MET G 135 -6.45 58.64 0.92
CA MET G 135 -5.82 57.36 1.21
C MET G 135 -6.10 56.35 0.10
N LYS G 136 -7.32 56.36 -0.44
CA LYS G 136 -7.63 55.49 -1.56
C LYS G 136 -6.72 55.79 -2.75
N ARG G 137 -6.53 57.08 -3.05
CA ARG G 137 -5.66 57.44 -4.16
C ARG G 137 -4.22 57.00 -3.91
N LEU G 138 -3.73 57.20 -2.68
CA LEU G 138 -2.37 56.79 -2.36
C LEU G 138 -2.19 55.28 -2.54
N ILE G 139 -3.13 54.50 -2.01
CA ILE G 139 -3.02 53.05 -2.11
C ILE G 139 -3.09 52.61 -3.56
N GLU G 140 -4.00 53.19 -4.34
CA GLU G 140 -4.11 52.83 -5.75
C GLU G 140 -2.83 53.17 -6.51
N ALA G 141 -2.22 54.31 -6.18
CA ALA G 141 -1.02 54.73 -6.91
C ALA G 141 0.19 53.89 -6.54
N THR G 142 0.26 53.41 -5.29
CA THR G 142 1.46 52.73 -4.81
C THR G 142 1.19 51.30 -4.39
N GLN G 143 0.43 50.55 -5.20
CA GLN G 143 0.13 49.16 -4.92
C GLN G 143 0.78 48.21 -5.91
N PHE G 144 0.65 48.47 -7.22
CA PHE G 144 1.15 47.55 -8.22
C PHE G 144 2.67 47.41 -8.19
N SER G 145 3.38 48.40 -7.64
CA SER G 145 4.84 48.37 -7.63
C SER G 145 5.42 47.46 -6.56
N MET G 146 4.61 47.02 -5.59
CA MET G 146 5.11 46.16 -4.53
C MET G 146 5.49 44.79 -5.08
N ALA G 147 6.42 44.13 -4.40
CA ALA G 147 6.86 42.79 -4.76
C ALA G 147 5.98 41.78 -4.05
N HIS G 148 5.31 40.93 -4.82
CA HIS G 148 4.39 39.95 -4.22
C HIS G 148 5.14 38.99 -3.32
N GLN G 149 6.30 38.51 -3.76
CA GLN G 149 7.13 37.61 -2.96
C GLN G 149 8.58 37.85 -3.31
N ASP G 150 9.37 38.31 -2.34
CA ASP G 150 10.77 38.61 -2.55
C ASP G 150 11.58 38.11 -1.36
N VAL G 151 12.84 37.78 -1.63
CA VAL G 151 13.73 37.35 -0.56
C VAL G 151 13.93 38.47 0.46
N ARG G 152 14.12 39.69 -0.03
CA ARG G 152 14.23 40.86 0.84
C ARG G 152 12.83 41.21 1.33
N TYR G 153 12.53 40.83 2.58
CA TYR G 153 11.18 40.99 3.11
C TYR G 153 10.78 42.45 3.19
N TYR G 154 11.72 43.34 3.54
CA TYR G 154 11.38 44.75 3.73
C TYR G 154 10.85 45.39 2.46
N LEU G 155 11.13 44.81 1.29
CA LEU G 155 10.57 45.32 0.04
C LEU G 155 9.16 44.82 -0.21
N ASN G 156 8.69 43.81 0.53
CA ASN G 156 7.35 43.29 0.31
C ASN G 156 6.29 44.34 0.64
N GLY G 157 6.49 45.08 1.72
CA GLY G 157 5.55 46.11 2.13
C GLY G 157 5.77 47.41 1.37
N MET G 158 5.16 48.47 1.89
CA MET G 158 5.28 49.80 1.32
C MET G 158 5.61 50.80 2.42
N LEU G 159 6.28 51.88 2.03
CA LEU G 159 6.76 52.89 2.96
C LEU G 159 5.74 54.02 3.05
N PHE G 160 5.24 54.26 4.27
CA PHE G 160 4.40 55.41 4.58
C PHE G 160 5.24 56.43 5.32
N GLU G 161 5.36 57.63 4.76
CA GLU G 161 6.18 58.69 5.34
C GLU G 161 5.32 59.92 5.58
N THR G 162 5.48 60.54 6.75
CA THR G 162 4.84 61.80 7.09
C THR G 162 5.93 62.85 7.25
N GLU G 163 5.72 64.02 6.67
CA GLU G 163 6.68 65.12 6.78
C GLU G 163 5.92 66.43 6.69
N GLY G 164 5.91 67.19 7.78
CA GLY G 164 5.18 68.44 7.83
C GLY G 164 3.70 68.26 7.56
N GLU G 165 3.24 68.71 6.39
CA GLU G 165 1.86 68.57 5.97
C GLU G 165 1.71 67.63 4.77
N GLU G 166 2.66 66.72 4.58
CA GLU G 166 2.69 65.86 3.41
C GLU G 166 2.72 64.40 3.84
N LEU G 167 1.88 63.59 3.22
CA LEU G 167 1.87 62.14 3.39
C LEU G 167 2.30 61.50 2.08
N ARG G 168 3.31 60.64 2.14
CA ARG G 168 3.93 60.05 0.96
C ARG G 168 3.91 58.53 1.07
N THR G 169 3.60 57.89 -0.05
CA THR G 169 3.63 56.43 -0.17
C THR G 169 4.68 56.04 -1.20
N VAL G 170 5.50 55.07 -0.85
CA VAL G 170 6.59 54.60 -1.72
C VAL G 170 6.49 53.09 -1.85
N ALA G 171 6.55 52.59 -3.08
CA ALA G 171 6.52 51.16 -3.35
C ALA G 171 7.62 50.83 -4.37
N THR G 172 8.17 49.63 -4.24
CA THR G 172 9.24 49.20 -5.13
C THR G 172 9.34 47.69 -5.13
N ASP G 173 10.00 47.16 -6.16
CA ASP G 173 10.24 45.72 -6.27
C ASP G 173 11.64 45.41 -6.77
N GLY G 174 12.56 46.37 -6.69
CA GLY G 174 13.92 46.17 -7.15
C GLY G 174 14.20 46.58 -8.57
N HIS G 175 13.16 46.84 -9.36
CA HIS G 175 13.31 47.26 -10.76
C HIS G 175 12.58 48.56 -11.05
N ARG G 176 11.41 48.78 -10.45
CA ARG G 176 10.65 50.00 -10.64
C ARG G 176 10.23 50.54 -9.29
N LEU G 177 10.20 51.87 -9.17
CA LEU G 177 9.85 52.55 -7.93
C LEU G 177 8.76 53.57 -8.20
N ALA G 178 7.68 53.48 -7.45
CA ALA G 178 6.53 54.38 -7.57
C ALA G 178 6.39 55.19 -6.30
N VAL G 179 6.24 56.50 -6.43
CA VAL G 179 6.13 57.42 -5.31
C VAL G 179 4.92 58.31 -5.53
N CYS G 180 4.08 58.44 -4.50
CA CYS G 180 2.93 59.33 -4.55
C CYS G 180 2.90 60.17 -3.27
N SER G 181 2.34 61.37 -3.38
CA SER G 181 2.29 62.29 -2.25
C SER G 181 0.96 63.03 -2.25
N MET G 182 0.51 63.40 -1.05
CA MET G 182 -0.71 64.17 -0.87
C MET G 182 -0.50 65.15 0.27
N PRO G 183 -1.26 66.26 0.30
CA PRO G 183 -1.15 67.19 1.43
C PRO G 183 -2.03 66.72 2.60
N ILE G 184 -1.41 66.50 3.75
CA ILE G 184 -2.17 66.11 4.93
C ILE G 184 -3.09 67.24 5.37
N GLY G 185 -2.58 68.46 5.39
CA GLY G 185 -3.33 69.60 5.89
C GLY G 185 -3.03 69.96 7.32
N GLN G 186 -2.27 69.12 8.05
CA GLN G 186 -1.90 69.39 9.43
C GLN G 186 -0.42 69.12 9.61
N SER G 187 0.20 69.88 10.51
CA SER G 187 1.63 69.74 10.78
C SER G 187 1.86 68.57 11.72
N LEU G 188 2.69 67.63 11.30
CA LEU G 188 3.00 66.44 12.08
C LEU G 188 4.51 66.21 12.10
N PRO G 189 5.03 65.56 13.15
CA PRO G 189 6.46 65.24 13.15
C PRO G 189 6.82 64.30 12.01
N SER G 190 8.02 64.45 11.50
CA SER G 190 8.49 63.58 10.43
C SER G 190 8.68 62.16 10.94
N HIS G 191 8.20 61.18 10.16
CA HIS G 191 8.31 59.80 10.60
C HIS G 191 7.99 58.87 9.44
N SER G 192 8.76 57.79 9.32
CA SER G 192 8.61 56.80 8.26
C SER G 192 8.38 55.42 8.87
N VAL G 193 7.44 54.67 8.29
CA VAL G 193 7.14 53.31 8.73
C VAL G 193 6.90 52.45 7.50
N ILE G 194 6.91 51.14 7.71
CA ILE G 194 6.71 50.14 6.66
C ILE G 194 5.47 49.33 7.00
N VAL G 195 4.59 49.16 6.03
CA VAL G 195 3.33 48.45 6.20
C VAL G 195 3.38 47.20 5.32
N PRO G 196 3.08 46.01 5.85
CA PRO G 196 3.10 44.81 5.02
C PRO G 196 1.95 44.79 4.02
N ARG G 197 2.05 43.87 3.06
CA ARG G 197 1.03 43.80 2.02
C ARG G 197 -0.33 43.45 2.60
N LYS G 198 -0.37 42.54 3.58
CA LYS G 198 -1.64 42.18 4.18
C LYS G 198 -2.30 43.38 4.86
N GLY G 199 -1.51 44.19 5.56
CA GLY G 199 -2.08 45.34 6.23
C GLY G 199 -2.70 46.33 5.27
N VAL G 200 -1.98 46.66 4.19
CA VAL G 200 -2.51 47.61 3.22
C VAL G 200 -3.72 47.03 2.49
N ILE G 201 -3.70 45.73 2.20
CA ILE G 201 -4.85 45.11 1.55
C ILE G 201 -6.08 45.20 2.45
N GLU G 202 -5.91 44.89 3.74
CA GLU G 202 -7.03 44.98 4.68
C GLU G 202 -7.51 46.42 4.79
N LEU G 203 -6.59 47.38 4.85
CA LEU G 203 -6.99 48.78 4.94
C LEU G 203 -7.80 49.20 3.72
N MET G 204 -7.35 48.81 2.53
CA MET G 204 -8.08 49.14 1.31
C MET G 204 -9.45 48.48 1.31
N ARG G 205 -9.53 47.22 1.76
CA ARG G 205 -10.82 46.54 1.82
C ARG G 205 -11.77 47.24 2.79
N MET G 206 -11.23 47.77 3.90
CA MET G 206 -12.08 48.37 4.91
C MET G 206 -12.82 49.58 4.36
N LEU G 207 -12.15 50.40 3.56
CA LEU G 207 -12.79 51.59 3.01
C LEU G 207 -13.91 51.20 2.07
N ASP G 208 -15.03 51.93 2.14
CA ASP G 208 -16.22 51.63 1.36
C ASP G 208 -16.71 52.84 0.57
N GLY G 209 -15.85 53.84 0.36
CA GLY G 209 -16.25 55.02 -0.37
C GLY G 209 -17.05 56.03 0.42
N GLY G 210 -17.20 55.81 1.74
CA GLY G 210 -17.96 56.74 2.55
C GLY G 210 -17.19 58.00 2.88
N ASP G 211 -17.89 58.95 3.48
CA ASP G 211 -17.32 60.24 3.86
C ASP G 211 -16.79 60.26 5.29
N ASN G 212 -16.87 59.16 6.01
CA ASN G 212 -16.41 59.13 7.39
C ASN G 212 -14.89 59.33 7.43
N PRO G 213 -14.38 60.26 8.23
CA PRO G 213 -12.93 60.45 8.28
C PRO G 213 -12.22 59.26 8.90
N LEU G 214 -10.97 59.07 8.49
CA LEU G 214 -10.13 57.98 8.97
C LEU G 214 -9.16 58.52 10.01
N ARG G 215 -9.16 57.92 11.20
CA ARG G 215 -8.23 58.30 12.25
C ARG G 215 -7.06 57.32 12.24
N VAL G 216 -5.86 57.84 12.00
CA VAL G 216 -4.67 57.01 11.84
C VAL G 216 -3.72 57.32 13.00
N GLN G 217 -3.31 56.28 13.72
CA GLN G 217 -2.33 56.38 14.79
C GLN G 217 -1.16 55.47 14.47
N ILE G 218 0.05 56.00 14.62
CA ILE G 218 1.29 55.26 14.35
C ILE G 218 2.12 55.28 15.62
N GLY G 219 2.53 54.10 16.07
CA GLY G 219 3.34 53.94 17.25
C GLY G 219 4.74 53.44 16.93
N SER G 220 5.39 52.87 17.95
CA SER G 220 6.75 52.38 17.77
C SER G 220 6.80 51.24 16.76
N ASN G 221 5.86 50.29 16.86
CA ASN G 221 5.87 49.12 16.00
C ASN G 221 4.49 48.71 15.50
N ASN G 222 3.45 49.51 15.77
CA ASN G 222 2.09 49.14 15.39
C ASN G 222 1.37 50.34 14.80
N ILE G 223 0.40 50.05 13.94
CA ILE G 223 -0.41 51.07 13.27
C ILE G 223 -1.88 50.73 13.52
N ARG G 224 -2.66 51.74 13.90
CA ARG G 224 -4.07 51.59 14.19
C ARG G 224 -4.88 52.53 13.33
N ALA G 225 -5.99 52.04 12.79
CA ALA G 225 -6.87 52.82 11.93
C ALA G 225 -8.31 52.68 12.42
N HIS G 226 -8.95 53.81 12.66
CA HIS G 226 -10.36 53.86 13.05
C HIS G 226 -11.16 54.41 11.88
N VAL G 227 -12.16 53.65 11.45
CA VAL G 227 -13.06 54.05 10.37
C VAL G 227 -14.48 53.75 10.83
N GLY G 228 -15.24 54.80 11.12
CA GLY G 228 -16.59 54.62 11.63
C GLY G 228 -16.61 53.85 12.93
N ASP G 229 -17.14 52.63 12.88
CA ASP G 229 -17.21 51.75 14.06
C ASP G 229 -16.22 50.58 13.97
N PHE G 230 -15.22 50.68 13.09
CA PHE G 230 -14.27 49.60 12.86
C PHE G 230 -12.87 50.04 13.27
N ILE G 231 -12.17 49.16 13.97
CA ILE G 231 -10.80 49.39 14.43
C ILE G 231 -9.92 48.31 13.83
N PHE G 232 -8.85 48.70 13.16
CA PHE G 232 -7.91 47.78 12.53
C PHE G 232 -6.52 48.05 13.06
N THR G 233 -5.91 47.04 13.68
CA THR G 233 -4.57 47.15 14.23
C THR G 233 -3.64 46.19 13.51
N SER G 234 -2.47 46.68 13.12
CA SER G 234 -1.50 45.88 12.39
C SER G 234 -0.11 46.15 12.95
N LYS G 235 0.78 45.18 12.75
CA LYS G 235 2.17 45.31 13.16
C LYS G 235 3.02 45.83 12.01
N LEU G 236 4.11 46.52 12.35
CA LEU G 236 5.01 47.11 11.38
C LEU G 236 6.20 46.20 11.14
N VAL G 237 6.51 45.93 9.88
CA VAL G 237 7.63 45.06 9.54
C VAL G 237 8.93 45.79 9.83
N ASP G 238 9.83 45.13 10.54
CA ASP G 238 11.13 45.72 10.86
C ASP G 238 12.07 45.60 9.67
N GLY G 239 12.80 46.68 9.40
CA GLY G 239 13.73 46.69 8.29
C GLY G 239 14.26 48.08 8.05
N ARG G 240 15.05 48.20 6.98
CA ARG G 240 15.65 49.47 6.56
C ARG G 240 15.29 49.68 5.09
N PHE G 241 14.21 50.41 4.85
CA PHE G 241 13.76 50.65 3.50
C PHE G 241 14.78 51.52 2.75
N PRO G 242 15.09 51.19 1.49
CA PRO G 242 16.06 52.00 0.76
C PRO G 242 15.54 53.42 0.53
N ASP G 243 16.49 54.36 0.43
CA ASP G 243 16.13 55.76 0.25
C ASP G 243 15.67 55.99 -1.19
N TYR G 244 14.43 56.45 -1.34
CA TYR G 244 13.88 56.71 -2.66
C TYR G 244 14.50 57.94 -3.30
N ARG G 245 14.91 58.93 -2.49
CA ARG G 245 15.38 60.19 -3.04
C ARG G 245 16.64 59.99 -3.88
N ARG G 246 17.56 59.15 -3.42
CA ARG G 246 18.80 58.93 -4.17
C ARG G 246 18.51 58.26 -5.52
N VAL G 247 17.52 57.37 -5.57
CA VAL G 247 17.23 56.66 -6.81
C VAL G 247 16.75 57.64 -7.89
N LEU G 248 16.01 58.67 -7.49
CA LEU G 248 15.48 59.61 -8.46
C LEU G 248 16.62 60.32 -9.19
N PRO G 249 16.53 60.50 -10.51
CA PRO G 249 17.60 61.22 -11.21
C PRO G 249 17.77 62.63 -10.66
N LYS G 250 19.03 63.07 -10.56
CA LYS G 250 19.30 64.39 -10.03
C LYS G 250 18.88 65.49 -11.01
N ASN G 251 19.13 65.28 -12.30
CA ASN G 251 18.80 66.29 -13.31
C ASN G 251 18.72 65.64 -14.69
N PRO G 252 17.58 65.07 -15.07
CA PRO G 252 17.46 64.49 -16.41
C PRO G 252 17.45 65.58 -17.47
N ASP G 253 18.42 65.52 -18.39
CA ASP G 253 18.55 66.56 -19.40
C ASP G 253 17.49 66.44 -20.48
N LYS G 254 17.10 65.21 -20.83
CA LYS G 254 16.19 64.96 -21.94
C LYS G 254 14.77 64.79 -21.42
N HIS G 255 13.82 65.46 -22.05
CA HIS G 255 12.42 65.39 -21.69
C HIS G 255 11.58 65.09 -22.93
N LEU G 256 10.45 64.43 -22.72
CA LEU G 256 9.56 64.08 -23.82
C LEU G 256 8.13 64.07 -23.30
N GLU G 257 7.29 64.92 -23.87
CA GLU G 257 5.87 64.96 -23.54
C GLU G 257 5.08 64.29 -24.65
N ALA G 258 4.24 63.33 -24.28
CA ALA G 258 3.48 62.55 -25.25
C ALA G 258 2.07 62.33 -24.72
N GLY G 259 1.23 61.69 -25.53
CA GLY G 259 -0.13 61.39 -25.16
C GLY G 259 -0.22 60.04 -24.47
N CYS G 260 -0.84 60.02 -23.30
CA CYS G 260 -0.94 58.78 -22.52
C CYS G 260 -1.72 57.72 -23.29
N ASP G 261 -2.86 58.11 -23.86
CA ASP G 261 -3.69 57.14 -24.56
C ASP G 261 -2.96 56.55 -25.78
N LEU G 262 -2.25 57.40 -26.53
CA LEU G 262 -1.55 56.93 -27.71
C LEU G 262 -0.48 55.91 -27.34
N LEU G 263 0.33 56.23 -26.33
CA LEU G 263 1.36 55.29 -25.89
C LEU G 263 0.75 54.01 -25.35
N LYS G 264 -0.33 54.13 -24.59
CA LYS G 264 -0.97 52.94 -24.01
C LYS G 264 -1.48 52.02 -25.11
N GLN G 265 -2.16 52.58 -26.11
CA GLN G 265 -2.69 51.75 -27.19
C GLN G 265 -1.57 51.17 -28.04
N ALA G 266 -0.50 51.94 -28.27
CA ALA G 266 0.63 51.40 -29.02
C ALA G 266 1.27 50.22 -28.28
N PHE G 267 1.46 50.36 -26.97
CA PHE G 267 2.04 49.26 -26.19
C PHE G 267 1.10 48.05 -26.18
N ALA G 268 -0.21 48.28 -26.07
CA ALA G 268 -1.15 47.17 -26.09
C ALA G 268 -1.10 46.45 -27.44
N ARG G 269 -1.05 47.21 -28.54
CA ARG G 269 -0.98 46.59 -29.86
C ARG G 269 0.32 45.80 -30.02
N ALA G 270 1.44 46.35 -29.53
CA ALA G 270 2.70 45.63 -29.61
C ALA G 270 2.64 44.34 -28.80
N ALA G 271 2.05 44.40 -27.60
CA ALA G 271 1.94 43.19 -26.78
C ALA G 271 1.07 42.15 -27.45
N ILE G 272 -0.05 42.56 -28.04
CA ILE G 272 -0.91 41.61 -28.74
C ILE G 272 -0.16 40.99 -29.91
N LEU G 273 0.56 41.81 -30.68
CA LEU G 273 1.41 41.29 -31.75
C LEU G 273 2.64 40.57 -31.21
N SER G 274 2.99 40.79 -29.95
CA SER G 274 4.16 40.16 -29.34
C SER G 274 3.75 39.32 -28.14
N ASN G 275 2.69 38.52 -28.30
CA ASN G 275 2.22 37.68 -27.20
C ASN G 275 3.29 36.71 -26.71
N GLU G 276 4.28 36.39 -27.54
CA GLU G 276 5.35 35.51 -27.12
C GLU G 276 6.11 36.11 -25.94
N LYS G 277 6.51 35.25 -25.01
CA LYS G 277 7.22 35.69 -23.82
C LYS G 277 8.70 35.90 -24.17
N PHE G 278 9.53 36.07 -23.14
CA PHE G 278 10.97 36.30 -23.31
C PHE G 278 11.24 37.63 -24.01
N ARG G 279 12.43 38.19 -23.78
CA ARG G 279 12.85 39.42 -24.44
C ARG G 279 11.95 40.58 -24.05
N GLY G 280 12.28 41.78 -24.55
CA GLY G 280 11.52 42.98 -24.29
C GLY G 280 11.14 43.67 -25.59
N VAL G 281 11.04 44.99 -25.51
CA VAL G 281 10.69 45.82 -26.67
C VAL G 281 11.71 46.93 -26.79
N ARG G 282 12.22 47.14 -27.99
CA ARG G 282 13.21 48.17 -28.27
C ARG G 282 12.51 49.36 -28.91
N LEU G 283 12.64 50.53 -28.30
CA LEU G 283 12.05 51.76 -28.83
C LEU G 283 13.17 52.72 -29.22
N TYR G 284 13.13 53.19 -30.46
CA TYR G 284 14.06 54.19 -30.97
C TYR G 284 13.28 55.49 -31.15
N VAL G 285 13.70 56.52 -30.44
CA VAL G 285 13.06 57.83 -30.48
C VAL G 285 13.93 58.76 -31.30
N SER G 286 13.30 59.46 -32.25
CA SER G 286 13.94 60.48 -33.07
C SER G 286 13.05 61.72 -33.06
N GLU G 287 13.51 62.78 -33.72
CA GLU G 287 12.78 64.03 -33.71
C GLU G 287 11.36 63.84 -34.23
N ASN G 288 10.38 63.97 -33.34
CA ASN G 288 8.98 63.80 -33.68
C ASN G 288 8.72 62.45 -34.32
N GLN G 289 9.32 61.40 -33.75
CA GLN G 289 9.09 60.05 -34.25
C GLN G 289 9.48 59.03 -33.19
N LEU G 290 8.75 57.93 -33.15
CA LEU G 290 9.07 56.81 -32.29
C LEU G 290 8.84 55.52 -33.05
N LYS G 291 9.76 54.57 -32.90
CA LYS G 291 9.67 53.27 -33.56
C LYS G 291 9.81 52.19 -32.49
N ILE G 292 8.78 51.36 -32.35
CA ILE G 292 8.77 50.28 -31.36
C ILE G 292 8.87 48.96 -32.11
N THR G 293 9.81 48.10 -31.68
CA THR G 293 10.04 46.82 -32.32
C THR G 293 10.17 45.74 -31.27
N ALA G 294 9.50 44.61 -31.52
CA ALA G 294 9.64 43.46 -30.64
C ALA G 294 11.03 42.87 -30.77
N ASN G 295 11.61 42.45 -29.64
CA ASN G 295 12.96 41.91 -29.61
C ASN G 295 12.99 40.39 -29.72
N ASN G 296 12.02 39.81 -30.41
CA ASN G 296 12.01 38.36 -30.58
C ASN G 296 13.18 37.93 -31.46
N PRO G 297 13.71 36.71 -31.25
CA PRO G 297 14.88 36.28 -32.01
C PRO G 297 14.59 36.07 -33.50
N GLU G 298 13.55 35.31 -33.81
CA GLU G 298 13.23 34.94 -35.18
C GLU G 298 11.88 35.44 -35.67
N GLN G 299 11.01 35.90 -34.78
CA GLN G 299 9.69 36.37 -35.20
C GLN G 299 9.84 37.62 -36.07
N GLU G 300 8.92 37.78 -37.02
CA GLU G 300 8.97 38.91 -37.93
C GLU G 300 8.95 40.22 -37.15
N GLU G 301 9.80 41.16 -37.57
CA GLU G 301 9.93 42.46 -36.90
C GLU G 301 8.82 43.37 -37.39
N ALA G 302 7.65 43.24 -36.77
CA ALA G 302 6.48 44.06 -37.09
C ALA G 302 6.58 45.38 -36.32
N GLU G 303 7.59 46.17 -36.68
CA GLU G 303 7.82 47.44 -36.02
C GLU G 303 6.69 48.41 -36.30
N GLU G 304 6.36 49.24 -35.31
CA GLU G 304 5.30 50.23 -35.42
C GLU G 304 5.88 51.62 -35.23
N ILE G 305 5.44 52.56 -36.07
CA ILE G 305 5.94 53.93 -36.07
C ILE G 305 4.82 54.85 -35.62
N LEU G 306 5.11 55.70 -34.64
CA LEU G 306 4.15 56.66 -34.10
C LEU G 306 4.78 58.04 -34.08
N ASP G 307 3.92 59.05 -34.03
CA ASP G 307 4.35 60.44 -34.00
C ASP G 307 4.19 61.00 -32.59
N VAL G 308 5.24 61.65 -32.09
CA VAL G 308 5.24 62.24 -30.76
C VAL G 308 5.80 63.65 -30.85
N THR G 309 5.75 64.37 -29.73
CA THR G 309 6.25 65.74 -29.65
C THR G 309 7.65 65.69 -29.05
N TYR G 310 8.61 65.29 -29.89
CA TYR G 310 10.00 65.17 -29.49
C TYR G 310 10.90 65.81 -30.55
N SER G 311 11.96 66.49 -30.09
CA SER G 311 12.90 67.12 -31.00
C SER G 311 14.35 66.98 -30.55
N GLY G 312 14.64 66.16 -29.53
CA GLY G 312 15.98 66.01 -29.03
C GLY G 312 16.78 64.99 -29.82
N ALA G 313 17.98 64.71 -29.31
CA ALA G 313 18.86 63.74 -29.96
C ALA G 313 18.23 62.36 -29.93
N GLU G 314 18.31 61.65 -31.05
CA GLU G 314 17.68 60.34 -31.15
C GLU G 314 18.47 59.30 -30.37
N MET G 315 17.77 58.28 -29.90
CA MET G 315 18.42 57.21 -29.14
C MET G 315 17.49 56.01 -29.06
N GLU G 316 18.09 54.84 -28.86
CA GLU G 316 17.37 53.57 -28.78
C GLU G 316 17.55 52.98 -27.39
N ILE G 317 16.44 52.54 -26.80
CA ILE G 317 16.45 51.96 -25.46
C ILE G 317 15.50 50.77 -25.42
N GLY G 318 15.89 49.74 -24.69
CA GLY G 318 15.06 48.56 -24.50
C GLY G 318 14.37 48.60 -23.14
N PHE G 319 13.09 48.21 -23.15
CA PHE G 319 12.27 48.19 -21.95
C PHE G 319 11.48 46.89 -21.88
N ASN G 320 11.08 46.54 -20.66
CA ASN G 320 10.18 45.42 -20.45
C ASN G 320 8.73 45.89 -20.68
N VAL G 321 8.00 45.14 -21.51
CA VAL G 321 6.65 45.57 -21.89
C VAL G 321 5.75 45.63 -20.67
N SER G 322 5.88 44.67 -19.75
CA SER G 322 4.98 44.61 -18.61
C SER G 322 5.10 45.86 -17.73
N TYR G 323 6.32 46.30 -17.46
CA TYR G 323 6.50 47.45 -16.57
C TYR G 323 5.90 48.71 -17.18
N VAL G 324 6.20 48.97 -18.45
CA VAL G 324 5.68 50.17 -19.10
C VAL G 324 4.15 50.11 -19.19
N LEU G 325 3.61 48.93 -19.51
CA LEU G 325 2.17 48.79 -19.59
C LEU G 325 1.52 49.06 -18.24
N ASP G 326 2.10 48.52 -17.17
CA ASP G 326 1.55 48.75 -15.84
C ASP G 326 1.63 50.22 -15.45
N VAL G 327 2.74 50.87 -15.77
CA VAL G 327 2.88 52.30 -15.45
C VAL G 327 1.84 53.11 -16.19
N LEU G 328 1.65 52.83 -17.49
CA LEU G 328 0.66 53.56 -18.26
C LEU G 328 -0.74 53.33 -17.73
N ASN G 329 -1.08 52.07 -17.42
CA ASN G 329 -2.42 51.77 -16.93
C ASN G 329 -2.69 52.43 -15.59
N ALA G 330 -1.72 52.38 -14.68
CA ALA G 330 -1.91 52.97 -13.35
C ALA G 330 -2.10 54.48 -13.45
N LEU G 331 -1.29 55.14 -14.28
CA LEU G 331 -1.38 56.59 -14.47
C LEU G 331 -2.40 56.84 -15.56
N LYS G 332 -3.67 56.91 -15.18
CA LYS G 332 -4.78 57.07 -16.12
C LYS G 332 -4.99 58.56 -16.36
N CYS G 333 -4.46 59.06 -17.48
CA CYS G 333 -4.65 60.45 -17.87
C CYS G 333 -4.58 60.53 -19.39
N GLU G 334 -4.44 61.74 -19.92
CA GLU G 334 -4.39 61.97 -21.36
C GLU G 334 -2.98 62.27 -21.86
N ASN G 335 -2.13 62.87 -21.03
CA ASN G 335 -0.76 63.22 -21.42
C ASN G 335 0.20 62.80 -20.32
N VAL G 336 1.42 62.42 -20.74
CA VAL G 336 2.47 62.00 -19.83
C VAL G 336 3.77 62.68 -20.23
N ARG G 337 4.69 62.75 -19.27
CA ARG G 337 6.00 63.33 -19.46
C ARG G 337 7.06 62.35 -18.96
N MET G 338 8.05 62.07 -19.80
CA MET G 338 9.12 61.14 -19.51
C MET G 338 10.45 61.89 -19.54
N MET G 339 11.22 61.76 -18.46
CA MET G 339 12.52 62.41 -18.33
C MET G 339 13.61 61.36 -18.21
N LEU G 340 14.74 61.63 -18.84
CA LEU G 340 15.88 60.72 -18.78
C LEU G 340 17.16 61.51 -18.98
N THR G 341 18.27 60.92 -18.54
CA THR G 341 19.59 61.54 -18.63
C THR G 341 20.41 60.99 -19.80
N ASP G 342 20.57 59.66 -19.86
CA ASP G 342 21.34 59.02 -20.92
C ASP G 342 20.77 57.63 -21.14
N SER G 343 21.47 56.83 -21.95
CA SER G 343 20.98 55.49 -22.25
C SER G 343 20.99 54.60 -21.01
N VAL G 344 22.12 54.56 -20.31
CA VAL G 344 22.24 53.76 -19.08
C VAL G 344 21.87 54.68 -17.93
N SER G 345 20.57 54.78 -17.68
CA SER G 345 20.05 55.63 -16.61
C SER G 345 18.57 55.36 -16.44
N SER G 346 18.11 55.45 -15.20
CA SER G 346 16.70 55.24 -14.92
C SER G 346 15.85 56.34 -15.54
N VAL G 347 14.73 55.95 -16.14
CA VAL G 347 13.82 56.88 -16.78
C VAL G 347 12.64 57.13 -15.85
N GLN G 348 12.29 58.40 -15.66
CA GLN G 348 11.19 58.81 -14.80
C GLN G 348 9.98 59.17 -15.66
N ILE G 349 8.80 58.83 -15.18
CA ILE G 349 7.54 59.10 -15.87
C ILE G 349 6.58 59.72 -14.89
N GLU G 350 5.88 60.77 -15.32
CA GLU G 350 4.89 61.44 -14.50
C GLU G 350 3.81 62.02 -15.40
N ASP G 351 2.81 62.65 -14.78
CA ASP G 351 1.74 63.31 -15.50
C ASP G 351 2.14 64.74 -15.83
N ALA G 352 1.87 65.15 -17.06
CA ALA G 352 2.22 66.51 -17.48
C ALA G 352 1.43 67.56 -16.72
N ALA G 353 0.30 67.19 -16.12
CA ALA G 353 -0.52 68.14 -15.37
C ALA G 353 -0.09 68.25 -13.91
N SER G 354 0.15 67.11 -13.25
CA SER G 354 0.53 67.07 -11.85
C SER G 354 1.75 66.19 -11.67
N GLN G 355 2.57 66.52 -10.67
CA GLN G 355 3.78 65.79 -10.34
C GLN G 355 3.64 64.97 -9.06
N SER G 356 2.41 64.77 -8.58
CA SER G 356 2.21 64.03 -7.34
C SER G 356 2.70 62.60 -7.46
N ALA G 357 2.40 61.94 -8.58
CA ALA G 357 2.75 60.55 -8.81
C ALA G 357 3.93 60.47 -9.77
N ALA G 358 4.94 59.68 -9.40
CA ALA G 358 6.13 59.49 -10.22
C ALA G 358 6.48 58.00 -10.26
N TYR G 359 6.93 57.53 -11.41
CA TYR G 359 7.34 56.15 -11.60
C TYR G 359 8.68 56.12 -12.30
N VAL G 360 9.69 55.58 -11.63
CA VAL G 360 11.06 55.52 -12.17
C VAL G 360 11.39 54.06 -12.44
N VAL G 361 11.85 53.77 -13.65
CA VAL G 361 12.12 52.42 -14.12
C VAL G 361 13.51 52.36 -14.71
N MET G 362 14.27 51.32 -14.34
CA MET G 362 15.59 51.11 -14.93
C MET G 362 15.45 50.49 -16.31
N PRO G 363 16.13 51.02 -17.33
CA PRO G 363 16.04 50.40 -18.66
C PRO G 363 16.66 49.00 -18.67
N MET G 364 16.10 48.15 -19.52
CA MET G 364 16.63 46.80 -19.68
C MET G 364 18.03 46.86 -20.28
N ARG G 365 18.97 46.15 -19.66
CA ARG G 365 20.34 46.16 -20.13
C ARG G 365 20.46 45.35 -21.41
N LEU G 366 21.28 45.84 -22.34
CA LEU G 366 21.48 45.19 -23.63
C LEU G 366 22.91 45.35 -24.10
N MET H 1 -11.65 14.64 -55.70
CA MET H 1 -12.30 14.72 -54.36
C MET H 1 -12.00 16.06 -53.71
N LYS H 2 -12.43 17.14 -54.37
CA LYS H 2 -12.16 18.48 -53.89
C LYS H 2 -13.23 18.87 -52.86
N PHE H 3 -12.79 19.23 -51.66
CA PHE H 3 -13.67 19.68 -50.60
C PHE H 3 -13.25 21.08 -50.17
N THR H 4 -14.22 21.99 -50.15
CA THR H 4 -14.03 23.36 -49.67
C THR H 4 -14.69 23.47 -48.30
N VAL H 5 -13.92 23.90 -47.31
CA VAL H 5 -14.38 23.94 -45.93
C VAL H 5 -14.14 25.34 -45.36
N GLU H 6 -15.12 25.86 -44.65
CA GLU H 6 -15.01 27.13 -43.96
C GLU H 6 -14.65 26.88 -42.50
N ARG H 7 -13.70 27.66 -41.98
CA ARG H 7 -13.25 27.45 -40.62
C ARG H 7 -14.39 27.63 -39.62
N GLU H 8 -15.25 28.63 -39.86
CA GLU H 8 -16.37 28.89 -38.95
C GLU H 8 -17.25 27.66 -38.81
N HIS H 9 -17.67 27.08 -39.93
CA HIS H 9 -18.53 25.90 -39.87
C HIS H 9 -17.80 24.71 -39.25
N LEU H 10 -16.52 24.53 -39.61
CA LEU H 10 -15.81 23.32 -39.20
C LEU H 10 -15.43 23.34 -37.73
N LEU H 11 -15.28 24.53 -37.14
CA LEU H 11 -14.72 24.63 -35.79
C LEU H 11 -15.50 23.78 -34.79
N LYS H 12 -16.77 24.13 -34.56
CA LYS H 12 -17.52 23.49 -33.47
C LYS H 12 -17.68 21.99 -33.65
N PRO H 13 -18.06 21.48 -34.83
CA PRO H 13 -18.17 20.02 -34.97
C PRO H 13 -16.87 19.29 -34.69
N LEU H 14 -15.73 19.87 -35.08
CA LEU H 14 -14.44 19.23 -34.83
C LEU H 14 -14.19 19.10 -33.34
N GLN H 15 -14.45 20.16 -32.57
CA GLN H 15 -14.28 20.07 -31.13
C GLN H 15 -15.24 19.08 -30.52
N GLN H 16 -16.48 19.06 -31.01
CA GLN H 16 -17.47 18.12 -30.47
C GLN H 16 -17.02 16.67 -30.68
N VAL H 17 -16.54 16.35 -31.87
CA VAL H 17 -16.12 14.98 -32.13
C VAL H 17 -14.82 14.65 -31.38
N SER H 18 -13.93 15.64 -31.25
CA SER H 18 -12.67 15.39 -30.56
C SER H 18 -12.83 15.29 -29.04
N GLY H 19 -13.93 15.81 -28.51
CA GLY H 19 -14.19 15.73 -27.08
C GLY H 19 -13.97 14.35 -26.51
N PRO H 20 -14.75 13.36 -26.96
CA PRO H 20 -14.57 11.99 -26.43
C PRO H 20 -13.18 11.44 -26.66
N LEU H 21 -12.52 11.80 -27.76
CA LEU H 21 -11.17 11.31 -28.01
C LEU H 21 -10.23 11.79 -26.91
N GLY H 22 -9.41 10.87 -26.40
CA GLY H 22 -8.48 11.15 -25.34
C GLY H 22 -7.03 10.99 -25.79
N GLY H 23 -6.12 11.38 -24.90
CA GLY H 23 -4.70 11.27 -25.22
C GLY H 23 -4.26 9.84 -25.42
N ARG H 24 -4.74 8.93 -24.59
CA ARG H 24 -4.36 7.52 -24.67
C ARG H 24 -5.05 6.86 -25.86
N PRO H 25 -4.33 6.54 -26.95
CA PRO H 25 -5.04 5.97 -28.11
C PRO H 25 -5.59 4.58 -27.87
N THR H 26 -4.78 3.68 -27.31
CA THR H 26 -5.11 2.27 -27.09
C THR H 26 -5.19 1.48 -28.39
N LEU H 27 -5.01 2.12 -29.54
CA LEU H 27 -5.11 1.47 -30.83
C LEU H 27 -4.56 2.41 -31.90
N PRO H 28 -3.90 1.90 -32.95
CA PRO H 28 -3.31 2.81 -33.95
C PRO H 28 -4.33 3.73 -34.62
N ILE H 29 -5.55 3.24 -34.86
CA ILE H 29 -6.54 3.98 -35.63
C ILE H 29 -7.64 4.57 -34.76
N LEU H 30 -7.70 4.23 -33.46
CA LEU H 30 -8.77 4.74 -32.63
C LEU H 30 -8.72 6.26 -32.52
N GLY H 31 -7.51 6.82 -32.37
CA GLY H 31 -7.38 8.26 -32.30
C GLY H 31 -7.85 8.95 -33.57
N ASN H 32 -7.62 8.32 -34.72
CA ASN H 32 -8.03 8.90 -35.99
C ASN H 32 -9.55 8.95 -36.10
N LEU H 33 -10.04 9.95 -36.81
CA LEU H 33 -11.46 10.13 -37.07
C LEU H 33 -11.76 9.83 -38.54
N LEU H 34 -12.97 9.32 -38.79
CA LEU H 34 -13.38 8.91 -40.13
C LEU H 34 -14.14 10.06 -40.78
N LEU H 35 -13.68 10.50 -41.95
CA LEU H 35 -14.34 11.54 -42.71
C LEU H 35 -14.84 10.94 -44.02
N GLN H 36 -16.14 11.06 -44.27
CA GLN H 36 -16.75 10.50 -45.47
C GLN H 36 -17.67 11.54 -46.09
N VAL H 37 -17.94 11.36 -47.39
CA VAL H 37 -18.82 12.24 -48.15
C VAL H 37 -19.91 11.39 -48.78
N ALA H 38 -21.16 11.81 -48.60
CA ALA H 38 -22.30 11.09 -49.15
C ALA H 38 -23.27 12.11 -49.74
N ASP H 39 -23.61 11.94 -51.02
CA ASP H 39 -24.54 12.83 -51.70
C ASP H 39 -24.10 14.28 -51.57
N GLY H 40 -24.66 15.01 -50.62
CA GLY H 40 -24.33 16.41 -50.44
C GLY H 40 -23.98 16.77 -49.01
N THR H 41 -23.43 15.80 -48.28
CA THR H 41 -23.07 16.00 -46.88
C THR H 41 -21.73 15.33 -46.61
N LEU H 42 -21.05 15.83 -45.58
CA LEU H 42 -19.80 15.28 -45.10
C LEU H 42 -19.97 14.90 -43.63
N SER H 43 -19.65 13.65 -43.31
CA SER H 43 -19.80 13.10 -41.97
C SER H 43 -18.43 12.86 -41.36
N LEU H 44 -18.23 13.40 -40.16
CA LEU H 44 -17.02 13.17 -39.38
C LEU H 44 -17.41 12.37 -38.14
N THR H 45 -16.78 11.20 -37.96
CA THR H 45 -17.16 10.24 -36.95
C THR H 45 -15.96 9.89 -36.07
N GLY H 46 -16.21 9.78 -34.78
CA GLY H 46 -15.19 9.37 -33.83
C GLY H 46 -15.75 8.47 -32.74
N THR H 47 -15.02 7.42 -32.38
CA THR H 47 -15.48 6.46 -31.40
C THR H 47 -14.28 5.92 -30.63
N ASP H 48 -14.58 5.37 -29.44
CA ASP H 48 -13.57 4.77 -28.57
C ASP H 48 -13.94 3.34 -28.22
N LEU H 49 -14.65 2.65 -29.11
CA LEU H 49 -15.12 1.27 -28.97
C LEU H 49 -16.24 1.13 -27.95
N GLU H 50 -16.64 2.20 -27.27
CA GLU H 50 -17.75 2.18 -26.33
C GLU H 50 -18.87 3.14 -26.70
N MET H 51 -18.53 4.35 -27.16
CA MET H 51 -19.49 5.32 -27.63
C MET H 51 -18.99 5.94 -28.92
N GLU H 52 -19.92 6.26 -29.81
CA GLU H 52 -19.62 6.83 -31.12
C GLU H 52 -20.38 8.12 -31.29
N MET H 53 -19.71 9.13 -31.86
CA MET H 53 -20.33 10.42 -32.14
C MET H 53 -19.98 10.82 -33.57
N VAL H 54 -21.00 11.16 -34.36
CA VAL H 54 -20.80 11.54 -35.76
C VAL H 54 -21.57 12.84 -36.02
N ALA H 55 -20.90 13.78 -36.67
CA ALA H 55 -21.48 15.07 -37.01
C ALA H 55 -21.49 15.24 -38.54
N ARG H 56 -22.59 15.79 -39.05
CA ARG H 56 -22.80 15.99 -40.47
C ARG H 56 -22.81 17.47 -40.80
N VAL H 57 -22.15 17.83 -41.91
CA VAL H 57 -22.11 19.20 -42.39
C VAL H 57 -22.52 19.21 -43.86
N ALA H 58 -23.43 20.11 -44.22
CA ALA H 58 -23.92 20.18 -45.59
C ALA H 58 -22.83 20.67 -46.53
N LEU H 59 -22.85 20.14 -47.75
CA LEU H 59 -21.92 20.52 -48.81
C LEU H 59 -22.70 21.05 -50.01
N VAL H 60 -22.19 22.12 -50.61
CA VAL H 60 -22.82 22.76 -51.76
C VAL H 60 -22.03 22.52 -53.04
N GLN H 61 -20.70 22.62 -52.98
CA GLN H 61 -19.89 22.47 -54.17
C GLN H 61 -19.92 21.02 -54.66
N PRO H 62 -19.72 20.80 -55.96
CA PRO H 62 -19.75 19.42 -56.47
C PRO H 62 -18.64 18.58 -55.87
N HIS H 63 -18.93 17.28 -55.71
CA HIS H 63 -17.99 16.34 -55.11
C HIS H 63 -18.40 14.93 -55.49
N GLU H 64 -17.55 13.98 -55.17
CA GLU H 64 -17.74 12.58 -55.47
C GLU H 64 -17.65 11.74 -54.19
N PRO H 65 -18.23 10.54 -54.18
CA PRO H 65 -18.20 9.72 -52.96
C PRO H 65 -16.78 9.38 -52.54
N GLY H 66 -16.58 9.29 -51.23
CA GLY H 66 -15.28 8.94 -50.69
C GLY H 66 -15.35 8.79 -49.19
N ALA H 67 -14.32 8.16 -48.64
CA ALA H 67 -14.21 7.95 -47.21
C ALA H 67 -12.75 7.68 -46.86
N THR H 68 -12.28 8.31 -45.79
CA THR H 68 -10.88 8.18 -45.37
C THR H 68 -10.81 8.37 -43.86
N THR H 69 -9.60 8.21 -43.33
CA THR H 69 -9.32 8.41 -41.92
C THR H 69 -8.20 9.43 -41.76
N VAL H 70 -8.35 10.32 -40.79
CA VAL H 70 -7.36 11.38 -40.56
C VAL H 70 -7.06 11.45 -39.07
N PRO H 71 -5.80 11.59 -38.64
CA PRO H 71 -5.52 11.75 -37.21
C PRO H 71 -6.19 13.00 -36.66
N ALA H 72 -6.69 12.87 -35.42
CA ALA H 72 -7.42 13.99 -34.81
C ALA H 72 -6.48 15.12 -34.40
N ARG H 73 -5.34 14.78 -33.79
CA ARG H 73 -4.45 15.81 -33.28
C ARG H 73 -3.89 16.68 -34.40
N LYS H 74 -3.44 16.05 -35.49
CA LYS H 74 -2.86 16.82 -36.58
C LYS H 74 -3.90 17.73 -37.23
N PHE H 75 -5.10 17.20 -37.46
CA PHE H 75 -6.16 18.01 -38.06
C PHE H 75 -6.54 19.18 -37.16
N PHE H 76 -6.64 18.92 -35.84
CA PHE H 76 -6.96 19.99 -34.91
C PHE H 76 -5.88 21.06 -34.91
N ASP H 77 -4.61 20.64 -34.92
CA ASP H 77 -3.52 21.61 -34.96
C ASP H 77 -3.54 22.43 -36.23
N ILE H 78 -3.81 21.78 -37.37
CA ILE H 78 -3.87 22.49 -38.64
C ILE H 78 -4.99 23.53 -38.61
N CYS H 79 -6.17 23.12 -38.12
CA CYS H 79 -7.29 24.04 -38.06
C CYS H 79 -6.99 25.22 -37.13
N ARG H 80 -6.38 24.95 -35.98
CA ARG H 80 -6.05 26.02 -35.04
C ARG H 80 -5.02 26.98 -35.65
N GLY H 81 -4.03 26.44 -36.35
CA GLY H 81 -2.97 27.29 -36.86
C GLY H 81 -3.45 28.30 -37.89
N LEU H 82 -4.35 27.88 -38.77
CA LEU H 82 -4.79 28.75 -39.85
C LEU H 82 -5.51 29.97 -39.28
N PRO H 83 -5.33 31.16 -39.85
CA PRO H 83 -6.05 32.32 -39.34
C PRO H 83 -7.56 32.17 -39.51
N GLU H 84 -8.30 32.81 -38.61
CA GLU H 84 -9.75 32.77 -38.67
C GLU H 84 -10.25 33.31 -40.00
N GLY H 85 -11.28 32.67 -40.55
CA GLY H 85 -11.84 33.05 -41.83
C GLY H 85 -11.20 32.40 -43.03
N ALA H 86 -10.14 31.62 -42.84
CA ALA H 86 -9.47 30.97 -43.96
C ALA H 86 -10.32 29.85 -44.53
N GLU H 87 -10.13 29.59 -45.83
CA GLU H 87 -10.82 28.52 -46.54
C GLU H 87 -9.85 27.36 -46.76
N ILE H 88 -10.30 26.15 -46.44
CA ILE H 88 -9.46 24.95 -46.50
C ILE H 88 -9.89 24.14 -47.71
N ALA H 89 -8.93 23.78 -48.55
CA ALA H 89 -9.15 22.92 -49.70
C ALA H 89 -8.50 21.57 -49.42
N VAL H 90 -9.30 20.51 -49.47
CA VAL H 90 -8.85 19.17 -49.15
C VAL H 90 -9.07 18.29 -50.37
N GLN H 91 -8.03 17.56 -50.78
CA GLN H 91 -8.08 16.68 -51.93
C GLN H 91 -7.47 15.33 -51.59
N LEU H 92 -7.93 14.29 -52.28
CA LEU H 92 -7.40 12.95 -52.12
C LEU H 92 -6.43 12.67 -53.27
N GLU H 93 -5.17 12.39 -52.92
CA GLU H 93 -4.13 12.12 -53.91
C GLU H 93 -3.30 10.94 -53.38
N GLY H 94 -3.68 9.73 -53.79
CA GLY H 94 -2.96 8.56 -53.34
C GLY H 94 -3.22 8.28 -51.86
N GLU H 95 -2.20 7.70 -51.22
CA GLU H 95 -2.32 7.32 -49.82
C GLU H 95 -2.21 8.50 -48.86
N ARG H 96 -1.86 9.69 -49.35
CA ARG H 96 -1.74 10.88 -48.53
C ARG H 96 -2.65 11.98 -49.08
N MET H 97 -3.44 12.59 -48.21
CA MET H 97 -4.32 13.67 -48.61
C MET H 97 -3.55 14.98 -48.69
N LEU H 98 -4.04 15.89 -49.54
CA LEU H 98 -3.42 17.18 -49.77
C LEU H 98 -4.31 18.27 -49.21
N VAL H 99 -3.73 19.16 -48.40
CA VAL H 99 -4.42 20.32 -47.85
C VAL H 99 -3.75 21.56 -48.43
N ARG H 100 -4.53 22.40 -49.09
CA ARG H 100 -4.03 23.60 -49.76
C ARG H 100 -4.61 24.82 -49.03
N SER H 101 -3.85 25.33 -48.06
CA SER H 101 -4.21 26.54 -47.33
C SER H 101 -3.48 27.70 -47.97
N GLY H 102 -4.17 28.44 -48.82
CA GLY H 102 -3.52 29.50 -49.58
C GLY H 102 -2.44 28.91 -50.47
N ARG H 103 -1.20 29.38 -50.30
CA ARG H 103 -0.06 28.87 -51.03
C ARG H 103 0.66 27.76 -50.28
N SER H 104 0.15 27.32 -49.13
CA SER H 104 0.79 26.30 -48.32
C SER H 104 0.16 24.93 -48.64
N ARG H 105 1.00 24.00 -49.08
CA ARG H 105 0.57 22.64 -49.40
C ARG H 105 1.09 21.70 -48.33
N PHE H 106 0.19 20.88 -47.78
CA PHE H 106 0.54 19.94 -46.73
C PHE H 106 0.06 18.55 -47.11
N SER H 107 0.91 17.54 -46.87
CA SER H 107 0.57 16.15 -47.12
C SER H 107 0.31 15.47 -45.78
N LEU H 108 -0.87 14.87 -45.64
CA LEU H 108 -1.30 14.24 -44.40
C LEU H 108 -1.52 12.76 -44.66
N SER H 109 -0.89 11.91 -43.83
CA SER H 109 -1.00 10.48 -44.00
C SER H 109 -2.44 10.02 -43.78
N THR H 110 -2.89 9.07 -44.58
CA THR H 110 -4.24 8.54 -44.52
C THR H 110 -4.20 7.03 -44.40
N LEU H 111 -4.95 6.48 -43.44
CA LEU H 111 -5.08 5.04 -43.26
C LEU H 111 -6.38 4.54 -43.89
N PRO H 112 -6.43 3.28 -44.31
CA PRO H 112 -7.64 2.79 -44.99
C PRO H 112 -8.88 2.91 -44.10
N ALA H 113 -10.00 3.29 -44.72
CA ALA H 113 -11.25 3.46 -43.99
C ALA H 113 -11.98 2.16 -43.75
N ALA H 114 -11.62 1.08 -44.44
CA ALA H 114 -12.30 -0.19 -44.25
C ALA H 114 -12.02 -0.81 -42.88
N ASP H 115 -10.96 -0.38 -42.21
CA ASP H 115 -10.56 -0.93 -40.92
C ASP H 115 -11.10 -0.13 -39.74
N PHE H 116 -11.88 0.92 -39.98
CA PHE H 116 -12.40 1.74 -38.90
C PHE H 116 -13.59 1.03 -38.26
N PRO H 117 -13.58 0.77 -36.94
CA PRO H 117 -14.74 0.10 -36.33
C PRO H 117 -15.98 0.97 -36.30
N ASN H 118 -16.65 1.11 -37.44
CA ASN H 118 -17.87 1.89 -37.55
C ASN H 118 -19.03 0.96 -37.89
N LEU H 119 -20.16 1.17 -37.22
CA LEU H 119 -21.34 0.37 -37.49
C LEU H 119 -21.84 0.63 -38.91
N ASP H 120 -22.20 -0.44 -39.61
CA ASP H 120 -22.64 -0.36 -41.00
C ASP H 120 -24.17 -0.37 -41.11
N ASP H 121 -24.81 -1.41 -40.57
CA ASP H 121 -26.26 -1.57 -40.64
C ASP H 121 -26.85 -1.43 -39.24
N TRP H 122 -27.95 -0.68 -39.15
CA TRP H 122 -28.65 -0.43 -37.89
C TRP H 122 -30.08 -0.93 -38.01
N GLN H 123 -30.53 -1.65 -36.99
CA GLN H 123 -31.90 -2.12 -36.87
C GLN H 123 -32.50 -1.55 -35.59
N SER H 124 -33.66 -0.89 -35.73
CA SER H 124 -34.29 -0.21 -34.61
C SER H 124 -35.43 -1.08 -34.07
N GLU H 125 -35.29 -1.51 -32.81
CA GLU H 125 -36.36 -2.25 -32.16
C GLU H 125 -37.51 -1.33 -31.78
N VAL H 126 -37.19 -0.14 -31.27
CA VAL H 126 -38.21 0.84 -30.93
C VAL H 126 -37.65 2.24 -31.15
N GLU H 127 -38.32 3.04 -31.97
CA GLU H 127 -37.85 4.39 -32.31
C GLU H 127 -38.97 5.39 -32.09
N PHE H 128 -38.58 6.60 -31.68
CA PHE H 128 -39.53 7.67 -31.43
C PHE H 128 -38.79 9.00 -31.50
N THR H 129 -39.54 10.08 -31.36
CA THR H 129 -38.97 11.43 -31.38
C THR H 129 -39.67 12.28 -30.32
N LEU H 130 -38.88 13.09 -29.62
CA LEU H 130 -39.41 13.91 -28.54
C LEU H 130 -38.74 15.28 -28.55
N PRO H 131 -39.42 16.31 -28.04
CA PRO H 131 -38.74 17.61 -27.87
C PRO H 131 -37.62 17.50 -26.85
N GLN H 132 -36.60 18.34 -27.03
CA GLN H 132 -35.45 18.33 -26.12
C GLN H 132 -35.86 18.70 -24.69
N ALA H 133 -36.91 19.51 -24.53
CA ALA H 133 -37.29 19.96 -23.20
C ALA H 133 -37.71 18.79 -22.32
N THR H 134 -38.52 17.88 -22.85
CA THR H 134 -39.01 16.76 -22.05
C THR H 134 -37.86 15.84 -21.63
N MET H 135 -36.99 15.48 -22.59
CA MET H 135 -35.87 14.61 -22.27
C MET H 135 -34.94 15.28 -21.27
N LYS H 136 -34.67 16.57 -21.44
CA LYS H 136 -33.83 17.28 -20.50
C LYS H 136 -34.44 17.28 -19.10
N ARG H 137 -35.75 17.51 -19.02
CA ARG H 137 -36.42 17.50 -17.72
C ARG H 137 -36.29 16.13 -17.06
N LEU H 138 -36.56 15.06 -17.81
CA LEU H 138 -36.48 13.73 -17.23
C LEU H 138 -35.07 13.41 -16.76
N ILE H 139 -34.07 13.72 -17.59
CA ILE H 139 -32.68 13.43 -17.22
C ILE H 139 -32.30 14.23 -15.99
N GLU H 140 -32.66 15.51 -15.95
CA GLU H 140 -32.30 16.35 -14.81
C GLU H 140 -32.95 15.83 -13.53
N ALA H 141 -34.21 15.38 -13.62
CA ALA H 141 -34.92 14.93 -12.44
C ALA H 141 -34.56 13.52 -12.00
N THR H 142 -33.94 12.72 -12.87
CA THR H 142 -33.63 11.34 -12.53
C THR H 142 -32.14 11.02 -12.45
N GLN H 143 -31.25 11.95 -12.83
CA GLN H 143 -29.83 11.63 -12.92
C GLN H 143 -29.17 11.53 -11.55
N PHE H 144 -29.57 12.38 -10.61
CA PHE H 144 -28.83 12.50 -9.35
C PHE H 144 -28.90 11.25 -8.47
N SER H 145 -29.79 10.32 -8.77
CA SER H 145 -29.98 9.13 -7.95
C SER H 145 -29.21 7.91 -8.46
N MET H 146 -28.45 8.05 -9.54
CA MET H 146 -27.70 6.91 -10.07
C MET H 146 -26.50 6.60 -9.19
N ALA H 147 -26.21 5.32 -9.03
CA ALA H 147 -25.03 4.90 -8.30
C ALA H 147 -23.77 5.15 -9.14
N HIS H 148 -22.67 5.45 -8.46
CA HIS H 148 -21.41 5.78 -9.12
C HIS H 148 -20.55 4.53 -9.31
N GLN H 149 -20.17 3.89 -8.21
CA GLN H 149 -19.34 2.68 -8.26
C GLN H 149 -19.89 1.71 -7.21
N ASP H 150 -20.63 0.70 -7.68
CA ASP H 150 -21.23 -0.30 -6.80
C ASP H 150 -21.00 -1.68 -7.39
N VAL H 151 -21.00 -2.68 -6.51
CA VAL H 151 -20.81 -4.06 -6.95
C VAL H 151 -21.94 -4.47 -7.89
N ARG H 152 -23.17 -4.06 -7.58
CA ARG H 152 -24.31 -4.34 -8.45
C ARG H 152 -24.20 -3.48 -9.71
N TYR H 153 -23.61 -4.03 -10.77
CA TYR H 153 -23.35 -3.23 -11.97
C TYR H 153 -24.65 -2.74 -12.60
N TYR H 154 -25.75 -3.46 -12.41
CA TYR H 154 -27.02 -3.04 -12.99
C TYR H 154 -27.57 -1.77 -12.34
N LEU H 155 -27.04 -1.37 -11.19
CA LEU H 155 -27.45 -0.14 -10.53
C LEU H 155 -26.60 1.06 -10.93
N ASN H 156 -25.63 0.88 -11.83
CA ASN H 156 -24.74 1.95 -12.26
C ASN H 156 -25.26 2.66 -13.50
N GLY H 157 -26.57 2.68 -13.72
CA GLY H 157 -27.13 3.34 -14.87
C GLY H 157 -28.57 3.74 -14.62
N MET H 158 -29.21 4.21 -15.68
CA MET H 158 -30.59 4.66 -15.65
C MET H 158 -31.45 3.73 -16.48
N LEU H 159 -32.64 3.41 -15.98
CA LEU H 159 -33.57 2.53 -16.66
C LEU H 159 -34.57 3.37 -17.44
N PHE H 160 -34.59 3.17 -18.76
CA PHE H 160 -35.56 3.81 -19.65
C PHE H 160 -36.60 2.78 -20.04
N GLU H 161 -37.87 3.09 -19.79
CA GLU H 161 -38.97 2.19 -20.06
C GLU H 161 -40.03 2.89 -20.90
N THR H 162 -40.39 2.27 -22.02
CA THR H 162 -41.49 2.73 -22.85
C THR H 162 -42.67 1.80 -22.63
N GLU H 163 -43.81 2.38 -22.25
CA GLU H 163 -45.01 1.61 -21.93
C GLU H 163 -46.21 2.35 -22.49
N GLY H 164 -46.85 1.78 -23.52
CA GLY H 164 -47.97 2.43 -24.15
C GLY H 164 -47.59 3.76 -24.75
N GLU H 165 -48.07 4.85 -24.14
CA GLU H 165 -47.72 6.20 -24.54
C GLU H 165 -47.03 6.95 -23.41
N GLU H 166 -46.23 6.24 -22.62
CA GLU H 166 -45.52 6.81 -21.48
C GLU H 166 -44.05 6.43 -21.55
N LEU H 167 -43.19 7.40 -21.23
CA LEU H 167 -41.76 7.19 -21.11
C LEU H 167 -41.38 7.40 -19.65
N ARG H 168 -40.64 6.44 -19.09
CA ARG H 168 -40.33 6.42 -17.66
C ARG H 168 -38.82 6.30 -17.49
N THR H 169 -38.26 7.14 -16.63
CA THR H 169 -36.86 7.07 -16.23
C THR H 169 -36.78 6.71 -14.76
N VAL H 170 -35.99 5.68 -14.45
CA VAL H 170 -35.83 5.19 -13.08
C VAL H 170 -34.36 5.20 -12.73
N ALA H 171 -34.03 5.70 -11.54
CA ALA H 171 -32.67 5.72 -11.02
C ALA H 171 -32.68 5.23 -9.58
N THR H 172 -31.70 4.39 -9.24
CA THR H 172 -31.61 3.81 -7.91
C THR H 172 -30.15 3.55 -7.58
N ASP H 173 -29.84 3.59 -6.28
CA ASP H 173 -28.49 3.29 -5.82
C ASP H 173 -28.47 2.47 -4.53
N GLY H 174 -29.59 1.86 -4.15
CA GLY H 174 -29.66 1.04 -2.96
C GLY H 174 -30.15 1.76 -1.72
N HIS H 175 -30.12 3.09 -1.70
CA HIS H 175 -30.59 3.88 -0.58
C HIS H 175 -31.70 4.85 -0.95
N ARG H 176 -31.81 5.25 -2.21
CA ARG H 176 -32.84 6.16 -2.65
C ARG H 176 -33.28 5.77 -4.06
N LEU H 177 -34.53 6.09 -4.39
CA LEU H 177 -35.12 5.77 -5.67
C LEU H 177 -35.79 7.00 -6.23
N ALA H 178 -35.61 7.24 -7.54
CA ALA H 178 -36.28 8.33 -8.24
C ALA H 178 -36.93 7.79 -9.50
N VAL H 179 -38.23 8.05 -9.64
CA VAL H 179 -38.99 7.61 -10.81
C VAL H 179 -39.67 8.82 -11.41
N CYS H 180 -39.58 8.96 -12.73
CA CYS H 180 -40.22 10.05 -13.45
C CYS H 180 -40.94 9.47 -14.66
N SER H 181 -42.17 9.93 -14.89
CA SER H 181 -42.98 9.46 -16.01
C SER H 181 -43.49 10.67 -16.79
N MET H 182 -43.61 10.49 -18.11
CA MET H 182 -44.08 11.57 -18.95
C MET H 182 -44.77 11.02 -20.20
N PRO H 183 -45.91 11.58 -20.59
CA PRO H 183 -46.54 11.13 -21.85
C PRO H 183 -45.72 11.54 -23.06
N ILE H 184 -45.85 10.76 -24.13
CA ILE H 184 -45.13 11.03 -25.37
C ILE H 184 -46.06 11.19 -26.57
N GLY H 185 -47.34 10.81 -26.45
CA GLY H 185 -48.28 10.99 -27.53
C GLY H 185 -48.24 9.95 -28.62
N GLN H 186 -47.39 8.92 -28.49
CA GLN H 186 -47.29 7.85 -29.47
C GLN H 186 -47.34 6.51 -28.77
N SER H 187 -47.95 5.52 -29.41
CA SER H 187 -48.05 4.18 -28.84
C SER H 187 -46.78 3.40 -29.16
N LEU H 188 -46.12 2.89 -28.13
CA LEU H 188 -44.88 2.15 -28.27
C LEU H 188 -45.00 0.81 -27.56
N PRO H 189 -44.27 -0.22 -28.02
CA PRO H 189 -44.28 -1.51 -27.32
C PRO H 189 -43.66 -1.38 -25.94
N SER H 190 -44.14 -2.24 -25.02
CA SER H 190 -43.56 -2.30 -23.68
C SER H 190 -42.12 -2.80 -23.78
N HIS H 191 -41.16 -1.94 -23.40
CA HIS H 191 -39.76 -2.29 -23.53
C HIS H 191 -38.94 -1.51 -22.53
N SER H 192 -38.03 -2.19 -21.83
CA SER H 192 -37.18 -1.58 -20.82
C SER H 192 -35.71 -1.84 -21.16
N VAL H 193 -34.87 -0.82 -20.96
CA VAL H 193 -33.44 -0.92 -21.21
C VAL H 193 -32.69 -0.13 -20.15
N ILE H 194 -31.39 -0.39 -20.06
CA ILE H 194 -30.51 0.26 -19.09
C ILE H 194 -29.41 0.97 -19.85
N VAL H 195 -29.19 2.24 -19.52
CA VAL H 195 -28.17 3.07 -20.15
C VAL H 195 -27.12 3.41 -19.09
N PRO H 196 -25.82 3.20 -19.34
CA PRO H 196 -24.82 3.48 -18.30
C PRO H 196 -24.66 4.96 -18.01
N ARG H 197 -23.83 5.29 -17.02
CA ARG H 197 -23.62 6.69 -16.66
C ARG H 197 -23.05 7.49 -17.83
N LYS H 198 -22.06 6.92 -18.53
CA LYS H 198 -21.37 7.67 -19.57
C LYS H 198 -22.33 8.10 -20.67
N GLY H 199 -23.20 7.18 -21.11
CA GLY H 199 -24.15 7.53 -22.15
C GLY H 199 -25.09 8.63 -21.72
N VAL H 200 -25.62 8.53 -20.51
CA VAL H 200 -26.58 9.52 -20.02
C VAL H 200 -25.92 10.89 -19.90
N ILE H 201 -24.72 10.92 -19.32
CA ILE H 201 -24.06 12.22 -19.12
C ILE H 201 -23.67 12.83 -20.46
N GLU H 202 -23.21 12.01 -21.41
CA GLU H 202 -22.90 12.54 -22.74
C GLU H 202 -24.14 13.07 -23.43
N LEU H 203 -25.27 12.35 -23.32
CA LEU H 203 -26.50 12.82 -23.91
C LEU H 203 -26.93 14.15 -23.31
N MET H 204 -26.82 14.28 -21.98
CA MET H 204 -27.17 15.54 -21.34
C MET H 204 -26.23 16.65 -21.79
N ARG H 205 -24.94 16.36 -21.90
CA ARG H 205 -23.97 17.38 -22.30
C ARG H 205 -24.24 17.88 -23.71
N MET H 206 -24.43 16.96 -24.66
CA MET H 206 -24.66 17.38 -26.04
C MET H 206 -26.00 18.06 -26.20
N LEU H 207 -26.98 17.70 -25.37
CA LEU H 207 -28.29 18.33 -25.45
C LEU H 207 -28.19 19.80 -25.05
N ASP H 208 -28.89 20.65 -25.79
CA ASP H 208 -28.87 22.10 -25.57
C ASP H 208 -30.31 22.61 -25.45
N GLY H 209 -30.46 23.93 -25.44
CA GLY H 209 -31.77 24.54 -25.38
C GLY H 209 -32.69 24.04 -26.47
N GLY H 210 -33.94 23.76 -26.12
CA GLY H 210 -34.88 23.15 -27.04
C GLY H 210 -35.08 23.96 -28.32
N ASP H 211 -34.49 23.50 -29.41
CA ASP H 211 -34.66 24.13 -30.71
C ASP H 211 -35.37 23.19 -31.67
N ASN H 212 -34.86 21.97 -31.80
CA ASN H 212 -35.44 20.95 -32.66
C ASN H 212 -35.62 19.64 -31.88
N PRO H 213 -36.61 18.82 -32.24
CA PRO H 213 -36.80 17.54 -31.56
C PRO H 213 -35.67 16.57 -31.87
N LEU H 214 -35.45 15.66 -30.94
CA LEU H 214 -34.44 14.62 -31.08
C LEU H 214 -35.11 13.27 -31.23
N ARG H 215 -34.55 12.42 -32.08
CA ARG H 215 -35.09 11.11 -32.37
C ARG H 215 -34.19 10.03 -31.75
N VAL H 216 -34.78 9.15 -30.96
CA VAL H 216 -34.06 8.10 -30.25
C VAL H 216 -34.56 6.76 -30.77
N GLN H 217 -33.63 5.89 -31.17
CA GLN H 217 -33.94 4.54 -31.60
C GLN H 217 -33.10 3.56 -30.81
N ILE H 218 -33.76 2.55 -30.24
CA ILE H 218 -33.13 1.55 -29.39
C ILE H 218 -33.26 0.21 -30.08
N GLY H 219 -32.13 -0.46 -30.29
CA GLY H 219 -32.10 -1.79 -30.87
C GLY H 219 -31.87 -2.86 -29.82
N SER H 220 -31.39 -4.02 -30.28
CA SER H 220 -31.16 -5.13 -29.38
C SER H 220 -30.07 -4.81 -28.36
N ASN H 221 -28.97 -4.20 -28.81
CA ASN H 221 -27.81 -3.98 -27.97
C ASN H 221 -27.35 -2.52 -27.87
N ASN H 222 -27.98 -1.60 -28.58
CA ASN H 222 -27.48 -0.23 -28.66
C ASN H 222 -28.62 0.77 -28.64
N ILE H 223 -28.28 2.02 -28.36
CA ILE H 223 -29.20 3.14 -28.39
C ILE H 223 -28.54 4.27 -29.16
N ARG H 224 -29.27 4.85 -30.12
CA ARG H 224 -28.76 5.90 -30.97
C ARG H 224 -29.71 7.09 -30.91
N ALA H 225 -29.17 8.26 -30.56
CA ALA H 225 -29.94 9.49 -30.48
C ALA H 225 -29.41 10.48 -31.49
N HIS H 226 -30.28 10.98 -32.36
CA HIS H 226 -29.96 11.97 -33.37
C HIS H 226 -30.63 13.28 -33.00
N VAL H 227 -29.84 14.33 -32.84
CA VAL H 227 -30.33 15.67 -32.54
C VAL H 227 -29.62 16.66 -33.44
N GLY H 228 -30.39 17.50 -34.12
CA GLY H 228 -29.81 18.49 -35.02
C GLY H 228 -28.95 17.87 -36.09
N ASP H 229 -27.64 18.11 -35.99
CA ASP H 229 -26.67 17.57 -36.94
C ASP H 229 -25.68 16.62 -36.26
N PHE H 230 -26.07 16.02 -35.13
CA PHE H 230 -25.21 15.10 -34.39
C PHE H 230 -25.97 13.82 -34.13
N ILE H 231 -25.24 12.70 -34.15
CA ILE H 231 -25.77 11.39 -33.79
C ILE H 231 -24.81 10.75 -32.80
N PHE H 232 -25.34 10.32 -31.66
CA PHE H 232 -24.58 9.69 -30.60
C PHE H 232 -25.11 8.29 -30.36
N THR H 233 -24.23 7.30 -30.42
CA THR H 233 -24.59 5.90 -30.27
C THR H 233 -23.81 5.31 -29.10
N SER H 234 -24.52 4.54 -28.27
CA SER H 234 -23.90 3.87 -27.12
C SER H 234 -24.50 2.48 -26.99
N LYS H 235 -23.89 1.68 -26.13
CA LYS H 235 -24.35 0.33 -25.86
C LYS H 235 -24.96 0.25 -24.46
N LEU H 236 -25.65 -0.84 -24.19
CA LEU H 236 -26.44 -1.00 -22.98
C LEU H 236 -25.83 -2.04 -22.06
N VAL H 237 -26.10 -1.90 -20.77
CA VAL H 237 -25.53 -2.81 -19.77
C VAL H 237 -26.10 -4.21 -19.94
N ASP H 238 -27.42 -4.32 -20.07
CA ASP H 238 -28.11 -5.60 -20.21
C ASP H 238 -27.82 -6.52 -19.01
N GLY H 239 -28.26 -6.07 -17.83
CA GLY H 239 -28.10 -6.84 -16.62
C GLY H 239 -29.37 -6.97 -15.81
N ARG H 240 -30.50 -6.56 -16.40
CA ARG H 240 -31.80 -6.63 -15.74
C ARG H 240 -31.88 -5.64 -14.59
N PHE H 241 -33.05 -5.07 -14.35
CA PHE H 241 -33.23 -4.03 -13.34
C PHE H 241 -34.37 -4.41 -12.40
N PRO H 242 -34.24 -4.13 -11.10
CA PRO H 242 -35.35 -4.43 -10.19
C PRO H 242 -36.58 -3.59 -10.52
N ASP H 243 -37.75 -4.15 -10.23
CA ASP H 243 -38.99 -3.44 -10.46
C ASP H 243 -39.15 -2.32 -9.44
N TYR H 244 -39.31 -1.09 -9.93
CA TYR H 244 -39.42 0.06 -9.03
C TYR H 244 -40.70 0.00 -8.20
N ARG H 245 -41.80 -0.43 -8.81
CA ARG H 245 -43.09 -0.42 -8.11
C ARG H 245 -43.05 -1.31 -6.87
N ARG H 246 -42.22 -2.35 -6.87
CA ARG H 246 -42.06 -3.16 -5.67
C ARG H 246 -41.40 -2.35 -4.55
N VAL H 247 -40.43 -1.50 -4.90
CA VAL H 247 -39.73 -0.72 -3.89
C VAL H 247 -40.67 0.29 -3.25
N LEU H 248 -41.59 0.85 -4.03
CA LEU H 248 -42.49 1.87 -3.50
C LEU H 248 -43.32 1.29 -2.36
N PRO H 249 -43.48 2.01 -1.25
CA PRO H 249 -44.29 1.46 -0.14
C PRO H 249 -45.74 1.28 -0.56
N LYS H 250 -46.37 0.26 0.00
CA LYS H 250 -47.75 -0.09 -0.31
C LYS H 250 -48.67 0.39 0.80
N ASN H 251 -49.67 1.17 0.44
CA ASN H 251 -50.67 1.68 1.38
C ASN H 251 -49.99 2.47 2.50
N PRO H 252 -49.39 3.62 2.20
CA PRO H 252 -48.83 4.45 3.28
C PRO H 252 -49.91 5.14 4.09
N ASP H 253 -50.01 4.78 5.38
CA ASP H 253 -51.10 5.28 6.20
C ASP H 253 -50.96 6.78 6.46
N LYS H 254 -49.77 7.21 6.87
CA LYS H 254 -49.57 8.60 7.29
C LYS H 254 -49.22 9.47 6.10
N HIS H 255 -49.97 10.55 5.92
CA HIS H 255 -49.74 11.54 4.87
C HIS H 255 -49.51 12.90 5.50
N LEU H 256 -48.53 13.64 4.98
CA LEU H 256 -48.19 14.96 5.46
C LEU H 256 -48.04 15.89 4.26
N GLU H 257 -48.51 17.12 4.41
CA GLU H 257 -48.40 18.15 3.38
C GLU H 257 -47.68 19.36 3.95
N ALA H 258 -46.76 19.92 3.17
CA ALA H 258 -45.97 21.04 3.64
C ALA H 258 -45.55 21.91 2.47
N GLY H 259 -44.96 23.06 2.80
CA GLY H 259 -44.45 23.97 1.79
C GLY H 259 -43.01 23.64 1.44
N CYS H 260 -42.72 23.65 0.14
CA CYS H 260 -41.39 23.25 -0.32
C CYS H 260 -40.32 24.19 0.21
N ASP H 261 -40.52 25.51 0.06
CA ASP H 261 -39.50 26.46 0.45
C ASP H 261 -39.23 26.41 1.95
N LEU H 262 -40.29 26.32 2.75
CA LEU H 262 -40.10 26.31 4.20
C LEU H 262 -39.31 25.08 4.64
N LEU H 263 -39.67 23.91 4.12
CA LEU H 263 -38.94 22.70 4.47
C LEU H 263 -37.50 22.76 3.98
N LYS H 264 -37.28 23.28 2.78
CA LYS H 264 -35.92 23.39 2.26
C LYS H 264 -35.07 24.28 3.16
N GLN H 265 -35.61 25.43 3.55
CA GLN H 265 -34.86 26.33 4.42
C GLN H 265 -34.62 25.70 5.77
N ALA H 266 -35.62 25.01 6.33
CA ALA H 266 -35.45 24.37 7.63
C ALA H 266 -34.35 23.31 7.58
N PHE H 267 -34.36 22.47 6.54
CA PHE H 267 -33.34 21.44 6.42
C PHE H 267 -31.96 22.05 6.22
N ALA H 268 -31.87 23.11 5.40
CA ALA H 268 -30.58 23.76 5.20
C ALA H 268 -30.05 24.34 6.50
N ARG H 269 -30.91 24.98 7.29
CA ARG H 269 -30.48 25.55 8.56
C ARG H 269 -30.07 24.46 9.54
N ALA H 270 -30.81 23.34 9.56
CA ALA H 270 -30.48 22.26 10.49
C ALA H 270 -29.19 21.56 10.10
N ALA H 271 -28.89 21.48 8.80
CA ALA H 271 -27.69 20.79 8.34
C ALA H 271 -26.40 21.51 8.71
N ILE H 272 -26.48 22.74 9.21
CA ILE H 272 -25.26 23.49 9.52
C ILE H 272 -24.46 22.76 10.60
N LEU H 273 -25.14 22.29 11.65
CA LEU H 273 -24.50 21.58 12.74
C LEU H 273 -24.64 20.06 12.61
N SER H 274 -25.12 19.57 11.48
CA SER H 274 -25.26 18.13 11.29
C SER H 274 -23.88 17.49 11.08
N ASN H 275 -23.83 16.17 11.30
CA ASN H 275 -22.57 15.44 11.13
C ASN H 275 -22.06 15.61 9.70
N GLU H 276 -20.76 15.89 9.58
CA GLU H 276 -20.18 16.10 8.25
C GLU H 276 -20.11 14.80 7.47
N LYS H 277 -19.66 13.71 8.11
CA LYS H 277 -19.48 12.45 7.39
C LYS H 277 -20.82 11.79 7.09
N PHE H 278 -21.73 11.77 8.06
CA PHE H 278 -23.00 11.07 7.93
C PHE H 278 -24.15 11.99 7.54
N ARG H 279 -24.21 13.20 8.09
CA ARG H 279 -25.29 14.14 7.80
C ARG H 279 -26.65 13.54 8.13
N GLY H 280 -26.82 13.22 9.40
CA GLY H 280 -28.03 12.58 9.90
C GLY H 280 -28.87 13.56 10.71
N VAL H 281 -30.19 13.48 10.51
CA VAL H 281 -31.15 14.30 11.24
C VAL H 281 -32.30 13.42 11.71
N ARG H 282 -33.03 13.92 12.69
CA ARG H 282 -34.17 13.21 13.28
C ARG H 282 -35.41 14.08 13.18
N LEU H 283 -36.49 13.51 12.69
CA LEU H 283 -37.76 14.20 12.51
C LEU H 283 -38.78 13.60 13.46
N TYR H 284 -39.36 14.45 14.31
CA TYR H 284 -40.47 14.09 15.18
C TYR H 284 -41.72 14.75 14.59
N VAL H 285 -42.65 13.94 14.09
CA VAL H 285 -43.86 14.43 13.46
C VAL H 285 -45.02 14.16 14.40
N SER H 286 -45.76 15.22 14.73
CA SER H 286 -46.96 15.16 15.56
C SER H 286 -48.04 15.99 14.88
N GLU H 287 -49.21 16.05 15.52
CA GLU H 287 -50.35 16.72 14.92
C GLU H 287 -50.03 18.16 14.58
N ASN H 288 -49.94 18.46 13.28
CA ASN H 288 -49.63 19.81 12.81
C ASN H 288 -48.33 20.33 13.42
N GLN H 289 -47.33 19.47 13.51
CA GLN H 289 -46.05 19.88 14.05
C GLN H 289 -44.96 18.97 13.51
N LEU H 290 -43.82 19.57 13.14
CA LEU H 290 -42.66 18.84 12.67
C LEU H 290 -41.42 19.43 13.34
N LYS H 291 -40.74 18.62 14.15
CA LYS H 291 -39.54 19.04 14.86
C LYS H 291 -38.34 18.35 14.24
N ILE H 292 -37.35 19.15 13.84
CA ILE H 292 -36.14 18.67 13.20
C ILE H 292 -34.99 18.86 14.18
N THR H 293 -34.28 17.78 14.48
CA THR H 293 -33.16 17.79 15.40
C THR H 293 -31.91 17.31 14.69
N ALA H 294 -30.81 18.03 14.87
CA ALA H 294 -29.52 17.67 14.30
C ALA H 294 -28.48 17.65 15.40
N ASN H 295 -27.64 16.62 15.38
CA ASN H 295 -26.57 16.45 16.34
C ASN H 295 -25.23 16.51 15.63
N ASN H 296 -24.18 16.79 16.40
CA ASN H 296 -22.83 16.96 15.88
C ASN H 296 -21.87 16.09 16.66
N PRO H 297 -20.79 15.60 16.01
CA PRO H 297 -19.76 14.88 16.78
C PRO H 297 -19.11 15.75 17.85
N GLU H 298 -19.14 17.07 17.70
CA GLU H 298 -18.61 17.99 18.69
C GLU H 298 -19.61 18.32 19.79
N GLN H 299 -20.64 17.50 19.97
CA GLN H 299 -21.66 17.65 21.01
C GLN H 299 -22.59 18.83 20.74
N GLU H 300 -22.51 19.46 19.58
CA GLU H 300 -23.41 20.55 19.24
C GLU H 300 -24.75 20.02 18.78
N GLU H 301 -25.81 20.75 19.11
CA GLU H 301 -27.17 20.36 18.78
C GLU H 301 -27.92 21.54 18.20
N ALA H 302 -28.82 21.24 17.26
CA ALA H 302 -29.69 22.23 16.64
C ALA H 302 -31.12 21.68 16.61
N GLU H 303 -32.08 22.54 16.93
CA GLU H 303 -33.49 22.17 16.94
C GLU H 303 -34.30 23.21 16.20
N GLU H 304 -35.27 22.75 15.41
CA GLU H 304 -36.17 23.63 14.68
C GLU H 304 -37.58 23.06 14.74
N ILE H 305 -38.56 23.94 14.69
CA ILE H 305 -39.97 23.56 14.76
C ILE H 305 -40.71 24.22 13.59
N LEU H 306 -41.56 23.45 12.93
CA LEU H 306 -42.32 23.94 11.79
C LEU H 306 -43.76 23.45 11.90
N ASP H 307 -44.68 24.21 11.30
CA ASP H 307 -46.10 23.88 11.29
C ASP H 307 -46.46 23.28 9.95
N VAL H 308 -47.15 22.14 9.98
CA VAL H 308 -47.54 21.40 8.78
C VAL H 308 -48.98 20.95 8.95
N THR H 309 -49.47 20.20 7.97
CA THR H 309 -50.81 19.62 7.99
C THR H 309 -50.67 18.12 8.23
N TYR H 310 -50.84 17.71 9.47
CA TYR H 310 -50.70 16.31 9.85
C TYR H 310 -51.67 15.99 10.97
N SER H 311 -52.23 14.78 10.94
CA SER H 311 -53.21 14.37 11.94
C SER H 311 -53.02 12.94 12.41
N GLY H 312 -51.94 12.27 12.02
CA GLY H 312 -51.69 10.91 12.43
C GLY H 312 -51.02 10.83 13.78
N ALA H 313 -50.64 9.61 14.15
CA ALA H 313 -49.97 9.38 15.42
C ALA H 313 -48.55 9.92 15.38
N GLU H 314 -48.03 10.26 16.56
CA GLU H 314 -46.68 10.78 16.66
C GLU H 314 -45.66 9.74 16.18
N MET H 315 -44.67 10.20 15.41
CA MET H 315 -43.65 9.31 14.89
C MET H 315 -42.29 9.98 14.98
N GLU H 316 -41.25 9.16 15.07
CA GLU H 316 -39.86 9.61 15.06
C GLU H 316 -39.11 8.83 13.99
N ILE H 317 -38.43 9.54 13.10
CA ILE H 317 -37.75 8.91 11.97
C ILE H 317 -36.39 9.56 11.76
N GLY H 318 -35.36 8.75 11.56
CA GLY H 318 -34.05 9.26 11.18
C GLY H 318 -33.90 9.32 9.67
N PHE H 319 -33.08 10.26 9.21
CA PHE H 319 -32.89 10.45 7.78
C PHE H 319 -31.53 11.08 7.52
N ASN H 320 -31.12 11.02 6.25
CA ASN H 320 -29.93 11.71 5.77
C ASN H 320 -30.36 13.03 5.15
N VAL H 321 -29.91 14.14 5.73
CA VAL H 321 -30.40 15.45 5.31
C VAL H 321 -30.00 15.74 3.87
N SER H 322 -28.84 15.24 3.43
CA SER H 322 -28.40 15.52 2.07
C SER H 322 -29.37 14.96 1.03
N TYR H 323 -29.82 13.73 1.23
CA TYR H 323 -30.76 13.13 0.27
C TYR H 323 -32.08 13.90 0.24
N VAL H 324 -32.60 14.28 1.41
CA VAL H 324 -33.85 15.02 1.46
C VAL H 324 -33.69 16.36 0.77
N LEU H 325 -32.57 17.05 1.02
CA LEU H 325 -32.34 18.33 0.38
C LEU H 325 -32.23 18.18 -1.14
N ASP H 326 -31.55 17.14 -1.60
CA ASP H 326 -31.45 16.91 -3.05
C ASP H 326 -32.83 16.65 -3.65
N VAL H 327 -33.65 15.83 -2.97
CA VAL H 327 -34.98 15.54 -3.47
C VAL H 327 -35.82 16.81 -3.54
N LEU H 328 -35.76 17.64 -2.50
CA LEU H 328 -36.53 18.88 -2.50
C LEU H 328 -36.06 19.81 -3.61
N ASN H 329 -34.74 19.93 -3.80
CA ASN H 329 -34.22 20.81 -4.84
C ASN H 329 -34.63 20.32 -6.23
N ALA H 330 -34.55 19.01 -6.47
CA ALA H 330 -34.92 18.47 -7.78
C ALA H 330 -36.42 18.60 -8.02
N LEU H 331 -37.23 18.45 -6.97
CA LEU H 331 -38.68 18.53 -7.13
C LEU H 331 -39.10 19.90 -7.63
N LYS H 332 -38.55 20.95 -7.02
CA LYS H 332 -38.76 22.33 -7.46
C LYS H 332 -40.25 22.64 -7.61
N CYS H 333 -40.97 22.54 -6.50
CA CYS H 333 -42.39 22.82 -6.47
C CYS H 333 -42.74 23.71 -5.30
N GLU H 334 -44.04 23.92 -5.06
CA GLU H 334 -44.52 24.74 -3.95
C GLU H 334 -44.99 23.91 -2.76
N ASN H 335 -45.82 22.89 -3.03
CA ASN H 335 -46.33 22.01 -1.99
C ASN H 335 -45.76 20.61 -2.18
N VAL H 336 -45.34 20.00 -1.08
CA VAL H 336 -44.73 18.68 -1.09
C VAL H 336 -45.53 17.77 -0.17
N ARG H 337 -45.79 16.55 -0.64
CA ARG H 337 -46.52 15.54 0.09
C ARG H 337 -45.58 14.39 0.44
N MET H 338 -45.52 14.05 1.72
CA MET H 338 -44.71 12.95 2.23
C MET H 338 -45.61 11.85 2.75
N MET H 339 -45.40 10.63 2.25
CA MET H 339 -46.16 9.46 2.65
C MET H 339 -45.25 8.50 3.40
N LEU H 340 -45.66 8.13 4.61
CA LEU H 340 -44.87 7.25 5.46
C LEU H 340 -45.81 6.28 6.17
N THR H 341 -45.24 5.14 6.57
CA THR H 341 -46.00 4.09 7.25
C THR H 341 -45.56 3.89 8.70
N ASP H 342 -44.27 3.66 8.93
CA ASP H 342 -43.76 3.42 10.27
C ASP H 342 -42.36 4.04 10.37
N SER H 343 -41.72 3.82 11.52
CA SER H 343 -40.40 4.39 11.77
C SER H 343 -39.26 3.60 11.14
N VAL H 344 -39.54 2.43 10.57
CA VAL H 344 -38.50 1.59 9.98
C VAL H 344 -38.88 1.26 8.54
N SER H 345 -39.62 2.15 7.89
CA SER H 345 -40.09 1.95 6.53
C SER H 345 -39.70 3.13 5.66
N SER H 346 -39.54 2.86 4.36
CA SER H 346 -39.17 3.90 3.42
C SER H 346 -40.27 4.96 3.32
N VAL H 347 -39.87 6.19 3.05
CA VAL H 347 -40.78 7.33 2.95
C VAL H 347 -40.79 7.82 1.52
N GLN H 348 -41.98 8.06 0.99
CA GLN H 348 -42.17 8.54 -0.37
C GLN H 348 -42.45 10.03 -0.37
N ILE H 349 -41.96 10.70 -1.41
CA ILE H 349 -42.11 12.15 -1.57
C ILE H 349 -42.64 12.42 -2.96
N GLU H 350 -43.67 13.27 -3.05
CA GLU H 350 -44.30 13.63 -4.31
C GLU H 350 -44.78 15.08 -4.23
N ASP H 351 -45.34 15.56 -5.34
CA ASP H 351 -45.92 16.88 -5.42
C ASP H 351 -47.44 16.78 -5.29
N ALA H 352 -48.03 17.65 -4.47
CA ALA H 352 -49.48 17.67 -4.34
C ALA H 352 -50.15 18.05 -5.65
N ALA H 353 -49.51 18.95 -6.42
CA ALA H 353 -50.10 19.40 -7.66
C ALA H 353 -50.25 18.27 -8.66
N SER H 354 -49.22 17.42 -8.79
CA SER H 354 -49.24 16.33 -9.75
C SER H 354 -48.34 15.21 -9.25
N GLN H 355 -48.58 14.02 -9.79
CA GLN H 355 -47.83 12.82 -9.44
C GLN H 355 -46.96 12.33 -10.61
N SER H 356 -46.45 13.27 -11.41
CA SER H 356 -45.62 12.89 -12.54
C SER H 356 -44.35 12.18 -12.09
N ALA H 357 -43.72 12.67 -11.03
CA ALA H 357 -42.48 12.11 -10.52
C ALA H 357 -42.63 11.79 -9.04
N ALA H 358 -41.92 10.76 -8.60
CA ALA H 358 -41.95 10.33 -7.20
C ALA H 358 -40.54 9.96 -6.76
N TYR H 359 -40.30 10.08 -5.46
CA TYR H 359 -39.01 9.74 -4.87
C TYR H 359 -39.25 8.91 -3.62
N VAL H 360 -38.28 8.06 -3.28
CA VAL H 360 -38.35 7.19 -2.11
C VAL H 360 -37.01 7.23 -1.41
N VAL H 361 -37.03 7.38 -0.08
CA VAL H 361 -35.83 7.44 0.73
C VAL H 361 -35.97 6.43 1.87
N MET H 362 -34.92 5.62 2.07
CA MET H 362 -34.91 4.63 3.13
C MET H 362 -34.32 5.24 4.39
N PRO H 363 -35.02 5.23 5.53
CA PRO H 363 -34.46 5.85 6.73
C PRO H 363 -33.26 5.08 7.28
N MET H 364 -32.43 5.80 8.03
CA MET H 364 -31.28 5.21 8.69
C MET H 364 -31.69 4.69 10.06
N ARG H 365 -31.35 3.43 10.34
CA ARG H 365 -31.68 2.79 11.61
C ARG H 365 -30.46 2.85 12.52
N LEU H 366 -30.64 3.44 13.70
CA LEU H 366 -29.55 3.57 14.66
C LEU H 366 -29.69 2.54 15.78
PB ADP K . 12.72 14.06 24.38
O1B ADP K . 11.89 12.82 24.13
O2B ADP K . 12.22 15.28 23.64
O3B ADP K . 14.20 13.83 24.30
PA ADP K . 10.95 14.51 26.49
O1A ADP K . 10.19 13.32 25.98
O2A ADP K . 10.43 15.91 26.24
O3A ADP K . 12.45 14.43 25.92
O5' ADP K . 11.13 14.32 28.08
C5' ADP K . 9.97 14.04 28.87
C4' ADP K . 10.36 13.68 30.29
O4' ADP K . 11.59 12.95 30.30
C3' ADP K . 10.56 14.91 31.16
O3' ADP K . 9.48 15.09 32.07
C2' ADP K . 11.86 14.66 31.91
O2' ADP K . 11.64 14.60 33.32
C1' ADP K . 12.40 13.34 31.40
N9 ADP K . 13.81 13.54 30.98
C8 ADP K . 14.29 13.34 29.74
N7 ADP K . 15.61 13.62 29.70
C5 ADP K . 16.00 14.01 30.92
C6 ADP K . 17.25 14.44 31.56
N6 ADP K . 18.40 14.52 30.84
N1 ADP K . 17.22 14.76 32.87
C2 ADP K . 16.09 14.70 33.59
N3 ADP K . 14.91 14.31 33.06
C4 ADP K . 14.80 13.95 31.77
H5'1 ADP K . 9.41 13.22 28.42
H5'2 ADP K . 9.32 14.92 28.88
H4' ADP K . 9.56 13.07 30.73
H3' ADP K . 10.69 15.79 30.51
HO3' ADP K . 9.61 15.92 32.55
H2' ADP K . 12.56 15.48 31.68
HO2' ADP K . 11.62 15.49 33.69
H1' ADP K . 12.35 12.60 32.22
H8 ADP K . 13.70 13.00 28.90
HN61 ADP K . 18.41 14.27 29.87
HN62 ADP K . 19.26 14.81 31.29
H2 ADP K . 16.12 14.96 34.64
MG MG L . 10.27 15.97 23.31
AL ALF M . 10.55 12.91 22.57
F1 ALF M . 9.54 14.05 23.52
F2 ALF M . 11.57 11.77 21.63
F3 ALF M . 9.65 11.52 23.27
F4 ALF M . 11.46 14.31 21.88
ZN ZN N . 14.63 34.94 34.04
PB ADP O . -10.92 -8.15 22.59
O1B ADP O . -11.11 -8.90 21.30
O2B ADP O . -11.08 -6.66 22.44
O3B ADP O . -9.72 -8.57 23.40
PA ADP O . -13.68 -8.46 22.95
O1A ADP O . -13.64 -8.66 21.45
O2A ADP O . -14.30 -7.21 23.53
O3A ADP O . -12.18 -8.58 23.51
O5' ADP O . -14.40 -9.74 23.58
C5' ADP O . -15.37 -10.45 22.81
C4' ADP O . -16.31 -11.23 23.71
O4' ADP O . -15.59 -12.13 24.56
C3' ADP O . -17.11 -10.30 24.62
O3' ADP O . -18.43 -10.09 24.10
C2' ADP O . -17.14 -11.00 25.97
O2' ADP O . -18.43 -11.54 26.25
C1' ADP O . -16.12 -12.13 25.88
N9 ADP O . -15.03 -11.91 26.85
C8 ADP O . -13.79 -11.52 26.52
N7 ADP O . -13.01 -11.41 27.63
C5 ADP O . -13.76 -11.73 28.69
C6 ADP O . -13.56 -11.82 30.15
N6 ADP O . -12.36 -11.53 30.69
N1 ADP O . -14.62 -12.18 30.91
C2 ADP O . -15.82 -12.47 30.38
N3 ADP O . -16.07 -12.42 29.05
C4 ADP O . -15.10 -12.06 28.18
H5'1 ADP O . -14.85 -11.13 22.14
H5'2 ADP O . -15.93 -9.75 22.20
H4' ADP O . -17.02 -11.79 23.08
H3' ADP O . -16.58 -9.34 24.72
HO3' ADP O . -18.84 -9.35 24.58
H2' ADP O . -16.84 -10.29 26.75
HO2' ADP O . -19.08 -10.82 26.29
H1' ADP O . -16.64 -13.08 26.09
H8 ADP O . -13.44 -11.33 25.51
HN61 ADP O . -11.59 -11.26 30.10
HN62 ADP O . -12.23 -11.59 31.69
H2 ADP O . -16.62 -12.76 31.04
MG MG P . -11.93 -5.40 21.02
ZN ZN Q . -22.76 5.13 37.43
AL ALF R . -10.23 -7.83 19.75
F1 ALF R . -11.75 -6.88 19.57
F2 ALF R . -8.72 -8.79 19.95
F3 ALF R . -10.84 -9.03 18.56
F4 ALF R . -9.63 -6.62 20.95
PB ADP S . -18.02 -23.73 -4.35
O1B ADP S . -16.70 -24.20 -4.92
O2B ADP S . -18.01 -22.31 -3.83
O3B ADP S . -18.68 -24.71 -3.42
PA ADP S . -20.19 -24.76 -5.79
O1A ADP S . -19.69 -26.10 -5.30
O2A ADP S . -21.41 -24.14 -5.15
O3A ADP S . -18.99 -23.69 -5.64
O5' ADP S . -20.43 -24.88 -7.37
C5' ADP S . -21.75 -25.10 -7.88
C4' ADP S . -21.81 -26.34 -8.76
O4' ADP S . -21.18 -27.43 -8.10
C3' ADP S . -23.25 -26.73 -9.03
O3' ADP S . -23.45 -26.98 -10.42
C2' ADP S . -23.48 -27.98 -8.21
O2' ADP S . -24.23 -28.96 -8.94
C1' ADP S . -22.10 -28.51 -7.87
N9 ADP S . -21.97 -28.92 -6.45
C8 ADP S . -20.83 -28.80 -5.73
N7 ADP S . -21.00 -29.26 -4.48
C5 ADP S . -22.27 -29.70 -4.36
C6 ADP S . -23.09 -30.30 -3.30
N6 ADP S . -22.57 -30.53 -2.07
N1 ADP S . -24.37 -30.60 -3.60
C2 ADP S . -24.91 -30.37 -4.81
N3 ADP S . -24.20 -29.82 -5.83
C4 ADP S . -22.91 -29.48 -5.68
H5'1 ADP S . -22.07 -24.23 -8.44
H5'2 ADP S . -22.44 -25.22 -7.03
H4' ADP S . -21.31 -26.11 -9.71
H3' ADP S . -23.92 -25.93 -8.68
HO3' ADP S . -24.40 -27.13 -10.59
H2' ADP S . -24.02 -27.69 -7.29
HO2' ADP S . -25.14 -28.64 -9.05
H1' ADP S . -21.86 -29.36 -8.54
H8 ADP S . -19.90 -28.39 -6.12
HN61 ADP S . -21.60 -30.29 -1.88
HN62 ADP S . -23.14 -30.94 -1.35
H2 ADP S . -25.94 -30.64 -4.98
MG MG T . -18.36 -20.96 -5.25
AL ALF U . -15.48 -22.66 -5.61
F1 ALF U . -16.88 -21.85 -6.40
F2 ALF U . -14.06 -23.46 -4.82
F3 ALF U . -15.79 -21.73 -4.10
F4 ALF U . -15.16 -23.58 -7.12
ZN ZN V . -39.94 -17.51 -1.02
ZN ZN W . -17.52 -13.53 -42.04
#